data_8PIS
#
_entry.id   8PIS
#
_cell.length_a   106.115
_cell.length_b   110.735
_cell.length_c   117.027
_cell.angle_alpha   64.42
_cell.angle_beta   65.95
_cell.angle_gamma   67.03
#
_symmetry.space_group_name_H-M   'P 1'
#
loop_
_entity.id
_entity.type
_entity.pdbx_description
1 polymer 'phosphoglycerate dehydrogenase'
2 polymer 'phosphoglycerate dehydrogenase'
3 non-polymer NICOTINAMIDE-ADENINE-DINUCLEOTIDE
4 non-polymer SERINE
5 water water
#
loop_
_entity_poly.entity_id
_entity_poly.type
_entity_poly.pdbx_seq_one_letter_code
_entity_poly.pdbx_strand_id
1 'polypeptide(L)'
;GSGAMSYSAADNLQDSFQRAMNFSGSPGAVSTSPTQSFMNTLPRRVSITKQPKALKPFSTGDMNILLLENVNATAIKIFK
DQGYQVEFHKSSLPEDELIEKIKDVHAIGIRSKTRLTEKILQHARNLVCIGCFCIGTNQVDLKYAASKGIAVFNSPFSNS
RSVAELVIGEIISLARQLGDRSIELHTGTWNKVAARCWEVRGKTLGIIGYGHIGSQLSVLAEAMGLHVLYYDIVTIMALG
TARQVSTLDELLNKSDFVTLHVPATPETEKMLSAPQFAAMKDGAYVINASRGTVVDIPSLIQAVKANKIAGAALDVYPHE
PAKNGEGSFNDELNSWTSELVSLPNIILTPHIGGSTEEAQSSIGIEVATALSKYINEGNSVGSVNFPEVSLKSLDYDQEN
TVRVLYIHRNVPGVLKTVNDILSDHNIEKQFSDSHGEIAYLMADISSVNQSEIKDIYEKLNQTSAKVSIRLLY
;
A,B,C,D,E,F,G,H
2 'polypeptide(L)' (UNK)(UNK)(UNK)(UNK)(UNK)(UNK)(UNK)(UNK)(UNK)(UNK) I,J,K,M,N,O,Q,L
#
loop_
_chem_comp.id
_chem_comp.type
_chem_comp.name
_chem_comp.formula
NAD non-polymer NICOTINAMIDE-ADENINE-DINUCLEOTIDE 'C21 H27 N7 O14 P2'
#
# COMPACT_ATOMS: atom_id res chain seq x y z
N PRO A 43 6.49 -5.85 -15.47
CA PRO A 43 6.01 -7.16 -15.91
C PRO A 43 5.97 -8.23 -14.81
N ARG A 44 7.00 -8.31 -13.96
CA ARG A 44 7.02 -9.28 -12.86
C ARG A 44 6.02 -8.87 -11.78
N ARG A 45 5.10 -9.77 -11.46
CA ARG A 45 3.92 -9.46 -10.66
C ARG A 45 3.61 -10.64 -9.73
N VAL A 46 2.99 -10.34 -8.60
CA VAL A 46 2.57 -11.38 -7.66
C VAL A 46 1.32 -12.05 -8.23
N SER A 47 1.45 -13.32 -8.61
CA SER A 47 0.36 -14.02 -9.29
C SER A 47 -0.79 -14.22 -8.31
N ILE A 48 -1.90 -13.52 -8.54
CA ILE A 48 -3.05 -13.58 -7.64
C ILE A 48 -4.08 -14.55 -8.20
N THR A 49 -3.70 -15.83 -8.28
CA THR A 49 -4.60 -16.88 -8.73
C THR A 49 -4.90 -17.82 -7.56
N LYS A 50 -5.28 -19.06 -7.88
CA LYS A 50 -5.72 -19.99 -6.87
C LYS A 50 -4.53 -20.70 -6.22
N GLN A 51 -4.58 -20.82 -4.90
CA GLN A 51 -3.56 -21.52 -4.14
C GLN A 51 -3.29 -22.88 -4.76
N PRO A 52 -2.04 -23.35 -4.74
CA PRO A 52 -1.74 -24.67 -5.31
C PRO A 52 -2.10 -25.75 -4.30
N LYS A 53 -2.28 -26.97 -4.82
CA LYS A 53 -2.58 -28.12 -3.96
C LYS A 53 -1.27 -28.84 -3.69
N ALA A 54 -0.70 -28.61 -2.51
CA ALA A 54 0.53 -29.28 -2.13
C ALA A 54 0.30 -30.79 -2.03
N LEU A 55 1.20 -31.55 -2.66
CA LEU A 55 1.02 -32.99 -2.77
C LEU A 55 1.98 -33.74 -1.85
N LYS A 56 1.51 -34.89 -1.36
CA LYS A 56 2.24 -35.75 -0.45
C LYS A 56 2.33 -37.15 -1.02
N PRO A 57 3.47 -37.82 -0.88
CA PRO A 57 3.64 -39.15 -1.49
C PRO A 57 2.88 -40.26 -0.77
N PHE A 58 2.31 -41.16 -1.56
CA PHE A 58 1.59 -42.33 -1.05
C PHE A 58 2.53 -43.47 -0.69
N SER A 59 2.15 -44.20 0.36
CA SER A 59 2.82 -45.44 0.80
C SER A 59 4.26 -45.19 1.21
N THR A 60 4.54 -43.99 1.70
CA THR A 60 5.86 -43.66 2.18
C THR A 60 5.76 -43.00 3.54
N GLY A 61 6.85 -43.05 4.28
CA GLY A 61 6.99 -42.34 5.54
C GLY A 61 7.61 -40.98 5.30
N ASP A 62 8.41 -40.52 6.25
CA ASP A 62 9.10 -39.26 6.07
C ASP A 62 10.28 -39.45 5.10
N MET A 63 10.54 -38.42 4.30
CA MET A 63 11.60 -38.48 3.29
C MET A 63 12.96 -38.27 3.95
N ASN A 64 13.93 -39.08 3.55
CA ASN A 64 15.27 -39.01 4.12
C ASN A 64 16.21 -38.46 3.06
N ILE A 65 16.85 -37.33 3.38
CA ILE A 65 17.82 -36.68 2.50
C ILE A 65 19.21 -36.87 3.09
N LEU A 66 20.16 -37.30 2.25
CA LEU A 66 21.58 -37.41 2.59
C LEU A 66 22.37 -36.40 1.77
N LEU A 67 23.03 -35.47 2.46
CA LEU A 67 23.83 -34.44 1.82
C LEU A 67 25.29 -34.66 2.17
N LEU A 68 26.15 -34.71 1.17
CA LEU A 68 27.57 -34.97 1.40
C LEU A 68 28.42 -33.79 0.93
N GLU A 69 29.66 -33.75 1.43
CA GLU A 69 30.70 -32.84 0.95
C GLU A 69 30.41 -31.37 1.26
N ASN A 70 29.68 -31.11 2.35
CA ASN A 70 29.47 -29.77 2.90
C ASN A 70 28.71 -28.89 1.89
N VAL A 71 27.49 -29.34 1.61
CA VAL A 71 26.55 -28.53 0.84
C VAL A 71 26.20 -27.27 1.62
N ASN A 72 25.89 -26.21 0.90
CA ASN A 72 25.59 -24.93 1.54
C ASN A 72 24.29 -24.98 2.33
N ALA A 73 24.21 -24.10 3.33
CA ALA A 73 23.10 -24.08 4.27
C ALA A 73 21.76 -23.74 3.61
N THR A 74 21.79 -23.07 2.45
CA THR A 74 20.54 -22.76 1.76
C THR A 74 19.80 -24.03 1.34
N ALA A 75 20.53 -25.09 0.99
CA ALA A 75 19.88 -26.35 0.64
C ALA A 75 19.25 -27.01 1.86
N ILE A 76 19.98 -27.01 2.99
CA ILE A 76 19.47 -27.60 4.22
C ILE A 76 18.18 -26.90 4.65
N LYS A 77 18.14 -25.57 4.55
CA LYS A 77 16.93 -24.86 4.94
C LYS A 77 15.76 -25.26 4.05
N ILE A 78 15.98 -25.30 2.74
CA ILE A 78 14.92 -25.67 1.79
C ILE A 78 14.43 -27.10 2.06
N PHE A 79 15.37 -28.03 2.26
CA PHE A 79 15.00 -29.41 2.53
C PHE A 79 14.21 -29.54 3.82
N LYS A 80 14.68 -28.91 4.90
CA LYS A 80 13.93 -28.96 6.14
C LYS A 80 12.56 -28.33 6.00
N ASP A 81 12.45 -27.24 5.25
CA ASP A 81 11.15 -26.61 5.02
C ASP A 81 10.20 -27.48 4.24
N GLN A 82 10.68 -28.56 3.61
CA GLN A 82 9.82 -29.50 2.94
C GLN A 82 9.32 -30.58 3.90
N GLY A 83 9.76 -30.53 5.15
CA GLY A 83 9.52 -31.58 6.11
C GLY A 83 10.43 -32.77 5.96
N TYR A 84 11.47 -32.67 5.14
CA TYR A 84 12.36 -33.81 4.92
C TYR A 84 13.27 -33.97 6.13
N GLN A 85 13.79 -35.18 6.29
CA GLN A 85 14.78 -35.48 7.31
C GLN A 85 16.14 -35.42 6.64
N VAL A 86 17.00 -34.51 7.11
CA VAL A 86 18.25 -34.19 6.44
C VAL A 86 19.40 -34.67 7.30
N GLU A 87 20.27 -35.50 6.74
CA GLU A 87 21.54 -35.83 7.34
C GLU A 87 22.66 -35.08 6.61
N PHE A 88 23.51 -34.40 7.37
CA PHE A 88 24.54 -33.51 6.82
C PHE A 88 25.94 -34.00 7.19
N HIS A 89 26.84 -33.97 6.21
CA HIS A 89 28.24 -34.33 6.37
C HIS A 89 29.10 -33.29 5.67
N LYS A 90 30.23 -32.95 6.29
CA LYS A 90 31.11 -31.95 5.69
C LYS A 90 32.01 -32.55 4.62
N SER A 91 32.30 -33.84 4.70
CA SER A 91 33.14 -34.53 3.73
C SER A 91 32.31 -35.64 3.07
N SER A 92 32.93 -36.37 2.16
CA SER A 92 32.28 -37.52 1.53
C SER A 92 32.26 -38.69 2.49
N LEU A 93 31.86 -39.86 2.01
CA LEU A 93 31.84 -41.06 2.83
C LEU A 93 32.62 -42.17 2.15
N PRO A 94 33.32 -43.00 2.92
CA PRO A 94 33.94 -44.19 2.32
C PRO A 94 32.87 -45.13 1.78
N GLU A 95 33.28 -45.94 0.78
CA GLU A 95 32.32 -46.77 0.07
C GLU A 95 31.55 -47.68 1.03
N ASP A 96 32.23 -48.20 2.05
CA ASP A 96 31.55 -49.11 2.98
C ASP A 96 30.47 -48.38 3.77
N GLU A 97 30.83 -47.27 4.42
CA GLU A 97 29.86 -46.52 5.22
C GLU A 97 28.76 -45.93 4.34
N LEU A 98 29.08 -45.57 3.10
CA LEU A 98 28.07 -44.99 2.20
C LEU A 98 27.06 -46.05 1.76
N ILE A 99 27.54 -47.27 1.49
CA ILE A 99 26.66 -48.35 1.05
C ILE A 99 25.57 -48.63 2.06
N GLU A 100 25.91 -48.68 3.34
CA GLU A 100 24.90 -48.93 4.36
C GLU A 100 23.92 -47.76 4.46
N LYS A 101 24.44 -46.53 4.41
CA LYS A 101 23.61 -45.34 4.66
C LYS A 101 22.62 -45.09 3.54
N ILE A 102 22.92 -45.52 2.31
CA ILE A 102 22.11 -45.18 1.15
C ILE A 102 20.94 -46.14 0.93
N LYS A 103 20.89 -47.28 1.62
CA LYS A 103 19.84 -48.25 1.37
C LYS A 103 18.45 -47.69 1.71
N ASP A 104 18.39 -46.76 2.66
CA ASP A 104 17.12 -46.19 3.13
C ASP A 104 17.00 -44.70 2.81
N VAL A 105 17.79 -44.19 1.86
CA VAL A 105 17.80 -42.77 1.51
C VAL A 105 16.93 -42.54 0.28
N HIS A 106 16.18 -41.43 0.30
CA HIS A 106 15.28 -41.08 -0.79
C HIS A 106 15.93 -40.14 -1.80
N ALA A 107 16.77 -39.22 -1.33
CA ALA A 107 17.48 -38.30 -2.18
C ALA A 107 18.87 -38.09 -1.60
N ILE A 108 19.88 -38.05 -2.46
CA ILE A 108 21.25 -37.87 -2.04
C ILE A 108 21.80 -36.59 -2.68
N GLY A 109 22.45 -35.78 -1.87
CA GLY A 109 23.13 -34.59 -2.37
C GLY A 109 24.64 -34.73 -2.25
N ILE A 110 25.33 -34.58 -3.39
CA ILE A 110 26.78 -34.71 -3.46
C ILE A 110 27.36 -33.48 -4.15
N ARG A 111 28.69 -33.48 -4.29
CA ARG A 111 29.42 -32.50 -5.08
C ARG A 111 30.41 -33.24 -5.98
N SER A 112 31.63 -32.73 -6.15
CA SER A 112 32.49 -33.30 -7.17
C SER A 112 33.11 -34.64 -6.76
N LYS A 113 33.43 -34.81 -5.48
CA LYS A 113 34.29 -35.93 -5.08
C LYS A 113 33.54 -37.25 -4.92
N THR A 114 32.30 -37.22 -4.45
CA THR A 114 31.57 -38.47 -4.18
C THR A 114 31.20 -39.16 -5.49
N ARG A 115 31.70 -40.38 -5.67
CA ARG A 115 31.47 -41.15 -6.88
C ARG A 115 30.31 -42.12 -6.64
N LEU A 116 29.18 -41.87 -7.31
CA LEU A 116 27.99 -42.72 -7.20
C LEU A 116 27.95 -43.63 -8.43
N THR A 117 28.64 -44.77 -8.33
CA THR A 117 28.69 -45.75 -9.39
C THR A 117 27.61 -46.82 -9.19
N GLU A 118 27.48 -47.71 -10.18
CA GLU A 118 26.56 -48.83 -10.04
C GLU A 118 26.87 -49.67 -8.81
N LYS A 119 28.15 -49.79 -8.44
CA LYS A 119 28.50 -50.55 -7.24
C LYS A 119 27.72 -50.07 -6.01
N ILE A 120 27.62 -48.76 -5.82
CA ILE A 120 26.95 -48.23 -4.65
C ILE A 120 25.46 -47.99 -4.89
N LEU A 121 25.07 -47.64 -6.12
CA LEU A 121 23.66 -47.37 -6.41
C LEU A 121 22.80 -48.63 -6.41
N GLN A 122 23.40 -49.82 -6.57
CA GLN A 122 22.61 -51.05 -6.54
C GLN A 122 21.81 -51.18 -5.26
N HIS A 123 22.30 -50.63 -4.17
CA HIS A 123 21.69 -50.78 -2.86
C HIS A 123 20.63 -49.72 -2.56
N ALA A 124 20.38 -48.79 -3.48
CA ALA A 124 19.49 -47.67 -3.22
C ALA A 124 18.07 -48.12 -3.53
N ARG A 125 17.42 -48.73 -2.53
CA ARG A 125 16.07 -49.24 -2.73
C ARG A 125 15.07 -48.09 -2.87
N ASN A 126 15.26 -47.02 -2.10
CA ASN A 126 14.30 -45.92 -2.02
C ASN A 126 14.79 -44.64 -2.69
N LEU A 127 15.92 -44.67 -3.39
CA LEU A 127 16.51 -43.43 -3.89
C LEU A 127 15.69 -42.88 -5.06
N VAL A 128 15.15 -41.68 -4.89
CA VAL A 128 14.27 -41.06 -5.89
C VAL A 128 15.05 -40.18 -6.86
N CYS A 129 16.05 -39.44 -6.39
CA CYS A 129 16.76 -38.48 -7.23
C CYS A 129 18.13 -38.18 -6.63
N ILE A 130 19.04 -37.71 -7.48
CA ILE A 130 20.40 -37.37 -7.09
C ILE A 130 20.62 -35.89 -7.39
N GLY A 131 21.09 -35.15 -6.38
CA GLY A 131 21.48 -33.77 -6.60
C GLY A 131 22.98 -33.58 -6.60
N CYS A 132 23.52 -33.08 -7.70
CA CYS A 132 24.93 -32.72 -7.78
C CYS A 132 25.03 -31.21 -7.51
N PHE A 133 25.50 -30.83 -6.33
CA PHE A 133 25.56 -29.40 -6.07
C PHE A 133 26.87 -28.84 -6.60
N CYS A 134 26.99 -28.91 -7.91
CA CYS A 134 28.18 -28.54 -8.67
C CYS A 134 27.81 -28.59 -10.15
N ILE A 135 28.81 -28.48 -11.01
CA ILE A 135 28.59 -28.55 -12.45
C ILE A 135 28.73 -29.99 -12.96
N GLY A 136 29.78 -30.68 -12.54
CA GLY A 136 30.09 -31.99 -13.13
C GLY A 136 29.15 -33.08 -12.65
N THR A 137 28.79 -33.98 -13.57
CA THR A 137 27.98 -35.15 -13.26
C THR A 137 28.72 -36.45 -13.54
N ASN A 138 30.00 -36.35 -13.92
CA ASN A 138 30.80 -37.54 -14.23
C ASN A 138 30.92 -38.47 -13.03
N GLN A 139 30.81 -37.92 -11.82
CA GLN A 139 30.91 -38.71 -10.62
C GLN A 139 29.69 -39.58 -10.39
N VAL A 140 28.69 -39.51 -11.27
CA VAL A 140 27.49 -40.32 -11.17
C VAL A 140 27.36 -41.16 -12.43
N ASP A 141 27.05 -42.44 -12.26
CA ASP A 141 26.74 -43.28 -13.40
C ASP A 141 25.35 -42.90 -13.91
N LEU A 142 25.29 -41.93 -14.82
CA LEU A 142 24.00 -41.40 -15.22
C LEU A 142 23.15 -42.46 -15.92
N LYS A 143 23.76 -43.29 -16.76
CA LYS A 143 23.00 -44.31 -17.47
C LYS A 143 22.41 -45.33 -16.50
N TYR A 144 23.21 -45.83 -15.56
CA TYR A 144 22.67 -46.78 -14.58
C TYR A 144 21.59 -46.14 -13.75
N ALA A 145 21.84 -44.93 -13.25
CA ALA A 145 20.85 -44.21 -12.45
C ALA A 145 19.54 -44.07 -13.22
N ALA A 146 19.62 -43.82 -14.52
CA ALA A 146 18.41 -43.75 -15.32
C ALA A 146 17.72 -45.11 -15.43
N SER A 147 18.49 -46.19 -15.62
CA SER A 147 17.89 -47.51 -15.77
C SER A 147 17.12 -47.95 -14.53
N LYS A 148 17.44 -47.39 -13.36
CA LYS A 148 16.69 -47.65 -12.13
C LYS A 148 15.71 -46.53 -11.80
N GLY A 149 15.46 -45.61 -12.72
CA GLY A 149 14.51 -44.55 -12.50
C GLY A 149 14.94 -43.47 -11.52
N ILE A 150 16.22 -43.13 -11.49
CA ILE A 150 16.76 -42.14 -10.58
C ILE A 150 17.19 -40.92 -11.41
N ALA A 151 16.45 -39.83 -11.26
CA ALA A 151 16.75 -38.61 -11.99
C ALA A 151 17.89 -37.85 -11.33
N VAL A 152 18.74 -37.22 -12.14
CA VAL A 152 19.90 -36.49 -11.65
C VAL A 152 19.81 -35.03 -12.09
N PHE A 153 20.17 -34.14 -11.17
CA PHE A 153 20.13 -32.70 -11.39
C PHE A 153 21.47 -32.09 -11.02
N ASN A 154 21.84 -30.97 -11.65
CA ASN A 154 23.06 -30.28 -11.30
C ASN A 154 22.82 -28.77 -11.37
N SER A 155 23.88 -27.99 -11.13
CA SER A 155 23.88 -26.53 -11.28
C SER A 155 24.94 -26.17 -12.30
N PRO A 156 24.59 -26.07 -13.55
CA PRO A 156 25.60 -25.85 -14.59
C PRO A 156 26.12 -24.42 -14.65
N PHE A 157 25.25 -23.42 -14.41
CA PHE A 157 25.60 -22.05 -14.73
C PHE A 157 25.61 -21.12 -13.51
N SER A 158 25.61 -21.68 -12.30
CA SER A 158 25.52 -20.86 -11.09
C SER A 158 26.80 -20.10 -10.80
N ASN A 159 27.92 -20.37 -11.50
CA ASN A 159 29.19 -19.73 -11.19
C ASN A 159 29.50 -18.59 -12.13
N SER A 160 28.55 -18.17 -12.96
CA SER A 160 28.83 -17.22 -14.03
C SER A 160 29.37 -15.90 -13.48
N ARG A 161 28.63 -15.29 -12.55
CA ARG A 161 29.02 -13.99 -12.02
C ARG A 161 30.39 -14.05 -11.36
N SER A 162 30.65 -15.10 -10.58
CA SER A 162 31.89 -15.18 -9.82
C SER A 162 33.11 -15.28 -10.73
N VAL A 163 33.01 -16.07 -11.81
CA VAL A 163 34.12 -16.15 -12.76
C VAL A 163 34.28 -14.81 -13.48
N ALA A 164 33.18 -14.15 -13.83
CA ALA A 164 33.29 -12.89 -14.57
C ALA A 164 33.99 -11.83 -13.73
N GLU A 165 33.57 -11.65 -12.48
CA GLU A 165 34.27 -10.69 -11.64
C GLU A 165 35.72 -11.10 -11.45
N LEU A 166 35.97 -12.40 -11.34
CA LEU A 166 37.35 -12.88 -11.23
C LEU A 166 38.21 -12.35 -12.37
N VAL A 167 37.72 -12.43 -13.60
CA VAL A 167 38.52 -11.97 -14.72
C VAL A 167 38.71 -10.46 -14.67
N ILE A 168 37.67 -9.70 -14.30
CA ILE A 168 37.82 -8.25 -14.17
C ILE A 168 38.94 -7.90 -13.19
N GLY A 169 38.93 -8.50 -12.00
CA GLY A 169 39.99 -8.22 -11.06
C GLY A 169 41.35 -8.61 -11.61
N GLU A 170 41.41 -9.69 -12.38
CA GLU A 170 42.67 -10.17 -12.92
C GLU A 170 43.13 -9.37 -14.13
N ILE A 171 42.19 -8.88 -14.95
CA ILE A 171 42.56 -7.93 -15.99
C ILE A 171 43.27 -6.74 -15.35
N ILE A 172 42.70 -6.21 -14.27
CA ILE A 172 43.29 -5.05 -13.60
C ILE A 172 44.60 -5.43 -12.93
N SER A 173 44.62 -6.58 -12.23
CA SER A 173 45.84 -6.97 -11.51
C SER A 173 47.00 -7.17 -12.45
N LEU A 174 46.76 -7.84 -13.58
CA LEU A 174 47.83 -8.04 -14.55
C LEU A 174 48.25 -6.74 -15.19
N ALA A 175 47.27 -5.88 -15.51
CA ALA A 175 47.56 -4.58 -16.12
C ALA A 175 48.35 -3.67 -15.20
N ARG A 176 48.29 -3.89 -13.90
CA ARG A 176 48.96 -3.04 -12.93
C ARG A 176 50.06 -3.79 -12.19
N GLN A 177 50.23 -5.07 -12.48
CA GLN A 177 51.25 -5.90 -11.85
C GLN A 177 51.10 -5.91 -10.32
N LEU A 178 49.85 -6.00 -9.85
CA LEU A 178 49.58 -5.99 -8.42
C LEU A 178 50.21 -7.17 -7.70
N GLY A 179 50.07 -8.38 -8.26
CA GLY A 179 50.65 -9.55 -7.63
C GLY A 179 52.13 -9.39 -7.33
N ASP A 180 52.91 -8.96 -8.32
CA ASP A 180 54.35 -8.84 -8.13
C ASP A 180 54.67 -7.74 -7.13
N ARG A 181 54.08 -6.55 -7.31
CA ARG A 181 54.35 -5.47 -6.40
C ARG A 181 54.12 -5.88 -4.95
N SER A 182 53.01 -6.59 -4.69
CA SER A 182 52.65 -6.92 -3.31
C SER A 182 53.52 -8.03 -2.75
N ILE A 183 53.89 -9.01 -3.57
CA ILE A 183 54.86 -10.00 -3.13
C ILE A 183 56.18 -9.32 -2.78
N GLU A 184 56.53 -8.29 -3.55
CA GLU A 184 57.78 -7.57 -3.31
C GLU A 184 57.77 -6.87 -1.94
N LEU A 185 56.68 -6.19 -1.61
CA LEU A 185 56.65 -5.49 -0.32
C LEU A 185 56.62 -6.44 0.85
N HIS A 186 55.93 -7.58 0.72
CA HIS A 186 55.96 -8.56 1.80
C HIS A 186 57.36 -9.11 2.05
N THR A 187 58.29 -8.88 1.14
CA THR A 187 59.68 -9.31 1.34
C THR A 187 60.64 -8.13 1.38
N GLY A 188 60.13 -6.93 1.62
CA GLY A 188 60.96 -5.77 1.83
C GLY A 188 61.24 -4.95 0.60
N THR A 189 60.95 -5.45 -0.61
CA THR A 189 61.32 -4.77 -1.83
C THR A 189 60.31 -3.69 -2.19
N TRP A 190 60.80 -2.46 -2.38
CA TRP A 190 60.01 -1.33 -2.85
C TRP A 190 60.33 -1.09 -4.32
N ASN A 191 59.35 -1.26 -5.19
CA ASN A 191 59.59 -1.21 -6.62
C ASN A 191 58.43 -0.50 -7.32
N LYS A 192 58.41 0.83 -7.24
CA LYS A 192 57.41 1.60 -7.97
C LYS A 192 57.70 1.51 -9.48
N VAL A 193 56.78 0.93 -10.23
CA VAL A 193 56.91 0.72 -11.67
C VAL A 193 55.65 1.24 -12.35
N ALA A 194 55.82 2.16 -13.31
CA ALA A 194 54.74 2.53 -14.22
C ALA A 194 54.94 2.02 -15.64
N ALA A 195 56.17 1.61 -16.00
CA ALA A 195 56.43 1.17 -17.36
C ALA A 195 55.60 -0.06 -17.69
N ARG A 196 54.76 0.06 -18.72
CA ARG A 196 53.99 -1.05 -19.28
C ARG A 196 52.99 -1.62 -18.28
N CYS A 197 52.65 -0.81 -17.28
CA CYS A 197 51.46 -1.01 -16.46
C CYS A 197 50.37 -0.10 -17.01
N TRP A 198 49.14 -0.61 -17.09
CA TRP A 198 48.17 0.00 -17.98
C TRP A 198 46.91 0.39 -17.25
N GLU A 199 46.37 1.56 -17.59
CA GLU A 199 44.95 1.75 -17.35
C GLU A 199 44.21 0.80 -18.27
N VAL A 200 43.21 0.14 -17.71
CA VAL A 200 42.48 -0.83 -18.49
C VAL A 200 41.52 -0.15 -19.46
N ARG A 201 41.08 1.07 -19.15
CA ARG A 201 40.22 1.83 -20.06
C ARG A 201 40.89 2.04 -21.42
N GLY A 202 40.16 1.73 -22.50
CA GLY A 202 40.68 1.87 -23.84
C GLY A 202 41.33 0.64 -24.43
N LYS A 203 41.62 -0.38 -23.62
CA LYS A 203 42.21 -1.61 -24.10
C LYS A 203 41.13 -2.51 -24.68
N THR A 204 41.55 -3.61 -25.30
CA THR A 204 40.63 -4.53 -25.95
C THR A 204 40.66 -5.89 -25.27
N LEU A 205 39.48 -6.35 -24.86
CA LEU A 205 39.31 -7.68 -24.30
C LEU A 205 38.91 -8.66 -25.38
N GLY A 206 39.69 -9.72 -25.55
CA GLY A 206 39.31 -10.80 -26.43
C GLY A 206 38.69 -11.95 -25.67
N ILE A 207 37.38 -12.12 -25.80
CA ILE A 207 36.66 -13.18 -25.10
C ILE A 207 36.48 -14.34 -26.06
N ILE A 208 37.05 -15.49 -25.71
CA ILE A 208 36.92 -16.71 -26.50
C ILE A 208 35.88 -17.57 -25.82
N GLY A 209 34.72 -17.72 -26.46
CA GLY A 209 33.59 -18.41 -25.86
C GLY A 209 32.64 -17.41 -25.24
N TYR A 210 31.57 -17.08 -25.94
CA TYR A 210 30.71 -15.99 -25.51
C TYR A 210 29.41 -16.54 -24.93
N GLY A 211 29.51 -17.41 -23.92
CA GLY A 211 28.37 -18.08 -23.28
C GLY A 211 27.92 -17.38 -22.01
N HIS A 212 27.52 -18.18 -21.02
CA HIS A 212 27.04 -17.61 -19.76
C HIS A 212 28.08 -16.73 -19.08
N ILE A 213 29.30 -17.23 -18.93
CA ILE A 213 30.34 -16.41 -18.32
C ILE A 213 30.78 -15.32 -19.27
N GLY A 214 31.05 -15.66 -20.53
CA GLY A 214 31.58 -14.68 -21.46
C GLY A 214 30.66 -13.49 -21.67
N SER A 215 29.38 -13.76 -21.91
CA SER A 215 28.45 -12.67 -22.19
C SER A 215 28.33 -11.78 -20.96
N GLN A 216 28.36 -12.36 -19.77
CA GLN A 216 28.32 -11.55 -18.56
C GLN A 216 29.65 -10.83 -18.33
N LEU A 217 30.77 -11.49 -18.66
CA LEU A 217 32.05 -10.79 -18.62
C LEU A 217 32.07 -9.61 -19.59
N SER A 218 31.38 -9.76 -20.73
CA SER A 218 31.35 -8.71 -21.74
C SER A 218 30.81 -7.40 -21.16
N VAL A 219 29.68 -7.48 -20.45
CA VAL A 219 29.03 -6.29 -19.90
C VAL A 219 29.91 -5.64 -18.84
N LEU A 220 30.52 -6.46 -17.98
CA LEU A 220 31.44 -5.92 -16.98
C LEU A 220 32.63 -5.24 -17.62
N ALA A 221 33.14 -5.84 -18.70
CA ALA A 221 34.35 -5.33 -19.36
C ALA A 221 34.12 -3.94 -19.95
N GLU A 222 33.02 -3.76 -20.70
CA GLU A 222 32.71 -2.45 -21.24
C GLU A 222 32.51 -1.41 -20.14
N ALA A 223 31.83 -1.79 -19.06
CA ALA A 223 31.65 -0.89 -17.93
C ALA A 223 32.99 -0.41 -17.38
N MET A 224 33.99 -1.30 -17.34
CA MET A 224 35.35 -0.89 -16.99
C MET A 224 36.04 -0.16 -18.13
N GLY A 225 35.35 0.07 -19.24
CA GLY A 225 35.87 0.82 -20.35
C GLY A 225 36.62 0.05 -21.41
N LEU A 226 36.49 -1.28 -21.46
CA LEU A 226 37.24 -2.00 -22.51
C LEU A 226 36.36 -2.18 -23.74
N HIS A 227 37.05 -2.23 -24.87
CA HIS A 227 36.44 -2.77 -26.07
C HIS A 227 36.45 -4.28 -25.94
N VAL A 228 35.34 -4.90 -26.35
CA VAL A 228 35.14 -6.32 -26.23
C VAL A 228 35.04 -6.90 -27.63
N LEU A 229 35.92 -7.85 -27.94
CA LEU A 229 35.79 -8.70 -29.11
C LEU A 229 35.55 -10.13 -28.66
N TYR A 230 34.73 -10.86 -29.40
CA TYR A 230 34.51 -12.25 -29.04
C TYR A 230 34.50 -13.15 -30.27
N TYR A 231 35.16 -14.28 -30.14
CA TYR A 231 35.11 -15.36 -31.09
C TYR A 231 34.30 -16.51 -30.53
N ASP A 232 33.45 -17.07 -31.37
CA ASP A 232 32.73 -18.27 -30.98
C ASP A 232 32.34 -19.05 -32.23
N ILE A 233 32.21 -20.36 -32.07
CA ILE A 233 31.91 -21.27 -33.18
C ILE A 233 30.44 -21.16 -33.60
N VAL A 234 29.69 -20.26 -32.96
CA VAL A 234 28.32 -19.99 -33.36
C VAL A 234 28.15 -18.49 -33.37
N THR A 235 27.27 -18.00 -34.25
CA THR A 235 26.96 -16.58 -34.28
C THR A 235 26.04 -16.26 -33.11
N ILE A 236 26.44 -15.27 -32.30
CA ILE A 236 25.69 -14.89 -31.11
C ILE A 236 25.43 -13.39 -31.13
N MET A 237 24.21 -13.01 -30.79
CA MET A 237 23.89 -11.59 -30.67
C MET A 237 24.74 -10.96 -29.58
N ALA A 238 25.52 -9.95 -29.96
CA ALA A 238 26.44 -9.32 -29.02
C ALA A 238 25.66 -8.54 -27.95
N LEU A 239 26.23 -8.52 -26.75
CA LEU A 239 25.70 -7.67 -25.70
C LEU A 239 26.37 -6.30 -25.75
N GLY A 240 25.59 -5.27 -25.48
CA GLY A 240 26.12 -3.92 -25.52
C GLY A 240 26.69 -3.64 -26.90
N THR A 241 27.94 -3.18 -26.92
CA THR A 241 28.62 -2.82 -28.14
C THR A 241 29.77 -3.78 -28.47
N ALA A 242 29.74 -4.99 -27.92
CA ALA A 242 30.75 -5.97 -28.28
C ALA A 242 30.61 -6.36 -29.74
N ARG A 243 31.70 -6.87 -30.31
CA ARG A 243 31.73 -7.24 -31.72
C ARG A 243 32.33 -8.62 -31.89
N GLN A 244 31.60 -9.51 -32.55
CA GLN A 244 32.09 -10.85 -32.82
C GLN A 244 33.01 -10.85 -34.03
N VAL A 245 34.08 -11.63 -33.95
CA VAL A 245 35.05 -11.72 -35.03
C VAL A 245 34.94 -13.08 -35.69
N SER A 246 35.25 -13.10 -36.99
CA SER A 246 35.06 -14.29 -37.81
C SER A 246 36.07 -15.39 -37.45
N THR A 247 37.31 -15.01 -37.14
CA THR A 247 38.36 -15.98 -36.88
C THR A 247 38.98 -15.74 -35.52
N LEU A 248 39.58 -16.80 -34.97
CA LEU A 248 40.31 -16.66 -33.72
C LEU A 248 41.51 -15.73 -33.86
N ASP A 249 42.22 -15.79 -34.99
CA ASP A 249 43.41 -14.97 -35.13
C ASP A 249 43.07 -13.47 -35.14
N GLU A 250 41.92 -13.10 -35.71
CA GLU A 250 41.54 -11.69 -35.66
C GLU A 250 41.39 -11.22 -34.22
N LEU A 251 40.78 -12.06 -33.38
CA LEU A 251 40.69 -11.74 -31.97
C LEU A 251 42.08 -11.64 -31.34
N LEU A 252 42.97 -12.58 -31.67
CA LEU A 252 44.31 -12.55 -31.08
C LEU A 252 45.11 -11.34 -31.56
N ASN A 253 44.95 -10.93 -32.83
CA ASN A 253 45.73 -9.80 -33.31
C ASN A 253 45.25 -8.48 -32.71
N LYS A 254 43.97 -8.35 -32.39
CA LYS A 254 43.41 -7.06 -32.03
C LYS A 254 43.18 -6.88 -30.54
N SER A 255 43.43 -7.91 -29.74
CA SER A 255 43.12 -7.86 -28.31
C SER A 255 44.37 -7.57 -27.48
N ASP A 256 44.16 -6.86 -26.39
CA ASP A 256 45.19 -6.65 -25.38
C ASP A 256 45.11 -7.70 -24.28
N PHE A 257 43.90 -8.17 -23.99
CA PHE A 257 43.61 -9.19 -22.97
C PHE A 257 42.81 -10.28 -23.65
N VAL A 258 43.28 -11.52 -23.53
CA VAL A 258 42.63 -12.68 -24.12
C VAL A 258 42.14 -13.57 -22.98
N THR A 259 40.83 -13.85 -22.98
CA THR A 259 40.18 -14.62 -21.94
C THR A 259 39.47 -15.81 -22.56
N LEU A 260 39.57 -16.97 -21.90
CA LEU A 260 39.00 -18.22 -22.39
C LEU A 260 37.79 -18.63 -21.55
N HIS A 261 36.66 -18.89 -22.21
CA HIS A 261 35.47 -19.31 -21.50
C HIS A 261 34.76 -20.37 -22.34
N VAL A 262 35.47 -21.45 -22.61
CA VAL A 262 35.02 -22.47 -23.56
C VAL A 262 34.88 -23.78 -22.81
N PRO A 263 34.06 -24.68 -23.31
CA PRO A 263 33.99 -26.03 -22.72
C PRO A 263 35.24 -26.82 -23.06
N ALA A 264 35.35 -27.99 -22.44
CA ALA A 264 36.44 -28.91 -22.72
C ALA A 264 36.00 -29.83 -23.86
N THR A 265 36.58 -29.64 -25.05
CA THR A 265 36.26 -30.46 -26.22
C THR A 265 37.57 -30.81 -26.93
N PRO A 266 37.57 -31.77 -27.84
CA PRO A 266 38.77 -31.98 -28.67
C PRO A 266 39.19 -30.75 -29.43
N GLU A 267 38.25 -29.86 -29.77
CA GLU A 267 38.58 -28.65 -30.51
C GLU A 267 39.19 -27.55 -29.64
N THR A 268 38.99 -27.61 -28.32
CA THR A 268 39.58 -26.64 -27.41
C THR A 268 40.85 -27.16 -26.76
N GLU A 269 41.18 -28.44 -26.95
CA GLU A 269 42.40 -29.03 -26.44
C GLU A 269 43.59 -28.19 -26.89
N LYS A 270 44.25 -27.52 -25.94
CA LYS A 270 45.45 -26.74 -26.21
C LYS A 270 45.21 -25.74 -27.34
N MET A 271 43.99 -25.18 -27.40
CA MET A 271 43.63 -24.33 -28.53
C MET A 271 44.43 -23.04 -28.55
N LEU A 272 45.00 -22.63 -27.42
CA LEU A 272 45.97 -21.53 -27.40
C LEU A 272 47.32 -22.18 -27.16
N SER A 273 48.14 -22.20 -28.20
CA SER A 273 49.47 -22.77 -28.12
C SER A 273 50.45 -21.82 -28.79
N ALA A 274 51.66 -22.30 -29.08
CA ALA A 274 52.71 -21.46 -29.67
C ALA A 274 52.23 -20.63 -30.86
N PRO A 275 51.52 -21.19 -31.85
CA PRO A 275 51.08 -20.35 -32.98
C PRO A 275 50.16 -19.22 -32.59
N GLN A 276 49.27 -19.45 -31.62
CA GLN A 276 48.31 -18.43 -31.24
C GLN A 276 48.96 -17.32 -30.41
N PHE A 277 49.90 -17.69 -29.54
CA PHE A 277 50.68 -16.67 -28.85
C PHE A 277 51.44 -15.79 -29.85
N ALA A 278 51.93 -16.37 -30.93
CA ALA A 278 52.61 -15.59 -31.96
C ALA A 278 51.66 -14.64 -32.67
N ALA A 279 50.37 -14.96 -32.73
CA ALA A 279 49.40 -14.07 -33.36
C ALA A 279 48.90 -12.99 -32.42
N MET A 280 49.28 -13.05 -31.14
CA MET A 280 48.83 -12.06 -30.19
C MET A 280 49.75 -10.84 -30.22
N LYS A 281 49.33 -9.79 -29.52
CA LYS A 281 50.11 -8.56 -29.52
C LYS A 281 51.33 -8.70 -28.61
N ASP A 282 52.38 -7.96 -28.96
CA ASP A 282 53.53 -7.88 -28.10
C ASP A 282 53.09 -7.27 -26.79
N GLY A 283 53.35 -7.96 -25.69
CA GLY A 283 52.94 -7.47 -24.39
C GLY A 283 51.48 -7.68 -24.07
N ALA A 284 50.84 -8.70 -24.68
CA ALA A 284 49.44 -9.00 -24.38
C ALA A 284 49.33 -9.93 -23.20
N TYR A 285 48.11 -10.12 -22.73
CA TYR A 285 47.84 -10.81 -21.48
C TYR A 285 46.88 -11.95 -21.75
N VAL A 286 47.11 -13.08 -21.09
CA VAL A 286 46.34 -14.30 -21.29
C VAL A 286 45.66 -14.66 -19.98
N ILE A 287 44.34 -14.85 -20.02
CA ILE A 287 43.58 -15.28 -18.85
C ILE A 287 42.82 -16.55 -19.17
N ASN A 288 43.02 -17.60 -18.37
CA ASN A 288 42.27 -18.86 -18.52
C ASN A 288 41.63 -19.23 -17.18
N ALA A 289 40.33 -18.98 -17.07
CA ALA A 289 39.52 -19.49 -15.97
C ALA A 289 38.48 -20.50 -16.45
N SER A 290 38.79 -21.20 -17.54
CA SER A 290 37.88 -22.19 -18.11
C SER A 290 38.28 -23.62 -17.75
N ARG A 291 38.96 -24.33 -18.65
CA ARG A 291 39.37 -25.71 -18.43
C ARG A 291 40.88 -25.85 -18.53
N GLY A 292 41.44 -26.73 -17.70
CA GLY A 292 42.88 -26.87 -17.56
C GLY A 292 43.63 -27.38 -18.80
N THR A 293 42.90 -27.84 -19.82
CA THR A 293 43.52 -28.37 -21.04
C THR A 293 43.56 -27.36 -22.16
N VAL A 294 42.87 -26.22 -22.01
CA VAL A 294 42.63 -25.34 -23.14
C VAL A 294 43.90 -24.56 -23.51
N VAL A 295 44.80 -24.33 -22.55
CA VAL A 295 46.05 -23.61 -22.78
C VAL A 295 47.20 -24.61 -22.75
N ASP A 296 48.09 -24.52 -23.73
CA ASP A 296 49.35 -25.24 -23.68
C ASP A 296 50.31 -24.44 -22.81
N ILE A 297 50.48 -24.88 -21.55
CA ILE A 297 51.30 -24.14 -20.60
C ILE A 297 52.75 -24.03 -21.05
N PRO A 298 53.40 -25.08 -21.59
CA PRO A 298 54.79 -24.88 -22.05
C PRO A 298 54.90 -23.79 -23.07
N SER A 299 53.94 -23.68 -23.98
CA SER A 299 53.98 -22.60 -24.96
C SER A 299 53.75 -21.24 -24.30
N LEU A 300 52.90 -21.18 -23.26
CA LEU A 300 52.68 -19.93 -22.54
C LEU A 300 53.94 -19.48 -21.84
N ILE A 301 54.59 -20.40 -21.12
CA ILE A 301 55.85 -20.10 -20.45
C ILE A 301 56.88 -19.60 -21.43
N GLN A 302 56.91 -20.19 -22.62
CA GLN A 302 57.86 -19.77 -23.64
C GLN A 302 57.55 -18.34 -24.10
N ALA A 303 56.28 -18.05 -24.38
CA ALA A 303 55.93 -16.71 -24.83
C ALA A 303 56.21 -15.68 -23.76
N VAL A 304 56.04 -16.06 -22.49
CA VAL A 304 56.38 -15.14 -21.39
C VAL A 304 57.88 -14.94 -21.33
N LYS A 305 58.66 -16.03 -21.40
CA LYS A 305 60.12 -15.87 -21.35
C LYS A 305 60.64 -15.10 -22.56
N ALA A 306 59.95 -15.17 -23.70
CA ALA A 306 60.35 -14.42 -24.88
C ALA A 306 59.77 -13.01 -24.92
N ASN A 307 59.22 -12.53 -23.80
CA ASN A 307 58.65 -11.20 -23.68
C ASN A 307 57.50 -10.95 -24.66
N LYS A 308 56.94 -12.02 -25.22
CA LYS A 308 55.80 -11.89 -26.11
C LYS A 308 54.51 -11.66 -25.33
N ILE A 309 54.31 -12.44 -24.27
CA ILE A 309 53.18 -12.28 -23.37
C ILE A 309 53.67 -11.58 -22.12
N ALA A 310 52.98 -10.50 -21.74
CA ALA A 310 53.38 -9.69 -20.60
C ALA A 310 52.87 -10.21 -19.28
N GLY A 311 51.78 -10.99 -19.27
CA GLY A 311 51.25 -11.53 -18.03
C GLY A 311 50.15 -12.53 -18.30
N ALA A 312 49.91 -13.37 -17.30
CA ALA A 312 48.91 -14.41 -17.45
C ALA A 312 48.28 -14.74 -16.10
N ALA A 313 47.01 -15.11 -16.13
CA ALA A 313 46.28 -15.51 -14.93
C ALA A 313 45.63 -16.86 -15.17
N LEU A 314 46.03 -17.87 -14.38
CA LEU A 314 45.57 -19.23 -14.58
C LEU A 314 44.79 -19.67 -13.35
N ASP A 315 43.54 -20.08 -13.55
CA ASP A 315 42.75 -20.64 -12.47
C ASP A 315 42.62 -22.15 -12.57
N VAL A 316 42.85 -22.73 -13.74
CA VAL A 316 42.69 -24.16 -13.97
C VAL A 316 43.96 -24.70 -14.60
N TYR A 317 44.17 -25.99 -14.44
CA TYR A 317 45.47 -26.59 -14.74
C TYR A 317 45.23 -27.98 -15.30
N PRO A 318 46.16 -28.51 -16.11
CA PRO A 318 45.98 -29.88 -16.61
C PRO A 318 45.79 -30.91 -15.50
N HIS A 319 46.54 -30.82 -14.41
CA HIS A 319 46.44 -31.71 -13.28
C HIS A 319 46.28 -30.89 -12.01
N GLU A 320 45.30 -31.23 -11.18
CA GLU A 320 45.05 -30.45 -9.97
C GLU A 320 44.94 -31.38 -8.78
N PRO A 321 45.32 -30.94 -7.58
CA PRO A 321 45.22 -31.80 -6.39
C PRO A 321 43.75 -32.10 -6.08
N ALA A 322 43.54 -33.25 -5.43
CA ALA A 322 42.18 -33.60 -5.02
C ALA A 322 41.77 -32.95 -3.70
N LYS A 323 42.73 -32.54 -2.87
CA LYS A 323 42.42 -31.92 -1.59
C LYS A 323 43.40 -30.78 -1.34
N ASN A 324 43.00 -29.87 -0.47
CA ASN A 324 43.86 -28.74 -0.12
C ASN A 324 45.03 -29.21 0.74
N GLY A 325 46.19 -28.60 0.54
CA GLY A 325 47.33 -28.90 1.37
C GLY A 325 48.60 -28.25 0.91
N GLU A 326 49.60 -28.19 1.79
CA GLU A 326 50.88 -27.62 1.44
C GLU A 326 51.66 -28.62 0.58
N GLY A 327 52.57 -28.09 -0.25
CA GLY A 327 53.33 -28.95 -1.14
C GLY A 327 52.52 -29.64 -2.21
N SER A 328 51.24 -29.29 -2.39
CA SER A 328 50.38 -30.00 -3.33
C SER A 328 50.57 -29.57 -4.77
N PHE A 329 51.15 -28.40 -5.02
CA PHE A 329 51.22 -27.80 -6.36
C PHE A 329 52.70 -27.69 -6.76
N ASN A 330 53.19 -28.67 -7.52
CA ASN A 330 54.62 -28.77 -7.75
C ASN A 330 54.86 -29.56 -9.03
N ASP A 331 56.15 -29.86 -9.28
CA ASP A 331 56.54 -30.52 -10.52
C ASP A 331 55.97 -31.93 -10.65
N GLU A 332 55.70 -32.60 -9.52
CA GLU A 332 55.09 -33.92 -9.61
C GLU A 332 53.68 -33.83 -10.17
N LEU A 333 52.96 -32.74 -9.86
CA LEU A 333 51.63 -32.54 -10.40
C LEU A 333 51.68 -32.04 -11.84
N ASN A 334 52.55 -31.07 -12.12
CA ASN A 334 52.74 -30.54 -13.48
C ASN A 334 54.22 -30.26 -13.66
N SER A 335 54.81 -30.92 -14.66
CA SER A 335 56.26 -30.92 -14.81
C SER A 335 56.84 -29.50 -14.87
N TRP A 336 56.11 -28.58 -15.46
CA TRP A 336 56.55 -27.20 -15.65
C TRP A 336 56.23 -26.27 -14.47
N THR A 337 55.78 -26.78 -13.34
CA THR A 337 55.35 -25.89 -12.26
C THR A 337 56.49 -24.98 -11.79
N SER A 338 57.65 -25.57 -11.45
CA SER A 338 58.74 -24.76 -10.92
C SER A 338 59.15 -23.67 -11.89
N GLU A 339 58.96 -23.91 -13.18
CA GLU A 339 59.30 -22.91 -14.19
C GLU A 339 58.23 -21.83 -14.27
N LEU A 340 56.96 -22.25 -14.30
CA LEU A 340 55.84 -21.31 -14.32
C LEU A 340 55.88 -20.37 -13.12
N VAL A 341 56.20 -20.92 -11.94
CA VAL A 341 56.24 -20.13 -10.73
C VAL A 341 57.35 -19.09 -10.74
N SER A 342 58.40 -19.27 -11.55
CA SER A 342 59.51 -18.34 -11.58
C SER A 342 59.26 -17.12 -12.46
N LEU A 343 58.15 -17.06 -13.17
CA LEU A 343 57.93 -16.03 -14.17
C LEU A 343 57.28 -14.79 -13.57
N PRO A 344 57.57 -13.60 -14.09
CA PRO A 344 56.96 -12.38 -13.55
C PRO A 344 55.52 -12.17 -14.04
N ASN A 345 54.70 -11.60 -13.15
CA ASN A 345 53.34 -11.15 -13.47
C ASN A 345 52.43 -12.30 -13.91
N ILE A 346 52.51 -13.43 -13.21
CA ILE A 346 51.58 -14.53 -13.43
C ILE A 346 50.73 -14.71 -12.19
N ILE A 347 49.41 -14.67 -12.36
CA ILE A 347 48.47 -14.89 -11.27
C ILE A 347 48.03 -16.35 -11.33
N LEU A 348 48.21 -17.06 -10.23
CA LEU A 348 47.85 -18.47 -10.15
C LEU A 348 46.82 -18.62 -9.04
N THR A 349 45.69 -19.25 -9.36
CA THR A 349 44.66 -19.42 -8.35
C THR A 349 44.21 -20.88 -8.33
N PRO A 350 43.92 -21.40 -7.14
CA PRO A 350 43.57 -22.83 -7.02
C PRO A 350 42.13 -23.12 -7.40
N HIS A 351 41.77 -22.79 -8.65
CA HIS A 351 40.46 -23.13 -9.23
C HIS A 351 39.31 -22.57 -8.39
N ILE A 352 39.43 -21.29 -8.05
CA ILE A 352 38.46 -20.59 -7.21
C ILE A 352 37.48 -19.76 -8.05
N GLY A 353 37.42 -19.99 -9.35
CA GLY A 353 36.55 -19.20 -10.20
C GLY A 353 35.13 -19.12 -9.70
N GLY A 354 34.64 -20.16 -9.04
CA GLY A 354 33.30 -20.16 -8.49
C GLY A 354 33.26 -20.18 -6.96
N SER A 355 34.40 -19.87 -6.33
CA SER A 355 34.51 -20.01 -4.87
C SER A 355 34.08 -18.71 -4.19
N THR A 356 32.78 -18.49 -4.22
CA THR A 356 32.19 -17.37 -3.47
C THR A 356 31.02 -17.88 -2.65
N GLU A 357 30.75 -17.17 -1.56
CA GLU A 357 29.55 -17.44 -0.77
C GLU A 357 28.31 -17.40 -1.66
N GLU A 358 28.21 -16.40 -2.53
CA GLU A 358 27.05 -16.25 -3.40
C GLU A 358 26.88 -17.44 -4.32
N ALA A 359 27.96 -17.83 -5.00
CA ALA A 359 27.89 -18.95 -5.93
C ALA A 359 27.43 -20.22 -5.22
N GLN A 360 28.07 -20.58 -4.11
CA GLN A 360 27.65 -21.75 -3.35
C GLN A 360 26.22 -21.59 -2.84
N SER A 361 25.82 -20.37 -2.51
CA SER A 361 24.45 -20.14 -2.08
C SER A 361 23.47 -20.41 -3.21
N SER A 362 23.79 -19.94 -4.43
CA SER A 362 22.91 -20.21 -5.57
C SER A 362 22.90 -21.69 -5.91
N ILE A 363 24.05 -22.35 -5.85
CA ILE A 363 24.09 -23.80 -6.09
C ILE A 363 23.15 -24.51 -5.11
N GLY A 364 23.27 -24.18 -3.83
CA GLY A 364 22.35 -24.77 -2.86
C GLY A 364 20.90 -24.57 -3.22
N ILE A 365 20.51 -23.34 -3.53
CA ILE A 365 19.11 -23.03 -3.83
C ILE A 365 18.65 -23.73 -5.09
N GLU A 366 19.45 -23.65 -6.17
CA GLU A 366 19.05 -24.20 -7.45
C GLU A 366 18.78 -25.69 -7.34
N VAL A 367 19.74 -26.43 -6.81
CA VAL A 367 19.62 -27.88 -6.85
C VAL A 367 18.62 -28.36 -5.82
N ALA A 368 18.62 -27.78 -4.62
CA ALA A 368 17.64 -28.17 -3.61
C ALA A 368 16.23 -27.91 -4.10
N THR A 369 16.00 -26.76 -4.74
CA THR A 369 14.69 -26.52 -5.34
C THR A 369 14.38 -27.59 -6.39
N ALA A 370 15.37 -27.90 -7.22
CA ALA A 370 15.17 -28.91 -8.27
C ALA A 370 14.79 -30.25 -7.66
N LEU A 371 15.57 -30.73 -6.68
CA LEU A 371 15.24 -32.00 -6.06
C LEU A 371 13.88 -31.92 -5.37
N SER A 372 13.60 -30.80 -4.71
CA SER A 372 12.32 -30.69 -4.02
C SER A 372 11.15 -30.74 -5.00
N LYS A 373 11.25 -30.01 -6.11
CA LYS A 373 10.12 -30.04 -7.04
C LYS A 373 9.94 -31.40 -7.69
N TYR A 374 11.02 -32.16 -7.88
CA TYR A 374 10.88 -33.50 -8.44
C TYR A 374 10.25 -34.45 -7.45
N ILE A 375 10.65 -34.35 -6.18
CA ILE A 375 10.06 -35.21 -5.17
C ILE A 375 8.60 -34.85 -4.96
N ASN A 376 8.31 -33.58 -4.72
CA ASN A 376 6.98 -33.16 -4.30
C ASN A 376 6.00 -33.04 -5.45
N GLU A 377 6.48 -32.84 -6.68
CA GLU A 377 5.59 -32.56 -7.81
C GLU A 377 5.77 -33.57 -8.92
N GLY A 378 7.01 -33.88 -9.30
CA GLY A 378 7.24 -34.84 -10.34
C GLY A 378 8.13 -34.24 -11.39
N ASN A 379 8.46 -32.96 -11.17
CA ASN A 379 9.09 -32.12 -12.18
C ASN A 379 10.52 -32.59 -12.43
N SER A 380 10.79 -33.05 -13.66
CA SER A 380 12.10 -33.51 -14.06
C SER A 380 12.78 -32.56 -15.06
N VAL A 381 12.22 -31.37 -15.26
CA VAL A 381 12.82 -30.41 -16.19
C VAL A 381 14.21 -30.04 -15.69
N GLY A 382 15.18 -30.06 -16.60
CA GLY A 382 16.56 -29.77 -16.24
C GLY A 382 17.35 -30.96 -15.74
N SER A 383 16.78 -32.15 -15.75
CA SER A 383 17.52 -33.33 -15.35
C SER A 383 18.53 -33.70 -16.44
N VAL A 384 19.68 -34.21 -16.01
CA VAL A 384 20.74 -34.51 -16.96
C VAL A 384 20.66 -35.91 -17.53
N ASN A 385 19.81 -36.80 -16.98
CA ASN A 385 19.79 -38.18 -17.43
C ASN A 385 18.38 -38.70 -17.67
N PHE A 386 17.40 -37.84 -17.89
CA PHE A 386 16.05 -38.30 -17.60
C PHE A 386 15.11 -37.56 -18.54
N PRO A 387 13.99 -38.16 -18.94
CA PRO A 387 13.02 -37.41 -19.74
C PRO A 387 12.55 -36.19 -18.96
N GLU A 388 12.46 -35.06 -19.65
CA GLU A 388 12.06 -33.80 -19.02
C GLU A 388 10.55 -33.69 -19.07
N VAL A 389 9.90 -33.80 -17.91
CA VAL A 389 8.45 -33.94 -17.79
C VAL A 389 7.98 -33.10 -16.62
N SER A 390 6.82 -32.44 -16.79
CA SER A 390 6.20 -31.65 -15.72
C SER A 390 4.76 -31.35 -16.09
N LEU A 391 3.99 -30.94 -15.08
CA LEU A 391 2.61 -30.51 -15.31
C LEU A 391 2.29 -29.33 -14.40
N LYS A 392 1.36 -28.48 -14.85
CA LYS A 392 0.90 -27.37 -14.03
C LYS A 392 0.34 -27.90 -12.72
N SER A 393 0.59 -27.16 -11.64
CA SER A 393 0.09 -27.60 -10.34
C SER A 393 -1.43 -27.64 -10.32
N LEU A 394 -1.96 -28.36 -9.35
CA LEU A 394 -3.39 -28.54 -9.22
C LEU A 394 -3.96 -27.52 -8.24
N ASP A 395 -5.14 -26.98 -8.56
CA ASP A 395 -5.80 -26.04 -7.67
C ASP A 395 -6.18 -26.70 -6.35
N TYR A 396 -5.90 -25.99 -5.24
CA TYR A 396 -6.31 -26.39 -3.90
C TYR A 396 -7.64 -27.13 -3.90
N ASP A 397 -8.63 -26.60 -4.62
CA ASP A 397 -9.98 -27.14 -4.60
C ASP A 397 -10.17 -28.36 -5.49
N GLN A 398 -9.09 -28.88 -6.09
N GLN A 398 -9.11 -28.88 -6.10
CA GLN A 398 -9.15 -30.13 -6.83
CA GLN A 398 -9.22 -30.13 -6.85
C GLN A 398 -8.97 -31.31 -5.86
C GLN A 398 -8.99 -31.31 -5.89
N GLU A 399 -9.90 -31.44 -4.93
CA GLU A 399 -9.77 -32.50 -3.94
C GLU A 399 -10.01 -33.87 -4.58
N ASN A 400 -9.50 -34.89 -3.92
CA ASN A 400 -9.55 -36.28 -4.38
C ASN A 400 -8.85 -36.48 -5.71
N THR A 401 -7.92 -35.59 -6.05
CA THR A 401 -7.12 -35.72 -7.25
C THR A 401 -5.74 -36.24 -6.87
N VAL A 402 -5.25 -37.22 -7.63
CA VAL A 402 -3.98 -37.90 -7.36
C VAL A 402 -3.10 -37.77 -8.60
N ARG A 403 -1.80 -37.62 -8.38
CA ARG A 403 -0.85 -37.51 -9.48
C ARG A 403 -0.03 -38.79 -9.55
N VAL A 404 -0.08 -39.45 -10.70
CA VAL A 404 0.66 -40.68 -10.95
C VAL A 404 2.00 -40.32 -11.58
N LEU A 405 3.08 -40.85 -10.99
CA LEU A 405 4.44 -40.66 -11.49
C LEU A 405 4.95 -42.06 -11.86
N TYR A 406 5.01 -42.36 -13.15
CA TYR A 406 5.20 -43.73 -13.59
C TYR A 406 6.42 -43.78 -14.50
N ILE A 407 7.57 -44.20 -13.97
CA ILE A 407 8.78 -44.41 -14.75
C ILE A 407 8.76 -45.84 -15.29
N HIS A 408 9.09 -46.00 -16.57
CA HIS A 408 8.85 -47.29 -17.20
C HIS A 408 9.77 -47.45 -18.41
N ARG A 409 9.76 -48.66 -18.98
CA ARG A 409 10.61 -48.98 -20.11
C ARG A 409 9.97 -48.47 -21.40
N ASN A 410 10.79 -47.94 -22.29
CA ASN A 410 10.30 -47.31 -23.52
C ASN A 410 10.00 -48.40 -24.56
N VAL A 411 8.90 -49.10 -24.35
CA VAL A 411 8.46 -50.17 -25.24
C VAL A 411 6.97 -50.01 -25.52
N PRO A 412 6.47 -50.48 -26.65
CA PRO A 412 5.03 -50.29 -26.95
C PRO A 412 4.14 -50.97 -25.92
N GLY A 413 2.91 -50.47 -25.82
CA GLY A 413 1.88 -51.09 -25.02
C GLY A 413 1.79 -50.62 -23.59
N VAL A 414 2.76 -49.83 -23.12
CA VAL A 414 2.78 -49.46 -21.70
C VAL A 414 1.62 -48.52 -21.38
N LEU A 415 1.40 -47.49 -22.20
CA LEU A 415 0.30 -46.58 -21.91
C LEU A 415 -1.05 -47.29 -22.03
N LYS A 416 -1.18 -48.21 -22.99
CA LYS A 416 -2.35 -49.09 -23.03
C LYS A 416 -2.62 -49.69 -21.66
N THR A 417 -1.59 -50.30 -21.05
CA THR A 417 -1.75 -50.86 -19.72
C THR A 417 -2.13 -49.79 -18.71
N VAL A 418 -1.40 -48.68 -18.69
CA VAL A 418 -1.55 -47.68 -17.62
C VAL A 418 -2.90 -47.00 -17.71
N ASN A 419 -3.30 -46.55 -18.90
CA ASN A 419 -4.59 -45.89 -19.04
C ASN A 419 -5.77 -46.85 -18.87
N ASP A 420 -5.57 -48.13 -19.12
CA ASP A 420 -6.51 -49.14 -18.68
C ASP A 420 -6.66 -49.11 -17.16
N ILE A 421 -5.55 -49.26 -16.43
CA ILE A 421 -5.60 -49.29 -14.98
C ILE A 421 -6.26 -48.03 -14.44
N LEU A 422 -6.12 -46.92 -15.14
CA LEU A 422 -6.66 -45.64 -14.73
C LEU A 422 -8.03 -45.35 -15.34
N SER A 423 -8.65 -46.32 -16.02
CA SER A 423 -9.83 -46.02 -16.84
C SER A 423 -11.09 -45.68 -16.02
N ASP A 424 -11.15 -46.05 -14.76
CA ASP A 424 -12.33 -45.73 -13.96
C ASP A 424 -12.36 -44.31 -13.44
N HIS A 425 -11.28 -43.55 -13.67
CA HIS A 425 -11.15 -42.18 -13.21
C HIS A 425 -10.90 -41.30 -14.42
N ASN A 426 -11.27 -40.03 -14.29
CA ASN A 426 -10.98 -39.13 -15.42
C ASN A 426 -9.55 -38.65 -15.34
N ILE A 427 -8.84 -38.82 -16.43
CA ILE A 427 -7.49 -38.29 -16.52
C ILE A 427 -7.62 -36.81 -16.84
N GLU A 428 -7.25 -35.95 -15.89
CA GLU A 428 -7.32 -34.52 -16.11
C GLU A 428 -6.27 -34.09 -17.12
N LYS A 429 -5.01 -34.43 -16.86
CA LYS A 429 -3.87 -34.11 -17.70
C LYS A 429 -2.97 -35.33 -17.76
N GLN A 430 -2.26 -35.48 -18.86
CA GLN A 430 -1.28 -36.55 -18.93
C GLN A 430 -0.13 -36.13 -19.82
N PHE A 431 1.09 -36.49 -19.43
CA PHE A 431 2.25 -36.20 -20.25
C PHE A 431 3.27 -37.32 -20.08
N SER A 432 3.72 -37.85 -21.21
CA SER A 432 4.69 -38.94 -21.22
C SER A 432 5.78 -38.61 -22.23
N ASP A 433 7.03 -38.79 -21.83
CA ASP A 433 8.14 -38.52 -22.72
C ASP A 433 9.21 -39.56 -22.47
N SER A 434 10.03 -39.79 -23.49
CA SER A 434 11.03 -40.85 -23.50
C SER A 434 12.44 -40.29 -23.69
N HIS A 435 13.41 -40.97 -23.10
CA HIS A 435 14.83 -40.60 -23.12
C HIS A 435 15.62 -41.90 -23.20
N GLY A 436 15.93 -42.33 -24.41
CA GLY A 436 16.60 -43.62 -24.56
C GLY A 436 15.67 -44.77 -24.21
N GLU A 437 16.14 -45.66 -23.33
CA GLU A 437 15.38 -46.85 -23.01
C GLU A 437 14.34 -46.64 -21.92
N ILE A 438 14.35 -45.51 -21.23
CA ILE A 438 13.35 -45.23 -20.21
C ILE A 438 12.44 -44.12 -20.69
N ALA A 439 11.28 -44.03 -20.06
CA ALA A 439 10.28 -43.02 -20.33
C ALA A 439 9.59 -42.72 -19.01
N TYR A 440 8.86 -41.61 -18.97
CA TYR A 440 8.32 -41.13 -17.70
C TYR A 440 6.96 -40.50 -17.89
N LEU A 441 5.98 -41.02 -17.15
CA LEU A 441 4.58 -40.68 -17.30
C LEU A 441 4.06 -39.97 -16.05
N MET A 442 3.53 -38.76 -16.26
CA MET A 442 2.82 -38.00 -15.23
C MET A 442 1.36 -37.86 -15.65
N ALA A 443 0.46 -38.17 -14.73
CA ALA A 443 -0.96 -38.06 -15.02
C ALA A 443 -1.68 -37.57 -13.77
N ASP A 444 -2.62 -36.66 -13.97
CA ASP A 444 -3.48 -36.19 -12.89
C ASP A 444 -4.86 -36.80 -13.08
N ILE A 445 -5.28 -37.62 -12.11
CA ILE A 445 -6.56 -38.32 -12.20
C ILE A 445 -7.44 -37.91 -11.02
N SER A 446 -8.71 -37.69 -11.31
CA SER A 446 -9.63 -37.07 -10.37
C SER A 446 -10.54 -38.12 -9.75
N SER A 447 -11.21 -37.70 -8.68
CA SER A 447 -12.14 -38.54 -7.91
C SER A 447 -11.48 -39.86 -7.51
N VAL A 448 -10.57 -39.76 -6.55
CA VAL A 448 -9.85 -40.90 -6.02
C VAL A 448 -9.98 -40.85 -4.50
N ASN A 449 -10.42 -41.95 -3.90
CA ASN A 449 -10.51 -42.05 -2.45
C ASN A 449 -9.37 -42.90 -1.92
N GLN A 450 -9.26 -42.95 -0.59
CA GLN A 450 -8.16 -43.68 0.03
C GLN A 450 -8.15 -45.15 -0.40
N SER A 451 -9.33 -45.76 -0.52
CA SER A 451 -9.41 -47.17 -0.93
C SER A 451 -8.81 -47.36 -2.31
N GLU A 452 -9.12 -46.46 -3.24
CA GLU A 452 -8.68 -46.59 -4.62
C GLU A 452 -7.22 -46.19 -4.83
N ILE A 453 -6.55 -45.62 -3.83
CA ILE A 453 -5.14 -45.30 -3.98
C ILE A 453 -4.29 -46.55 -3.86
N LYS A 454 -4.55 -47.39 -2.86
CA LYS A 454 -3.77 -48.63 -2.71
C LYS A 454 -3.93 -49.54 -3.91
N ASP A 455 -5.14 -49.60 -4.48
CA ASP A 455 -5.37 -50.49 -5.60
C ASP A 455 -4.66 -50.00 -6.86
N ILE A 456 -4.80 -48.70 -7.17
CA ILE A 456 -4.07 -48.13 -8.32
C ILE A 456 -2.57 -48.31 -8.15
N TYR A 457 -2.08 -48.16 -6.91
CA TYR A 457 -0.63 -48.25 -6.71
C TYR A 457 -0.12 -49.63 -7.05
N GLU A 458 -0.68 -50.67 -6.43
CA GLU A 458 -0.17 -52.02 -6.64
C GLU A 458 -0.41 -52.52 -8.06
N LYS A 459 -1.53 -52.15 -8.69
CA LYS A 459 -1.71 -52.50 -10.10
C LYS A 459 -0.56 -51.95 -10.95
N LEU A 460 -0.28 -50.64 -10.83
CA LEU A 460 0.83 -50.04 -11.56
C LEU A 460 2.16 -50.63 -11.11
N ASN A 461 2.28 -50.93 -9.81
CA ASN A 461 3.50 -51.52 -9.28
C ASN A 461 3.69 -52.94 -9.78
N GLN A 462 2.63 -53.58 -10.29
CA GLN A 462 2.69 -54.95 -10.78
C GLN A 462 2.88 -55.04 -12.29
N THR A 463 2.93 -53.90 -12.99
CA THR A 463 3.07 -53.93 -14.43
C THR A 463 4.48 -54.35 -14.86
N SER A 464 4.55 -55.00 -16.02
CA SER A 464 5.81 -55.57 -16.50
C SER A 464 6.82 -54.50 -16.86
N ALA A 465 6.37 -53.34 -17.36
CA ALA A 465 7.25 -52.29 -17.82
C ALA A 465 7.70 -51.33 -16.72
N LYS A 466 7.25 -51.53 -15.48
CA LYS A 466 7.60 -50.63 -14.39
C LYS A 466 9.10 -50.59 -14.14
N VAL A 467 9.62 -49.38 -13.90
CA VAL A 467 10.95 -49.17 -13.32
C VAL A 467 10.84 -48.63 -11.90
N SER A 468 10.00 -47.61 -11.69
CA SER A 468 9.71 -47.08 -10.36
C SER A 468 8.37 -46.36 -10.44
N ILE A 469 7.59 -46.46 -9.37
CA ILE A 469 6.26 -45.88 -9.29
C ILE A 469 6.11 -45.09 -8.00
N ARG A 470 5.57 -43.87 -8.12
CA ARG A 470 5.19 -43.06 -6.98
C ARG A 470 3.82 -42.46 -7.26
N LEU A 471 3.00 -42.35 -6.21
CA LEU A 471 1.73 -41.65 -6.29
C LEU A 471 1.76 -40.47 -5.34
N LEU A 472 1.23 -39.34 -5.81
CA LEU A 472 1.18 -38.11 -5.02
C LEU A 472 -0.27 -37.78 -4.74
N TYR A 473 -0.62 -37.63 -3.46
CA TYR A 473 -1.99 -37.37 -3.04
C TYR A 473 -2.11 -35.96 -2.48
N PRO B 43 22.32 -14.83 -24.24
CA PRO B 43 22.11 -14.07 -25.48
C PRO B 43 21.60 -14.95 -26.62
N ARG B 44 21.05 -14.32 -27.67
CA ARG B 44 20.48 -15.09 -28.78
C ARG B 44 21.57 -15.78 -29.58
N ARG B 45 21.29 -17.02 -29.99
CA ARG B 45 22.28 -17.89 -30.61
C ARG B 45 21.68 -18.52 -31.85
N VAL B 46 22.54 -19.02 -32.74
CA VAL B 46 22.09 -19.81 -33.88
C VAL B 46 21.83 -21.23 -33.37
N SER B 47 20.56 -21.53 -33.08
CA SER B 47 20.16 -22.79 -32.44
C SER B 47 20.59 -24.00 -33.26
N ILE B 48 21.64 -24.68 -32.81
CA ILE B 48 22.24 -25.77 -33.56
C ILE B 48 21.55 -27.07 -33.10
N THR B 49 20.48 -27.42 -33.80
CA THR B 49 19.82 -28.71 -33.64
C THR B 49 19.48 -29.26 -35.02
N LYS B 50 18.92 -30.46 -35.06
CA LYS B 50 18.51 -31.04 -36.33
C LYS B 50 17.31 -30.29 -36.89
N GLN B 51 17.34 -30.03 -38.21
CA GLN B 51 16.23 -29.36 -38.87
C GLN B 51 14.92 -30.12 -38.61
N PRO B 52 13.79 -29.42 -38.55
CA PRO B 52 12.53 -30.09 -38.23
C PRO B 52 11.97 -30.83 -39.43
N LYS B 53 11.10 -31.79 -39.13
CA LYS B 53 10.42 -32.59 -40.15
C LYS B 53 9.06 -31.95 -40.39
N ALA B 54 8.95 -31.18 -41.47
CA ALA B 54 7.68 -30.52 -41.78
C ALA B 54 6.59 -31.57 -42.01
N LEU B 55 5.45 -31.35 -41.37
CA LEU B 55 4.35 -32.32 -41.35
C LEU B 55 3.20 -31.85 -42.23
N LYS B 56 2.54 -32.81 -42.88
CA LYS B 56 1.39 -32.59 -43.76
C LYS B 56 0.23 -33.48 -43.33
N PRO B 57 -1.00 -32.98 -43.37
CA PRO B 57 -2.13 -33.77 -42.86
C PRO B 57 -2.49 -34.96 -43.75
N PHE B 58 -2.85 -36.06 -43.10
CA PHE B 58 -3.27 -37.28 -43.77
C PHE B 58 -4.71 -37.18 -44.24
N SER B 59 -4.98 -37.75 -45.41
CA SER B 59 -6.30 -37.87 -46.02
C SER B 59 -6.95 -36.52 -46.27
N THR B 60 -6.14 -35.47 -46.41
CA THR B 60 -6.63 -34.15 -46.74
C THR B 60 -5.79 -33.60 -47.88
N GLY B 61 -6.40 -32.72 -48.66
CA GLY B 61 -5.77 -32.03 -49.77
C GLY B 61 -5.16 -30.70 -49.37
N ASP B 62 -5.28 -29.71 -50.26
CA ASP B 62 -4.76 -28.40 -49.96
C ASP B 62 -5.61 -27.73 -48.89
N MET B 63 -4.94 -26.93 -48.05
CA MET B 63 -5.60 -26.23 -46.95
C MET B 63 -6.30 -24.98 -47.49
N ASN B 64 -7.52 -24.74 -47.04
CA ASN B 64 -8.29 -23.59 -47.47
C ASN B 64 -8.37 -22.60 -46.33
N ILE B 65 -7.82 -21.40 -46.54
CA ILE B 65 -7.84 -20.33 -45.56
C ILE B 65 -8.80 -19.26 -46.04
N LEU B 66 -9.69 -18.82 -45.17
CA LEU B 66 -10.61 -17.72 -45.45
C LEU B 66 -10.26 -16.57 -44.53
N LEU B 67 -9.84 -15.45 -45.11
CA LEU B 67 -9.48 -14.26 -44.36
C LEU B 67 -10.48 -13.16 -44.67
N LEU B 68 -11.09 -12.60 -43.62
CA LEU B 68 -12.11 -11.58 -43.76
C LEU B 68 -11.64 -10.29 -43.09
N GLU B 69 -12.34 -9.19 -43.40
CA GLU B 69 -12.17 -7.94 -42.69
C GLU B 69 -10.78 -7.33 -42.84
N ASN B 70 -10.09 -7.65 -43.94
CA ASN B 70 -8.86 -6.98 -44.31
C ASN B 70 -7.78 -7.17 -43.24
N VAL B 71 -7.45 -8.44 -42.98
CA VAL B 71 -6.28 -8.72 -42.17
C VAL B 71 -5.04 -8.31 -42.95
N ASN B 72 -3.98 -7.95 -42.23
CA ASN B 72 -2.80 -7.42 -42.88
C ASN B 72 -2.13 -8.46 -43.76
N ALA B 73 -1.41 -7.98 -44.77
CA ALA B 73 -0.82 -8.84 -45.79
C ALA B 73 0.22 -9.79 -45.23
N THR B 74 0.79 -9.48 -44.07
CA THR B 74 1.74 -10.40 -43.46
C THR B 74 1.08 -11.75 -43.19
N ALA B 75 -0.21 -11.74 -42.86
CA ALA B 75 -0.93 -13.00 -42.68
C ALA B 75 -1.09 -13.74 -44.00
N ILE B 76 -1.44 -13.04 -45.08
CA ILE B 76 -1.59 -13.68 -46.38
C ILE B 76 -0.26 -14.28 -46.83
N LYS B 77 0.85 -13.56 -46.64
CA LYS B 77 2.14 -14.09 -47.04
C LYS B 77 2.50 -15.37 -46.29
N ILE B 78 2.33 -15.38 -44.98
CA ILE B 78 2.68 -16.56 -44.18
C ILE B 78 1.88 -17.76 -44.64
N PHE B 79 0.57 -17.57 -44.82
CA PHE B 79 -0.30 -18.66 -45.24
C PHE B 79 0.07 -19.18 -46.62
N LYS B 80 0.26 -18.28 -47.59
CA LYS B 80 0.64 -18.75 -48.93
C LYS B 80 1.97 -19.48 -48.90
N ASP B 81 2.94 -19.00 -48.11
CA ASP B 81 4.22 -19.70 -48.02
C ASP B 81 4.09 -21.09 -47.43
N GLN B 82 2.96 -21.39 -46.76
CA GLN B 82 2.71 -22.73 -46.24
C GLN B 82 2.13 -23.65 -47.30
N GLY B 83 1.90 -23.14 -48.51
CA GLY B 83 1.16 -23.86 -49.52
C GLY B 83 -0.33 -23.82 -49.33
N TYR B 84 -0.82 -23.02 -48.40
CA TYR B 84 -2.25 -22.94 -48.19
C TYR B 84 -2.89 -22.14 -49.31
N GLN B 85 -4.18 -22.36 -49.51
CA GLN B 85 -4.99 -21.62 -50.47
C GLN B 85 -5.73 -20.53 -49.71
N VAL B 86 -5.50 -19.27 -50.06
CA VAL B 86 -6.00 -18.14 -49.30
C VAL B 86 -7.04 -17.41 -50.13
N GLU B 87 -8.23 -17.26 -49.55
CA GLU B 87 -9.27 -16.37 -50.06
C GLU B 87 -9.33 -15.15 -49.15
N PHE B 88 -9.24 -13.96 -49.76
CA PHE B 88 -9.13 -12.71 -49.00
C PHE B 88 -10.30 -11.79 -49.31
N HIS B 89 -10.84 -11.16 -48.26
CA HIS B 89 -11.91 -10.18 -48.41
C HIS B 89 -11.60 -8.98 -47.54
N LYS B 90 -11.96 -7.79 -48.04
CA LYS B 90 -11.75 -6.56 -47.29
C LYS B 90 -12.82 -6.30 -46.23
N SER B 91 -14.03 -6.85 -46.39
CA SER B 91 -15.10 -6.71 -45.42
C SER B 91 -15.47 -8.09 -44.90
N SER B 92 -16.44 -8.16 -43.99
CA SER B 92 -16.94 -9.46 -43.55
C SER B 92 -17.89 -9.98 -44.62
N LEU B 93 -18.61 -11.03 -44.30
CA LEU B 93 -19.55 -11.63 -45.24
C LEU B 93 -20.95 -11.65 -44.67
N PRO B 94 -21.96 -11.50 -45.53
CA PRO B 94 -23.34 -11.73 -45.07
C PRO B 94 -23.52 -13.18 -44.66
N GLU B 95 -24.48 -13.39 -43.75
CA GLU B 95 -24.64 -14.72 -43.15
C GLU B 95 -24.88 -15.79 -44.21
N ASP B 96 -25.59 -15.45 -45.28
CA ASP B 96 -25.84 -16.43 -46.34
C ASP B 96 -24.53 -16.81 -47.03
N GLU B 97 -23.78 -15.81 -47.51
CA GLU B 97 -22.53 -16.11 -48.19
C GLU B 97 -21.53 -16.77 -47.26
N LEU B 98 -21.59 -16.45 -45.97
CA LEU B 98 -20.63 -17.00 -45.01
C LEU B 98 -20.91 -18.49 -44.74
N ILE B 99 -22.17 -18.87 -44.60
CA ILE B 99 -22.49 -20.28 -44.37
C ILE B 99 -22.05 -21.15 -45.53
N GLU B 100 -22.30 -20.71 -46.77
CA GLU B 100 -21.90 -21.49 -47.93
C GLU B 100 -20.37 -21.55 -48.06
N LYS B 101 -19.69 -20.43 -47.82
CA LYS B 101 -18.24 -20.39 -48.02
C LYS B 101 -17.51 -21.14 -46.91
N ILE B 102 -18.10 -21.25 -45.71
CA ILE B 102 -17.41 -21.85 -44.58
C ILE B 102 -17.53 -23.37 -44.53
N LYS B 103 -18.40 -23.95 -45.37
CA LYS B 103 -18.60 -25.39 -45.31
C LYS B 103 -17.35 -26.17 -45.70
N ASP B 104 -16.50 -25.60 -46.57
CA ASP B 104 -15.31 -26.29 -47.06
C ASP B 104 -14.01 -25.58 -46.68
N VAL B 105 -14.04 -24.69 -45.68
CA VAL B 105 -12.87 -23.92 -45.27
C VAL B 105 -12.22 -24.60 -44.08
N HIS B 106 -10.88 -24.62 -44.08
CA HIS B 106 -10.12 -25.28 -43.02
C HIS B 106 -9.75 -24.34 -41.89
N ALA B 107 -9.47 -23.08 -42.21
CA ALA B 107 -9.16 -22.07 -41.20
C ALA B 107 -9.79 -20.76 -41.62
N ILE B 108 -10.35 -20.04 -40.66
CA ILE B 108 -11.00 -18.76 -40.93
C ILE B 108 -10.33 -17.67 -40.09
N GLY B 109 -10.04 -16.54 -40.74
CA GLY B 109 -9.51 -15.37 -40.07
C GLY B 109 -10.54 -14.24 -40.10
N ILE B 110 -10.85 -13.72 -38.92
CA ILE B 110 -11.83 -12.66 -38.77
C ILE B 110 -11.23 -11.53 -37.94
N ARG B 111 -12.04 -10.49 -37.71
CA ARG B 111 -11.74 -9.43 -36.76
C ARG B 111 -12.99 -9.17 -35.92
N SER B 112 -13.32 -7.91 -35.63
CA SER B 112 -14.37 -7.65 -34.65
C SER B 112 -15.77 -7.88 -35.19
N LYS B 113 -16.04 -7.58 -36.47
CA LYS B 113 -17.43 -7.53 -36.92
C LYS B 113 -18.02 -8.90 -37.26
N THR B 114 -17.21 -9.85 -37.77
CA THR B 114 -17.73 -11.15 -38.18
C THR B 114 -18.24 -11.92 -36.96
N ARG B 115 -19.52 -12.28 -36.97
CA ARG B 115 -20.14 -13.02 -35.87
C ARG B 115 -20.11 -14.50 -36.21
N LEU B 116 -19.27 -15.27 -35.51
CA LEU B 116 -19.19 -16.71 -35.71
C LEU B 116 -19.99 -17.37 -34.59
N THR B 117 -21.29 -17.49 -34.82
CA THR B 117 -22.21 -18.10 -33.88
C THR B 117 -22.39 -19.58 -34.22
N GLU B 118 -23.14 -20.26 -33.34
CA GLU B 118 -23.51 -21.65 -33.60
C GLU B 118 -24.26 -21.78 -34.93
N LYS B 119 -25.08 -20.79 -35.27
CA LYS B 119 -25.83 -20.80 -36.53
C LYS B 119 -24.92 -21.03 -37.73
N ILE B 120 -23.79 -20.33 -37.79
CA ILE B 120 -22.91 -20.47 -38.95
C ILE B 120 -21.85 -21.53 -38.73
N LEU B 121 -21.40 -21.75 -37.50
CA LEU B 121 -20.34 -22.73 -37.27
C LEU B 121 -20.85 -24.16 -37.38
N GLN B 122 -22.14 -24.40 -37.17
CA GLN B 122 -22.67 -25.75 -37.31
C GLN B 122 -22.44 -26.31 -38.71
N HIS B 123 -22.28 -25.46 -39.72
CA HIS B 123 -22.06 -25.86 -41.10
C HIS B 123 -20.60 -26.09 -41.47
N ALA B 124 -19.66 -25.87 -40.55
CA ALA B 124 -18.22 -25.93 -40.86
C ALA B 124 -17.70 -27.36 -40.70
N ARG B 125 -17.72 -28.13 -41.79
CA ARG B 125 -17.31 -29.52 -41.70
C ARG B 125 -15.81 -29.65 -41.41
N ASN B 126 -14.98 -28.84 -42.06
CA ASN B 126 -13.54 -29.03 -42.06
C ASN B 126 -12.78 -27.99 -41.25
N LEU B 127 -13.49 -27.15 -40.50
CA LEU B 127 -12.83 -26.04 -39.83
C LEU B 127 -12.01 -26.54 -38.66
N VAL B 128 -10.69 -26.35 -38.72
CA VAL B 128 -9.82 -26.80 -37.64
C VAL B 128 -9.60 -25.71 -36.62
N CYS B 129 -9.51 -24.44 -37.04
CA CYS B 129 -9.17 -23.37 -36.12
C CYS B 129 -9.68 -22.03 -36.64
N ILE B 130 -9.84 -21.09 -35.71
CA ILE B 130 -10.32 -19.75 -35.99
C ILE B 130 -9.26 -18.77 -35.52
N GLY B 131 -8.88 -17.85 -36.41
CA GLY B 131 -8.01 -16.76 -36.00
C GLY B 131 -8.74 -15.44 -35.87
N CYS B 132 -8.72 -14.84 -34.70
CA CYS B 132 -9.23 -13.49 -34.48
C CYS B 132 -8.06 -12.52 -34.57
N PHE B 133 -7.97 -11.76 -35.64
CA PHE B 133 -6.83 -10.84 -35.78
C PHE B 133 -7.12 -9.52 -35.06
N CYS B 134 -7.31 -9.63 -33.76
CA CYS B 134 -7.66 -8.53 -32.87
C CYS B 134 -7.58 -9.03 -31.43
N ILE B 135 -8.10 -8.24 -30.50
CA ILE B 135 -8.11 -8.62 -29.09
C ILE B 135 -9.38 -9.35 -28.73
N GLY B 136 -10.53 -8.85 -29.19
CA GLY B 136 -11.81 -9.38 -28.76
C GLY B 136 -12.13 -10.72 -29.38
N THR B 137 -12.72 -11.60 -28.57
CA THR B 137 -13.20 -12.88 -29.03
C THR B 137 -14.69 -13.07 -28.81
N ASN B 138 -15.39 -12.04 -28.31
CA ASN B 138 -16.82 -12.14 -28.03
C ASN B 138 -17.63 -12.42 -29.29
N GLN B 139 -17.11 -12.05 -30.45
CA GLN B 139 -17.81 -12.31 -31.70
C GLN B 139 -17.76 -13.78 -32.10
N VAL B 140 -17.09 -14.63 -31.32
CA VAL B 140 -17.00 -16.06 -31.59
C VAL B 140 -17.65 -16.81 -30.43
N ASP B 141 -18.52 -17.75 -30.75
CA ASP B 141 -19.10 -18.61 -29.72
C ASP B 141 -18.04 -19.60 -29.28
N LEU B 142 -17.24 -19.22 -28.29
CA LEU B 142 -16.09 -20.01 -27.91
C LEU B 142 -16.49 -21.40 -27.40
N LYS B 143 -17.56 -21.48 -26.62
CA LYS B 143 -17.98 -22.77 -26.08
C LYS B 143 -18.42 -23.72 -27.19
N TYR B 144 -19.27 -23.26 -28.10
CA TYR B 144 -19.71 -24.12 -29.18
C TYR B 144 -18.54 -24.54 -30.06
N ALA B 145 -17.69 -23.59 -30.42
CA ALA B 145 -16.51 -23.90 -31.23
C ALA B 145 -15.65 -24.96 -30.56
N ALA B 146 -15.48 -24.86 -29.24
CA ALA B 146 -14.68 -25.85 -28.54
C ALA B 146 -15.34 -27.24 -28.60
N SER B 147 -16.65 -27.31 -28.42
CA SER B 147 -17.34 -28.60 -28.41
C SER B 147 -17.24 -29.31 -29.75
N LYS B 148 -16.99 -28.56 -30.83
CA LYS B 148 -16.78 -29.13 -32.15
C LYS B 148 -15.30 -29.23 -32.51
N GLY B 149 -14.40 -29.04 -31.55
CA GLY B 149 -12.98 -29.19 -31.79
C GLY B 149 -12.34 -28.10 -32.62
N ILE B 150 -12.80 -26.87 -32.49
CA ILE B 150 -12.27 -25.75 -33.25
C ILE B 150 -11.54 -24.82 -32.29
N ALA B 151 -10.22 -24.80 -32.40
CA ALA B 151 -9.41 -23.95 -31.55
C ALA B 151 -9.44 -22.51 -32.07
N VAL B 152 -9.47 -21.55 -31.14
CA VAL B 152 -9.54 -20.14 -31.49
C VAL B 152 -8.31 -19.43 -30.93
N PHE B 153 -7.72 -18.54 -31.73
CA PHE B 153 -6.56 -17.81 -31.27
C PHE B 153 -6.82 -16.33 -31.50
N ASN B 154 -6.15 -15.49 -30.72
CA ASN B 154 -6.26 -14.05 -30.91
C ASN B 154 -4.90 -13.43 -30.73
N SER B 155 -4.89 -12.10 -30.82
CA SER B 155 -3.71 -11.26 -30.61
C SER B 155 -4.04 -10.28 -29.49
N PRO B 156 -3.79 -10.65 -28.24
CA PRO B 156 -4.24 -9.81 -27.14
C PRO B 156 -3.37 -8.57 -26.93
N PHE B 157 -2.07 -8.68 -27.12
CA PHE B 157 -1.16 -7.64 -26.66
C PHE B 157 -0.39 -6.97 -27.80
N SER B 158 -0.81 -7.17 -29.06
CA SER B 158 -0.04 -6.64 -30.17
C SER B 158 -0.12 -5.12 -30.29
N ASN B 159 -1.02 -4.46 -29.58
CA ASN B 159 -1.17 -3.02 -29.72
C ASN B 159 -0.46 -2.25 -28.62
N SER B 160 0.34 -2.93 -27.79
CA SER B 160 0.92 -2.28 -26.61
C SER B 160 1.81 -1.10 -27.01
N ARG B 161 2.76 -1.34 -27.91
CA ARG B 161 3.69 -0.29 -28.33
C ARG B 161 2.95 0.91 -28.89
N SER B 162 1.91 0.66 -29.69
CA SER B 162 1.20 1.75 -30.35
C SER B 162 0.47 2.61 -29.33
N VAL B 163 -0.16 2.01 -28.32
CA VAL B 163 -0.86 2.82 -27.33
C VAL B 163 0.13 3.63 -26.51
N ALA B 164 1.28 3.05 -26.19
CA ALA B 164 2.28 3.76 -25.39
C ALA B 164 2.79 4.99 -26.12
N GLU B 165 3.13 4.83 -27.40
CA GLU B 165 3.59 5.98 -28.17
C GLU B 165 2.50 7.02 -28.26
N LEU B 166 1.26 6.58 -28.44
CA LEU B 166 0.14 7.50 -28.46
C LEU B 166 0.11 8.37 -27.22
N VAL B 167 0.28 7.75 -26.04
CA VAL B 167 0.21 8.50 -24.78
C VAL B 167 1.39 9.47 -24.66
N ILE B 168 2.59 9.04 -25.04
CA ILE B 168 3.74 9.94 -25.03
C ILE B 168 3.44 11.17 -25.87
N GLY B 169 2.96 10.97 -27.09
CA GLY B 169 2.65 12.10 -27.95
C GLY B 169 1.59 13.00 -27.36
N GLU B 170 0.62 12.41 -26.66
CA GLU B 170 -0.45 13.21 -26.08
C GLU B 170 -0.01 13.90 -24.80
N ILE B 171 0.87 13.28 -24.02
CA ILE B 171 1.42 13.98 -22.86
C ILE B 171 2.05 15.29 -23.29
N ILE B 172 2.84 15.24 -24.37
CA ILE B 172 3.50 16.46 -24.85
C ILE B 172 2.48 17.42 -25.44
N SER B 173 1.53 16.90 -26.24
CA SER B 173 0.54 17.78 -26.86
C SER B 173 -0.31 18.48 -25.82
N LEU B 174 -0.71 17.76 -24.77
CA LEU B 174 -1.46 18.41 -23.70
C LEU B 174 -0.58 19.41 -22.94
N ALA B 175 0.69 19.06 -22.73
CA ALA B 175 1.60 19.95 -22.02
C ALA B 175 1.87 21.23 -22.80
N ARG B 176 1.77 21.20 -24.12
CA ARG B 176 2.12 22.34 -24.95
C ARG B 176 0.91 22.94 -25.65
N GLN B 177 -0.26 22.34 -25.48
CA GLN B 177 -1.49 22.79 -26.10
C GLN B 177 -1.36 22.80 -27.62
N LEU B 178 -0.69 21.78 -28.16
CA LEU B 178 -0.48 21.69 -29.61
C LEU B 178 -1.79 21.59 -30.36
N GLY B 179 -2.71 20.75 -29.89
CA GLY B 179 -3.99 20.61 -30.56
C GLY B 179 -4.66 21.95 -30.79
N ASP B 180 -4.72 22.77 -29.74
CA ASP B 180 -5.36 24.07 -29.85
C ASP B 180 -4.60 25.01 -30.78
N ARG B 181 -3.28 25.13 -30.57
CA ARG B 181 -2.48 26.04 -31.39
C ARG B 181 -2.68 25.77 -32.87
N SER B 182 -2.72 24.50 -33.27
CA SER B 182 -2.86 24.16 -34.68
C SER B 182 -4.28 24.38 -35.17
N ILE B 183 -5.27 24.08 -34.33
CA ILE B 183 -6.65 24.43 -34.67
C ILE B 183 -6.78 25.93 -34.83
N GLU B 184 -6.07 26.69 -34.00
CA GLU B 184 -6.15 28.15 -34.06
C GLU B 184 -5.65 28.70 -35.38
N LEU B 185 -4.46 28.28 -35.84
CA LEU B 185 -3.95 28.88 -37.08
C LEU B 185 -4.72 28.39 -38.30
N HIS B 186 -5.24 27.14 -38.27
CA HIS B 186 -6.07 26.70 -39.38
C HIS B 186 -7.31 27.56 -39.55
N THR B 187 -7.64 28.39 -38.55
CA THR B 187 -8.74 29.34 -38.66
C THR B 187 -8.26 30.79 -38.56
N GLY B 188 -6.97 31.03 -38.78
CA GLY B 188 -6.44 32.37 -38.89
C GLY B 188 -5.91 32.97 -37.60
N THR B 189 -6.20 32.39 -36.45
CA THR B 189 -5.81 32.98 -35.18
C THR B 189 -4.37 32.64 -34.84
N TRP B 190 -3.56 33.66 -34.56
CA TRP B 190 -2.19 33.49 -34.10
C TRP B 190 -2.16 33.70 -32.59
N ASN B 191 -1.78 32.65 -31.84
CA ASN B 191 -1.84 32.73 -30.37
C ASN B 191 -0.62 32.02 -29.76
N LYS B 192 0.54 32.70 -29.79
CA LYS B 192 1.72 32.17 -29.12
C LYS B 192 1.50 32.25 -27.61
N VAL B 193 1.48 31.09 -26.95
CA VAL B 193 1.20 31.01 -25.53
C VAL B 193 2.27 30.17 -24.86
N ALA B 194 2.91 30.73 -23.84
CA ALA B 194 3.76 29.96 -22.96
C ALA B 194 3.14 29.75 -21.59
N ALA B 195 2.05 30.44 -21.30
CA ALA B 195 1.49 30.30 -19.95
C ALA B 195 0.91 28.91 -19.75
N ARG B 196 1.35 28.23 -18.67
CA ARG B 196 0.77 26.91 -18.31
C ARG B 196 1.11 25.85 -19.35
N CYS B 197 1.97 26.16 -20.31
CA CYS B 197 2.51 25.13 -21.17
C CYS B 197 3.85 24.71 -20.58
N TRP B 198 4.13 23.42 -20.60
CA TRP B 198 5.16 22.84 -19.76
C TRP B 198 6.15 22.05 -20.60
N GLU B 199 7.43 22.13 -20.24
CA GLU B 199 8.33 21.05 -20.61
C GLU B 199 7.89 19.81 -19.87
N VAL B 200 7.87 18.69 -20.58
CA VAL B 200 7.43 17.45 -19.96
C VAL B 200 8.52 16.89 -19.04
N ARG B 201 9.80 17.21 -19.28
CA ARG B 201 10.86 16.79 -18.37
C ARG B 201 10.61 17.34 -16.97
N GLY B 202 10.75 16.47 -15.96
CA GLY B 202 10.55 16.84 -14.58
C GLY B 202 9.16 16.64 -14.04
N LYS B 203 8.17 16.41 -14.90
CA LYS B 203 6.83 16.18 -14.39
C LYS B 203 6.69 14.72 -13.95
N THR B 204 5.55 14.44 -13.33
CA THR B 204 5.25 13.13 -12.79
C THR B 204 4.10 12.52 -13.59
N LEU B 205 4.34 11.33 -14.13
CA LEU B 205 3.34 10.55 -14.83
C LEU B 205 2.72 9.55 -13.86
N GLY B 206 1.40 9.60 -13.72
CA GLY B 206 0.69 8.59 -12.96
C GLY B 206 0.09 7.54 -13.86
N ILE B 207 0.65 6.33 -13.86
CA ILE B 207 0.18 5.22 -14.70
C ILE B 207 -0.74 4.33 -13.87
N ILE B 208 -2.00 4.25 -14.27
CA ILE B 208 -2.98 3.40 -13.60
C ILE B 208 -3.11 2.12 -14.41
N GLY B 209 -2.60 1.03 -13.86
CA GLY B 209 -2.52 -0.21 -14.59
C GLY B 209 -1.16 -0.37 -15.20
N TYR B 210 -0.30 -1.15 -14.56
CA TYR B 210 1.10 -1.26 -14.96
C TYR B 210 1.34 -2.58 -15.68
N GLY B 211 0.54 -2.81 -16.70
CA GLY B 211 0.51 -4.03 -17.48
C GLY B 211 1.36 -3.95 -18.73
N HIS B 212 0.86 -4.54 -19.81
CA HIS B 212 1.63 -4.51 -21.06
C HIS B 212 1.86 -3.09 -21.55
N ILE B 213 0.79 -2.31 -21.65
CA ILE B 213 0.95 -0.93 -22.13
C ILE B 213 1.61 -0.07 -21.07
N GLY B 214 1.16 -0.18 -19.82
CA GLY B 214 1.67 0.70 -18.77
C GLY B 214 3.17 0.58 -18.59
N SER B 215 3.67 -0.66 -18.52
CA SER B 215 5.10 -0.87 -18.31
C SER B 215 5.90 -0.34 -19.51
N GLN B 216 5.36 -0.49 -20.73
CA GLN B 216 6.05 0.09 -21.88
C GLN B 216 5.95 1.60 -21.87
N LEU B 217 4.80 2.14 -21.45
CA LEU B 217 4.70 3.59 -21.28
C LEU B 217 5.70 4.07 -20.23
N SER B 218 5.97 3.26 -19.21
CA SER B 218 6.88 3.65 -18.15
C SER B 218 8.28 3.97 -18.69
N VAL B 219 8.84 3.07 -19.48
CA VAL B 219 10.20 3.28 -19.97
C VAL B 219 10.26 4.47 -20.92
N LEU B 220 9.24 4.63 -21.77
CA LEU B 220 9.20 5.79 -22.66
C LEU B 220 9.11 7.08 -21.85
N ALA B 221 8.28 7.09 -20.80
CA ALA B 221 8.07 8.30 -20.00
C ALA B 221 9.35 8.71 -19.30
N GLU B 222 10.04 7.76 -18.65
CA GLU B 222 11.29 8.12 -18.00
C GLU B 222 12.29 8.65 -19.01
N ALA B 223 12.36 8.00 -20.17
CA ALA B 223 13.23 8.47 -21.24
C ALA B 223 12.90 9.90 -21.64
N MET B 224 11.62 10.26 -21.62
CA MET B 224 11.24 11.65 -21.83
C MET B 224 11.49 12.52 -20.61
N GLY B 225 12.07 11.97 -19.55
CA GLY B 225 12.38 12.77 -18.38
C GLY B 225 11.28 12.84 -17.35
N LEU B 226 10.30 11.94 -17.41
CA LEU B 226 9.19 11.95 -16.48
C LEU B 226 9.51 11.12 -15.24
N HIS B 227 8.98 11.56 -14.11
CA HIS B 227 8.84 10.67 -12.97
C HIS B 227 7.60 9.81 -13.15
N VAL B 228 7.73 8.52 -12.86
CA VAL B 228 6.65 7.56 -13.07
C VAL B 228 6.20 7.01 -11.73
N LEU B 229 4.92 7.20 -11.42
CA LEU B 229 4.24 6.51 -10.33
C LEU B 229 3.20 5.59 -10.93
N TYR B 230 3.00 4.43 -10.32
CA TYR B 230 1.94 3.57 -10.83
C TYR B 230 1.15 2.95 -9.70
N TYR B 231 -0.17 2.94 -9.88
CA TYR B 231 -1.10 2.22 -9.02
C TYR B 231 -1.59 0.99 -9.77
N ASP B 232 -1.59 -0.14 -9.10
CA ASP B 232 -2.15 -1.35 -9.68
C ASP B 232 -2.60 -2.25 -8.54
N ILE B 233 -3.62 -3.05 -8.81
CA ILE B 233 -4.25 -3.90 -7.80
C ILE B 233 -3.36 -5.08 -7.48
N VAL B 234 -2.18 -5.11 -8.08
CA VAL B 234 -1.23 -6.18 -7.87
C VAL B 234 0.13 -5.54 -7.61
N THR B 235 0.95 -6.21 -6.82
CA THR B 235 2.32 -5.78 -6.65
C THR B 235 3.09 -6.17 -7.90
N ILE B 236 3.72 -5.19 -8.55
CA ILE B 236 4.46 -5.43 -9.78
C ILE B 236 5.83 -4.80 -9.62
N MET B 237 6.86 -5.56 -9.96
CA MET B 237 8.21 -5.00 -9.92
C MET B 237 8.30 -3.90 -10.96
N ALA B 238 8.69 -2.70 -10.53
CA ALA B 238 8.73 -1.56 -11.43
C ALA B 238 9.85 -1.70 -12.46
N LEU B 239 9.59 -1.14 -13.64
CA LEU B 239 10.61 -0.99 -14.65
C LEU B 239 11.37 0.31 -14.44
N GLY B 240 12.67 0.27 -14.76
CA GLY B 240 13.52 1.44 -14.58
C GLY B 240 13.52 1.89 -13.13
N THR B 241 13.22 3.16 -12.93
CA THR B 241 13.21 3.77 -11.60
C THR B 241 11.80 4.15 -11.17
N ALA B 242 10.79 3.57 -11.81
CA ALA B 242 9.41 3.83 -11.44
C ALA B 242 9.11 3.32 -10.03
N ARG B 243 8.06 3.87 -9.44
CA ARG B 243 7.70 3.57 -8.06
C ARG B 243 6.21 3.26 -7.99
N GLN B 244 5.87 2.12 -7.39
CA GLN B 244 4.48 1.78 -7.15
C GLN B 244 4.00 2.45 -5.88
N VAL B 245 2.78 2.97 -5.90
CA VAL B 245 2.19 3.64 -4.75
C VAL B 245 1.07 2.78 -4.19
N SER B 246 0.86 2.88 -2.88
CA SER B 246 -0.06 1.99 -2.19
C SER B 246 -1.50 2.26 -2.59
N THR B 247 -1.87 3.52 -2.73
CA THR B 247 -3.26 3.89 -2.98
C THR B 247 -3.35 4.73 -4.25
N LEU B 248 -4.54 4.69 -4.85
CA LEU B 248 -4.79 5.52 -6.02
C LEU B 248 -4.68 7.01 -5.69
N ASP B 249 -5.15 7.43 -4.51
CA ASP B 249 -5.11 8.86 -4.20
C ASP B 249 -3.68 9.40 -4.14
N GLU B 250 -2.73 8.60 -3.65
CA GLU B 250 -1.35 9.06 -3.63
C GLU B 250 -0.85 9.36 -5.04
N LEU B 251 -1.17 8.48 -5.99
CA LEU B 251 -0.84 8.75 -7.39
C LEU B 251 -1.56 10.01 -7.88
N LEU B 252 -2.83 10.16 -7.54
CA LEU B 252 -3.57 11.32 -8.02
C LEU B 252 -3.03 12.62 -7.43
N ASN B 253 -2.63 12.60 -6.16
CA ASN B 253 -2.13 13.82 -5.53
C ASN B 253 -0.76 14.20 -6.08
N LYS B 254 0.03 13.22 -6.47
CA LYS B 254 1.43 13.45 -6.80
C LYS B 254 1.70 13.46 -8.30
N SER B 255 0.69 13.27 -9.12
CA SER B 255 0.88 13.18 -10.56
C SER B 255 0.50 14.48 -11.27
N ASP B 256 1.24 14.76 -12.33
CA ASP B 256 0.91 15.84 -13.25
C ASP B 256 0.10 15.33 -14.42
N PHE B 257 0.35 14.08 -14.82
CA PHE B 257 -0.34 13.40 -15.89
C PHE B 257 -0.86 12.09 -15.34
N VAL B 258 -2.16 11.85 -15.50
CA VAL B 258 -2.78 10.60 -15.08
C VAL B 258 -3.23 9.88 -16.32
N THR B 259 -2.74 8.65 -16.51
CA THR B 259 -3.09 7.84 -17.68
C THR B 259 -3.62 6.48 -17.24
N LEU B 260 -4.66 6.02 -17.93
CA LEU B 260 -5.38 4.80 -17.56
C LEU B 260 -5.06 3.68 -18.54
N HIS B 261 -4.64 2.54 -18.02
CA HIS B 261 -4.32 1.39 -18.86
C HIS B 261 -4.81 0.11 -18.16
N VAL B 262 -6.11 0.07 -17.90
CA VAL B 262 -6.72 -0.97 -17.08
C VAL B 262 -7.71 -1.73 -17.95
N PRO B 263 -8.01 -2.98 -17.58
CA PRO B 263 -9.08 -3.72 -18.27
C PRO B 263 -10.44 -3.16 -17.90
N ALA B 264 -11.47 -3.69 -18.58
CA ALA B 264 -12.86 -3.35 -18.27
C ALA B 264 -13.37 -4.34 -17.24
N THR B 265 -13.53 -3.89 -15.99
CA THR B 265 -14.05 -4.71 -14.90
C THR B 265 -15.05 -3.87 -14.12
N PRO B 266 -15.88 -4.47 -13.27
CA PRO B 266 -16.72 -3.65 -12.39
C PRO B 266 -15.92 -2.70 -11.52
N GLU B 267 -14.69 -3.06 -11.16
CA GLU B 267 -13.84 -2.22 -10.31
C GLU B 267 -13.20 -1.08 -11.09
N THR B 268 -13.09 -1.19 -12.42
CA THR B 268 -12.52 -0.13 -13.24
C THR B 268 -13.56 0.77 -13.87
N GLU B 269 -14.82 0.35 -13.91
CA GLU B 269 -15.87 1.20 -14.46
C GLU B 269 -15.97 2.51 -13.70
N LYS B 270 -15.74 3.59 -14.41
CA LYS B 270 -15.88 4.94 -13.86
C LYS B 270 -15.00 5.16 -12.63
N MET B 271 -13.82 4.54 -12.63
CA MET B 271 -12.93 4.70 -11.47
C MET B 271 -12.35 6.11 -11.39
N LEU B 272 -12.38 6.90 -12.46
CA LEU B 272 -12.04 8.32 -12.39
C LEU B 272 -13.30 9.14 -12.60
N SER B 273 -13.79 9.74 -11.52
CA SER B 273 -14.96 10.60 -11.55
C SER B 273 -14.67 11.82 -10.67
N ALA B 274 -15.71 12.56 -10.31
CA ALA B 274 -15.56 13.76 -9.49
C ALA B 274 -14.69 13.56 -8.26
N PRO B 275 -14.84 12.50 -7.45
CA PRO B 275 -13.95 12.36 -6.28
C PRO B 275 -12.49 12.25 -6.64
N GLN B 276 -12.19 11.54 -7.73
CA GLN B 276 -10.81 11.33 -8.14
C GLN B 276 -10.20 12.59 -8.73
N PHE B 277 -11.00 13.33 -9.51
CA PHE B 277 -10.54 14.62 -10.01
C PHE B 277 -10.24 15.59 -8.87
N ALA B 278 -11.05 15.55 -7.80
CA ALA B 278 -10.81 16.43 -6.66
C ALA B 278 -9.49 16.10 -5.96
N ALA B 279 -9.03 14.86 -6.05
CA ALA B 279 -7.75 14.48 -5.45
C ALA B 279 -6.55 14.80 -6.33
N MET B 280 -6.77 15.22 -7.57
CA MET B 280 -5.66 15.50 -8.47
C MET B 280 -5.14 16.92 -8.28
N LYS B 281 -4.00 17.20 -8.90
CA LYS B 281 -3.38 18.51 -8.76
C LYS B 281 -4.14 19.54 -9.60
N ASP B 282 -4.10 20.79 -9.15
CA ASP B 282 -4.67 21.87 -9.93
C ASP B 282 -3.92 21.99 -11.25
N GLY B 283 -4.64 21.92 -12.36
CA GLY B 283 -4.02 21.96 -13.65
C GLY B 283 -3.38 20.66 -14.09
N ALA B 284 -3.88 19.52 -13.58
CA ALA B 284 -3.36 18.22 -13.98
C ALA B 284 -4.07 17.74 -15.25
N TYR B 285 -3.57 16.64 -15.79
CA TYR B 285 -3.97 16.17 -17.11
C TYR B 285 -4.45 14.73 -17.04
N VAL B 286 -5.50 14.43 -17.81
CA VAL B 286 -6.11 13.11 -17.85
C VAL B 286 -5.99 12.56 -19.27
N ILE B 287 -5.45 11.35 -19.39
CA ILE B 287 -5.37 10.65 -20.67
C ILE B 287 -6.04 9.29 -20.51
N ASN B 288 -7.02 8.99 -21.37
CA ASN B 288 -7.69 7.68 -21.35
C ASN B 288 -7.62 7.05 -22.72
N ALA B 289 -6.68 6.14 -22.89
CA ALA B 289 -6.62 5.28 -24.06
C ALA B 289 -6.88 3.83 -23.67
N SER B 290 -7.67 3.61 -22.61
CA SER B 290 -8.02 2.27 -22.16
C SER B 290 -9.42 1.89 -22.62
N ARG B 291 -10.41 1.98 -21.74
CA ARG B 291 -11.79 1.59 -22.06
C ARG B 291 -12.74 2.75 -21.89
N GLY B 292 -13.79 2.76 -22.72
CA GLY B 292 -14.75 3.86 -22.74
C GLY B 292 -15.59 4.01 -21.48
N THR B 293 -15.51 3.06 -20.55
CA THR B 293 -16.28 3.10 -19.31
C THR B 293 -15.48 3.64 -18.12
N VAL B 294 -14.16 3.76 -18.25
CA VAL B 294 -13.32 3.98 -17.08
C VAL B 294 -13.36 5.44 -16.60
N VAL B 295 -13.64 6.40 -17.47
CA VAL B 295 -13.69 7.82 -17.12
C VAL B 295 -15.14 8.29 -17.11
N ASP B 296 -15.53 8.98 -16.05
CA ASP B 296 -16.82 9.67 -16.05
C ASP B 296 -16.66 10.99 -16.80
N ILE B 297 -17.08 11.00 -18.06
CA ILE B 297 -16.90 12.18 -18.91
C ILE B 297 -17.62 13.40 -18.35
N PRO B 298 -18.86 13.32 -17.85
CA PRO B 298 -19.46 14.52 -17.25
C PRO B 298 -18.60 15.08 -16.13
N SER B 299 -17.96 14.21 -15.34
CA SER B 299 -17.08 14.71 -14.28
C SER B 299 -15.83 15.37 -14.85
N LEU B 300 -15.28 14.80 -15.93
CA LEU B 300 -14.10 15.41 -16.55
C LEU B 300 -14.43 16.78 -17.09
N ILE B 301 -15.56 16.88 -17.82
CA ILE B 301 -16.03 18.18 -18.31
C ILE B 301 -16.24 19.14 -17.14
N GLN B 302 -16.74 18.63 -16.01
CA GLN B 302 -16.93 19.48 -14.85
C GLN B 302 -15.60 19.96 -14.30
N ALA B 303 -14.62 19.06 -14.16
CA ALA B 303 -13.31 19.46 -13.63
C ALA B 303 -12.58 20.41 -14.56
N VAL B 304 -12.75 20.25 -15.87
CA VAL B 304 -12.13 21.16 -16.82
C VAL B 304 -12.78 22.54 -16.73
N LYS B 305 -14.12 22.60 -16.71
CA LYS B 305 -14.79 23.89 -16.64
C LYS B 305 -14.44 24.65 -15.38
N ALA B 306 -14.12 23.94 -14.30
CA ALA B 306 -13.69 24.57 -13.06
C ALA B 306 -12.19 24.82 -13.03
N ASN B 307 -11.51 24.69 -14.18
CA ASN B 307 -10.09 24.94 -14.30
C ASN B 307 -9.27 24.05 -13.37
N LYS B 308 -9.87 22.94 -12.91
CA LYS B 308 -9.17 21.96 -12.09
C LYS B 308 -8.31 21.03 -12.94
N ILE B 309 -8.86 20.53 -14.03
CA ILE B 309 -8.13 19.73 -14.98
C ILE B 309 -7.79 20.63 -16.17
N ALA B 310 -6.50 20.67 -16.53
CA ALA B 310 -6.01 21.59 -17.54
C ALA B 310 -6.14 21.06 -18.96
N GLY B 311 -6.24 19.76 -19.13
CA GLY B 311 -6.34 19.19 -20.47
C GLY B 311 -6.63 17.71 -20.36
N ALA B 312 -7.12 17.15 -21.47
CA ALA B 312 -7.50 15.75 -21.48
C ALA B 312 -7.31 15.18 -22.89
N ALA B 313 -6.96 13.89 -22.93
CA ALA B 313 -6.80 13.17 -24.19
C ALA B 313 -7.62 11.90 -24.10
N LEU B 314 -8.63 11.77 -24.96
CA LEU B 314 -9.57 10.65 -24.94
C LEU B 314 -9.47 9.88 -26.23
N ASP B 315 -9.21 8.59 -26.13
CA ASP B 315 -9.24 7.70 -27.28
C ASP B 315 -10.47 6.80 -27.30
N VAL B 316 -11.12 6.59 -26.15
CA VAL B 316 -12.25 5.69 -26.03
C VAL B 316 -13.40 6.41 -25.36
N TYR B 317 -14.62 5.90 -25.60
CA TYR B 317 -15.85 6.61 -25.28
C TYR B 317 -16.91 5.59 -24.87
N PRO B 318 -17.90 5.98 -24.04
CA PRO B 318 -18.98 5.05 -23.68
C PRO B 318 -19.74 4.49 -24.89
N HIS B 319 -20.01 5.32 -25.89
CA HIS B 319 -20.69 4.91 -27.12
C HIS B 319 -19.88 5.37 -28.32
N GLU B 320 -19.65 4.47 -29.27
CA GLU B 320 -18.81 4.76 -30.42
C GLU B 320 -19.52 4.41 -31.72
N PRO B 321 -19.23 5.15 -32.79
CA PRO B 321 -19.90 4.87 -34.08
C PRO B 321 -19.54 3.49 -34.60
N ALA B 322 -20.46 2.93 -35.38
CA ALA B 322 -20.19 1.64 -36.00
C ALA B 322 -19.38 1.78 -37.28
N LYS B 323 -19.42 2.94 -37.93
CA LYS B 323 -18.68 3.15 -39.17
C LYS B 323 -18.14 4.58 -39.17
N ASN B 324 -17.08 4.78 -39.96
CA ASN B 324 -16.50 6.10 -40.08
C ASN B 324 -17.39 7.00 -40.93
N GLY B 325 -17.54 8.25 -40.50
CA GLY B 325 -18.32 9.18 -41.28
C GLY B 325 -18.54 10.49 -40.55
N GLU B 326 -18.96 11.54 -41.27
CA GLU B 326 -19.21 12.82 -40.62
C GLU B 326 -20.53 12.75 -39.83
N GLY B 327 -20.69 13.69 -38.91
CA GLY B 327 -21.86 13.71 -38.05
C GLY B 327 -22.05 12.49 -37.18
N SER B 328 -21.07 11.58 -37.17
CA SER B 328 -21.18 10.32 -36.45
C SER B 328 -20.89 10.47 -34.95
N PHE B 329 -20.23 11.55 -34.54
CA PHE B 329 -19.77 11.78 -33.17
C PHE B 329 -20.51 13.01 -32.66
N ASN B 330 -21.62 12.81 -31.95
CA ASN B 330 -22.53 13.91 -31.69
C ASN B 330 -23.34 13.60 -30.44
N ASP B 331 -24.31 14.48 -30.14
CA ASP B 331 -25.09 14.35 -28.92
C ASP B 331 -25.97 13.11 -28.91
N GLU B 332 -26.40 12.64 -30.07
CA GLU B 332 -27.18 11.42 -30.07
C GLU B 332 -26.34 10.22 -29.64
N LEU B 333 -25.06 10.25 -29.98
CA LEU B 333 -24.14 9.18 -29.59
C LEU B 333 -23.76 9.30 -28.12
N ASN B 334 -23.45 10.50 -27.66
CA ASN B 334 -23.14 10.77 -26.26
C ASN B 334 -23.68 12.14 -25.93
N SER B 335 -24.53 12.23 -24.91
CA SER B 335 -25.23 13.47 -24.61
C SER B 335 -24.29 14.66 -24.44
N TRP B 336 -23.12 14.43 -23.87
CA TRP B 336 -22.17 15.48 -23.54
C TRP B 336 -21.20 15.84 -24.67
N THR B 337 -21.41 15.32 -25.89
CA THR B 337 -20.43 15.54 -26.95
C THR B 337 -20.26 17.01 -27.27
N SER B 338 -21.37 17.70 -27.56
CA SER B 338 -21.30 19.11 -27.96
C SER B 338 -20.64 19.98 -26.90
N GLU B 339 -20.76 19.59 -25.64
CA GLU B 339 -20.13 20.32 -24.56
C GLU B 339 -18.65 19.97 -24.48
N LEU B 340 -18.34 18.69 -24.65
CA LEU B 340 -16.96 18.23 -24.65
C LEU B 340 -16.12 18.93 -25.71
N VAL B 341 -16.65 19.07 -26.93
CA VAL B 341 -15.92 19.73 -28.01
C VAL B 341 -15.75 21.22 -27.74
N SER B 342 -16.58 21.81 -26.88
CA SER B 342 -16.48 23.24 -26.62
C SER B 342 -15.34 23.58 -25.67
N LEU B 343 -14.66 22.57 -25.08
CA LEU B 343 -13.67 22.77 -24.03
C LEU B 343 -12.26 22.95 -24.63
N PRO B 344 -11.42 23.73 -23.94
CA PRO B 344 -10.05 23.92 -24.43
C PRO B 344 -9.14 22.76 -24.08
N ASN B 345 -8.21 22.48 -25.01
CA ASN B 345 -7.10 21.56 -24.78
C ASN B 345 -7.58 20.16 -24.43
N ILE B 346 -8.61 19.69 -25.13
CA ILE B 346 -9.02 18.29 -25.05
C ILE B 346 -8.72 17.67 -26.41
N ILE B 347 -7.96 16.58 -26.39
CA ILE B 347 -7.63 15.83 -27.59
C ILE B 347 -8.60 14.66 -27.67
N LEU B 348 -9.26 14.53 -28.81
CA LEU B 348 -10.23 13.46 -29.05
C LEU B 348 -9.74 12.63 -30.22
N THR B 349 -9.66 11.30 -30.02
CA THR B 349 -9.24 10.44 -31.12
C THR B 349 -10.22 9.29 -31.27
N PRO B 350 -10.47 8.83 -32.52
CA PRO B 350 -11.51 7.80 -32.76
C PRO B 350 -11.00 6.38 -32.50
N HIS B 351 -10.53 6.16 -31.27
CA HIS B 351 -10.11 4.82 -30.85
C HIS B 351 -9.01 4.28 -31.76
N ILE B 352 -8.00 5.13 -31.96
CA ILE B 352 -6.89 4.80 -32.84
C ILE B 352 -5.68 4.29 -32.07
N GLY B 353 -5.87 3.89 -30.82
CA GLY B 353 -4.77 3.46 -29.98
C GLY B 353 -3.90 2.37 -30.58
N GLY B 354 -4.50 1.47 -31.35
CA GLY B 354 -3.76 0.41 -32.00
C GLY B 354 -3.72 0.55 -33.51
N SER B 355 -4.04 1.73 -34.00
CA SER B 355 -4.20 1.96 -35.43
C SER B 355 -2.85 2.37 -36.06
N THR B 356 -1.95 1.40 -36.17
CA THR B 356 -0.71 1.60 -36.91
C THR B 356 -0.48 0.42 -37.83
N GLU B 357 0.28 0.68 -38.89
CA GLU B 357 0.71 -0.39 -39.79
C GLU B 357 1.43 -1.49 -39.01
N GLU B 358 2.31 -1.11 -38.09
CA GLU B 358 3.06 -2.11 -37.32
C GLU B 358 2.14 -2.98 -36.49
N ALA B 359 1.21 -2.37 -35.75
CA ALA B 359 0.31 -3.14 -34.91
C ALA B 359 -0.46 -4.17 -35.73
N GLN B 360 -1.07 -3.73 -36.83
CA GLN B 360 -1.77 -4.68 -37.70
C GLN B 360 -0.81 -5.72 -38.28
N SER B 361 0.43 -5.33 -38.57
CA SER B 361 1.40 -6.29 -39.07
C SER B 361 1.76 -7.32 -37.99
N SER B 362 1.96 -6.87 -36.75
CA SER B 362 2.27 -7.83 -35.69
C SER B 362 1.11 -8.77 -35.47
N ILE B 363 -0.12 -8.25 -35.52
CA ILE B 363 -1.31 -9.10 -35.44
C ILE B 363 -1.28 -10.14 -36.54
N GLY B 364 -1.01 -9.71 -37.78
CA GLY B 364 -0.86 -10.64 -38.88
C GLY B 364 0.14 -11.74 -38.58
N ILE B 365 1.33 -11.36 -38.10
CA ILE B 365 2.37 -12.36 -37.82
C ILE B 365 1.91 -13.28 -36.69
N GLU B 366 1.40 -12.69 -35.60
CA GLU B 366 1.04 -13.46 -34.41
C GLU B 366 -0.03 -14.50 -34.71
N VAL B 367 -1.15 -14.07 -35.30
CA VAL B 367 -2.26 -14.99 -35.43
C VAL B 367 -2.01 -15.99 -36.54
N ALA B 368 -1.45 -15.53 -37.67
CA ALA B 368 -1.13 -16.45 -38.77
C ALA B 368 -0.10 -17.47 -38.34
N THR B 369 0.93 -17.05 -37.62
CA THR B 369 1.88 -18.02 -37.07
C THR B 369 1.17 -18.98 -36.11
N ALA B 370 0.30 -18.46 -35.25
CA ALA B 370 -0.40 -19.31 -34.30
C ALA B 370 -1.23 -20.36 -35.02
N LEU B 371 -2.06 -19.94 -35.98
CA LEU B 371 -2.87 -20.89 -36.72
C LEU B 371 -1.98 -21.85 -37.50
N SER B 372 -0.89 -21.36 -38.10
CA SER B 372 0.00 -22.21 -38.87
C SER B 372 0.62 -23.29 -38.00
N LYS B 373 1.09 -22.92 -36.82
CA LYS B 373 1.67 -23.93 -35.93
C LYS B 373 0.59 -24.90 -35.44
N TYR B 374 -0.64 -24.43 -35.27
CA TYR B 374 -1.70 -25.35 -34.86
C TYR B 374 -2.07 -26.28 -36.00
N ILE B 375 -2.06 -25.77 -37.23
CA ILE B 375 -2.35 -26.61 -38.39
C ILE B 375 -1.21 -27.58 -38.64
N ASN B 376 0.02 -27.07 -38.70
CA ASN B 376 1.14 -27.91 -39.11
C ASN B 376 1.65 -28.81 -38.00
N GLU B 377 1.46 -28.42 -36.74
CA GLU B 377 2.07 -29.16 -35.63
C GLU B 377 1.11 -29.52 -34.51
N GLY B 378 -0.14 -29.07 -34.53
CA GLY B 378 -1.06 -29.33 -33.45
C GLY B 378 -0.93 -28.38 -32.28
N ASN B 379 0.01 -27.43 -32.33
CA ASN B 379 0.34 -26.61 -31.17
C ASN B 379 -0.81 -25.67 -30.85
N SER B 380 -1.42 -25.84 -29.68
CA SER B 380 -2.57 -25.03 -29.29
C SER B 380 -2.24 -24.04 -28.18
N VAL B 381 -0.96 -23.85 -27.85
CA VAL B 381 -0.60 -22.89 -26.83
C VAL B 381 -1.06 -21.51 -27.24
N GLY B 382 -1.67 -20.79 -26.30
CA GLY B 382 -2.21 -19.48 -26.60
C GLY B 382 -3.61 -19.48 -27.16
N SER B 383 -4.23 -20.65 -27.26
CA SER B 383 -5.62 -20.71 -27.69
C SER B 383 -6.52 -20.19 -26.56
N VAL B 384 -7.61 -19.52 -26.93
CA VAL B 384 -8.47 -18.91 -25.92
C VAL B 384 -9.59 -19.82 -25.45
N ASN B 385 -9.84 -20.95 -26.14
CA ASN B 385 -10.97 -21.82 -25.79
C ASN B 385 -10.60 -23.28 -25.75
N PHE B 386 -9.32 -23.62 -25.57
CA PHE B 386 -8.93 -24.96 -25.98
C PHE B 386 -7.84 -25.40 -25.00
N PRO B 387 -7.70 -26.69 -24.75
CA PRO B 387 -6.58 -27.14 -23.93
C PRO B 387 -5.29 -26.72 -24.61
N GLU B 388 -4.35 -26.17 -23.84
CA GLU B 388 -3.08 -25.73 -24.39
C GLU B 388 -2.09 -26.90 -24.37
N VAL B 389 -1.75 -27.41 -25.55
CA VAL B 389 -1.00 -28.65 -25.74
C VAL B 389 0.02 -28.44 -26.86
N SER B 390 1.22 -29.00 -26.69
CA SER B 390 2.24 -28.97 -27.73
C SER B 390 3.30 -29.99 -27.39
N LEU B 391 4.13 -30.30 -28.39
CA LEU B 391 5.24 -31.21 -28.22
C LEU B 391 6.42 -30.67 -29.03
N LYS B 392 7.63 -31.00 -28.59
CA LYS B 392 8.79 -30.62 -29.38
C LYS B 392 8.68 -31.28 -30.75
N SER B 393 9.01 -30.52 -31.79
CA SER B 393 8.91 -31.04 -33.14
C SER B 393 9.89 -32.20 -33.33
N LEU B 394 9.68 -32.94 -34.40
CA LEU B 394 10.46 -34.13 -34.71
C LEU B 394 11.60 -33.81 -35.68
N ASP B 395 12.73 -34.48 -35.47
CA ASP B 395 13.88 -34.35 -36.36
C ASP B 395 13.54 -34.84 -37.77
N TYR B 396 13.83 -34.02 -38.78
CA TYR B 396 13.75 -34.39 -40.19
C TYR B 396 13.97 -35.88 -40.46
N ASP B 397 14.97 -36.48 -39.78
CA ASP B 397 15.37 -37.85 -40.05
C ASP B 397 14.44 -38.88 -39.43
N GLN B 398 13.75 -38.55 -38.33
CA GLN B 398 12.80 -39.47 -37.72
C GLN B 398 11.70 -39.83 -38.71
N GLU B 399 12.05 -40.59 -39.75
CA GLU B 399 11.08 -41.00 -40.73
C GLU B 399 10.13 -42.04 -40.15
N ASN B 400 8.99 -42.20 -40.81
CA ASN B 400 7.92 -43.10 -40.38
C ASN B 400 7.39 -42.78 -39.01
N THR B 401 7.57 -41.54 -38.56
CA THR B 401 7.02 -41.08 -37.29
C THR B 401 5.79 -40.25 -37.62
N VAL B 402 4.70 -40.51 -36.89
CA VAL B 402 3.40 -39.89 -37.14
C VAL B 402 2.95 -39.17 -35.88
N ARG B 403 2.29 -38.03 -36.06
CA ARG B 403 1.75 -37.27 -34.94
C ARG B 403 0.24 -37.39 -34.96
N VAL B 404 -0.32 -37.93 -33.89
CA VAL B 404 -1.75 -38.13 -33.75
C VAL B 404 -2.35 -36.92 -33.03
N LEU B 405 -3.37 -36.31 -33.64
CA LEU B 405 -4.06 -35.17 -33.04
C LEU B 405 -5.50 -35.58 -32.75
N TYR B 406 -5.83 -35.76 -31.47
CA TYR B 406 -7.10 -36.37 -31.08
C TYR B 406 -7.86 -35.45 -30.12
N ILE B 407 -8.79 -34.67 -30.66
CA ILE B 407 -9.70 -33.86 -29.85
C ILE B 407 -10.90 -34.72 -29.49
N HIS B 408 -11.23 -34.70 -28.20
CA HIS B 408 -12.25 -35.62 -27.71
C HIS B 408 -13.01 -35.11 -26.51
N ARG B 409 -13.98 -35.91 -26.07
CA ARG B 409 -14.82 -35.56 -24.92
C ARG B 409 -14.07 -35.88 -23.65
N ASN B 410 -14.15 -35.00 -22.67
CA ASN B 410 -13.41 -35.16 -21.43
C ASN B 410 -14.18 -36.12 -20.52
N VAL B 411 -14.09 -37.40 -20.85
CA VAL B 411 -14.77 -38.42 -20.05
C VAL B 411 -13.79 -39.55 -19.81
N PRO B 412 -13.95 -40.32 -18.73
CA PRO B 412 -12.97 -41.37 -18.43
C PRO B 412 -12.93 -42.43 -19.54
N GLY B 413 -11.78 -43.08 -19.65
CA GLY B 413 -11.61 -44.22 -20.53
C GLY B 413 -11.15 -43.92 -21.94
N VAL B 414 -11.11 -42.65 -22.35
CA VAL B 414 -10.77 -42.34 -23.74
C VAL B 414 -9.32 -42.68 -24.03
N LEU B 415 -8.42 -42.28 -23.15
CA LEU B 415 -7.01 -42.61 -23.36
C LEU B 415 -6.78 -44.11 -23.30
N LYS B 416 -7.54 -44.83 -22.47
CA LYS B 416 -7.56 -46.28 -22.58
C LYS B 416 -7.75 -46.73 -24.01
N THR B 417 -8.82 -46.24 -24.64
CA THR B 417 -9.14 -46.62 -26.02
C THR B 417 -8.02 -46.27 -26.97
N VAL B 418 -7.56 -45.01 -26.91
CA VAL B 418 -6.62 -44.51 -27.91
C VAL B 418 -5.29 -45.23 -27.81
N ASN B 419 -4.76 -45.38 -26.59
CA ASN B 419 -3.49 -46.08 -26.43
C ASN B 419 -3.63 -47.56 -26.71
N ASP B 420 -4.83 -48.13 -26.58
CA ASP B 420 -5.09 -49.45 -27.17
C ASP B 420 -4.85 -49.41 -28.67
N ILE B 421 -5.54 -48.51 -29.37
CA ILE B 421 -5.42 -48.45 -30.84
C ILE B 421 -3.98 -48.25 -31.29
N LEU B 422 -3.17 -47.54 -30.51
CA LEU B 422 -1.79 -47.25 -30.87
C LEU B 422 -0.79 -48.26 -30.30
N SER B 423 -1.26 -49.36 -29.73
CA SER B 423 -0.39 -50.22 -28.92
C SER B 423 0.64 -50.99 -29.74
N ASP B 424 0.46 -51.13 -31.05
CA ASP B 424 1.45 -51.81 -31.87
C ASP B 424 2.63 -50.93 -32.22
N HIS B 425 2.58 -49.66 -31.84
CA HIS B 425 3.63 -48.72 -32.15
C HIS B 425 4.14 -48.11 -30.85
N ASN B 426 5.41 -47.70 -30.85
CA ASN B 426 5.99 -47.08 -29.64
C ASN B 426 5.55 -45.63 -29.54
N ILE B 427 4.96 -45.29 -28.41
CA ILE B 427 4.60 -43.90 -28.14
C ILE B 427 5.89 -43.18 -27.75
N GLU B 428 6.40 -42.33 -28.64
CA GLU B 428 7.60 -41.58 -28.33
C GLU B 428 7.30 -40.48 -27.31
N LYS B 429 6.29 -39.68 -27.58
CA LYS B 429 5.82 -38.63 -26.68
C LYS B 429 4.30 -38.63 -26.69
N GLN B 430 3.71 -38.26 -25.57
CA GLN B 430 2.28 -38.11 -25.50
C GLN B 430 1.93 -37.05 -24.47
N PHE B 431 0.96 -36.19 -24.81
CA PHE B 431 0.50 -35.14 -23.94
C PHE B 431 -0.99 -34.92 -24.17
N SER B 432 -1.75 -34.96 -23.09
CA SER B 432 -3.18 -34.76 -23.14
C SER B 432 -3.58 -33.82 -22.02
N ASP B 433 -4.43 -32.83 -22.33
CA ASP B 433 -4.93 -31.90 -21.32
C ASP B 433 -6.41 -31.64 -21.58
N SER B 434 -7.11 -31.23 -20.54
CA SER B 434 -8.55 -31.06 -20.60
C SER B 434 -8.93 -29.60 -20.34
N HIS B 435 -10.04 -29.19 -20.93
CA HIS B 435 -10.54 -27.81 -20.81
C HIS B 435 -12.06 -27.91 -20.80
N GLY B 436 -12.63 -27.97 -19.61
CA GLY B 436 -14.08 -28.13 -19.53
C GLY B 436 -14.49 -29.49 -20.05
N GLU B 437 -15.43 -29.51 -20.99
CA GLU B 437 -15.95 -30.77 -21.48
C GLU B 437 -15.10 -31.39 -22.59
N ILE B 438 -14.12 -30.68 -23.14
CA ILE B 438 -13.27 -31.25 -24.17
C ILE B 438 -11.86 -31.42 -23.65
N ALA B 439 -11.10 -32.26 -24.34
CA ALA B 439 -9.71 -32.53 -24.04
C ALA B 439 -9.01 -32.77 -25.36
N TYR B 440 -7.67 -32.75 -25.32
CA TYR B 440 -6.88 -32.76 -26.55
C TYR B 440 -5.60 -33.56 -26.35
N LEU B 441 -5.43 -34.55 -27.22
CA LEU B 441 -4.37 -35.55 -27.12
C LEU B 441 -3.41 -35.41 -28.29
N MET B 442 -2.13 -35.22 -27.96
CA MET B 442 -1.04 -35.24 -28.93
C MET B 442 -0.14 -36.42 -28.62
N ALA B 443 0.18 -37.20 -29.65
CA ALA B 443 1.06 -38.34 -29.51
C ALA B 443 1.93 -38.47 -30.74
N ASP B 444 3.21 -38.71 -30.54
CA ASP B 444 4.15 -39.01 -31.61
C ASP B 444 4.44 -40.50 -31.51
N ILE B 445 4.14 -41.24 -32.57
CA ILE B 445 4.31 -42.69 -32.58
C ILE B 445 5.31 -43.07 -33.66
N SER B 446 6.13 -44.08 -33.36
CA SER B 446 7.32 -44.41 -34.12
C SER B 446 7.08 -45.59 -35.06
N SER B 447 7.91 -45.67 -36.10
CA SER B 447 7.86 -46.70 -37.14
C SER B 447 6.45 -47.01 -37.66
N VAL B 448 5.91 -46.14 -38.51
CA VAL B 448 4.56 -46.26 -39.05
C VAL B 448 4.66 -46.16 -40.56
N ASN B 449 4.07 -47.13 -41.27
CA ASN B 449 4.08 -47.11 -42.73
C ASN B 449 2.73 -46.63 -43.25
N GLN B 450 2.68 -46.45 -44.58
CA GLN B 450 1.47 -45.91 -45.21
C GLN B 450 0.26 -46.79 -44.96
N SER B 451 0.41 -48.11 -45.00
CA SER B 451 -0.74 -48.99 -44.83
C SER B 451 -1.35 -48.83 -43.44
N GLU B 452 -0.53 -48.85 -42.40
CA GLU B 452 -1.05 -48.87 -41.04
C GLU B 452 -1.46 -47.48 -40.55
N ILE B 453 -1.19 -46.42 -41.32
CA ILE B 453 -1.70 -45.10 -40.96
C ILE B 453 -3.20 -45.04 -41.20
N LYS B 454 -3.67 -45.59 -42.33
CA LYS B 454 -5.10 -45.60 -42.61
C LYS B 454 -5.87 -46.38 -41.56
N ASP B 455 -5.33 -47.49 -41.08
CA ASP B 455 -6.03 -48.27 -40.06
C ASP B 455 -6.09 -47.51 -38.74
N ILE B 456 -4.96 -46.94 -38.31
CA ILE B 456 -4.95 -46.16 -37.08
C ILE B 456 -5.96 -45.02 -37.17
N TYR B 457 -6.03 -44.36 -38.33
CA TYR B 457 -6.94 -43.25 -38.53
C TYR B 457 -8.39 -43.69 -38.46
N GLU B 458 -8.73 -44.74 -39.20
CA GLU B 458 -10.12 -45.17 -39.26
C GLU B 458 -10.60 -45.67 -37.90
N LYS B 459 -9.75 -46.37 -37.16
CA LYS B 459 -10.10 -46.80 -35.81
C LYS B 459 -10.37 -45.60 -34.91
N LEU B 460 -9.44 -44.63 -34.88
CA LEU B 460 -9.64 -43.44 -34.06
C LEU B 460 -10.87 -42.66 -34.53
N ASN B 461 -11.12 -42.64 -35.83
CA ASN B 461 -12.30 -41.95 -36.33
C ASN B 461 -13.60 -42.64 -35.91
N GLN B 462 -13.53 -43.91 -35.49
CA GLN B 462 -14.71 -44.68 -35.09
C GLN B 462 -14.98 -44.64 -33.58
N THR B 463 -14.09 -44.04 -32.79
CA THR B 463 -14.23 -44.05 -31.34
C THR B 463 -15.41 -43.21 -30.88
N SER B 464 -16.02 -43.64 -29.77
CA SER B 464 -17.23 -42.99 -29.28
C SER B 464 -16.97 -41.59 -28.78
N ALA B 465 -15.78 -41.34 -28.23
CA ALA B 465 -15.45 -40.06 -27.64
C ALA B 465 -14.90 -39.05 -28.64
N LYS B 466 -14.70 -39.45 -29.88
CA LYS B 466 -14.07 -38.58 -30.87
C LYS B 466 -14.85 -37.29 -31.09
N VAL B 467 -14.14 -36.18 -31.11
CA VAL B 467 -14.66 -34.91 -31.61
C VAL B 467 -13.99 -34.54 -32.93
N SER B 468 -12.67 -34.64 -33.00
CA SER B 468 -11.91 -34.36 -34.20
C SER B 468 -10.61 -35.14 -34.16
N ILE B 469 -10.21 -35.66 -35.31
CA ILE B 469 -8.98 -36.44 -35.44
C ILE B 469 -8.22 -35.96 -36.66
N ARG B 470 -6.92 -35.71 -36.47
CA ARG B 470 -6.01 -35.40 -37.57
C ARG B 470 -4.73 -36.18 -37.34
N LEU B 471 -4.14 -36.66 -38.44
CA LEU B 471 -2.83 -37.29 -38.41
C LEU B 471 -1.87 -36.47 -39.24
N LEU B 472 -0.66 -36.30 -38.74
CA LEU B 472 0.37 -35.54 -39.44
C LEU B 472 1.51 -36.50 -39.78
N TYR B 473 1.83 -36.56 -41.07
CA TYR B 473 2.80 -37.54 -41.58
C TYR B 473 4.08 -36.85 -42.05
N GLN C 51 41.25 30.99 -37.01
CA GLN C 51 42.64 30.65 -37.26
C GLN C 51 43.55 31.31 -36.22
N PRO C 52 44.65 30.62 -35.85
CA PRO C 52 45.56 31.16 -34.82
C PRO C 52 46.83 31.83 -35.35
N LYS C 53 47.42 32.74 -34.56
CA LYS C 53 48.69 33.43 -34.85
C LYS C 53 49.82 32.91 -33.96
N ALA C 54 50.70 32.08 -34.51
CA ALA C 54 51.85 31.61 -33.76
C ALA C 54 52.79 32.77 -33.42
N LEU C 55 53.23 32.82 -32.16
CA LEU C 55 54.09 33.90 -31.68
C LEU C 55 55.51 33.40 -31.45
N LYS C 56 56.47 34.29 -31.65
CA LYS C 56 57.88 33.96 -31.42
C LYS C 56 58.41 34.88 -30.33
N PRO C 57 59.52 34.54 -29.65
CA PRO C 57 60.08 35.37 -28.60
C PRO C 57 61.15 36.30 -29.15
N PHE C 58 60.99 37.60 -28.92
CA PHE C 58 62.04 38.55 -29.34
C PHE C 58 63.39 38.07 -28.79
N SER C 59 64.35 37.83 -29.69
CA SER C 59 65.71 37.40 -29.27
C SER C 59 65.70 35.98 -28.71
N THR C 60 66.66 35.65 -27.85
CA THR C 60 66.68 34.34 -27.14
C THR C 60 67.28 33.20 -27.97
N GLY C 61 66.96 33.10 -29.26
CA GLY C 61 67.45 31.92 -30.01
C GLY C 61 66.54 30.72 -29.76
N ASP C 62 67.03 29.49 -29.93
CA ASP C 62 66.10 28.38 -29.76
C ASP C 62 65.88 28.13 -28.26
N MET C 63 64.67 27.68 -27.93
CA MET C 63 64.31 27.42 -26.54
C MET C 63 64.91 26.09 -26.10
N ASN C 64 65.47 26.07 -24.89
CA ASN C 64 66.10 24.88 -24.34
C ASN C 64 65.25 24.33 -23.20
N ILE C 65 64.80 23.08 -23.37
CA ILE C 65 64.02 22.38 -22.36
C ILE C 65 64.91 21.32 -21.74
N LEU C 66 64.91 21.23 -20.42
CA LEU C 66 65.59 20.17 -19.70
C LEU C 66 64.54 19.32 -18.98
N LEU C 67 64.45 18.04 -19.34
CA LEU C 67 63.49 17.12 -18.73
C LEU C 67 64.26 16.07 -17.92
N LEU C 68 63.93 15.95 -16.65
CA LEU C 68 64.60 15.02 -15.76
C LEU C 68 63.61 13.97 -15.26
N GLU C 69 64.13 12.87 -14.72
CA GLU C 69 63.32 11.86 -14.04
C GLU C 69 62.34 11.14 -14.96
N ASN C 70 62.63 11.10 -16.26
CA ASN C 70 61.86 10.31 -17.21
C ASN C 70 60.40 10.77 -17.32
N VAL C 71 60.21 12.01 -17.76
CA VAL C 71 58.88 12.41 -18.16
C VAL C 71 58.50 11.61 -19.39
N ASN C 72 57.21 11.39 -19.58
CA ASN C 72 56.75 10.56 -20.68
C ASN C 72 57.09 11.20 -22.03
N ALA C 73 57.21 10.34 -23.05
CA ALA C 73 57.62 10.77 -24.38
C ALA C 73 56.61 11.71 -25.01
N THR C 74 55.36 11.70 -24.55
CA THR C 74 54.36 12.63 -25.09
C THR C 74 54.79 14.07 -24.86
N ALA C 75 55.46 14.34 -23.73
CA ALA C 75 56.01 15.67 -23.50
C ALA C 75 57.16 15.96 -24.45
N ILE C 76 58.04 14.97 -24.65
CA ILE C 76 59.16 15.15 -25.56
C ILE C 76 58.67 15.48 -26.97
N LYS C 77 57.64 14.78 -27.44
CA LYS C 77 57.11 15.05 -28.77
C LYS C 77 56.57 16.47 -28.85
N ILE C 78 55.80 16.89 -27.84
CA ILE C 78 55.19 18.24 -27.85
C ILE C 78 56.26 19.32 -27.89
N PHE C 79 57.29 19.18 -27.05
CA PHE C 79 58.37 20.16 -27.02
C PHE C 79 59.12 20.22 -28.34
N LYS C 80 59.47 19.05 -28.91
CA LYS C 80 60.15 19.06 -30.20
C LYS C 80 59.28 19.67 -31.28
N ASP C 81 57.98 19.37 -31.26
CA ASP C 81 57.09 19.95 -32.26
C ASP C 81 56.95 21.46 -32.13
N GLN C 82 57.41 22.05 -31.02
CA GLN C 82 57.48 23.49 -30.87
C GLN C 82 58.79 24.06 -31.42
N GLY C 83 59.68 23.23 -31.93
CA GLY C 83 61.00 23.65 -32.31
C GLY C 83 61.98 23.82 -31.17
N TYR C 84 61.63 23.38 -29.97
CA TYR C 84 62.50 23.50 -28.82
C TYR C 84 63.64 22.47 -28.91
N GLN C 85 64.73 22.76 -28.21
CA GLN C 85 65.82 21.82 -28.05
C GLN C 85 65.68 21.13 -26.69
N VAL C 86 65.51 19.82 -26.70
CA VAL C 86 65.14 19.06 -25.51
C VAL C 86 66.31 18.19 -25.08
N GLU C 87 66.72 18.34 -23.82
CA GLU C 87 67.63 17.39 -23.20
C GLU C 87 66.83 16.52 -22.24
N PHE C 88 66.96 15.20 -22.40
CA PHE C 88 66.18 14.22 -21.67
C PHE C 88 67.08 13.34 -20.82
N HIS C 89 66.66 13.10 -19.58
CA HIS C 89 67.35 12.20 -18.66
C HIS C 89 66.35 11.30 -17.97
N LYS C 90 66.73 10.03 -17.80
CA LYS C 90 65.85 9.06 -17.17
C LYS C 90 65.84 9.16 -15.66
N SER C 91 66.90 9.71 -15.05
CA SER C 91 67.01 9.88 -13.61
C SER C 91 67.12 11.35 -13.27
N SER C 92 67.25 11.63 -11.98
CA SER C 92 67.51 12.99 -11.51
C SER C 92 68.98 13.32 -11.78
N LEU C 93 69.43 14.47 -11.29
CA LEU C 93 70.84 14.83 -11.46
C LEU C 93 71.47 15.19 -10.13
N PRO C 94 72.75 14.88 -9.96
CA PRO C 94 73.48 15.44 -8.81
C PRO C 94 73.56 16.95 -8.93
N GLU C 95 73.72 17.62 -7.77
CA GLU C 95 73.66 19.09 -7.76
C GLU C 95 74.65 19.71 -8.73
N ASP C 96 75.85 19.14 -8.85
CA ASP C 96 76.84 19.72 -9.74
C ASP C 96 76.38 19.66 -11.19
N GLU C 97 75.98 18.48 -11.67
CA GLU C 97 75.52 18.37 -13.04
C GLU C 97 74.27 19.20 -13.28
N LEU C 98 73.42 19.33 -12.26
CA LEU C 98 72.18 20.09 -12.42
C LEU C 98 72.46 21.59 -12.50
N ILE C 99 73.35 22.10 -11.65
CA ILE C 99 73.68 23.53 -11.71
C ILE C 99 74.30 23.88 -13.06
N GLU C 100 75.17 23.01 -13.59
CA GLU C 100 75.80 23.29 -14.87
C GLU C 100 74.77 23.30 -16.00
N LYS C 101 73.84 22.35 -15.99
CA LYS C 101 72.87 22.23 -17.07
C LYS C 101 71.78 23.32 -16.98
N ILE C 102 71.53 23.86 -15.79
CA ILE C 102 70.43 24.79 -15.60
C ILE C 102 70.78 26.25 -15.90
N LYS C 103 72.07 26.60 -16.05
CA LYS C 103 72.44 28.00 -16.21
C LYS C 103 71.90 28.61 -17.51
N ASP C 104 71.77 27.82 -18.56
CA ASP C 104 71.35 28.32 -19.87
C ASP C 104 70.06 27.67 -20.37
N VAL C 105 69.27 27.06 -19.47
CA VAL C 105 68.06 26.35 -19.85
C VAL C 105 66.85 27.27 -19.65
N HIS C 106 65.88 27.17 -20.57
CA HIS C 106 64.71 28.05 -20.52
C HIS C 106 63.55 27.45 -19.74
N ALA C 107 63.34 26.14 -19.83
CA ALA C 107 62.29 25.45 -19.10
C ALA C 107 62.82 24.11 -18.63
N ILE C 108 62.48 23.75 -17.39
CA ILE C 108 62.91 22.50 -16.78
C ILE C 108 61.69 21.70 -16.37
N GLY C 109 61.68 20.42 -16.72
CA GLY C 109 60.64 19.51 -16.29
C GLY C 109 61.19 18.50 -15.29
N ILE C 110 60.55 18.42 -14.13
CA ILE C 110 61.01 17.56 -13.06
C ILE C 110 59.83 16.70 -12.58
N ARG C 111 60.12 15.85 -11.60
CA ARG C 111 59.11 15.08 -10.89
C ARG C 111 59.36 15.16 -9.40
N SER C 112 59.19 14.05 -8.69
CA SER C 112 59.11 14.13 -7.23
C SER C 112 60.48 14.31 -6.57
N LYS C 113 61.54 13.70 -7.12
CA LYS C 113 62.80 13.64 -6.37
C LYS C 113 63.66 14.89 -6.55
N THR C 114 63.65 15.51 -7.74
CA THR C 114 64.54 16.65 -8.01
C THR C 114 64.17 17.87 -7.18
N ARG C 115 65.11 18.34 -6.36
CA ARG C 115 64.88 19.48 -5.47
C ARG C 115 65.39 20.75 -6.13
N LEU C 116 64.47 21.63 -6.53
CA LEU C 116 64.82 22.91 -7.11
C LEU C 116 64.72 23.97 -6.02
N THR C 117 65.77 24.09 -5.24
CA THR C 117 65.83 25.06 -4.17
C THR C 117 66.49 26.35 -4.67
N GLU C 118 66.53 27.35 -3.79
CA GLU C 118 67.23 28.59 -4.10
C GLU C 118 68.68 28.32 -4.47
N LYS C 119 69.30 27.33 -3.83
CA LYS C 119 70.68 26.97 -4.16
C LYS C 119 70.85 26.71 -5.65
N ILE C 120 69.91 25.99 -6.25
CA ILE C 120 70.05 25.69 -7.67
C ILE C 120 69.36 26.72 -8.55
N LEU C 121 68.27 27.33 -8.09
CA LEU C 121 67.57 28.28 -8.94
C LEU C 121 68.30 29.61 -9.08
N GLN C 122 69.16 29.98 -8.12
CA GLN C 122 69.91 31.24 -8.24
C GLN C 122 70.79 31.25 -9.48
N HIS C 123 71.19 30.07 -9.97
CA HIS C 123 72.03 29.96 -11.15
C HIS C 123 71.22 29.93 -12.44
N ALA C 124 69.89 29.99 -12.37
CA ALA C 124 69.01 29.83 -13.53
C ALA C 124 68.85 31.17 -14.23
N ARG C 125 69.76 31.45 -15.17
CA ARG C 125 69.78 32.75 -15.82
C ARG C 125 68.60 32.93 -16.79
N ASN C 126 68.27 31.90 -17.56
CA ASN C 126 67.31 32.03 -18.65
C ASN C 126 66.01 31.30 -18.36
N LEU C 127 65.81 30.79 -17.14
CA LEU C 127 64.69 29.91 -16.85
C LEU C 127 63.39 30.70 -16.79
N VAL C 128 62.45 30.36 -17.67
CA VAL C 128 61.16 31.04 -17.76
C VAL C 128 60.12 30.39 -16.87
N CYS C 129 60.12 29.06 -16.82
CA CYS C 129 59.09 28.32 -16.11
C CYS C 129 59.61 26.93 -15.77
N ILE C 130 58.98 26.32 -14.77
CA ILE C 130 59.31 24.98 -14.30
C ILE C 130 58.09 24.09 -14.45
N GLY C 131 58.29 22.92 -15.04
CA GLY C 131 57.26 21.91 -15.11
C GLY C 131 57.51 20.80 -14.10
N CYS C 132 56.59 20.63 -13.17
CA CYS C 132 56.58 19.51 -12.23
C CYS C 132 55.65 18.45 -12.83
N PHE C 133 56.21 17.39 -13.41
CA PHE C 133 55.36 16.38 -14.06
C PHE C 133 54.87 15.35 -13.04
N CYS C 134 54.09 15.85 -12.10
CA CYS C 134 53.56 15.11 -10.96
C CYS C 134 52.55 16.01 -10.26
N ILE C 135 52.12 15.61 -9.08
CA ILE C 135 51.17 16.39 -8.28
C ILE C 135 51.89 17.34 -7.33
N GLY C 136 52.93 16.84 -6.66
CA GLY C 136 53.56 17.62 -5.61
C GLY C 136 54.42 18.74 -6.17
N THR C 137 54.42 19.87 -5.46
CA THR C 137 55.29 20.99 -5.77
C THR C 137 56.25 21.31 -4.62
N ASN C 138 56.23 20.49 -3.57
CA ASN C 138 57.07 20.74 -2.40
C ASN C 138 58.55 20.71 -2.73
N GLN C 139 58.95 19.97 -3.77
CA GLN C 139 60.36 19.91 -4.13
C GLN C 139 60.85 21.18 -4.78
N VAL C 140 59.98 22.17 -4.97
CA VAL C 140 60.34 23.44 -5.57
C VAL C 140 60.07 24.55 -4.58
N ASP C 141 61.04 25.44 -4.42
CA ASP C 141 60.88 26.64 -3.62
C ASP C 141 60.01 27.61 -4.39
N LEU C 142 58.69 27.51 -4.19
CA LEU C 142 57.76 28.27 -5.01
C LEU C 142 57.93 29.76 -4.81
N LYS C 143 58.12 30.20 -3.56
CA LYS C 143 58.24 31.62 -3.28
C LYS C 143 59.47 32.21 -3.97
N TYR C 144 60.61 31.55 -3.85
CA TYR C 144 61.81 32.05 -4.53
C TYR C 144 61.63 32.08 -6.04
N ALA C 145 61.10 30.98 -6.61
CA ALA C 145 60.85 30.94 -8.04
C ALA C 145 59.96 32.09 -8.49
N ALA C 146 58.94 32.42 -7.69
CA ALA C 146 58.05 33.53 -8.03
C ALA C 146 58.78 34.86 -7.98
N SER C 147 59.64 35.06 -6.97
CA SER C 147 60.34 36.32 -6.82
C SER C 147 61.28 36.61 -7.98
N LYS C 148 61.70 35.58 -8.71
CA LYS C 148 62.50 35.77 -9.90
C LYS C 148 61.67 35.65 -11.17
N GLY C 149 60.34 35.62 -11.06
CA GLY C 149 59.49 35.56 -12.24
C GLY C 149 59.49 34.22 -12.95
N ILE C 150 59.58 33.12 -12.21
CA ILE C 150 59.58 31.78 -12.79
C ILE C 150 58.28 31.09 -12.40
N ALA C 151 57.41 30.87 -13.39
CA ALA C 151 56.14 30.20 -13.15
C ALA C 151 56.31 28.69 -13.04
N VAL C 152 55.57 28.07 -12.12
CA VAL C 152 55.67 26.64 -11.86
C VAL C 152 54.33 25.97 -12.15
N PHE C 153 54.37 24.81 -12.79
CA PHE C 153 53.17 24.10 -13.19
C PHE C 153 53.23 22.65 -12.72
N ASN C 154 52.06 22.05 -12.51
CA ASN C 154 51.95 20.64 -12.14
C ASN C 154 50.78 20.00 -12.88
N SER C 155 50.55 18.71 -12.59
CA SER C 155 49.38 17.96 -13.06
C SER C 155 48.69 17.40 -11.83
N PRO C 156 47.72 18.11 -11.26
CA PRO C 156 47.15 17.67 -9.97
C PRO C 156 46.22 16.47 -10.07
N PHE C 157 45.42 16.34 -11.13
CA PHE C 157 44.34 15.38 -11.12
C PHE C 157 44.50 14.30 -12.19
N SER C 158 45.70 14.18 -12.76
CA SER C 158 45.93 13.28 -13.88
C SER C 158 45.90 11.81 -13.48
N ASN C 159 45.91 11.49 -12.19
CA ASN C 159 45.96 10.10 -11.78
C ASN C 159 44.60 9.57 -11.34
N SER C 160 43.53 10.33 -11.59
CA SER C 160 42.23 9.95 -11.04
C SER C 160 41.78 8.57 -11.52
N ARG C 161 41.78 8.36 -12.85
CA ARG C 161 41.35 7.08 -13.40
C ARG C 161 42.20 5.93 -12.88
N SER C 162 43.52 6.12 -12.82
CA SER C 162 44.40 5.04 -12.44
C SER C 162 44.17 4.59 -11.00
N VAL C 163 43.94 5.54 -10.09
CA VAL C 163 43.65 5.16 -8.71
C VAL C 163 42.31 4.46 -8.63
N ALA C 164 41.32 4.93 -9.39
CA ALA C 164 40.00 4.31 -9.36
C ALA C 164 40.06 2.87 -9.85
N GLU C 165 40.70 2.65 -11.01
CA GLU C 165 40.81 1.28 -11.51
C GLU C 165 41.57 0.41 -10.53
N LEU C 166 42.61 0.96 -9.90
CA LEU C 166 43.33 0.23 -8.87
C LEU C 166 42.40 -0.28 -7.79
N VAL C 167 41.53 0.59 -7.29
CA VAL C 167 40.66 0.21 -6.20
C VAL C 167 39.69 -0.88 -6.65
N ILE C 168 39.10 -0.75 -7.84
CA ILE C 168 38.21 -1.78 -8.35
C ILE C 168 38.93 -3.13 -8.34
N GLY C 169 40.16 -3.15 -8.83
CA GLY C 169 40.92 -4.39 -8.81
C GLY C 169 41.15 -4.90 -7.40
N GLU C 170 41.38 -3.99 -6.46
CA GLU C 170 41.68 -4.42 -5.10
C GLU C 170 40.43 -4.78 -4.32
N ILE C 171 39.30 -4.14 -4.61
CA ILE C 171 38.05 -4.61 -4.03
C ILE C 171 37.83 -6.08 -4.41
N ILE C 172 38.03 -6.40 -5.68
CA ILE C 172 37.79 -7.77 -6.13
C ILE C 172 38.83 -8.72 -5.56
N SER C 173 40.10 -8.30 -5.53
CA SER C 173 41.14 -9.17 -5.00
C SER C 173 40.92 -9.46 -3.52
N LEU C 174 40.57 -8.43 -2.75
CA LEU C 174 40.33 -8.65 -1.33
C LEU C 174 39.10 -9.51 -1.11
N ALA C 175 38.02 -9.25 -1.85
CA ALA C 175 36.81 -10.04 -1.73
C ALA C 175 37.01 -11.50 -2.11
N ARG C 176 38.02 -11.81 -2.93
CA ARG C 176 38.25 -13.17 -3.39
C ARG C 176 39.55 -13.75 -2.85
N GLN C 177 40.34 -12.94 -2.14
CA GLN C 177 41.66 -13.31 -1.57
C GLN C 177 42.65 -13.75 -2.66
N LEU C 178 42.63 -13.05 -3.80
CA LEU C 178 43.51 -13.42 -4.91
C LEU C 178 44.97 -13.34 -4.52
N GLY C 179 45.35 -12.24 -3.85
CA GLY C 179 46.74 -12.09 -3.42
C GLY C 179 47.24 -13.28 -2.65
N ASP C 180 46.48 -13.72 -1.64
CA ASP C 180 46.91 -14.85 -0.85
C ASP C 180 46.95 -16.12 -1.69
N ARG C 181 45.89 -16.39 -2.46
CA ARG C 181 45.85 -17.60 -3.26
C ARG C 181 47.07 -17.71 -4.15
N SER C 182 47.47 -16.61 -4.79
CA SER C 182 48.56 -16.67 -5.76
C SER C 182 49.91 -16.80 -5.06
N ILE C 183 50.09 -16.14 -3.92
CA ILE C 183 51.29 -16.35 -3.13
C ILE C 183 51.37 -17.81 -2.72
N GLU C 184 50.23 -18.41 -2.40
CA GLU C 184 50.19 -19.80 -1.97
C GLU C 184 50.63 -20.74 -3.10
N LEU C 185 50.07 -20.58 -4.30
CA LEU C 185 50.47 -21.48 -5.38
C LEU C 185 51.91 -21.23 -5.80
N HIS C 186 52.36 -19.98 -5.78
CA HIS C 186 53.78 -19.74 -6.08
C HIS C 186 54.71 -20.42 -5.09
N THR C 187 54.21 -20.89 -3.96
CA THR C 187 55.03 -21.67 -3.04
C THR C 187 54.49 -23.08 -2.83
N GLY C 188 53.64 -23.57 -3.74
CA GLY C 188 53.20 -24.95 -3.70
C GLY C 188 51.90 -25.23 -2.98
N THR C 189 51.37 -24.28 -2.23
CA THR C 189 50.18 -24.53 -1.44
C THR C 189 48.94 -24.41 -2.31
N TRP C 190 48.10 -25.44 -2.30
CA TRP C 190 46.80 -25.43 -2.96
C TRP C 190 45.73 -25.20 -1.92
N ASN C 191 45.03 -24.07 -2.00
CA ASN C 191 44.09 -23.69 -0.95
C ASN C 191 42.84 -23.06 -1.58
N LYS C 192 41.99 -23.92 -2.15
CA LYS C 192 40.71 -23.47 -2.67
C LYS C 192 39.80 -23.07 -1.51
N VAL C 193 39.43 -21.79 -1.45
CA VAL C 193 38.62 -21.25 -0.35
C VAL C 193 37.41 -20.53 -0.92
N ALA C 194 36.22 -20.96 -0.51
CA ALA C 194 35.01 -20.20 -0.77
C ALA C 194 34.46 -19.51 0.48
N ALA C 195 34.90 -19.92 1.67
CA ALA C 195 34.42 -19.32 2.91
C ALA C 195 34.79 -17.83 2.98
N ARG C 196 33.77 -16.99 3.12
CA ARG C 196 33.94 -15.55 3.34
C ARG C 196 34.59 -14.86 2.15
N CYS C 197 34.57 -15.50 0.97
CA CYS C 197 34.90 -14.87 -0.30
C CYS C 197 33.62 -14.48 -1.02
N TRP C 198 33.62 -13.30 -1.62
CA TRP C 198 32.38 -12.63 -1.98
C TRP C 198 32.35 -12.25 -3.45
N GLU C 199 31.18 -12.41 -4.07
CA GLU C 199 30.88 -11.62 -5.25
C GLU C 199 30.77 -10.15 -4.85
N VAL C 200 31.36 -9.28 -5.66
CA VAL C 200 31.32 -7.85 -5.34
C VAL C 200 29.95 -7.28 -5.63
N ARG C 201 29.20 -7.90 -6.55
CA ARG C 201 27.83 -7.49 -6.80
C ARG C 201 27.00 -7.60 -5.53
N GLY C 202 26.27 -6.54 -5.20
CA GLY C 202 25.43 -6.50 -4.03
C GLY C 202 26.08 -5.94 -2.78
N LYS C 203 27.40 -5.78 -2.76
CA LYS C 203 28.05 -5.23 -1.59
C LYS C 203 28.02 -3.70 -1.64
N THR C 204 28.43 -3.09 -0.53
CA THR C 204 28.40 -1.65 -0.37
C THR C 204 29.81 -1.09 -0.28
N LEU C 205 30.11 -0.13 -1.16
CA LEU C 205 31.39 0.56 -1.14
C LEU C 205 31.23 1.86 -0.38
N GLY C 206 32.05 2.03 0.66
CA GLY C 206 32.11 3.29 1.37
C GLY C 206 33.27 4.16 0.94
N ILE C 207 32.95 5.23 0.21
CA ILE C 207 33.95 6.14 -0.31
C ILE C 207 34.09 7.32 0.64
N ILE C 208 35.28 7.48 1.20
CA ILE C 208 35.61 8.60 2.07
C ILE C 208 36.35 9.63 1.22
N GLY C 209 35.70 10.75 0.92
CA GLY C 209 36.26 11.73 0.02
C GLY C 209 35.74 11.54 -1.39
N TYR C 210 34.77 12.37 -1.78
CA TYR C 210 34.08 12.18 -3.04
C TYR C 210 34.53 13.23 -4.05
N GLY C 211 35.83 13.30 -4.31
CA GLY C 211 36.43 14.28 -5.22
C GLY C 211 36.64 13.73 -6.61
N HIS C 212 37.78 14.08 -7.21
CA HIS C 212 38.11 13.59 -8.55
C HIS C 212 38.17 12.06 -8.58
N ILE C 213 38.92 11.47 -7.65
CA ILE C 213 39.05 10.01 -7.62
C ILE C 213 37.76 9.37 -7.13
N GLY C 214 37.21 9.88 -6.04
CA GLY C 214 36.03 9.26 -5.46
C GLY C 214 34.87 9.22 -6.43
N SER C 215 34.62 10.33 -7.13
CA SER C 215 33.50 10.39 -8.06
C SER C 215 33.70 9.44 -9.24
N GLN C 216 34.93 9.28 -9.73
CA GLN C 216 35.11 8.32 -10.82
C GLN C 216 35.01 6.90 -10.30
N LEU C 217 35.54 6.65 -9.10
CA LEU C 217 35.37 5.34 -8.49
C LEU C 217 33.90 5.02 -8.27
N SER C 218 33.08 6.04 -7.98
CA SER C 218 31.66 5.82 -7.76
C SER C 218 31.01 5.15 -8.96
N VAL C 219 31.23 5.69 -10.17
CA VAL C 219 30.55 5.14 -11.34
C VAL C 219 31.07 3.75 -11.66
N LEU C 220 32.37 3.53 -11.50
CA LEU C 220 32.91 2.20 -11.75
C LEU C 220 32.33 1.19 -10.77
N ALA C 221 32.16 1.58 -9.51
CA ALA C 221 31.67 0.65 -8.49
C ALA C 221 30.24 0.22 -8.79
N GLU C 222 29.37 1.17 -9.14
CA GLU C 222 28.00 0.84 -9.48
C GLU C 222 27.96 -0.09 -10.69
N ALA C 223 28.82 0.19 -11.68
CA ALA C 223 28.91 -0.65 -12.87
C ALA C 223 29.26 -2.09 -12.50
N MET C 224 30.11 -2.28 -11.50
CA MET C 224 30.41 -3.60 -10.97
C MET C 224 29.32 -4.16 -10.08
N GLY C 225 28.22 -3.43 -9.91
CA GLY C 225 27.10 -3.89 -9.11
C GLY C 225 27.16 -3.52 -7.65
N LEU C 226 28.02 -2.59 -7.27
CA LEU C 226 28.12 -2.18 -5.89
C LEU C 226 27.13 -1.04 -5.60
N HIS C 227 26.62 -1.02 -4.37
CA HIS C 227 26.00 0.18 -3.81
C HIS C 227 27.08 1.11 -3.28
N VAL C 228 26.92 2.40 -3.53
CA VAL C 228 27.91 3.40 -3.16
C VAL C 228 27.32 4.34 -2.12
N LEU C 229 27.95 4.39 -0.94
CA LEU C 229 27.71 5.40 0.07
C LEU C 229 28.99 6.23 0.18
N TYR C 230 28.84 7.55 0.36
CA TYR C 230 30.02 8.39 0.50
C TYR C 230 29.84 9.43 1.60
N TYR C 231 30.91 9.59 2.37
CA TYR C 231 31.03 10.65 3.36
C TYR C 231 32.01 11.69 2.85
N ASP C 232 31.66 12.96 3.00
CA ASP C 232 32.58 14.04 2.70
C ASP C 232 32.18 15.25 3.54
N ILE C 233 33.16 16.09 3.87
CA ILE C 233 32.95 17.23 4.76
C ILE C 233 32.19 18.34 4.03
N VAL C 234 31.83 18.10 2.78
CA VAL C 234 31.05 19.04 1.97
C VAL C 234 29.93 18.27 1.29
N THR C 235 28.81 18.95 1.06
CA THR C 235 27.71 18.37 0.28
C THR C 235 28.07 18.39 -1.20
N ILE C 236 28.02 17.23 -1.85
CA ILE C 236 28.39 17.07 -3.26
C ILE C 236 27.28 16.32 -3.98
N MET C 237 26.92 16.81 -5.17
CA MET C 237 25.93 16.12 -5.99
C MET C 237 26.43 14.74 -6.38
N ALA C 238 25.68 13.71 -6.02
CA ALA C 238 26.10 12.35 -6.29
C ALA C 238 26.04 12.04 -7.78
N LEU C 239 26.97 11.22 -8.23
CA LEU C 239 26.93 10.68 -9.58
C LEU C 239 26.18 9.35 -9.59
N GLY C 240 25.42 9.12 -10.66
CA GLY C 240 24.64 7.90 -10.75
C GLY C 240 23.69 7.77 -9.58
N THR C 241 23.77 6.65 -8.87
CA THR C 241 22.86 6.34 -7.78
C THR C 241 23.56 6.36 -6.42
N ALA C 242 24.72 7.00 -6.31
CA ALA C 242 25.38 7.08 -5.03
C ALA C 242 24.56 7.93 -4.06
N ARG C 243 24.78 7.69 -2.77
CA ARG C 243 24.04 8.38 -1.72
C ARG C 243 25.04 8.86 -0.68
N GLN C 244 25.01 10.17 -0.39
CA GLN C 244 25.86 10.74 0.64
C GLN C 244 25.25 10.52 2.01
N VAL C 245 26.11 10.20 2.98
CA VAL C 245 25.67 9.98 4.36
C VAL C 245 26.20 11.10 5.24
N SER C 246 25.41 11.43 6.29
CA SER C 246 25.69 12.61 7.11
C SER C 246 26.96 12.44 7.93
N THR C 247 27.21 11.26 8.49
CA THR C 247 28.34 11.05 9.39
C THR C 247 29.21 9.91 8.91
N LEU C 248 30.48 9.96 9.31
CA LEU C 248 31.40 8.87 8.97
C LEU C 248 30.95 7.55 9.56
N ASP C 249 30.38 7.57 10.77
CA ASP C 249 30.01 6.31 11.42
C ASP C 249 28.92 5.58 10.63
N GLU C 250 27.97 6.32 10.05
CA GLU C 250 26.94 5.69 9.23
C GLU C 250 27.57 4.99 8.02
N LEU C 251 28.54 5.65 7.37
CA LEU C 251 29.27 5.00 6.29
C LEU C 251 30.00 3.76 6.79
N LEU C 252 30.65 3.87 7.94
CA LEU C 252 31.39 2.73 8.45
C LEU C 252 30.46 1.58 8.81
N ASN C 253 29.29 1.88 9.37
CA ASN C 253 28.39 0.80 9.79
C ASN C 253 27.78 0.07 8.60
N LYS C 254 27.55 0.77 7.50
CA LYS C 254 26.76 0.24 6.39
C LYS C 254 27.61 -0.19 5.20
N SER C 255 28.94 -0.06 5.25
CA SER C 255 29.78 -0.39 4.11
C SER C 255 30.43 -1.75 4.29
N ASP C 256 30.58 -2.46 3.18
CA ASP C 256 31.36 -3.69 3.14
C ASP C 256 32.80 -3.38 2.77
N PHE C 257 33.00 -2.35 1.96
CA PHE C 257 34.31 -1.89 1.54
C PHE C 257 34.42 -0.42 1.87
N VAL C 258 35.49 -0.04 2.57
CA VAL C 258 35.74 1.35 2.95
C VAL C 258 37.00 1.82 2.24
N THR C 259 36.86 2.88 1.45
CA THR C 259 37.94 3.40 0.63
C THR C 259 38.20 4.87 0.95
N LEU C 260 39.47 5.25 0.99
CA LEU C 260 39.91 6.59 1.39
C LEU C 260 40.44 7.38 0.20
N HIS C 261 39.87 8.56 -0.03
CA HIS C 261 40.30 9.40 -1.13
C HIS C 261 40.26 10.86 -0.69
N VAL C 262 40.98 11.15 0.39
CA VAL C 262 40.92 12.44 1.06
C VAL C 262 42.31 13.07 1.01
N PRO C 263 42.38 14.39 1.12
CA PRO C 263 43.67 15.07 1.21
C PRO C 263 44.34 14.85 2.57
N ALA C 264 45.58 15.31 2.66
CA ALA C 264 46.33 15.28 3.91
C ALA C 264 46.12 16.60 4.66
N THR C 265 45.33 16.56 5.73
CA THR C 265 45.00 17.70 6.57
C THR C 265 45.09 17.27 8.03
N PRO C 266 45.11 18.20 8.98
CA PRO C 266 45.00 17.80 10.39
C PRO C 266 43.76 17.00 10.70
N GLU C 267 42.66 17.24 9.97
CA GLU C 267 41.42 16.50 10.23
C GLU C 267 41.44 15.10 9.63
N THR C 268 42.31 14.82 8.67
CA THR C 268 42.43 13.49 8.10
C THR C 268 43.53 12.67 8.74
N GLU C 269 44.40 13.30 9.52
CA GLU C 269 45.46 12.63 10.25
C GLU C 269 44.86 11.51 11.10
N LYS C 270 45.16 10.27 10.73
CA LYS C 270 44.71 9.09 11.48
C LYS C 270 43.20 9.05 11.62
N MET C 271 42.45 9.50 10.61
CA MET C 271 41.00 9.56 10.77
C MET C 271 40.35 8.19 10.88
N LEU C 272 41.03 7.14 10.47
CA LEU C 272 40.56 5.77 10.71
C LEU C 272 41.47 5.13 11.74
N SER C 273 40.95 4.96 12.96
CA SER C 273 41.70 4.34 14.04
C SER C 273 40.80 3.32 14.72
N ALA C 274 41.19 2.90 15.93
CA ALA C 274 40.44 1.89 16.69
C ALA C 274 38.95 2.18 16.80
N PRO C 275 38.50 3.41 17.12
CA PRO C 275 37.05 3.64 17.16
C PRO C 275 36.38 3.45 15.81
N GLN C 276 37.05 3.85 14.73
CA GLN C 276 36.43 3.77 13.41
C GLN C 276 36.39 2.33 12.91
N PHE C 277 37.46 1.57 13.16
CA PHE C 277 37.43 0.14 12.85
C PHE C 277 36.33 -0.57 13.66
N ALA C 278 36.13 -0.15 14.92
CA ALA C 278 35.05 -0.72 15.72
C ALA C 278 33.68 -0.37 15.15
N ALA C 279 33.59 0.74 14.41
CA ALA C 279 32.34 1.15 13.79
C ALA C 279 32.07 0.44 12.48
N MET C 280 33.03 -0.32 11.96
CA MET C 280 32.84 -1.03 10.71
C MET C 280 32.19 -2.40 10.94
N LYS C 281 31.77 -3.03 9.85
CA LYS C 281 31.13 -4.34 9.91
C LYS C 281 32.17 -5.43 10.14
N ASP C 282 31.75 -6.51 10.79
CA ASP C 282 32.65 -7.64 10.99
C ASP C 282 33.03 -8.21 9.63
N GLY C 283 34.33 -8.30 9.37
CA GLY C 283 34.81 -8.83 8.10
C GLY C 283 34.73 -7.85 6.95
N ALA C 284 34.78 -6.55 7.22
CA ALA C 284 34.78 -5.53 6.20
C ALA C 284 36.21 -5.26 5.74
N TYR C 285 36.35 -4.43 4.70
CA TYR C 285 37.63 -4.25 4.04
C TYR C 285 38.01 -2.78 3.98
N VAL C 286 39.30 -2.49 4.13
CA VAL C 286 39.81 -1.13 4.11
C VAL C 286 40.79 -0.98 2.95
N ILE C 287 40.58 0.04 2.12
CA ILE C 287 41.47 0.34 1.01
C ILE C 287 41.92 1.77 1.18
N ASN C 288 43.24 1.99 1.23
CA ASN C 288 43.80 3.34 1.35
C ASN C 288 44.85 3.58 0.27
N ALA C 289 44.43 4.26 -0.80
CA ALA C 289 45.34 4.77 -1.81
C ALA C 289 45.34 6.30 -1.83
N SER C 290 45.12 6.92 -0.67
CA SER C 290 45.14 8.37 -0.59
C SER C 290 46.49 8.85 -0.07
N ARG C 291 46.57 9.16 1.23
CA ARG C 291 47.79 9.65 1.87
C ARG C 291 48.19 8.72 3.01
N GLY C 292 49.50 8.61 3.23
CA GLY C 292 50.03 7.66 4.20
C GLY C 292 49.69 7.97 5.65
N THR C 293 49.12 9.13 5.93
CA THR C 293 48.80 9.54 7.30
C THR C 293 47.36 9.24 7.68
N VAL C 294 46.52 8.84 6.72
CA VAL C 294 45.09 8.81 6.96
C VAL C 294 44.69 7.60 7.80
N VAL C 295 45.43 6.51 7.73
CA VAL C 295 45.10 5.30 8.49
C VAL C 295 46.10 5.13 9.62
N ASP C 296 45.60 4.82 10.81
CA ASP C 296 46.46 4.39 11.91
C ASP C 296 46.77 2.93 11.72
N ILE C 297 47.96 2.65 11.18
CA ILE C 297 48.31 1.28 10.82
C ILE C 297 48.30 0.34 12.03
N PRO C 298 48.85 0.71 13.19
CA PRO C 298 48.76 -0.23 14.33
C PRO C 298 47.34 -0.62 14.65
N SER C 299 46.40 0.33 14.55
CA SER C 299 45.00 -0.01 14.78
C SER C 299 44.47 -0.93 13.70
N LEU C 300 44.91 -0.72 12.46
CA LEU C 300 44.48 -1.60 11.38
C LEU C 300 45.01 -3.01 11.59
N ILE C 301 46.28 -3.12 11.95
CA ILE C 301 46.85 -4.43 12.24
C ILE C 301 46.09 -5.12 13.35
N GLN C 302 45.66 -4.36 14.37
CA GLN C 302 44.88 -4.94 15.47
C GLN C 302 43.51 -5.41 14.99
N ALA C 303 42.81 -4.57 14.24
CA ALA C 303 41.46 -4.94 13.79
C ALA C 303 41.51 -6.14 12.87
N VAL C 304 42.55 -6.22 12.02
CA VAL C 304 42.73 -7.39 11.18
C VAL C 304 43.08 -8.60 12.02
N LYS C 305 44.06 -8.44 12.90
CA LYS C 305 44.48 -9.56 13.74
C LYS C 305 43.33 -10.06 14.63
N ALA C 306 42.38 -9.18 14.97
CA ALA C 306 41.22 -9.52 15.78
C ALA C 306 40.04 -10.03 14.97
N ASN C 307 40.24 -10.35 13.70
CA ASN C 307 39.20 -10.85 12.80
C ASN C 307 38.07 -9.86 12.61
N LYS C 308 38.29 -8.58 12.96
CA LYS C 308 37.29 -7.55 12.72
C LYS C 308 37.35 -7.06 11.27
N ILE C 309 38.53 -6.78 10.76
CA ILE C 309 38.73 -6.40 9.37
C ILE C 309 39.24 -7.63 8.61
N ALA C 310 38.56 -7.95 7.51
CA ALA C 310 38.86 -9.17 6.77
C ALA C 310 39.99 -9.01 5.76
N GLY C 311 40.27 -7.78 5.34
CA GLY C 311 41.33 -7.53 4.38
C GLY C 311 41.59 -6.05 4.24
N ALA C 312 42.76 -5.73 3.70
CA ALA C 312 43.13 -4.34 3.53
C ALA C 312 44.05 -4.22 2.33
N ALA C 313 43.96 -3.06 1.67
CA ALA C 313 44.85 -2.75 0.56
C ALA C 313 45.44 -1.37 0.82
N LEU C 314 46.76 -1.33 0.97
CA LEU C 314 47.48 -0.10 1.32
C LEU C 314 48.40 0.24 0.17
N ASP C 315 48.26 1.46 -0.35
CA ASP C 315 49.16 1.99 -1.37
C ASP C 315 50.11 3.05 -0.82
N VAL C 316 49.79 3.65 0.33
CA VAL C 316 50.55 4.75 0.89
C VAL C 316 50.88 4.42 2.34
N TYR C 317 51.92 5.06 2.86
CA TYR C 317 52.48 4.69 4.15
C TYR C 317 53.00 5.94 4.85
N PRO C 318 53.02 5.96 6.19
CA PRO C 318 53.58 7.13 6.90
C PRO C 318 54.99 7.48 6.48
N HIS C 319 55.84 6.47 6.26
CA HIS C 319 57.20 6.69 5.79
C HIS C 319 57.43 5.82 4.58
N GLU C 320 57.95 6.40 3.51
CA GLU C 320 58.14 5.68 2.28
C GLU C 320 59.56 5.87 1.79
N PRO C 321 60.14 4.88 1.12
CA PRO C 321 61.53 5.02 0.64
C PRO C 321 61.65 6.17 -0.35
N ALA C 322 62.85 6.75 -0.39
CA ALA C 322 63.13 7.80 -1.36
C ALA C 322 63.48 7.25 -2.73
N LYS C 323 63.94 6.00 -2.80
CA LYS C 323 64.30 5.36 -4.05
C LYS C 323 63.89 3.90 -3.98
N ASN C 324 63.74 3.29 -5.16
CA ASN C 324 63.40 1.89 -5.20
C ASN C 324 64.59 1.04 -4.76
N GLY C 325 64.32 -0.06 -4.08
CA GLY C 325 65.39 -0.93 -3.62
C GLY C 325 64.84 -2.14 -2.87
N GLU C 326 65.70 -3.14 -2.73
CA GLU C 326 65.29 -4.42 -2.17
C GLU C 326 65.07 -4.36 -0.67
N GLY C 327 65.90 -3.62 0.05
CA GLY C 327 65.77 -3.60 1.50
C GLY C 327 65.00 -2.43 2.07
N SER C 328 64.31 -1.67 1.22
CA SER C 328 63.78 -0.37 1.63
C SER C 328 62.54 -0.42 2.50
N PHE C 329 61.80 -1.53 2.54
CA PHE C 329 60.52 -1.58 3.25
C PHE C 329 60.65 -2.55 4.42
N ASN C 330 60.88 -1.99 5.62
CA ASN C 330 61.26 -2.79 6.76
C ASN C 330 60.93 -2.06 8.06
N ASP C 331 61.31 -2.69 9.17
CA ASP C 331 60.97 -2.15 10.48
C ASP C 331 61.68 -0.82 10.76
N GLU C 332 62.85 -0.60 10.17
CA GLU C 332 63.50 0.69 10.34
C GLU C 332 62.72 1.81 9.67
N LEU C 333 62.06 1.51 8.55
CA LEU C 333 61.24 2.52 7.88
C LEU C 333 59.89 2.70 8.59
N ASN C 334 59.25 1.59 8.97
CA ASN C 334 58.02 1.60 9.74
C ASN C 334 58.06 0.44 10.73
N SER C 335 57.98 0.75 12.02
CA SER C 335 58.22 -0.23 13.09
C SER C 335 57.32 -1.46 12.95
N TRP C 336 56.10 -1.26 12.47
CA TRP C 336 55.11 -2.33 12.34
C TRP C 336 55.21 -3.10 11.02
N THR C 337 56.26 -2.89 10.23
CA THR C 337 56.31 -3.51 8.91
C THR C 337 56.29 -5.02 9.01
N SER C 338 57.22 -5.60 9.79
CA SER C 338 57.29 -7.05 9.89
C SER C 338 55.98 -7.63 10.42
N GLU C 339 55.23 -6.86 11.20
CA GLU C 339 53.95 -7.33 11.69
C GLU C 339 52.89 -7.22 10.60
N LEU C 340 52.84 -6.07 9.92
CA LEU C 340 51.92 -5.88 8.81
C LEU C 340 52.11 -6.95 7.74
N VAL C 341 53.35 -7.31 7.45
CA VAL C 341 53.64 -8.31 6.43
C VAL C 341 53.15 -9.70 6.81
N SER C 342 52.97 -9.96 8.10
CA SER C 342 52.55 -11.29 8.55
C SER C 342 51.06 -11.52 8.43
N LEU C 343 50.26 -10.48 8.04
CA LEU C 343 48.82 -10.64 8.10
C LEU C 343 48.25 -11.20 6.80
N PRO C 344 47.18 -11.97 6.88
CA PRO C 344 46.55 -12.50 5.67
C PRO C 344 45.67 -11.47 4.99
N ASN C 345 45.62 -11.56 3.65
CA ASN C 345 44.72 -10.79 2.81
C ASN C 345 44.96 -9.29 2.93
N ILE C 346 46.22 -8.89 2.98
CA ILE C 346 46.59 -7.48 2.85
C ILE C 346 47.35 -7.33 1.54
N ILE C 347 46.89 -6.42 0.70
CA ILE C 347 47.58 -6.08 -0.53
C ILE C 347 48.40 -4.83 -0.26
N LEU C 348 49.71 -4.88 -0.55
CA LEU C 348 50.61 -3.77 -0.30
C LEU C 348 51.22 -3.35 -1.63
N THR C 349 51.12 -2.07 -1.96
CA THR C 349 51.67 -1.59 -3.22
C THR C 349 52.56 -0.38 -3.01
N PRO C 350 53.65 -0.29 -3.75
CA PRO C 350 54.63 0.79 -3.52
C PRO C 350 54.19 2.12 -4.12
N HIS C 351 53.04 2.60 -3.66
CA HIS C 351 52.51 3.92 -4.05
C HIS C 351 52.37 3.99 -5.58
N ILE C 352 51.74 2.96 -6.14
CA ILE C 352 51.59 2.87 -7.58
C ILE C 352 50.22 3.36 -8.05
N GLY C 353 49.49 4.08 -7.18
CA GLY C 353 48.14 4.53 -7.51
C GLY C 353 48.03 5.27 -8.82
N GLY C 354 49.08 5.99 -9.22
CA GLY C 354 49.14 6.65 -10.51
C GLY C 354 50.19 6.11 -11.47
N SER C 355 50.76 4.94 -11.21
CA SER C 355 51.87 4.43 -12.01
C SER C 355 51.35 3.61 -13.19
N THR C 356 50.82 4.34 -14.17
CA THR C 356 50.40 3.73 -15.45
C THR C 356 50.94 4.56 -16.60
N GLU C 357 51.11 3.89 -17.75
CA GLU C 357 51.49 4.59 -18.96
C GLU C 357 50.53 5.72 -19.28
N GLU C 358 49.23 5.47 -19.17
CA GLU C 358 48.24 6.50 -19.48
C GLU C 358 48.39 7.69 -18.55
N ALA C 359 48.51 7.43 -17.26
CA ALA C 359 48.63 8.52 -16.30
C ALA C 359 49.85 9.39 -16.63
N GLN C 360 51.02 8.77 -16.80
CA GLN C 360 52.21 9.54 -17.16
C GLN C 360 52.01 10.24 -18.50
N SER C 361 51.30 9.59 -19.43
CA SER C 361 51.03 10.20 -20.73
C SER C 361 50.14 11.43 -20.58
N SER C 362 49.11 11.35 -19.73
CA SER C 362 48.29 12.52 -19.46
C SER C 362 49.10 13.59 -18.73
N ILE C 363 49.95 13.18 -17.77
CA ILE C 363 50.81 14.14 -17.10
C ILE C 363 51.68 14.86 -18.11
N GLY C 364 52.31 14.10 -18.99
CA GLY C 364 53.13 14.70 -20.02
C GLY C 364 52.39 15.76 -20.81
N ILE C 365 51.21 15.41 -21.31
CA ILE C 365 50.49 16.33 -22.18
C ILE C 365 50.09 17.59 -21.43
N GLU C 366 49.52 17.42 -20.24
CA GLU C 366 49.03 18.58 -19.52
C GLU C 366 50.17 19.56 -19.24
N VAL C 367 51.27 19.05 -18.68
CA VAL C 367 52.32 19.95 -18.21
C VAL C 367 53.11 20.48 -19.39
N ALA C 368 53.38 19.64 -20.40
CA ALA C 368 54.08 20.15 -21.58
C ALA C 368 53.25 21.18 -22.32
N THR C 369 51.95 20.93 -22.50
CA THR C 369 51.07 21.91 -23.12
C THR C 369 51.06 23.20 -22.31
N ALA C 370 50.99 23.08 -20.97
CA ALA C 370 50.99 24.25 -20.11
C ALA C 370 52.27 25.06 -20.28
N LEU C 371 53.44 24.41 -20.19
CA LEU C 371 54.69 25.13 -20.40
C LEU C 371 54.74 25.69 -21.80
N SER C 372 54.20 24.96 -22.77
CA SER C 372 54.20 25.44 -24.14
C SER C 372 53.35 26.69 -24.29
N LYS C 373 52.16 26.71 -23.67
CA LYS C 373 51.32 27.89 -23.75
C LYS C 373 51.91 29.06 -22.99
N TYR C 374 52.64 28.81 -21.89
CA TYR C 374 53.25 29.91 -21.16
C TYR C 374 54.40 30.52 -21.94
N ILE C 375 55.20 29.67 -22.58
CA ILE C 375 56.33 30.13 -23.39
C ILE C 375 55.83 30.81 -24.65
N ASN C 376 54.94 30.15 -25.39
CA ASN C 376 54.53 30.64 -26.70
C ASN C 376 53.50 31.75 -26.61
N GLU C 377 52.76 31.84 -25.51
CA GLU C 377 51.66 32.80 -25.44
C GLU C 377 51.80 33.69 -24.22
N GLY C 378 52.05 33.11 -23.06
CA GLY C 378 52.21 33.88 -21.84
C GLY C 378 51.29 33.32 -20.78
N ASN C 379 50.54 32.28 -21.14
CA ASN C 379 49.41 31.80 -20.36
C ASN C 379 49.89 31.19 -19.05
N SER C 380 49.47 31.78 -17.93
CA SER C 380 49.83 31.31 -16.59
C SER C 380 48.67 30.67 -15.84
N VAL C 381 47.53 30.42 -16.49
CA VAL C 381 46.41 29.79 -15.78
C VAL C 381 46.84 28.41 -15.31
N GLY C 382 46.50 28.10 -14.07
CA GLY C 382 46.86 26.84 -13.48
C GLY C 382 48.24 26.78 -12.88
N SER C 383 48.99 27.88 -12.89
CA SER C 383 50.28 27.91 -12.24
C SER C 383 50.09 27.90 -10.73
N VAL C 384 51.00 27.24 -10.01
CA VAL C 384 50.84 27.05 -8.57
C VAL C 384 51.43 28.19 -7.75
N ASN C 385 52.24 29.07 -8.35
CA ASN C 385 52.89 30.13 -7.59
C ASN C 385 52.80 31.49 -8.26
N PHE C 386 51.83 31.70 -9.14
CA PHE C 386 51.99 32.77 -10.10
C PHE C 386 50.61 33.33 -10.41
N PRO C 387 50.52 34.63 -10.71
CA PRO C 387 49.23 35.18 -11.14
C PRO C 387 48.73 34.47 -12.41
N GLU C 388 47.46 34.10 -12.40
CA GLU C 388 46.85 33.37 -13.50
C GLU C 388 46.35 34.37 -14.53
N VAL C 389 47.02 34.41 -15.67
CA VAL C 389 46.79 35.46 -16.66
C VAL C 389 46.79 34.81 -18.04
N SER C 390 45.90 35.27 -18.91
CA SER C 390 45.85 34.78 -20.27
C SER C 390 45.01 35.72 -21.11
N LEU C 391 45.16 35.60 -22.44
CA LEU C 391 44.36 36.35 -23.40
C LEU C 391 44.05 35.47 -24.59
N LYS C 392 42.95 35.77 -25.29
CA LYS C 392 42.63 35.06 -26.52
C LYS C 392 43.74 35.24 -27.55
N SER C 393 44.06 34.15 -28.25
CA SER C 393 45.13 34.15 -29.24
C SER C 393 44.79 35.10 -30.40
N LEU C 394 45.79 35.38 -31.23
CA LEU C 394 45.65 36.35 -32.29
C LEU C 394 45.21 35.63 -33.56
N ASP C 395 44.33 36.28 -34.34
CA ASP C 395 43.73 35.81 -35.60
C ASP C 395 44.72 35.65 -36.78
N TYR C 396 46.05 35.70 -36.64
CA TYR C 396 47.01 35.47 -37.73
C TYR C 396 47.00 36.65 -38.70
N ASP C 397 45.83 37.15 -39.07
CA ASP C 397 45.76 38.29 -39.98
C ASP C 397 45.98 39.62 -39.27
N GLN C 398 46.01 39.63 -37.93
CA GLN C 398 46.28 40.84 -37.15
C GLN C 398 47.79 41.06 -37.12
N GLU C 399 48.33 41.48 -38.27
CA GLU C 399 49.78 41.55 -38.35
C GLU C 399 50.30 42.69 -37.49
N ASN C 400 51.62 42.90 -37.55
CA ASN C 400 52.34 43.88 -36.74
C ASN C 400 51.88 43.98 -35.29
N THR C 401 51.27 42.93 -34.75
CA THR C 401 50.81 42.93 -33.36
C THR C 401 51.78 42.19 -32.48
N VAL C 402 52.09 42.77 -31.31
CA VAL C 402 53.08 42.25 -30.39
C VAL C 402 52.44 42.06 -29.02
N ARG C 403 52.89 41.01 -28.32
CA ARG C 403 52.39 40.73 -26.97
C ARG C 403 53.49 41.00 -25.95
N VAL C 404 53.21 41.90 -25.02
CA VAL C 404 54.15 42.26 -23.97
C VAL C 404 53.87 41.38 -22.75
N LEU C 405 54.91 40.69 -22.27
CA LEU C 405 54.83 39.86 -21.07
C LEU C 405 55.75 40.50 -20.03
N TYR C 406 55.16 41.12 -19.01
CA TYR C 406 55.87 41.98 -18.07
C TYR C 406 55.65 41.47 -16.65
N ILE C 407 56.60 40.72 -16.11
CA ILE C 407 56.60 40.32 -14.71
C ILE C 407 57.28 41.43 -13.92
N HIS C 408 56.71 41.80 -12.78
CA HIS C 408 57.15 42.97 -12.03
C HIS C 408 56.71 42.83 -10.58
N ARG C 409 57.10 43.83 -9.81
CA ARG C 409 56.69 43.87 -8.38
C ARG C 409 55.33 44.51 -8.26
N ASN C 410 54.53 44.01 -7.35
CA ASN C 410 53.18 44.48 -7.07
C ASN C 410 53.29 45.74 -6.21
N VAL C 411 53.67 46.84 -6.85
CA VAL C 411 53.82 48.12 -6.19
C VAL C 411 53.13 49.17 -7.05
N PRO C 412 52.61 50.24 -6.46
CA PRO C 412 51.85 51.22 -7.25
C PRO C 412 52.69 51.89 -8.31
N GLY C 413 52.01 52.33 -9.38
CA GLY C 413 52.64 53.11 -10.41
C GLY C 413 53.23 52.33 -11.55
N VAL C 414 53.32 51.00 -11.44
CA VAL C 414 54.00 50.22 -12.48
C VAL C 414 53.21 50.30 -13.78
N LEU C 415 51.90 50.11 -13.71
CA LEU C 415 51.09 50.18 -14.91
C LEU C 415 51.14 51.59 -15.51
N LYS C 416 51.20 52.62 -14.65
CA LYS C 416 51.50 53.98 -15.11
C LYS C 416 52.72 54.00 -16.02
N THR C 417 53.84 53.47 -15.54
CA THR C 417 55.06 53.43 -16.32
C THR C 417 54.85 52.67 -17.63
N VAL C 418 54.27 51.47 -17.52
CA VAL C 418 54.21 50.56 -18.67
C VAL C 418 53.29 51.11 -19.75
N ASN C 419 52.11 51.62 -19.35
CA ASN C 419 51.19 52.13 -20.36
C ASN C 419 51.70 53.43 -20.98
N ASP C 420 52.52 54.19 -20.26
CA ASP C 420 53.26 55.28 -20.88
C ASP C 420 54.14 54.75 -21.99
N ILE C 421 54.99 53.77 -21.68
CA ILE C 421 55.91 53.24 -22.67
C ILE C 421 55.15 52.73 -23.90
N LEU C 422 53.94 52.24 -23.72
CA LEU C 422 53.15 51.68 -24.80
C LEU C 422 52.16 52.68 -25.41
N SER C 423 52.24 53.96 -25.02
CA SER C 423 51.17 54.91 -25.37
C SER C 423 51.18 55.31 -26.84
N ASP C 424 52.27 55.08 -27.56
CA ASP C 424 52.29 55.38 -28.99
C ASP C 424 51.59 54.31 -29.81
N HIS C 425 51.17 53.21 -29.18
CA HIS C 425 50.50 52.12 -29.85
C HIS C 425 49.15 51.88 -29.20
N ASN C 426 48.25 51.29 -29.98
CA ASN C 426 46.91 50.99 -29.44
C ASN C 426 46.97 49.72 -28.63
N ILE C 427 46.53 49.79 -27.39
CA ILE C 427 46.43 48.59 -26.57
C ILE C 427 45.14 47.87 -26.97
N GLU C 428 45.27 46.75 -27.68
CA GLU C 428 44.06 46.00 -28.02
C GLU C 428 43.48 45.34 -26.78
N LYS C 429 44.31 44.57 -26.08
CA LYS C 429 43.90 43.86 -24.88
C LYS C 429 45.00 44.02 -23.84
N GLN C 430 44.59 44.05 -22.57
CA GLN C 430 45.53 44.12 -21.47
C GLN C 430 44.92 43.40 -20.27
N PHE C 431 45.79 42.68 -19.54
CA PHE C 431 45.37 41.98 -18.34
C PHE C 431 46.55 41.94 -17.39
N SER C 432 46.33 42.37 -16.15
CA SER C 432 47.34 42.36 -15.12
C SER C 432 46.70 41.81 -13.85
N ASP C 433 47.40 40.90 -13.18
CA ASP C 433 46.92 40.37 -11.92
C ASP C 433 48.12 40.19 -11.00
N SER C 434 47.85 40.17 -9.70
CA SER C 434 48.89 40.13 -8.67
C SER C 434 48.76 38.88 -7.81
N HIS C 435 49.90 38.42 -7.28
CA HIS C 435 49.95 37.26 -6.40
C HIS C 435 51.05 37.53 -5.36
N GLY C 436 50.65 38.04 -4.21
CA GLY C 436 51.62 38.40 -3.19
C GLY C 436 52.45 39.58 -3.64
N GLU C 437 53.78 39.46 -3.55
CA GLU C 437 54.63 40.59 -3.86
C GLU C 437 54.90 40.75 -5.35
N ILE C 438 54.51 39.79 -6.20
CA ILE C 438 54.71 39.89 -7.64
C ILE C 438 53.37 40.06 -8.34
N ALA C 439 53.45 40.53 -9.59
CA ALA C 439 52.30 40.68 -10.47
C ALA C 439 52.76 40.47 -11.90
N TYR C 440 51.79 40.30 -12.80
CA TYR C 440 52.08 39.87 -14.17
C TYR C 440 51.14 40.55 -15.15
N LEU C 441 51.72 41.20 -16.15
CA LEU C 441 51.01 42.03 -17.12
C LEU C 441 51.14 41.44 -18.52
N MET C 442 50.00 41.19 -19.17
CA MET C 442 49.95 40.81 -20.57
C MET C 442 49.22 41.89 -21.35
N ALA C 443 49.81 42.33 -22.46
CA ALA C 443 49.21 43.36 -23.29
C ALA C 443 49.46 43.04 -24.75
N ASP C 444 48.43 43.28 -25.57
CA ASP C 444 48.54 43.16 -27.01
C ASP C 444 48.47 44.56 -27.63
N ILE C 445 49.52 44.92 -28.38
CA ILE C 445 49.71 46.23 -29.01
C ILE C 445 49.71 46.06 -30.53
N SER C 446 49.19 47.07 -31.24
CA SER C 446 48.63 46.89 -32.59
C SER C 446 49.60 47.08 -33.76
N SER C 447 50.18 48.26 -33.91
CA SER C 447 50.98 48.60 -35.10
C SER C 447 52.42 48.83 -34.70
N VAL C 448 53.18 47.74 -34.57
CA VAL C 448 54.57 47.79 -34.12
C VAL C 448 55.45 47.13 -35.18
N ASN C 449 56.49 47.84 -35.61
CA ASN C 449 57.44 47.31 -36.58
C ASN C 449 58.73 46.89 -35.89
N GLN C 450 59.63 46.28 -36.67
CA GLN C 450 60.84 45.71 -36.10
C GLN C 450 61.65 46.75 -35.33
N SER C 451 61.71 47.98 -35.84
CA SER C 451 62.51 49.02 -35.19
C SER C 451 62.00 49.30 -33.77
N GLU C 452 60.70 49.50 -33.62
CA GLU C 452 60.16 49.92 -32.34
C GLU C 452 59.95 48.78 -31.34
N ILE C 453 60.21 47.52 -31.73
CA ILE C 453 60.23 46.44 -30.75
C ILE C 453 61.45 46.58 -29.86
N LYS C 454 62.62 46.87 -30.44
CA LYS C 454 63.82 47.05 -29.64
C LYS C 454 63.66 48.22 -28.67
N ASP C 455 63.01 49.29 -29.11
CA ASP C 455 62.83 50.45 -28.23
C ASP C 455 61.84 50.14 -27.10
N ILE C 456 60.66 49.59 -27.44
CA ILE C 456 59.68 49.25 -26.42
C ILE C 456 60.27 48.26 -25.43
N TYR C 457 61.02 47.29 -25.93
CA TYR C 457 61.62 46.30 -25.06
C TYR C 457 62.66 46.93 -24.13
N GLU C 458 63.57 47.73 -24.69
CA GLU C 458 64.65 48.30 -23.89
C GLU C 458 64.10 49.26 -22.83
N LYS C 459 63.05 50.02 -23.16
CA LYS C 459 62.41 50.87 -22.16
C LYS C 459 61.85 50.02 -21.01
N LEU C 460 61.08 48.97 -21.33
CA LEU C 460 60.52 48.12 -20.29
C LEU C 460 61.61 47.41 -19.51
N ASN C 461 62.69 47.03 -20.17
CA ASN C 461 63.77 46.33 -19.49
C ASN C 461 64.50 47.24 -18.49
N GLN C 462 64.33 48.56 -18.60
CA GLN C 462 64.98 49.54 -17.73
C GLN C 462 64.09 50.00 -16.58
N THR C 463 62.85 49.54 -16.50
CA THR C 463 61.92 50.00 -15.47
C THR C 463 62.33 49.46 -14.10
N SER C 464 62.04 50.26 -13.06
CA SER C 464 62.51 49.93 -11.72
C SER C 464 61.81 48.69 -11.16
N ALA C 465 60.55 48.48 -11.50
CA ALA C 465 59.79 47.39 -10.93
C ALA C 465 59.93 46.07 -11.70
N LYS C 466 60.70 46.08 -12.79
CA LYS C 466 60.83 44.89 -13.63
C LYS C 466 61.38 43.70 -12.87
N VAL C 467 60.76 42.54 -13.09
CA VAL C 467 61.30 41.25 -12.69
C VAL C 467 61.71 40.43 -13.92
N SER C 468 60.84 40.35 -14.92
CA SER C 468 61.17 39.66 -16.16
C SER C 468 60.29 40.25 -17.27
N ILE C 469 60.87 40.41 -18.45
CA ILE C 469 60.18 40.95 -19.61
C ILE C 469 60.49 40.08 -20.83
N ARG C 470 59.44 39.73 -21.57
CA ARG C 470 59.56 39.03 -22.84
C ARG C 470 58.62 39.70 -23.82
N LEU C 471 59.03 39.75 -25.08
CA LEU C 471 58.18 40.23 -26.15
C LEU C 471 57.89 39.09 -27.11
N LEU C 472 56.63 38.98 -27.52
CA LEU C 472 56.19 37.94 -28.45
C LEU C 472 55.71 38.58 -29.75
N TYR C 473 56.30 38.15 -30.86
CA TYR C 473 56.06 38.77 -32.18
C TYR C 473 54.62 38.66 -32.65
N PRO D 43 32.03 16.73 -9.29
CA PRO D 43 30.58 16.99 -9.36
C PRO D 43 30.20 18.29 -8.67
N ARG D 44 28.92 18.68 -8.78
CA ARG D 44 28.45 19.89 -8.11
C ARG D 44 28.65 19.76 -6.60
N ARG D 45 29.21 20.82 -5.99
CA ARG D 45 29.52 20.82 -4.57
C ARG D 45 29.19 22.18 -3.97
N VAL D 46 28.80 22.17 -2.70
CA VAL D 46 28.42 23.39 -1.97
C VAL D 46 29.63 24.27 -1.73
N LYS D 50 35.60 32.29 1.58
CA LYS D 50 35.07 33.58 2.02
C LYS D 50 33.95 34.05 1.09
N GLN D 51 32.88 34.56 1.70
CA GLN D 51 31.80 35.16 0.93
C GLN D 51 32.32 36.38 0.18
N PRO D 52 31.74 36.69 -0.98
CA PRO D 52 32.23 37.84 -1.75
C PRO D 52 31.75 39.13 -1.13
N LYS D 53 32.45 40.21 -1.47
CA LYS D 53 32.10 41.53 -0.95
C LYS D 53 31.18 42.19 -1.97
N ALA D 54 29.89 42.19 -1.69
CA ALA D 54 28.91 42.78 -2.59
C ALA D 54 29.20 44.26 -2.75
N LEU D 55 29.22 44.71 -4.00
CA LEU D 55 29.63 46.06 -4.33
C LEU D 55 28.42 46.91 -4.65
N LYS D 56 28.52 48.20 -4.32
CA LYS D 56 27.45 49.14 -4.57
C LYS D 56 28.00 50.27 -5.42
N PRO D 57 27.22 50.80 -6.36
CA PRO D 57 27.74 51.83 -7.25
C PRO D 57 28.04 53.07 -6.45
N PHE D 58 29.08 53.79 -6.85
CA PHE D 58 29.49 54.93 -6.04
C PHE D 58 28.47 56.05 -6.20
N SER D 59 28.06 56.59 -5.04
CA SER D 59 27.12 57.71 -4.89
C SER D 59 26.20 57.90 -6.09
N THR D 60 25.20 57.04 -6.22
CA THR D 60 24.18 57.10 -7.26
C THR D 60 22.81 57.00 -6.58
N GLY D 61 21.74 57.02 -7.35
CA GLY D 61 20.41 56.88 -6.78
C GLY D 61 19.93 55.45 -6.71
N ASP D 62 18.61 55.28 -6.75
CA ASP D 62 17.99 53.97 -6.74
C ASP D 62 18.04 53.34 -8.14
N MET D 63 18.17 52.02 -8.18
CA MET D 63 18.21 51.33 -9.46
C MET D 63 16.82 51.15 -10.02
N ASN D 64 16.65 51.47 -11.31
CA ASN D 64 15.37 51.39 -12.01
C ASN D 64 15.45 50.34 -13.11
N ILE D 65 14.61 49.30 -13.00
CA ILE D 65 14.50 48.24 -14.00
C ILE D 65 13.16 48.37 -14.72
N LEU D 66 13.19 48.31 -16.05
CA LEU D 66 11.98 48.29 -16.86
C LEU D 66 11.89 46.95 -17.58
N LEU D 67 10.85 46.17 -17.28
CA LEU D 67 10.64 44.87 -17.90
C LEU D 67 9.38 44.91 -18.75
N LEU D 68 9.52 44.56 -20.03
CA LEU D 68 8.46 44.61 -21.01
C LEU D 68 8.19 43.21 -21.56
N GLU D 69 7.04 43.05 -22.24
CA GLU D 69 6.72 41.84 -23.01
C GLU D 69 6.55 40.61 -22.13
N ASN D 70 6.18 40.82 -20.86
CA ASN D 70 5.79 39.76 -19.94
C ASN D 70 6.93 38.77 -19.73
N VAL D 71 8.04 39.29 -19.20
CA VAL D 71 9.13 38.42 -18.77
C VAL D 71 8.68 37.59 -17.58
N ASN D 72 9.28 36.42 -17.42
CA ASN D 72 8.89 35.52 -16.36
C ASN D 72 9.20 36.11 -14.99
N ALA D 73 8.44 35.66 -14.00
CA ALA D 73 8.54 36.20 -12.65
C ALA D 73 9.89 35.91 -11.99
N THR D 74 10.63 34.92 -12.48
CA THR D 74 11.96 34.67 -11.93
C THR D 74 12.86 35.89 -12.12
N ALA D 75 12.71 36.58 -13.26
CA ALA D 75 13.48 37.80 -13.48
C ALA D 75 13.05 38.89 -12.52
N ILE D 76 11.73 39.03 -12.31
CA ILE D 76 11.24 40.02 -11.37
C ILE D 76 11.74 39.71 -9.96
N LYS D 77 11.68 38.44 -9.56
CA LYS D 77 12.12 38.05 -8.22
C LYS D 77 13.60 38.34 -8.03
N ILE D 78 14.42 37.98 -9.01
CA ILE D 78 15.86 38.19 -8.91
C ILE D 78 16.18 39.68 -8.74
N PHE D 79 15.53 40.54 -9.55
CA PHE D 79 15.79 41.97 -9.47
C PHE D 79 15.38 42.55 -8.11
N LYS D 80 14.17 42.23 -7.66
CA LYS D 80 13.71 42.77 -6.38
C LYS D 80 14.61 42.33 -5.22
N ASP D 81 15.16 41.12 -5.28
CA ASP D 81 16.01 40.66 -4.18
C ASP D 81 17.27 41.50 -4.01
N GLN D 82 17.66 42.28 -5.03
CA GLN D 82 18.73 43.25 -4.85
C GLN D 82 18.23 44.59 -4.33
N GLY D 83 16.93 44.74 -4.10
CA GLY D 83 16.37 46.04 -3.79
C GLY D 83 16.12 46.96 -4.96
N TYR D 84 16.18 46.46 -6.20
CA TYR D 84 15.95 47.31 -7.35
C TYR D 84 14.48 47.70 -7.42
N GLN D 85 14.19 48.78 -8.15
CA GLN D 85 12.83 49.22 -8.42
C GLN D 85 12.41 48.71 -9.80
N VAL D 86 11.37 47.88 -9.83
CA VAL D 86 10.99 47.15 -11.04
C VAL D 86 9.61 47.61 -11.52
N GLU D 87 9.54 48.04 -12.77
CA GLU D 87 8.28 48.26 -13.47
C GLU D 87 8.07 47.14 -14.47
N PHE D 88 6.90 46.48 -14.41
CA PHE D 88 6.62 45.29 -15.21
C PHE D 88 5.43 45.54 -16.13
N HIS D 89 5.55 45.08 -17.37
CA HIS D 89 4.49 45.16 -18.35
C HIS D 89 4.35 43.83 -19.07
N LYS D 90 3.11 43.44 -19.34
CA LYS D 90 2.84 42.18 -20.03
C LYS D 90 3.01 42.31 -21.55
N SER D 91 2.82 43.50 -22.09
CA SER D 91 2.96 43.74 -23.52
C SER D 91 4.09 44.74 -23.74
N SER D 92 4.34 45.06 -25.00
CA SER D 92 5.33 46.07 -25.31
C SER D 92 4.73 47.45 -24.99
N LEU D 93 5.45 48.51 -25.36
CA LEU D 93 4.95 49.86 -25.12
C LEU D 93 4.89 50.64 -26.43
N PRO D 94 3.92 51.54 -26.57
CA PRO D 94 3.92 52.45 -27.70
C PRO D 94 5.16 53.33 -27.66
N GLU D 95 5.59 53.78 -28.84
CA GLU D 95 6.84 54.52 -28.95
C GLU D 95 6.84 55.77 -28.06
N ASP D 96 5.69 56.43 -27.94
CA ASP D 96 5.60 57.61 -27.09
C ASP D 96 5.77 57.27 -25.62
N GLU D 97 5.00 56.31 -25.12
CA GLU D 97 5.09 55.91 -23.71
C GLU D 97 6.47 55.33 -23.38
N LEU D 98 7.12 54.70 -24.36
CA LEU D 98 8.42 54.10 -24.11
C LEU D 98 9.51 55.16 -23.98
N ILE D 99 9.49 56.19 -24.83
CA ILE D 99 10.51 57.24 -24.78
C ILE D 99 10.50 57.96 -23.43
N GLU D 100 9.30 58.24 -22.90
CA GLU D 100 9.23 58.89 -21.60
C GLU D 100 9.76 57.97 -20.49
N LYS D 101 9.41 56.69 -20.54
CA LYS D 101 9.78 55.78 -19.46
C LYS D 101 11.25 55.41 -19.49
N ILE D 102 11.88 55.43 -20.67
CA ILE D 102 13.26 54.95 -20.77
C ILE D 102 14.27 56.01 -20.37
N LYS D 103 13.83 57.27 -20.22
CA LYS D 103 14.77 58.34 -19.91
C LYS D 103 15.40 58.17 -18.53
N ASP D 104 14.68 57.58 -17.58
CA ASP D 104 15.14 57.45 -16.19
C ASP D 104 15.32 56.00 -15.75
N VAL D 105 15.40 55.05 -16.68
CA VAL D 105 15.55 53.64 -16.36
C VAL D 105 17.02 53.24 -16.49
N HIS D 106 17.48 52.40 -15.58
CA HIS D 106 18.88 51.97 -15.57
C HIS D 106 19.09 50.68 -16.35
N ALA D 107 18.11 49.78 -16.32
CA ALA D 107 18.17 48.52 -17.06
C ALA D 107 16.79 48.22 -17.64
N ILE D 108 16.78 47.74 -18.88
CA ILE D 108 15.56 47.42 -19.60
C ILE D 108 15.60 45.96 -20.04
N GLY D 109 14.48 45.25 -19.83
CA GLY D 109 14.33 43.91 -20.34
C GLY D 109 13.28 43.85 -21.43
N ILE D 110 13.66 43.34 -22.61
CA ILE D 110 12.76 43.27 -23.74
C ILE D 110 12.77 41.85 -24.31
N ARG D 111 11.97 41.66 -25.35
CA ARG D 111 11.97 40.42 -26.13
C ARG D 111 11.99 40.79 -27.60
N SER D 112 11.24 40.05 -28.44
CA SER D 112 11.39 40.20 -29.87
C SER D 112 10.68 41.43 -30.43
N LYS D 113 9.55 41.84 -29.86
CA LYS D 113 8.74 42.85 -30.55
C LYS D 113 9.23 44.27 -30.28
N THR D 114 9.72 44.56 -29.07
CA THR D 114 10.15 45.91 -28.72
C THR D 114 11.40 46.29 -29.50
N ARG D 115 11.30 47.33 -30.34
CA ARG D 115 12.40 47.80 -31.16
C ARG D 115 13.07 48.98 -30.46
N LEU D 116 14.29 48.76 -29.97
CA LEU D 116 15.08 49.79 -29.32
C LEU D 116 16.05 50.35 -30.36
N THR D 117 15.58 51.34 -31.11
CA THR D 117 16.38 52.00 -32.14
C THR D 117 17.08 53.24 -31.57
N GLU D 118 17.92 53.85 -32.41
CA GLU D 118 18.56 55.12 -32.04
C GLU D 118 17.53 56.16 -31.65
N LYS D 119 16.36 56.12 -32.28
CA LYS D 119 15.28 57.02 -31.92
C LYS D 119 14.98 56.95 -30.43
N ILE D 120 14.87 55.74 -29.88
CA ILE D 120 14.49 55.59 -28.49
C ILE D 120 15.68 55.55 -27.54
N LEU D 121 16.83 55.04 -27.99
CA LEU D 121 17.97 54.97 -27.10
C LEU D 121 18.65 56.33 -26.91
N GLN D 122 18.47 57.27 -27.85
CA GLN D 122 19.04 58.60 -27.68
C GLN D 122 18.52 59.29 -26.43
N HIS D 123 17.32 58.94 -25.97
CA HIS D 123 16.70 59.50 -24.79
C HIS D 123 17.09 58.77 -23.51
N ALA D 124 17.91 57.72 -23.61
CA ALA D 124 18.24 56.86 -22.47
C ALA D 124 19.39 57.49 -21.69
N ARG D 125 19.05 58.31 -20.69
CA ARG D 125 20.08 59.04 -19.94
C ARG D 125 20.90 58.09 -19.07
N ASN D 126 20.24 57.18 -18.36
CA ASN D 126 20.87 56.36 -17.34
C ASN D 126 21.01 54.90 -17.73
N LEU D 127 20.74 54.56 -18.99
CA LEU D 127 20.69 53.15 -19.40
C LEU D 127 22.08 52.55 -19.40
N VAL D 128 22.29 51.57 -18.53
CA VAL D 128 23.57 50.89 -18.39
C VAL D 128 23.65 49.66 -19.29
N CYS D 129 22.55 48.91 -19.38
CA CYS D 129 22.56 47.67 -20.12
C CYS D 129 21.15 47.31 -20.55
N ILE D 130 21.07 46.48 -21.58
CA ILE D 130 19.82 45.99 -22.16
C ILE D 130 19.80 44.48 -22.09
N GLY D 131 18.72 43.93 -21.54
CA GLY D 131 18.50 42.50 -21.53
C GLY D 131 17.49 42.11 -22.58
N CYS D 132 17.91 41.24 -23.50
CA CYS D 132 17.01 40.62 -24.48
C CYS D 132 16.60 39.26 -23.93
N PHE D 133 15.36 39.14 -23.42
CA PHE D 133 14.94 37.86 -22.86
C PHE D 133 14.37 36.98 -23.96
N CYS D 134 15.24 36.66 -24.92
CA CYS D 134 14.93 35.88 -26.11
C CYS D 134 16.25 35.62 -26.82
N ILE D 135 16.18 35.10 -28.03
CA ILE D 135 17.39 34.82 -28.80
C ILE D 135 17.79 36.00 -29.67
N GLY D 136 16.83 36.59 -30.38
CA GLY D 136 17.16 37.61 -31.37
C GLY D 136 17.51 38.94 -30.72
N THR D 137 18.51 39.62 -31.30
CA THR D 137 18.89 40.94 -30.86
C THR D 137 18.75 42.00 -31.95
N ASN D 138 18.26 41.64 -33.13
CA ASN D 138 18.09 42.59 -34.23
C ASN D 138 17.14 43.72 -33.87
N GLN D 139 16.23 43.51 -32.91
CA GLN D 139 15.33 44.57 -32.52
C GLN D 139 16.03 45.68 -31.73
N VAL D 140 17.33 45.55 -31.48
CA VAL D 140 18.11 46.57 -30.80
C VAL D 140 19.23 47.01 -31.75
N ASP D 141 19.41 48.33 -31.87
CA ASP D 141 20.53 48.88 -32.62
C ASP D 141 21.78 48.69 -31.77
N LEU D 142 22.44 47.55 -31.94
CA LEU D 142 23.52 47.18 -31.04
C LEU D 142 24.68 48.14 -31.11
N LYS D 143 25.06 48.57 -32.32
CA LYS D 143 26.21 49.47 -32.45
C LYS D 143 25.93 50.80 -31.75
N TYR D 144 24.74 51.36 -31.97
CA TYR D 144 24.40 52.61 -31.30
C TYR D 144 24.46 52.44 -29.79
N ALA D 145 23.88 51.35 -29.29
CA ALA D 145 23.92 51.08 -27.85
C ALA D 145 25.36 50.99 -27.35
N ALA D 146 26.23 50.34 -28.11
CA ALA D 146 27.63 50.22 -27.71
C ALA D 146 28.34 51.57 -27.71
N SER D 147 28.10 52.38 -28.74
CA SER D 147 28.76 53.67 -28.84
C SER D 147 28.42 54.59 -27.67
N LYS D 148 27.30 54.33 -26.99
CA LYS D 148 26.93 55.06 -25.79
C LYS D 148 27.26 54.26 -24.53
N GLY D 149 28.02 53.18 -24.65
CA GLY D 149 28.43 52.38 -23.50
C GLY D 149 27.33 51.52 -22.89
N ILE D 150 26.43 50.99 -23.69
CA ILE D 150 25.30 50.19 -23.22
C ILE D 150 25.52 48.74 -23.64
N ALA D 151 25.76 47.86 -22.68
CA ALA D 151 25.94 46.44 -22.97
C ALA D 151 24.60 45.75 -23.19
N VAL D 152 24.57 44.82 -24.14
CA VAL D 152 23.34 44.08 -24.47
C VAL D 152 23.60 42.59 -24.26
N PHE D 153 22.64 41.92 -23.63
CA PHE D 153 22.73 40.50 -23.30
C PHE D 153 21.51 39.78 -23.84
N ASN D 154 21.66 38.47 -24.12
CA ASN D 154 20.53 37.66 -24.59
C ASN D 154 20.59 36.28 -23.95
N SER D 155 19.62 35.42 -24.33
CA SER D 155 19.54 34.03 -23.90
C SER D 155 19.54 33.18 -25.18
N PRO D 156 20.69 32.78 -25.65
CA PRO D 156 20.74 32.14 -26.97
C PRO D 156 20.24 30.69 -26.99
N PHE D 157 20.51 29.91 -25.94
CA PHE D 157 20.28 28.47 -26.01
C PHE D 157 19.29 27.95 -24.97
N SER D 158 18.54 28.85 -24.34
CA SER D 158 17.65 28.45 -23.25
C SER D 158 16.42 27.66 -23.71
N ASN D 159 16.16 27.59 -25.01
CA ASN D 159 14.96 26.92 -25.50
C ASN D 159 15.26 25.53 -26.07
N SER D 160 16.45 25.00 -25.83
CA SER D 160 16.83 23.74 -26.49
C SER D 160 15.87 22.61 -26.12
N ARG D 161 15.65 22.39 -24.82
CA ARG D 161 14.78 21.28 -24.40
C ARG D 161 13.38 21.42 -24.97
N SER D 162 12.83 22.63 -24.96
CA SER D 162 11.44 22.82 -25.38
C SER D 162 11.24 22.50 -26.86
N VAL D 163 12.17 22.92 -27.72
CA VAL D 163 12.05 22.60 -29.14
C VAL D 163 12.22 21.10 -29.37
N ALA D 164 13.13 20.47 -28.61
CA ALA D 164 13.37 19.04 -28.80
C ALA D 164 12.14 18.22 -28.46
N GLU D 165 11.53 18.47 -27.29
CA GLU D 165 10.33 17.74 -26.93
C GLU D 165 9.19 18.04 -27.89
N LEU D 166 9.09 19.29 -28.35
CA LEU D 166 8.09 19.65 -29.34
C LEU D 166 8.18 18.76 -30.57
N VAL D 167 9.39 18.54 -31.07
CA VAL D 167 9.55 17.73 -32.28
C VAL D 167 9.15 16.29 -31.99
N ILE D 168 9.49 15.77 -30.81
CA ILE D 168 9.06 14.43 -30.43
C ILE D 168 7.53 14.32 -30.50
N GLY D 169 6.83 15.28 -29.89
CA GLY D 169 5.38 15.24 -29.94
C GLY D 169 4.85 15.31 -31.37
N GLU D 170 5.51 16.10 -32.21
CA GLU D 170 5.02 16.25 -33.57
C GLU D 170 5.44 15.08 -34.46
N ILE D 171 6.58 14.45 -34.17
CA ILE D 171 6.89 13.19 -34.84
C ILE D 171 5.77 12.19 -34.58
N ILE D 172 5.35 12.07 -33.32
CA ILE D 172 4.29 11.13 -32.99
C ILE D 172 2.96 11.60 -33.56
N SER D 173 2.66 12.89 -33.45
CA SER D 173 1.39 13.39 -33.97
C SER D 173 1.31 13.22 -35.48
N LEU D 174 2.39 13.49 -36.20
CA LEU D 174 2.39 13.28 -37.64
C LEU D 174 2.35 11.80 -37.98
N ALA D 175 3.08 10.97 -37.23
CA ALA D 175 3.07 9.54 -37.52
C ALA D 175 1.68 8.94 -37.35
N ARG D 176 0.84 9.58 -36.55
CA ARG D 176 -0.51 9.10 -36.29
C ARG D 176 -1.58 10.03 -36.82
N GLN D 177 -1.19 11.19 -37.34
CA GLN D 177 -2.12 12.21 -37.83
C GLN D 177 -3.17 12.52 -36.77
N LEU D 178 -2.68 12.67 -35.52
CA LEU D 178 -3.51 13.02 -34.38
C LEU D 178 -4.21 14.35 -34.56
N GLY D 179 -3.48 15.35 -35.06
CA GLY D 179 -4.08 16.65 -35.30
C GLY D 179 -5.36 16.54 -36.10
N ASP D 180 -5.33 15.77 -37.18
CA ASP D 180 -6.51 15.60 -38.03
C ASP D 180 -7.63 14.90 -37.27
N ARG D 181 -7.32 13.76 -36.65
CA ARG D 181 -8.32 12.98 -35.91
C ARG D 181 -9.07 13.86 -34.92
N SER D 182 -8.36 14.71 -34.19
CA SER D 182 -9.00 15.50 -33.15
C SER D 182 -9.82 16.65 -33.73
N ILE D 183 -9.33 17.27 -34.80
CA ILE D 183 -10.12 18.28 -35.50
C ILE D 183 -11.39 17.65 -36.06
N GLU D 184 -11.30 16.39 -36.51
CA GLU D 184 -12.45 15.68 -37.04
C GLU D 184 -13.51 15.46 -35.98
N LEU D 185 -13.11 14.95 -34.81
CA LEU D 185 -14.10 14.66 -33.77
C LEU D 185 -14.69 15.95 -33.20
N HIS D 186 -13.89 17.00 -33.09
CA HIS D 186 -14.43 18.28 -32.65
C HIS D 186 -15.47 18.85 -33.60
N THR D 187 -15.57 18.31 -34.83
CA THR D 187 -16.61 18.71 -35.76
C THR D 187 -17.51 17.53 -36.13
N GLY D 188 -17.50 16.47 -35.31
CA GLY D 188 -18.42 15.36 -35.44
C GLY D 188 -17.93 14.19 -36.26
N THR D 189 -16.84 14.33 -37.00
CA THR D 189 -16.42 13.26 -37.89
C THR D 189 -15.58 12.23 -37.15
N TRP D 190 -16.00 10.97 -37.24
CA TRP D 190 -15.27 9.82 -36.70
C TRP D 190 -14.57 9.11 -37.85
N ASN D 191 -13.22 9.09 -37.85
CA ASN D 191 -12.47 8.54 -38.98
C ASN D 191 -11.27 7.76 -38.43
N LYS D 192 -11.53 6.53 -37.98
CA LYS D 192 -10.49 5.62 -37.53
C LYS D 192 -9.66 5.15 -38.71
N VAL D 193 -8.38 5.50 -38.72
CA VAL D 193 -7.49 5.20 -39.84
C VAL D 193 -6.24 4.53 -39.30
N ALA D 194 -5.93 3.35 -39.83
CA ALA D 194 -4.61 2.77 -39.58
C ALA D 194 -3.72 2.85 -40.80
N ALA D 195 -4.28 3.09 -41.98
CA ALA D 195 -3.51 3.12 -43.20
C ALA D 195 -2.46 4.23 -43.14
N ARG D 196 -1.19 3.86 -43.30
CA ARG D 196 -0.15 4.87 -43.43
C ARG D 196 0.06 5.64 -42.11
N CYS D 197 -0.44 5.14 -40.98
CA CYS D 197 -0.12 5.62 -39.63
C CYS D 197 0.91 4.69 -39.01
N TRP D 198 1.87 5.26 -38.29
CA TRP D 198 3.09 4.54 -38.00
C TRP D 198 3.38 4.54 -36.51
N GLU D 199 3.85 3.40 -36.01
CA GLU D 199 4.65 3.43 -34.80
C GLU D 199 5.97 4.13 -35.10
N VAL D 200 6.40 4.97 -34.17
CA VAL D 200 7.62 5.72 -34.44
C VAL D 200 8.85 4.82 -34.28
N ARG D 201 8.77 3.78 -33.46
CA ARG D 201 9.88 2.84 -33.31
C ARG D 201 10.23 2.18 -34.65
N GLY D 202 11.53 2.13 -34.94
CA GLY D 202 12.01 1.53 -36.17
C GLY D 202 12.15 2.48 -37.31
N LYS D 203 11.60 3.70 -37.20
CA LYS D 203 11.72 4.69 -38.24
C LYS D 203 13.05 5.43 -38.10
N THR D 204 13.33 6.27 -39.10
CA THR D 204 14.58 7.02 -39.13
C THR D 204 14.26 8.51 -39.05
N LEU D 205 14.86 9.18 -38.07
CA LEU D 205 14.78 10.62 -37.93
C LEU D 205 16.00 11.23 -38.62
N GLY D 206 15.73 12.15 -39.55
CA GLY D 206 16.78 12.93 -40.17
C GLY D 206 16.91 14.30 -39.54
N ILE D 207 17.97 14.51 -38.78
CA ILE D 207 18.23 15.80 -38.15
C ILE D 207 19.17 16.59 -39.05
N ILE D 208 18.69 17.72 -39.56
CA ILE D 208 19.50 18.62 -40.38
C ILE D 208 19.93 19.78 -39.48
N GLY D 209 21.22 19.82 -39.17
CA GLY D 209 21.73 20.76 -38.20
C GLY D 209 21.77 20.09 -36.85
N TYR D 210 22.94 19.60 -36.47
CA TYR D 210 23.09 18.74 -35.29
C TYR D 210 23.72 19.55 -34.14
N GLY D 211 23.08 20.66 -33.82
CA GLY D 211 23.58 21.66 -32.86
C GLY D 211 23.03 21.45 -31.47
N HIS D 212 22.74 22.56 -30.78
CA HIS D 212 22.23 22.46 -29.42
C HIS D 212 20.93 21.67 -29.38
N ILE D 213 19.96 22.05 -30.21
CA ILE D 213 18.67 21.39 -30.22
C ILE D 213 18.79 20.02 -30.88
N GLY D 214 19.45 19.95 -32.02
CA GLY D 214 19.53 18.69 -32.74
C GLY D 214 20.15 17.59 -31.92
N SER D 215 21.29 17.89 -31.27
CA SER D 215 21.97 16.86 -30.48
C SER D 215 21.11 16.41 -29.32
N GLN D 216 20.37 17.36 -28.72
CA GLN D 216 19.49 16.98 -27.62
C GLN D 216 18.30 16.19 -28.15
N LEU D 217 17.81 16.55 -29.34
CA LEU D 217 16.76 15.76 -29.98
C LEU D 217 17.24 14.34 -30.27
N SER D 218 18.52 14.18 -30.59
CA SER D 218 19.06 12.88 -30.95
C SER D 218 18.83 11.85 -29.84
N VAL D 219 19.18 12.20 -28.60
CA VAL D 219 19.07 11.23 -27.52
C VAL D 219 17.60 10.89 -27.28
N LEU D 220 16.72 11.89 -27.30
CA LEU D 220 15.30 11.64 -27.13
C LEU D 220 14.77 10.77 -28.26
N ALA D 221 15.21 11.02 -29.49
CA ALA D 221 14.70 10.26 -30.63
C ALA D 221 15.07 8.79 -30.50
N GLU D 222 16.33 8.49 -30.16
CA GLU D 222 16.73 7.11 -29.97
C GLU D 222 15.96 6.45 -28.84
N ALA D 223 15.77 7.18 -27.74
CA ALA D 223 14.99 6.63 -26.64
C ALA D 223 13.59 6.24 -27.10
N MET D 224 13.02 7.02 -28.02
CA MET D 224 11.73 6.68 -28.61
C MET D 224 11.83 5.60 -29.67
N GLY D 225 13.01 5.04 -29.90
CA GLY D 225 13.15 3.97 -30.86
C GLY D 225 13.47 4.43 -32.26
N LEU D 226 13.91 5.68 -32.44
CA LEU D 226 14.25 6.16 -33.77
C LEU D 226 15.70 5.83 -34.09
N HIS D 227 15.95 5.51 -35.35
CA HIS D 227 17.29 5.61 -35.86
C HIS D 227 17.54 7.06 -36.25
N VAL D 228 18.71 7.57 -35.89
CA VAL D 228 19.02 8.98 -36.10
C VAL D 228 20.17 9.08 -37.10
N LEU D 229 19.91 9.77 -38.21
CA LEU D 229 20.93 10.23 -39.14
C LEU D 229 20.97 11.75 -39.09
N TYR D 230 22.17 12.33 -39.19
CA TYR D 230 22.28 13.77 -39.17
C TYR D 230 23.27 14.27 -40.21
N TYR D 231 22.86 15.33 -40.91
CA TYR D 231 23.72 16.07 -41.82
C TYR D 231 24.11 17.39 -41.20
N ASP D 232 25.40 17.72 -41.30
CA ASP D 232 25.88 19.03 -40.89
C ASP D 232 27.17 19.31 -41.67
N ILE D 233 27.44 20.60 -41.89
CA ILE D 233 28.54 21.01 -42.74
C ILE D 233 29.89 20.80 -42.04
N VAL D 234 29.86 20.31 -40.81
CA VAL D 234 31.07 20.04 -40.06
C VAL D 234 30.95 18.68 -39.39
N THR D 235 32.09 18.04 -39.17
CA THR D 235 32.13 16.77 -38.45
C THR D 235 31.91 17.00 -36.96
N ILE D 236 30.91 16.33 -36.40
CA ILE D 236 30.52 16.48 -34.99
C ILE D 236 30.43 15.11 -34.34
N MET D 237 30.99 14.99 -33.14
CA MET D 237 30.90 13.74 -32.39
C MET D 237 29.45 13.43 -32.05
N ALA D 238 28.97 12.28 -32.51
CA ALA D 238 27.58 11.88 -32.33
C ALA D 238 27.29 11.53 -30.87
N LEU D 239 26.07 11.83 -30.44
CA LEU D 239 25.57 11.38 -29.15
C LEU D 239 24.88 10.02 -29.30
N GLY D 240 25.05 9.18 -28.28
CA GLY D 240 24.48 7.85 -28.33
C GLY D 240 24.98 7.06 -29.53
N THR D 241 24.04 6.52 -30.31
CA THR D 241 24.35 5.69 -31.47
C THR D 241 23.94 6.35 -32.78
N ALA D 242 23.75 7.66 -32.78
CA ALA D 242 23.46 8.36 -34.03
C ALA D 242 24.68 8.29 -34.94
N ARG D 243 24.43 8.44 -36.24
CA ARG D 243 25.48 8.33 -37.25
C ARG D 243 25.34 9.50 -38.22
N GLN D 244 26.44 10.19 -38.46
CA GLN D 244 26.46 11.29 -39.41
C GLN D 244 26.54 10.75 -40.83
N VAL D 245 25.83 11.40 -41.75
CA VAL D 245 25.85 11.02 -43.15
C VAL D 245 26.64 12.09 -43.90
N SER D 246 27.31 11.66 -44.96
CA SER D 246 28.23 12.55 -45.66
C SER D 246 27.47 13.67 -46.37
N THR D 247 26.34 13.36 -46.99
CA THR D 247 25.65 14.30 -47.85
C THR D 247 24.21 14.50 -47.38
N LEU D 248 23.64 15.64 -47.74
CA LEU D 248 22.24 15.90 -47.46
C LEU D 248 21.33 14.90 -48.17
N ASP D 249 21.68 14.52 -49.40
CA ASP D 249 20.83 13.62 -50.17
C ASP D 249 20.76 12.23 -49.52
N GLU D 250 21.87 11.76 -48.92
CA GLU D 250 21.83 10.50 -48.19
C GLU D 250 20.86 10.57 -47.01
N LEU D 251 20.86 11.70 -46.28
CA LEU D 251 19.90 11.87 -45.20
C LEU D 251 18.48 11.86 -45.73
N LEU D 252 18.22 12.59 -46.82
CA LEU D 252 16.87 12.66 -47.35
C LEU D 252 16.41 11.30 -47.86
N ASN D 253 17.32 10.53 -48.47
CA ASN D 253 16.92 9.26 -49.05
C ASN D 253 16.55 8.23 -48.00
N LYS D 254 17.23 8.26 -46.85
CA LYS D 254 17.15 7.17 -45.87
C LYS D 254 16.32 7.52 -44.64
N SER D 255 15.78 8.73 -44.55
CA SER D 255 15.05 9.17 -43.37
C SER D 255 13.55 9.07 -43.59
N ASP D 256 12.84 8.76 -42.52
CA ASP D 256 11.39 8.80 -42.52
C ASP D 256 10.86 10.15 -42.02
N PHE D 257 11.59 10.76 -41.09
CA PHE D 257 11.24 12.05 -40.50
C PHE D 257 12.44 12.97 -40.67
N VAL D 258 12.22 14.14 -41.25
CA VAL D 258 13.27 15.12 -41.49
C VAL D 258 12.97 16.37 -40.69
N THR D 259 13.91 16.76 -39.83
CA THR D 259 13.76 17.90 -38.96
C THR D 259 14.92 18.87 -39.18
N LEU D 260 14.61 20.16 -39.15
CA LEU D 260 15.57 21.22 -39.46
C LEU D 260 15.95 21.95 -38.17
N HIS D 261 17.25 22.06 -37.92
CA HIS D 261 17.76 22.78 -36.75
C HIS D 261 19.04 23.54 -37.13
N VAL D 262 18.90 24.42 -38.10
CA VAL D 262 20.02 25.14 -38.70
C VAL D 262 19.79 26.63 -38.46
N PRO D 263 20.86 27.44 -38.45
CA PRO D 263 20.66 28.89 -38.36
C PRO D 263 20.14 29.46 -39.66
N ALA D 264 19.69 30.71 -39.62
CA ALA D 264 19.22 31.39 -40.81
C ALA D 264 20.43 32.07 -41.45
N THR D 265 20.91 31.49 -42.53
CA THR D 265 22.07 31.98 -43.26
C THR D 265 21.76 31.92 -44.75
N PRO D 266 22.56 32.57 -45.60
CA PRO D 266 22.37 32.38 -47.05
C PRO D 266 22.47 30.94 -47.51
N GLU D 267 23.21 30.07 -46.79
CA GLU D 267 23.33 28.69 -47.22
C GLU D 267 22.13 27.84 -46.82
N THR D 268 21.34 28.27 -45.83
CA THR D 268 20.12 27.58 -45.44
C THR D 268 18.86 28.20 -46.04
N GLU D 269 18.97 29.37 -46.68
CA GLU D 269 17.82 30.00 -47.28
C GLU D 269 17.12 29.03 -48.19
N LYS D 270 15.93 28.57 -47.81
CA LYS D 270 15.11 27.68 -48.63
C LYS D 270 15.88 26.41 -49.04
N MET D 271 16.67 25.89 -48.10
CA MET D 271 17.52 24.73 -48.40
C MET D 271 16.71 23.48 -48.68
N LEU D 272 15.48 23.44 -48.22
CA LEU D 272 14.67 22.26 -48.61
C LEU D 272 13.65 22.72 -49.63
N SER D 273 13.90 22.41 -50.89
CA SER D 273 12.93 22.76 -51.95
C SER D 273 12.72 21.54 -52.86
N ALA D 274 11.88 21.69 -53.88
CA ALA D 274 11.51 20.55 -54.75
C ALA D 274 12.65 19.54 -54.88
N PRO D 275 13.87 19.92 -55.28
CA PRO D 275 14.91 18.93 -55.51
C PRO D 275 15.13 18.07 -54.27
N GLN D 276 14.89 18.65 -53.09
CA GLN D 276 15.11 17.90 -51.83
C GLN D 276 13.89 17.02 -51.57
N PHE D 277 12.70 17.60 -51.67
CA PHE D 277 11.49 16.83 -51.50
C PHE D 277 11.44 15.64 -52.45
N ALA D 278 11.94 15.81 -53.68
CA ALA D 278 12.00 14.69 -54.61
C ALA D 278 12.99 13.63 -54.16
N ALA D 279 13.98 14.02 -53.37
CA ALA D 279 14.95 13.08 -52.83
C ALA D 279 14.47 12.36 -51.58
N MET D 280 13.37 12.79 -50.99
CA MET D 280 12.88 12.16 -49.77
C MET D 280 12.04 10.92 -50.12
N LYS D 281 11.73 10.14 -49.09
CA LYS D 281 10.98 8.90 -49.31
C LYS D 281 9.51 9.22 -49.53
N ASP D 282 8.85 8.34 -50.28
CA ASP D 282 7.40 8.48 -50.49
C ASP D 282 6.70 8.39 -49.15
N GLY D 283 5.92 9.41 -48.82
CA GLY D 283 5.23 9.45 -47.55
C GLY D 283 6.08 9.86 -46.37
N ALA D 284 7.12 10.66 -46.59
CA ALA D 284 7.99 11.13 -45.52
C ALA D 284 7.41 12.40 -44.87
N TYR D 285 8.04 12.82 -43.79
CA TYR D 285 7.53 13.90 -42.95
C TYR D 285 8.59 14.97 -42.79
N VAL D 286 8.16 16.24 -42.82
CA VAL D 286 9.05 17.39 -42.72
C VAL D 286 8.64 18.19 -41.49
N ILE D 287 9.59 18.45 -40.61
CA ILE D 287 9.36 19.25 -39.41
C ILE D 287 10.36 20.39 -39.42
N ASN D 288 9.85 21.62 -39.29
CA ASN D 288 10.66 22.84 -39.26
C ASN D 288 10.28 23.67 -38.03
N ALA D 289 11.10 23.60 -36.99
CA ALA D 289 11.00 24.51 -35.85
C ALA D 289 12.22 25.41 -35.73
N SER D 290 12.91 25.70 -36.83
CA SER D 290 14.11 26.54 -36.77
C SER D 290 13.78 27.98 -37.15
N ARG D 291 14.06 28.37 -38.39
CA ARG D 291 13.75 29.70 -38.89
C ARG D 291 12.86 29.63 -40.14
N GLY D 292 11.96 30.61 -40.27
CA GLY D 292 10.92 30.59 -41.28
C GLY D 292 11.39 30.63 -42.71
N THR D 293 12.67 30.82 -42.96
CA THR D 293 13.20 30.91 -44.31
C THR D 293 13.78 29.59 -44.83
N VAL D 294 13.92 28.59 -43.96
CA VAL D 294 14.69 27.41 -44.32
C VAL D 294 13.90 26.48 -45.25
N VAL D 295 12.57 26.51 -45.21
CA VAL D 295 11.73 25.66 -46.05
C VAL D 295 11.12 26.52 -47.15
N ASP D 296 11.18 26.04 -48.38
CA ASP D 296 10.41 26.65 -49.46
C ASP D 296 8.98 26.13 -49.35
N ILE D 297 8.10 26.96 -48.76
CA ILE D 297 6.73 26.52 -48.52
C ILE D 297 5.99 26.17 -49.80
N PRO D 298 6.11 26.93 -50.91
CA PRO D 298 5.41 26.52 -52.14
C PRO D 298 5.78 25.14 -52.63
N SER D 299 7.05 24.74 -52.52
CA SER D 299 7.44 23.40 -52.93
C SER D 299 6.87 22.36 -51.98
N LEU D 300 6.79 22.68 -50.69
CA LEU D 300 6.22 21.74 -49.72
C LEU D 300 4.74 21.50 -50.02
N ILE D 301 3.98 22.57 -50.26
CA ILE D 301 2.57 22.44 -50.59
C ILE D 301 2.39 21.54 -51.81
N GLN D 302 3.28 21.68 -52.80
CA GLN D 302 3.22 20.82 -53.97
C GLN D 302 3.49 19.37 -53.59
N ALA D 303 4.54 19.14 -52.78
CA ALA D 303 4.90 17.78 -52.38
C ALA D 303 3.81 17.15 -51.53
N VAL D 304 3.12 17.93 -50.71
CA VAL D 304 1.98 17.41 -49.97
C VAL D 304 0.84 17.11 -50.93
N LYS D 305 0.55 18.06 -51.83
CA LYS D 305 -0.55 17.88 -52.78
C LYS D 305 -0.31 16.71 -53.72
N ALA D 306 0.94 16.38 -54.02
CA ALA D 306 1.26 15.24 -54.86
C ALA D 306 1.44 13.95 -54.07
N ASN D 307 1.03 13.92 -52.80
CA ASN D 307 1.12 12.76 -51.93
C ASN D 307 2.55 12.27 -51.76
N LYS D 308 3.54 13.12 -52.05
CA LYS D 308 4.94 12.76 -51.84
C LYS D 308 5.34 12.89 -50.38
N ILE D 309 4.96 14.00 -49.76
CA ILE D 309 5.19 14.22 -48.33
C ILE D 309 3.87 13.92 -47.62
N ALA D 310 3.94 13.06 -46.61
CA ALA D 310 2.72 12.61 -45.94
C ALA D 310 2.24 13.58 -44.86
N GLY D 311 3.14 14.38 -44.31
CA GLY D 311 2.76 15.32 -43.27
C GLY D 311 3.90 16.25 -42.93
N ALA D 312 3.56 17.36 -42.31
CA ALA D 312 4.54 18.37 -41.97
C ALA D 312 4.10 19.12 -40.72
N ALA D 313 5.09 19.57 -39.96
CA ALA D 313 4.87 20.37 -38.76
C ALA D 313 5.74 21.62 -38.88
N LEU D 314 5.09 22.79 -38.91
CA LEU D 314 5.75 24.06 -39.12
C LEU D 314 5.54 24.93 -37.89
N ASP D 315 6.64 25.40 -37.29
CA ASP D 315 6.56 26.35 -36.18
C ASP D 315 6.97 27.75 -36.57
N VAL D 316 7.71 27.90 -37.68
CA VAL D 316 8.26 29.18 -38.10
C VAL D 316 7.83 29.46 -39.53
N TYR D 317 7.80 30.75 -39.88
CA TYR D 317 7.17 31.15 -41.13
C TYR D 317 7.94 32.33 -41.71
N PRO D 318 7.94 32.50 -43.03
CA PRO D 318 8.61 33.67 -43.61
C PRO D 318 8.10 35.00 -43.08
N HIS D 319 6.80 35.15 -42.91
CA HIS D 319 6.22 36.36 -42.33
C HIS D 319 5.29 35.96 -41.19
N GLU D 320 5.48 36.57 -40.03
CA GLU D 320 4.73 36.24 -38.82
C GLU D 320 4.20 37.50 -38.16
N PRO D 321 3.04 37.42 -37.51
CA PRO D 321 2.48 38.61 -36.86
C PRO D 321 3.38 39.11 -35.75
N ALA D 322 3.28 40.40 -35.46
CA ALA D 322 4.03 41.00 -34.36
C ALA D 322 3.34 40.82 -33.02
N LYS D 323 2.03 40.60 -33.01
CA LYS D 323 1.29 40.41 -31.77
C LYS D 323 0.22 39.34 -31.99
N ASN D 324 -0.24 38.76 -30.88
CA ASN D 324 -1.27 37.75 -30.95
C ASN D 324 -2.62 38.37 -31.27
N GLY D 325 -3.40 37.68 -32.10
CA GLY D 325 -4.74 38.12 -32.44
C GLY D 325 -5.38 37.27 -33.51
N GLU D 326 -6.69 37.36 -33.66
CA GLU D 326 -7.39 36.59 -34.67
C GLU D 326 -7.15 37.19 -36.05
N GLY D 327 -7.40 36.39 -37.08
CA GLY D 327 -7.22 36.79 -38.46
C GLY D 327 -5.82 37.23 -38.88
N SER D 328 -4.85 37.06 -37.98
CA SER D 328 -3.50 37.58 -38.24
C SER D 328 -2.72 36.67 -39.19
N PHE D 329 -3.16 35.43 -39.35
CA PHE D 329 -2.45 34.42 -40.12
C PHE D 329 -3.34 34.08 -41.33
N ASN D 330 -3.05 34.72 -42.45
CA ASN D 330 -3.97 34.69 -43.59
C ASN D 330 -3.18 34.97 -44.86
N ASP D 331 -3.92 35.08 -45.97
CA ASP D 331 -3.27 35.29 -47.26
C ASP D 331 -2.56 36.63 -47.33
N GLU D 332 -3.04 37.62 -46.58
CA GLU D 332 -2.38 38.93 -46.56
C GLU D 332 -1.01 38.84 -45.89
N LEU D 333 -0.86 37.95 -44.90
CA LEU D 333 0.44 37.76 -44.27
C LEU D 333 1.37 36.88 -45.12
N ASN D 334 0.85 35.77 -45.63
CA ASN D 334 1.59 34.84 -46.49
C ASN D 334 0.64 34.34 -47.56
N SER D 335 1.03 34.55 -48.83
CA SER D 335 0.12 34.30 -49.95
C SER D 335 -0.47 32.90 -49.93
N TRP D 336 0.32 31.91 -49.53
CA TRP D 336 -0.08 30.51 -49.55
C TRP D 336 -0.80 30.05 -48.28
N THR D 337 -1.18 30.96 -47.39
CA THR D 337 -1.73 30.53 -46.10
C THR D 337 -3.00 29.71 -46.26
N SER D 338 -4.00 30.26 -46.96
CA SER D 338 -5.28 29.57 -47.08
C SER D 338 -5.13 28.22 -47.79
N GLU D 339 -4.14 28.08 -48.67
CA GLU D 339 -3.91 26.81 -49.35
C GLU D 339 -3.19 25.81 -48.45
N LEU D 340 -2.18 26.29 -47.72
CA LEU D 340 -1.50 25.44 -46.73
C LEU D 340 -2.46 24.88 -45.70
N VAL D 341 -3.41 25.70 -45.24
CA VAL D 341 -4.36 25.28 -44.23
C VAL D 341 -5.30 24.19 -44.75
N SER D 342 -5.48 24.08 -46.07
CA SER D 342 -6.38 23.09 -46.65
C SER D 342 -5.78 21.69 -46.74
N LEU D 343 -4.53 21.52 -46.38
CA LEU D 343 -3.84 20.26 -46.62
C LEU D 343 -4.00 19.29 -45.44
N PRO D 344 -4.01 17.99 -45.69
CA PRO D 344 -4.14 17.02 -44.58
C PRO D 344 -2.83 16.78 -43.86
N ASN D 345 -2.94 16.58 -42.55
CA ASN D 345 -1.82 16.13 -41.71
C ASN D 345 -0.67 17.15 -41.70
N ILE D 346 -0.99 18.44 -41.61
CA ILE D 346 0.00 19.47 -41.38
C ILE D 346 -0.26 20.12 -40.03
N ILE D 347 0.77 20.14 -39.19
CA ILE D 347 0.69 20.77 -37.88
C ILE D 347 1.26 22.17 -37.99
N LEU D 348 0.50 23.16 -37.56
CA LEU D 348 0.91 24.56 -37.62
C LEU D 348 0.92 25.13 -36.21
N THR D 349 2.05 25.69 -35.80
CA THR D 349 2.12 26.26 -34.46
C THR D 349 2.67 27.68 -34.52
N PRO D 350 2.16 28.57 -33.66
CA PRO D 350 2.52 30.00 -33.71
C PRO D 350 3.86 30.31 -33.05
N HIS D 351 4.92 29.66 -33.53
CA HIS D 351 6.29 29.90 -33.07
C HIS D 351 6.41 29.67 -31.56
N ILE D 352 5.88 28.53 -31.11
CA ILE D 352 5.85 28.19 -29.68
C ILE D 352 6.98 27.23 -29.31
N GLY D 353 7.99 27.08 -30.17
CA GLY D 353 9.08 26.17 -29.88
C GLY D 353 9.73 26.38 -28.53
N GLY D 354 9.77 27.62 -28.06
CA GLY D 354 10.34 27.93 -26.77
C GLY D 354 9.33 28.43 -25.76
N SER D 355 8.05 28.23 -26.06
CA SER D 355 6.97 28.76 -25.23
C SER D 355 6.59 27.74 -24.15
N THR D 356 7.48 27.58 -23.17
CA THR D 356 7.20 26.77 -21.99
C THR D 356 7.60 27.55 -20.74
N GLU D 357 6.91 27.24 -19.63
CA GLU D 357 7.24 27.85 -18.34
C GLU D 357 8.70 27.61 -17.98
N GLU D 358 9.20 26.40 -18.22
CA GLU D 358 10.60 26.10 -17.91
C GLU D 358 11.54 26.95 -18.76
N ALA D 359 11.32 27.01 -20.07
CA ALA D 359 12.19 27.80 -20.93
C ALA D 359 12.17 29.27 -20.52
N GLN D 360 10.98 29.84 -20.36
CA GLN D 360 10.90 31.24 -19.95
C GLN D 360 11.50 31.46 -18.57
N SER D 361 11.40 30.48 -17.67
CA SER D 361 12.03 30.61 -16.36
C SER D 361 13.55 30.60 -16.49
N SER D 362 14.07 29.72 -17.34
CA SER D 362 15.51 29.70 -17.57
C SER D 362 15.99 30.99 -18.23
N ILE D 363 15.23 31.49 -19.21
CA ILE D 363 15.54 32.79 -19.82
C ILE D 363 15.50 33.89 -18.75
N GLY D 364 14.45 33.88 -17.94
CA GLY D 364 14.38 34.81 -16.83
C GLY D 364 15.62 34.77 -15.96
N ILE D 365 16.03 33.57 -15.54
CA ILE D 365 17.19 33.45 -14.68
C ILE D 365 18.47 33.89 -15.42
N GLU D 366 18.65 33.40 -16.65
CA GLU D 366 19.89 33.68 -17.36
C GLU D 366 20.11 35.17 -17.54
N VAL D 367 19.13 35.86 -18.13
CA VAL D 367 19.39 37.24 -18.52
C VAL D 367 19.39 38.17 -17.30
N ALA D 368 18.46 37.95 -16.37
CA ALA D 368 18.45 38.79 -15.17
C ALA D 368 19.75 38.65 -14.40
N THR D 369 20.26 37.42 -14.27
CA THR D 369 21.56 37.23 -13.64
C THR D 369 22.65 37.98 -14.39
N ALA D 370 22.64 37.90 -15.72
CA ALA D 370 23.65 38.59 -16.50
C ALA D 370 23.58 40.09 -16.26
N LEU D 371 22.38 40.68 -16.37
CA LEU D 371 22.24 42.11 -16.15
C LEU D 371 22.63 42.49 -14.73
N SER D 372 22.25 41.66 -13.75
CA SER D 372 22.59 41.96 -12.37
C SER D 372 24.10 41.92 -12.14
N LYS D 373 24.78 40.92 -12.70
CA LYS D 373 26.23 40.83 -12.55
C LYS D 373 26.94 41.96 -13.31
N TYR D 374 26.35 42.44 -14.40
CA TYR D 374 26.95 43.58 -15.09
C TYR D 374 26.76 44.86 -14.29
N ILE D 375 25.61 45.01 -13.64
CA ILE D 375 25.37 46.17 -12.80
C ILE D 375 26.17 46.09 -11.50
N ASN D 376 26.03 44.97 -10.78
CA ASN D 376 26.61 44.88 -9.45
C ASN D 376 28.11 44.67 -9.48
N GLU D 377 28.61 44.12 -10.59
CA GLU D 377 30.01 43.83 -10.83
C GLU D 377 30.34 44.39 -12.21
N GLY D 378 31.55 44.21 -12.67
CA GLY D 378 31.77 44.71 -14.01
C GLY D 378 31.41 43.75 -15.12
N ASN D 379 30.88 42.59 -14.76
CA ASN D 379 30.90 41.42 -15.63
C ASN D 379 30.07 41.63 -16.91
N SER D 380 30.76 41.65 -18.04
CA SER D 380 30.15 41.78 -19.37
C SER D 380 30.30 40.53 -20.22
N VAL D 381 30.73 39.41 -19.64
CA VAL D 381 30.88 38.19 -20.43
C VAL D 381 29.52 37.77 -20.97
N GLY D 382 29.50 37.35 -22.24
CA GLY D 382 28.29 36.93 -22.91
C GLY D 382 27.48 38.03 -23.56
N SER D 383 27.94 39.28 -23.50
CA SER D 383 27.25 40.37 -24.17
C SER D 383 27.44 40.30 -25.68
N VAL D 384 26.41 40.73 -26.41
CA VAL D 384 26.42 40.59 -27.87
C VAL D 384 27.04 41.76 -28.61
N ASN D 385 27.27 42.91 -27.94
CA ASN D 385 27.77 44.10 -28.63
C ASN D 385 28.94 44.75 -27.89
N PHE D 386 29.64 44.03 -27.04
CA PHE D 386 30.40 44.71 -26.02
C PHE D 386 31.63 43.88 -25.75
N PRO D 387 32.74 44.49 -25.34
CA PRO D 387 33.90 43.70 -24.91
C PRO D 387 33.52 42.80 -23.74
N GLU D 388 33.94 41.54 -23.81
CA GLU D 388 33.68 40.58 -22.74
C GLU D 388 34.81 40.67 -21.72
N VAL D 389 34.49 41.23 -20.55
CA VAL D 389 35.48 41.58 -19.54
C VAL D 389 34.88 41.25 -18.18
N SER D 390 35.71 40.70 -17.29
CA SER D 390 35.29 40.40 -15.93
C SER D 390 36.53 40.14 -15.09
N LEU D 391 36.33 40.16 -13.78
CA LEU D 391 37.39 39.86 -12.82
C LEU D 391 36.80 39.10 -11.65
N LYS D 392 37.63 38.28 -10.99
CA LYS D 392 37.16 37.60 -9.80
C LYS D 392 36.71 38.61 -8.75
N SER D 393 35.57 38.33 -8.12
CA SER D 393 35.04 39.25 -7.12
C SER D 393 35.96 39.29 -5.90
N LEU D 394 35.77 40.33 -5.09
CA LEU D 394 36.66 40.62 -3.96
C LEU D 394 36.16 40.01 -2.66
N ASP D 395 37.10 39.54 -1.85
CA ASP D 395 36.84 38.98 -0.54
C ASP D 395 36.28 40.04 0.42
N TYR D 396 35.18 39.69 1.10
CA TYR D 396 34.62 40.47 2.20
C TYR D 396 35.65 41.28 2.98
N ASP D 397 36.80 40.68 3.31
CA ASP D 397 37.80 41.33 4.15
C ASP D 397 38.66 42.34 3.41
N GLN D 398 38.56 42.42 2.08
CA GLN D 398 39.33 43.39 1.31
C GLN D 398 38.65 44.76 1.42
N GLU D 399 38.94 45.45 2.52
CA GLU D 399 38.31 46.72 2.79
C GLU D 399 39.01 47.85 2.02
N ASN D 400 38.28 48.98 1.90
CA ASN D 400 38.75 50.17 1.17
C ASN D 400 39.18 49.85 -0.26
N THR D 401 38.63 48.80 -0.85
CA THR D 401 38.92 48.44 -2.24
C THR D 401 37.81 48.92 -3.15
N VAL D 402 38.18 49.52 -4.28
CA VAL D 402 37.25 50.13 -5.23
C VAL D 402 37.45 49.49 -6.60
N ARG D 403 36.36 49.29 -7.35
CA ARG D 403 36.43 48.72 -8.69
C ARG D 403 36.11 49.78 -9.74
N VAL D 404 37.05 50.01 -10.65
CA VAL D 404 36.91 51.02 -11.70
C VAL D 404 36.32 50.37 -12.95
N LEU D 405 35.22 50.92 -13.45
CA LEU D 405 34.57 50.46 -14.66
C LEU D 405 34.59 51.60 -15.68
N TYR D 406 35.43 51.48 -16.71
CA TYR D 406 35.76 52.60 -17.58
C TYR D 406 35.44 52.24 -19.03
N ILE D 407 34.30 52.72 -19.52
CA ILE D 407 33.97 52.57 -20.93
C ILE D 407 34.63 53.72 -21.69
N HIS D 408 35.25 53.43 -22.83
CA HIS D 408 36.04 54.46 -23.49
C HIS D 408 36.21 54.13 -24.96
N ARG D 409 36.78 55.09 -25.70
CA ARG D 409 37.04 54.93 -27.12
C ARG D 409 38.35 54.19 -27.32
N ASN D 410 38.38 53.31 -28.31
CA ASN D 410 39.54 52.43 -28.55
C ASN D 410 40.60 53.18 -29.36
N VAL D 411 41.30 54.09 -28.69
CA VAL D 411 42.34 54.88 -29.32
C VAL D 411 43.56 54.86 -28.42
N PRO D 412 44.77 55.00 -28.97
CA PRO D 412 45.97 54.88 -28.13
C PRO D 412 46.00 55.94 -27.03
N GLY D 413 46.71 55.62 -25.95
CA GLY D 413 46.97 56.56 -24.88
C GLY D 413 45.98 56.55 -23.74
N VAL D 414 44.85 55.85 -23.88
CA VAL D 414 43.81 55.91 -22.86
C VAL D 414 44.27 55.26 -21.56
N LEU D 415 44.88 54.08 -21.65
CA LEU D 415 45.35 53.40 -20.45
C LEU D 415 46.49 54.17 -19.78
N LYS D 416 47.37 54.79 -20.57
CA LYS D 416 48.35 55.73 -20.04
C LYS D 416 47.69 56.75 -19.11
N THR D 417 46.62 57.37 -19.59
CA THR D 417 45.89 58.35 -18.80
C THR D 417 45.37 57.73 -17.51
N VAL D 418 44.69 56.57 -17.62
CA VAL D 418 43.94 56.01 -16.50
C VAL D 418 44.87 55.53 -15.39
N ASN D 419 45.93 54.77 -15.74
CA ASN D 419 46.83 54.29 -14.70
C ASN D 419 47.65 55.42 -14.09
N ASP D 420 47.84 56.52 -14.81
CA ASP D 420 48.33 57.73 -14.16
C ASP D 420 47.36 58.18 -13.08
N ILE D 421 46.09 58.35 -13.42
CA ILE D 421 45.09 58.80 -12.46
C ILE D 421 45.04 57.87 -11.24
N LEU D 422 45.27 56.58 -11.44
CA LEU D 422 45.21 55.61 -10.35
C LEU D 422 46.57 55.34 -9.73
N SER D 423 47.60 56.12 -10.09
CA SER D 423 48.96 55.71 -9.76
C SER D 423 49.26 55.82 -8.27
N ASP D 424 48.48 56.57 -7.52
CA ASP D 424 48.73 56.66 -6.09
C ASP D 424 48.19 55.47 -5.34
N HIS D 425 47.47 54.59 -6.01
CA HIS D 425 46.87 53.42 -5.39
C HIS D 425 47.40 52.17 -6.08
N ASN D 426 47.43 51.07 -5.35
CA ASN D 426 47.90 49.82 -5.91
C ASN D 426 46.82 49.22 -6.79
N ILE D 427 47.17 48.91 -8.04
CA ILE D 427 46.28 48.18 -8.92
C ILE D 427 46.42 46.71 -8.58
N GLU D 428 45.41 46.15 -7.92
CA GLU D 428 45.44 44.72 -7.60
C GLU D 428 45.25 43.88 -8.86
N LYS D 429 44.20 44.19 -9.63
CA LYS D 429 43.89 43.50 -10.87
C LYS D 429 43.43 44.51 -11.90
N GLN D 430 43.75 44.25 -13.17
CA GLN D 430 43.24 45.10 -14.23
C GLN D 430 43.01 44.26 -15.48
N PHE D 431 41.93 44.55 -16.19
CA PHE D 431 41.65 43.89 -17.46
C PHE D 431 40.91 44.88 -18.36
N SER D 432 41.41 45.03 -19.58
CA SER D 432 40.79 45.88 -20.58
C SER D 432 40.77 45.14 -21.91
N ASP D 433 39.63 45.22 -22.60
CA ASP D 433 39.52 44.62 -23.92
C ASP D 433 38.74 45.57 -24.82
N SER D 434 38.97 45.45 -26.12
CA SER D 434 38.41 46.34 -27.10
C SER D 434 37.50 45.56 -28.05
N HIS D 435 36.47 46.25 -28.56
CA HIS D 435 35.47 45.67 -29.46
C HIS D 435 35.10 46.75 -30.47
N GLY D 436 35.77 46.72 -31.62
CA GLY D 436 35.52 47.75 -32.61
C GLY D 436 35.99 49.11 -32.11
N GLU D 437 35.09 50.09 -32.17
CA GLU D 437 35.44 51.46 -31.81
C GLU D 437 35.39 51.72 -30.31
N ILE D 438 34.86 50.80 -29.51
CA ILE D 438 34.82 50.97 -28.07
C ILE D 438 35.75 49.97 -27.40
N ALA D 439 36.06 50.26 -26.13
CA ALA D 439 36.87 49.37 -25.31
C ALA D 439 36.38 49.50 -23.88
N TYR D 440 36.80 48.56 -23.03
CA TYR D 440 36.24 48.49 -21.69
C TYR D 440 37.28 48.01 -20.70
N LEU D 441 37.50 48.84 -19.67
CA LEU D 441 38.55 48.68 -18.67
C LEU D 441 37.94 48.41 -17.32
N MET D 442 38.36 47.32 -16.69
CA MET D 442 37.99 46.97 -15.34
C MET D 442 39.26 46.95 -14.50
N ALA D 443 39.24 47.61 -13.35
CA ALA D 443 40.41 47.66 -12.50
C ALA D 443 40.01 47.69 -11.03
N ASP D 444 40.77 46.94 -10.22
CA ASP D 444 40.62 46.92 -8.77
C ASP D 444 41.80 47.64 -8.12
N ILE D 445 41.51 48.67 -7.33
CA ILE D 445 42.47 49.50 -6.64
C ILE D 445 42.27 49.30 -5.15
N SER D 446 43.38 49.34 -4.39
CA SER D 446 43.45 48.68 -3.08
C SER D 446 43.15 49.56 -1.88
N SER D 447 43.83 50.70 -1.71
CA SER D 447 43.68 51.49 -0.48
C SER D 447 43.06 52.85 -0.77
N VAL D 448 41.73 52.88 -0.88
CA VAL D 448 41.02 54.09 -1.25
C VAL D 448 39.98 54.43 -0.18
N ASN D 449 40.00 55.69 0.26
CA ASN D 449 39.04 56.21 1.24
C ASN D 449 37.99 57.06 0.54
N GLN D 450 36.96 57.44 1.33
CA GLN D 450 35.81 58.16 0.77
C GLN D 450 36.25 59.45 0.09
N SER D 451 37.22 60.15 0.68
CA SER D 451 37.71 61.38 0.07
C SER D 451 38.27 61.10 -1.32
N GLU D 452 39.04 60.04 -1.45
CA GLU D 452 39.78 59.77 -2.67
C GLU D 452 38.93 59.16 -3.77
N ILE D 453 37.70 58.71 -3.48
CA ILE D 453 36.84 58.18 -4.54
C ILE D 453 36.26 59.31 -5.39
N LYS D 454 35.74 60.37 -4.75
CA LYS D 454 35.14 61.46 -5.51
C LYS D 454 36.14 62.08 -6.46
N ASP D 455 37.40 62.19 -6.03
CA ASP D 455 38.44 62.74 -6.89
C ASP D 455 38.75 61.79 -8.04
N ILE D 456 38.92 60.50 -7.75
CA ILE D 456 39.16 59.52 -8.82
C ILE D 456 38.01 59.56 -9.82
N TYR D 457 36.78 59.72 -9.32
CA TYR D 457 35.64 59.76 -10.23
C TYR D 457 35.70 60.96 -11.16
N GLU D 458 35.91 62.16 -10.60
CA GLU D 458 35.89 63.36 -11.42
C GLU D 458 37.03 63.35 -12.45
N LYS D 459 38.21 62.87 -12.04
CA LYS D 459 39.32 62.76 -12.98
C LYS D 459 38.98 61.85 -14.15
N LEU D 460 38.50 60.63 -13.86
CA LEU D 460 38.10 59.73 -14.94
C LEU D 460 36.92 60.31 -15.73
N ASN D 461 36.01 60.99 -15.03
CA ASN D 461 34.87 61.59 -15.71
C ASN D 461 35.29 62.75 -16.62
N GLN D 462 36.49 63.29 -16.44
CA GLN D 462 36.99 64.41 -17.24
C GLN D 462 37.87 63.97 -18.41
N THR D 463 38.14 62.67 -18.55
CA THR D 463 39.04 62.19 -19.60
C THR D 463 38.43 62.33 -20.99
N SER D 464 39.33 62.48 -21.97
CA SER D 464 38.89 62.74 -23.34
C SER D 464 38.19 61.55 -23.97
N ALA D 465 38.65 60.35 -23.67
CA ALA D 465 38.14 59.15 -24.32
C ALA D 465 36.93 58.56 -23.62
N LYS D 466 36.50 59.13 -22.51
CA LYS D 466 35.42 58.55 -21.72
C LYS D 466 34.14 58.42 -22.54
N VAL D 467 33.51 57.25 -22.42
CA VAL D 467 32.14 57.03 -22.88
C VAL D 467 31.20 56.85 -21.68
N SER D 468 31.60 56.04 -20.70
CA SER D 468 30.84 55.83 -19.47
C SER D 468 31.80 55.43 -18.34
N ILE D 469 31.54 55.94 -17.14
CA ILE D 469 32.35 55.63 -15.98
C ILE D 469 31.44 55.28 -14.82
N ARG D 470 31.77 54.18 -14.15
CA ARG D 470 31.10 53.77 -12.91
C ARG D 470 32.18 53.30 -11.96
N LEU D 471 32.00 53.58 -10.68
CA LEU D 471 32.86 53.04 -9.63
C LEU D 471 32.03 52.20 -8.69
N LEU D 472 32.56 51.05 -8.29
CA LEU D 472 31.88 50.14 -7.37
C LEU D 472 32.65 50.13 -6.06
N TYR D 473 31.95 50.46 -4.97
CA TYR D 473 32.57 50.65 -3.66
C TYR D 473 32.18 49.54 -2.69
N PRO E 43 -36.77 -14.76 22.44
CA PRO E 43 -35.76 -14.90 23.50
C PRO E 43 -36.19 -15.90 24.56
N ARG E 44 -35.22 -16.40 25.34
CA ARG E 44 -35.53 -17.38 26.39
C ARG E 44 -36.55 -16.81 27.36
N ARG E 45 -37.55 -17.63 27.71
CA ARG E 45 -38.66 -17.20 28.56
C ARG E 45 -39.10 -18.35 29.46
N VAL E 46 -39.53 -18.01 30.67
CA VAL E 46 -39.98 -19.01 31.64
C VAL E 46 -41.35 -19.52 31.23
N SER E 47 -41.38 -20.58 30.41
CA SER E 47 -42.64 -21.13 29.89
C SER E 47 -43.57 -21.57 31.01
N ILE E 48 -44.70 -20.88 31.16
CA ILE E 48 -45.66 -21.19 32.21
C ILE E 48 -46.89 -21.84 31.59
N THR E 49 -46.87 -23.16 31.44
CA THR E 49 -48.02 -23.92 30.96
C THR E 49 -48.57 -24.81 32.07
N LYS E 50 -49.10 -25.98 31.71
CA LYS E 50 -49.54 -26.94 32.70
C LYS E 50 -48.34 -27.66 33.30
N GLN E 51 -48.36 -27.80 34.62
CA GLN E 51 -47.22 -28.37 35.32
C GLN E 51 -47.09 -29.86 35.01
N PRO E 52 -45.86 -30.37 34.95
CA PRO E 52 -45.66 -31.76 34.57
C PRO E 52 -45.95 -32.74 35.72
N LYS E 53 -46.19 -33.99 35.32
CA LYS E 53 -46.49 -35.08 36.23
C LYS E 53 -45.19 -35.82 36.52
N ALA E 54 -44.63 -35.56 37.70
CA ALA E 54 -43.39 -36.21 38.08
C ALA E 54 -43.60 -37.73 38.15
N LEU E 55 -42.67 -38.47 37.55
CA LEU E 55 -42.79 -39.91 37.42
C LEU E 55 -41.84 -40.59 38.40
N LYS E 56 -42.26 -41.73 38.94
CA LYS E 56 -41.47 -42.48 39.90
C LYS E 56 -41.35 -43.92 39.41
N PRO E 57 -40.17 -44.53 39.55
CA PRO E 57 -39.96 -45.87 38.98
C PRO E 57 -40.72 -46.95 39.75
N PHE E 58 -41.26 -47.90 38.99
CA PHE E 58 -42.00 -49.03 39.54
C PHE E 58 -41.08 -50.14 40.02
N SER E 59 -41.47 -50.78 41.13
CA SER E 59 -40.81 -51.97 41.67
C SER E 59 -39.37 -51.70 42.06
N THR E 60 -39.07 -50.48 42.52
CA THR E 60 -37.73 -50.15 42.92
C THR E 60 -37.74 -49.48 44.30
N GLY E 61 -36.59 -49.54 44.95
CA GLY E 61 -36.35 -48.84 46.19
C GLY E 61 -35.75 -47.48 45.88
N ASP E 62 -34.87 -47.02 46.75
CA ASP E 62 -34.19 -45.77 46.49
C ASP E 62 -33.13 -45.98 45.40
N MET E 63 -32.94 -44.95 44.57
CA MET E 63 -31.95 -45.01 43.51
C MET E 63 -30.56 -44.76 44.08
N ASN E 64 -29.59 -45.55 43.66
CA ASN E 64 -28.23 -45.48 44.18
C ASN E 64 -27.32 -44.84 43.14
N ILE E 65 -26.69 -43.73 43.48
CA ILE E 65 -25.74 -43.04 42.62
C ILE E 65 -24.34 -43.27 43.17
N LEU E 66 -23.43 -43.68 42.29
CA LEU E 66 -22.00 -43.80 42.61
C LEU E 66 -21.23 -42.79 41.78
N LEU E 67 -20.60 -41.83 42.45
CA LEU E 67 -19.82 -40.78 41.79
C LEU E 67 -18.35 -40.98 42.12
N LEU E 68 -17.52 -41.05 41.09
CA LEU E 68 -16.10 -41.26 41.28
C LEU E 68 -15.32 -40.07 40.75
N GLU E 69 -14.05 -39.98 41.17
CA GLU E 69 -13.07 -39.03 40.65
C GLU E 69 -13.43 -37.57 40.94
N ASN E 70 -14.15 -37.32 42.03
CA ASN E 70 -14.42 -35.97 42.53
C ASN E 70 -15.23 -35.16 41.51
N VAL E 71 -16.44 -35.65 41.24
CA VAL E 71 -17.38 -34.89 40.44
C VAL E 71 -17.78 -33.63 41.20
N ASN E 72 -18.09 -32.57 40.45
CA ASN E 72 -18.37 -31.29 41.09
C ASN E 72 -19.65 -31.34 41.93
N ALA E 73 -19.72 -30.46 42.94
CA ALA E 73 -20.79 -30.48 43.91
C ALA E 73 -22.15 -30.18 43.31
N THR E 74 -22.20 -29.47 42.17
CA THR E 74 -23.49 -29.20 41.54
C THR E 74 -24.20 -30.48 41.15
N ALA E 75 -23.43 -31.51 40.76
CA ALA E 75 -24.04 -32.80 40.42
C ALA E 75 -24.62 -33.47 41.66
N ILE E 76 -23.90 -33.41 42.78
CA ILE E 76 -24.40 -34.01 44.01
C ILE E 76 -25.71 -33.35 44.44
N LYS E 77 -25.79 -32.01 44.37
CA LYS E 77 -27.01 -31.32 44.77
C LYS E 77 -28.19 -31.71 43.89
N ILE E 78 -27.99 -31.74 42.57
CA ILE E 78 -29.06 -32.13 41.66
C ILE E 78 -29.51 -33.56 41.94
N PHE E 79 -28.55 -34.46 42.13
CA PHE E 79 -28.87 -35.87 42.39
C PHE E 79 -29.64 -36.02 43.69
N LYS E 80 -29.16 -35.39 44.77
CA LYS E 80 -29.87 -35.50 46.05
C LYS E 80 -31.27 -34.90 45.95
N ASP E 81 -31.41 -33.79 45.22
CA ASP E 81 -32.73 -33.20 45.07
C ASP E 81 -33.70 -34.11 44.34
N GLN E 82 -33.22 -35.16 43.69
CA GLN E 82 -34.08 -36.15 43.04
C GLN E 82 -34.52 -37.26 43.99
N GLY E 83 -34.08 -37.22 45.25
CA GLY E 83 -34.28 -38.31 46.17
C GLY E 83 -33.32 -39.47 46.03
N TYR E 84 -32.27 -39.32 45.22
CA TYR E 84 -31.32 -40.40 45.02
C TYR E 84 -30.40 -40.51 46.23
N GLN E 85 -29.79 -41.68 46.39
CA GLN E 85 -28.77 -41.91 47.40
C GLN E 85 -27.42 -41.80 46.69
N VAL E 86 -26.58 -40.88 47.15
CA VAL E 86 -25.34 -40.53 46.46
C VAL E 86 -24.17 -41.02 47.30
N GLU E 87 -23.32 -41.85 46.70
CA GLU E 87 -22.03 -42.19 47.28
C GLU E 87 -20.97 -41.42 46.52
N PHE E 88 -20.14 -40.68 47.26
CA PHE E 88 -19.16 -39.77 46.67
C PHE E 88 -17.74 -40.17 47.04
N HIS E 89 -16.86 -40.12 46.03
CA HIS E 89 -15.44 -40.41 46.21
C HIS E 89 -14.61 -39.38 45.45
N LYS E 90 -13.49 -38.98 46.04
CA LYS E 90 -12.61 -38.01 45.39
C LYS E 90 -11.69 -38.64 44.35
N SER E 91 -11.40 -39.93 44.47
CA SER E 91 -10.53 -40.62 43.54
C SER E 91 -11.31 -41.75 42.88
N SER E 92 -10.64 -42.49 42.00
CA SER E 92 -11.24 -43.65 41.36
C SER E 92 -11.26 -44.81 42.36
N LEU E 93 -11.66 -45.99 41.91
CA LEU E 93 -11.63 -47.15 42.78
C LEU E 93 -10.84 -48.27 42.11
N PRO E 94 -10.09 -49.05 42.88
CA PRO E 94 -9.45 -50.24 42.32
C PRO E 94 -10.50 -51.24 41.84
N GLU E 95 -10.10 -52.06 40.87
CA GLU E 95 -11.05 -52.96 40.22
C GLU E 95 -11.78 -53.82 41.23
N ASP E 96 -11.09 -54.26 42.29
CA ASP E 96 -11.74 -55.12 43.27
C ASP E 96 -12.86 -54.39 44.00
N GLU E 97 -12.58 -53.22 44.57
CA GLU E 97 -13.60 -52.49 45.31
C GLU E 97 -14.73 -52.02 44.40
N LEU E 98 -14.42 -51.69 43.14
CA LEU E 98 -15.45 -51.15 42.24
C LEU E 98 -16.46 -52.23 41.83
N ILE E 99 -15.98 -53.45 41.57
CA ILE E 99 -16.89 -54.54 41.24
C ILE E 99 -17.85 -54.81 42.38
N GLU E 100 -17.36 -54.72 43.62
CA GLU E 100 -18.24 -54.90 44.77
C GLU E 100 -19.29 -53.80 44.86
N LYS E 101 -18.88 -52.54 44.63
CA LYS E 101 -19.79 -51.40 44.79
C LYS E 101 -20.79 -51.30 43.64
N ILE E 102 -20.45 -51.81 42.46
CA ILE E 102 -21.28 -51.57 41.28
C ILE E 102 -22.43 -52.58 41.14
N LYS E 103 -22.42 -53.67 41.91
CA LYS E 103 -23.45 -54.69 41.72
C LYS E 103 -24.84 -54.17 42.06
N ASP E 104 -24.94 -53.20 42.98
CA ASP E 104 -26.24 -52.71 43.44
C ASP E 104 -26.45 -51.24 43.13
N VAL E 105 -25.69 -50.67 42.19
CA VAL E 105 -25.78 -49.25 41.88
C VAL E 105 -26.62 -49.06 40.64
N HIS E 106 -27.44 -48.00 40.63
CA HIS E 106 -28.35 -47.71 39.54
C HIS E 106 -27.74 -46.76 38.50
N ALA E 107 -26.93 -45.81 38.95
CA ALA E 107 -26.26 -44.87 38.05
C ALA E 107 -24.86 -44.60 38.58
N ILE E 108 -23.89 -44.51 37.68
CA ILE E 108 -22.49 -44.26 38.03
C ILE E 108 -22.02 -43.00 37.35
N GLY E 109 -21.36 -42.14 38.11
CA GLY E 109 -20.72 -40.97 37.54
C GLY E 109 -19.23 -41.09 37.63
N ILE E 110 -18.54 -40.97 36.49
CA ILE E 110 -17.09 -41.09 36.43
C ILE E 110 -16.54 -39.90 35.65
N ARG E 111 -15.22 -39.88 35.51
CA ARG E 111 -14.53 -38.94 34.64
C ARG E 111 -13.53 -39.73 33.80
N SER E 112 -12.34 -39.18 33.54
CA SER E 112 -11.47 -39.78 32.54
C SER E 112 -10.79 -41.05 33.03
N LYS E 113 -10.50 -41.16 34.33
CA LYS E 113 -9.62 -42.21 34.84
C LYS E 113 -10.33 -43.55 35.03
N THR E 114 -11.59 -43.57 35.46
CA THR E 114 -12.27 -44.84 35.72
C THR E 114 -12.54 -45.56 34.41
N ARG E 115 -12.01 -46.77 34.27
CA ARG E 115 -12.19 -47.59 33.08
C ARG E 115 -13.34 -48.54 33.35
N LEU E 116 -14.46 -48.34 32.67
CA LEU E 116 -15.64 -49.19 32.81
C LEU E 116 -15.63 -50.20 31.67
N THR E 117 -14.93 -51.31 31.88
CA THR E 117 -14.85 -52.34 30.88
C THR E 117 -15.92 -53.41 31.11
N GLU E 118 -16.04 -54.34 30.16
CA GLU E 118 -16.96 -55.46 30.32
C GLU E 118 -16.67 -56.24 31.60
N LYS E 119 -15.39 -56.33 31.99
CA LYS E 119 -15.04 -57.03 33.22
C LYS E 119 -15.82 -56.50 34.42
N ILE E 120 -15.89 -55.17 34.55
CA ILE E 120 -16.57 -54.60 35.71
C ILE E 120 -18.05 -54.35 35.44
N LEU E 121 -18.44 -54.05 34.20
CA LEU E 121 -19.84 -53.77 33.91
C LEU E 121 -20.71 -55.03 33.88
N GLN E 122 -20.13 -56.20 33.64
CA GLN E 122 -20.94 -57.42 33.62
C GLN E 122 -21.62 -57.65 34.97
N HIS E 123 -21.06 -57.14 36.06
CA HIS E 123 -21.64 -57.30 37.39
C HIS E 123 -22.71 -56.26 37.70
N ALA E 124 -22.93 -55.29 36.81
CA ALA E 124 -23.83 -54.18 37.07
C ALA E 124 -25.24 -54.61 36.69
N ARG E 125 -25.91 -55.26 37.64
CA ARG E 125 -27.24 -55.80 37.38
C ARG E 125 -28.27 -54.69 37.19
N ASN E 126 -28.18 -53.64 38.01
CA ASN E 126 -29.22 -52.63 38.11
C ASN E 126 -28.81 -51.30 37.49
N LEU E 127 -27.68 -51.25 36.79
CA LEU E 127 -27.14 -49.98 36.29
C LEU E 127 -27.99 -49.49 35.14
N VAL E 128 -28.59 -48.30 35.30
CA VAL E 128 -29.48 -47.78 34.26
C VAL E 128 -28.72 -46.88 33.28
N CYS E 129 -27.74 -46.11 33.76
CA CYS E 129 -27.04 -45.14 32.92
C CYS E 129 -25.67 -44.79 33.52
N ILE E 130 -24.79 -44.28 32.66
CA ILE E 130 -23.44 -43.88 33.01
C ILE E 130 -23.25 -42.41 32.65
N GLY E 131 -22.74 -41.62 33.60
CA GLY E 131 -22.39 -40.25 33.34
C GLY E 131 -20.89 -40.04 33.22
N CYS E 132 -20.45 -39.51 32.09
CA CYS E 132 -19.05 -39.12 31.91
C CYS E 132 -18.95 -37.61 32.17
N PHE E 133 -18.43 -37.26 33.35
CA PHE E 133 -18.32 -35.86 33.75
C PHE E 133 -17.03 -35.27 33.20
N CYS E 134 -16.96 -35.33 31.88
CA CYS E 134 -15.82 -34.94 31.05
C CYS E 134 -16.26 -35.06 29.61
N ILE E 135 -15.31 -34.96 28.69
CA ILE E 135 -15.58 -35.11 27.26
C ILE E 135 -15.39 -36.55 26.80
N GLY E 136 -14.31 -37.20 27.24
CA GLY E 136 -13.96 -38.50 26.69
C GLY E 136 -14.87 -39.61 27.19
N THR E 137 -15.18 -40.54 26.28
CA THR E 137 -15.95 -41.73 26.61
C THR E 137 -15.18 -43.02 26.35
N ASN E 138 -13.91 -42.91 25.92
CA ASN E 138 -13.10 -44.08 25.61
C ASN E 138 -12.88 -44.96 26.84
N GLN E 139 -12.96 -44.36 28.04
CA GLN E 139 -12.81 -45.13 29.27
C GLN E 139 -14.01 -46.02 29.55
N VAL E 140 -15.05 -45.98 28.73
CA VAL E 140 -16.23 -46.79 28.90
C VAL E 140 -16.41 -47.67 27.68
N ASP E 141 -16.70 -48.95 27.90
CA ASP E 141 -17.00 -49.83 26.80
C ASP E 141 -18.40 -49.54 26.26
N LEU E 142 -18.51 -48.59 25.34
CA LEU E 142 -19.84 -48.13 24.92
C LEU E 142 -20.63 -49.25 24.27
N LYS E 143 -19.98 -50.06 23.43
CA LYS E 143 -20.68 -51.12 22.73
C LYS E 143 -21.25 -52.15 23.70
N TYR E 144 -20.43 -52.62 24.64
CA TYR E 144 -20.93 -53.56 25.62
C TYR E 144 -22.05 -52.95 26.44
N ALA E 145 -21.84 -51.71 26.92
CA ALA E 145 -22.86 -51.03 27.73
C ALA E 145 -24.18 -50.92 26.97
N ALA E 146 -24.12 -50.64 25.68
CA ALA E 146 -25.35 -50.56 24.89
C ALA E 146 -26.05 -51.92 24.80
N SER E 147 -25.28 -53.00 24.59
CA SER E 147 -25.89 -54.32 24.46
C SER E 147 -26.61 -54.75 25.74
N LYS E 148 -26.25 -54.19 26.89
CA LYS E 148 -26.95 -54.46 28.13
C LYS E 148 -27.92 -53.36 28.52
N GLY E 149 -28.20 -52.42 27.62
CA GLY E 149 -29.16 -51.36 27.86
C GLY E 149 -28.73 -50.26 28.82
N ILE E 150 -27.46 -49.88 28.79
CA ILE E 150 -26.95 -48.84 29.67
C ILE E 150 -26.61 -47.65 28.80
N ALA E 151 -27.37 -46.57 28.95
CA ALA E 151 -27.12 -45.37 28.18
C ALA E 151 -25.98 -44.58 28.81
N VAL E 152 -25.16 -43.95 27.97
CA VAL E 152 -24.01 -43.20 28.44
C VAL E 152 -24.15 -41.75 27.99
N PHE E 153 -23.79 -40.84 28.90
CA PHE E 153 -23.88 -39.41 28.65
C PHE E 153 -22.54 -38.76 28.98
N ASN E 154 -22.22 -37.66 28.31
CA ASN E 154 -21.01 -36.91 28.61
C ASN E 154 -21.31 -35.41 28.52
N SER E 155 -20.27 -34.59 28.74
CA SER E 155 -20.33 -33.14 28.60
C SER E 155 -19.31 -32.76 27.54
N PRO E 156 -19.73 -32.66 26.28
CA PRO E 156 -18.75 -32.42 25.21
C PRO E 156 -18.25 -30.98 25.10
N PHE E 157 -19.12 -29.99 25.29
CA PHE E 157 -18.78 -28.61 24.92
C PHE E 157 -18.80 -27.66 26.12
N SER E 158 -18.76 -28.19 27.33
CA SER E 158 -18.87 -27.36 28.51
C SER E 158 -17.61 -26.54 28.77
N ASN E 159 -16.51 -26.81 28.06
CA ASN E 159 -15.25 -26.14 28.35
C ASN E 159 -14.92 -25.05 27.35
N SER E 160 -15.85 -24.68 26.46
CA SER E 160 -15.52 -23.79 25.35
C SER E 160 -15.01 -22.44 25.83
N ARG E 161 -15.76 -21.78 26.73
CA ARG E 161 -15.34 -20.46 27.20
C ARG E 161 -13.97 -20.51 27.86
N SER E 162 -13.73 -21.56 28.65
CA SER E 162 -12.49 -21.65 29.41
C SER E 162 -11.28 -21.80 28.49
N VAL E 163 -11.42 -22.60 27.43
CA VAL E 163 -10.34 -22.71 26.47
C VAL E 163 -10.17 -21.40 25.70
N ALA E 164 -11.28 -20.72 25.38
CA ALA E 164 -11.18 -19.48 24.62
C ALA E 164 -10.44 -18.40 25.41
N GLU E 165 -10.81 -18.22 26.67
CA GLU E 165 -10.09 -17.21 27.46
C GLU E 165 -8.63 -17.59 27.59
N LEU E 166 -8.33 -18.88 27.73
CA LEU E 166 -6.95 -19.33 27.81
C LEU E 166 -6.13 -18.79 26.63
N VAL E 167 -6.69 -18.88 25.43
CA VAL E 167 -5.96 -18.44 24.25
C VAL E 167 -5.74 -16.92 24.28
N ILE E 168 -6.77 -16.15 24.67
CA ILE E 168 -6.61 -14.70 24.80
C ILE E 168 -5.48 -14.38 25.77
N GLY E 169 -5.51 -15.01 26.95
CA GLY E 169 -4.45 -14.78 27.92
C GLY E 169 -3.09 -15.18 27.41
N GLU E 170 -3.02 -16.25 26.63
CA GLU E 170 -1.74 -16.74 26.12
C GLU E 170 -1.26 -15.96 24.91
N ILE E 171 -2.18 -15.45 24.07
CA ILE E 171 -1.78 -14.56 22.98
C ILE E 171 -1.02 -13.36 23.54
N ILE E 172 -1.56 -12.77 24.61
CA ILE E 172 -0.94 -11.58 25.18
C ILE E 172 0.39 -11.93 25.83
N SER E 173 0.44 -13.03 26.57
CA SER E 173 1.68 -13.42 27.24
C SER E 173 2.77 -13.73 26.23
N LEU E 174 2.44 -14.44 25.15
CA LEU E 174 3.43 -14.70 24.12
C LEU E 174 3.85 -13.40 23.44
N ALA E 175 2.88 -12.52 23.16
CA ALA E 175 3.18 -11.26 22.51
C ALA E 175 4.03 -10.34 23.37
N ARG E 176 4.00 -10.51 24.68
CA ARG E 176 4.73 -9.65 25.59
C ARG E 176 5.83 -10.37 26.33
N GLN E 177 5.96 -11.68 26.12
CA GLN E 177 6.97 -12.50 26.79
C GLN E 177 6.84 -12.42 28.30
N LEU E 178 5.59 -12.46 28.80
CA LEU E 178 5.36 -12.39 30.25
C LEU E 178 6.02 -13.54 31.00
N GLY E 179 5.84 -14.76 30.50
CA GLY E 179 6.44 -15.92 31.16
C GLY E 179 7.93 -15.74 31.41
N ASP E 180 8.68 -15.36 30.37
CA ASP E 180 10.12 -15.17 30.51
C ASP E 180 10.43 -14.01 31.44
N ARG E 181 9.79 -12.86 31.23
CA ARG E 181 10.06 -11.71 32.08
C ARG E 181 9.89 -12.06 33.56
N SER E 182 8.84 -12.82 33.88
CA SER E 182 8.53 -13.13 35.27
C SER E 182 9.46 -14.18 35.84
N ILE E 183 9.86 -15.18 35.05
CA ILE E 183 10.85 -16.13 35.54
C ILE E 183 12.15 -15.40 35.84
N GLU E 184 12.49 -14.41 35.02
CA GLU E 184 13.72 -13.67 35.20
C GLU E 184 13.72 -12.93 36.55
N LEU E 185 12.62 -12.25 36.87
CA LEU E 185 12.57 -11.53 38.14
C LEU E 185 12.49 -12.50 39.32
N HIS E 186 11.79 -13.63 39.17
CA HIS E 186 11.77 -14.63 40.21
C HIS E 186 13.16 -15.21 40.50
N THR E 187 14.11 -15.01 39.59
CA THR E 187 15.48 -15.43 39.81
C THR E 187 16.43 -14.22 39.86
N GLY E 188 15.87 -13.03 40.07
CA GLY E 188 16.64 -11.83 40.28
C GLY E 188 16.94 -11.01 39.05
N THR E 189 16.73 -11.56 37.86
CA THR E 189 17.15 -10.88 36.63
C THR E 189 16.12 -9.83 36.21
N TRP E 190 16.61 -8.61 36.01
CA TRP E 190 15.79 -7.50 35.51
C TRP E 190 16.08 -7.33 34.02
N ASN E 191 15.07 -7.53 33.19
CA ASN E 191 15.30 -7.54 31.74
C ASN E 191 14.12 -6.82 31.05
N LYS E 192 14.13 -5.49 31.11
CA LYS E 192 13.15 -4.70 30.40
C LYS E 192 13.40 -4.82 28.90
N VAL E 193 12.45 -5.43 28.18
CA VAL E 193 12.59 -5.65 26.74
C VAL E 193 11.34 -5.15 26.03
N ALA E 194 11.53 -4.25 25.06
CA ALA E 194 10.46 -3.91 24.13
C ALA E 194 10.69 -4.51 22.75
N ALA E 195 11.90 -4.94 22.47
CA ALA E 195 12.23 -5.49 21.15
C ALA E 195 11.37 -6.70 20.88
N ARG E 196 10.59 -6.66 19.80
CA ARG E 196 9.84 -7.82 19.33
C ARG E 196 8.74 -8.25 20.29
N CYS E 197 8.34 -7.34 21.19
CA CYS E 197 7.10 -7.47 21.96
C CYS E 197 6.00 -6.60 21.34
N TRP E 198 4.78 -7.12 21.34
CA TRP E 198 3.74 -6.59 20.47
C TRP E 198 2.52 -6.17 21.26
N GLU E 199 1.94 -5.04 20.86
CA GLU E 199 0.53 -4.83 21.12
C GLU E 199 -0.24 -5.85 20.30
N VAL E 200 -1.21 -6.51 20.93
CA VAL E 200 -1.96 -7.51 20.20
C VAL E 200 -2.96 -6.85 19.26
N ARG E 201 -3.35 -5.60 19.53
CA ARG E 201 -4.24 -4.87 18.63
C ARG E 201 -3.60 -4.70 17.27
N GLY E 202 -4.36 -5.05 16.21
CA GLY E 202 -3.87 -4.94 14.85
C GLY E 202 -3.25 -6.19 14.28
N LYS E 203 -2.96 -7.20 15.09
CA LYS E 203 -2.41 -8.44 14.60
C LYS E 203 -3.55 -9.33 14.08
N THR E 204 -3.17 -10.43 13.44
CA THR E 204 -4.13 -11.36 12.85
C THR E 204 -4.05 -12.70 13.56
N LEU E 205 -5.19 -13.16 14.06
CA LEU E 205 -5.31 -14.47 14.68
C LEU E 205 -5.76 -15.47 13.60
N GLY E 206 -5.00 -16.53 13.41
CA GLY E 206 -5.42 -17.63 12.56
C GLY E 206 -6.00 -18.76 13.37
N ILE E 207 -7.32 -18.96 13.28
CA ILE E 207 -8.01 -20.02 14.01
C ILE E 207 -8.22 -21.21 13.08
N ILE E 208 -7.61 -22.35 13.44
CA ILE E 208 -7.77 -23.58 12.67
C ILE E 208 -8.82 -24.42 13.39
N GLY E 209 -9.99 -24.55 12.76
CA GLY E 209 -11.12 -25.20 13.39
C GLY E 209 -12.03 -24.18 14.03
N TYR E 210 -13.12 -23.84 13.35
CA TYR E 210 -14.00 -22.75 13.78
C TYR E 210 -15.27 -23.31 14.42
N GLY E 211 -15.10 -24.16 15.43
CA GLY E 211 -16.21 -24.86 16.09
C GLY E 211 -16.68 -24.14 17.33
N HIS E 212 -17.03 -24.95 18.36
CA HIS E 212 -17.51 -24.36 19.61
C HIS E 212 -16.48 -23.42 20.22
N ILE E 213 -15.25 -23.90 20.41
CA ILE E 213 -14.23 -23.04 21.00
C ILE E 213 -13.79 -21.96 20.02
N GLY E 214 -13.54 -22.36 18.77
CA GLY E 214 -13.02 -21.41 17.80
C GLY E 214 -13.94 -20.23 17.60
N SER E 215 -15.24 -20.50 17.45
CA SER E 215 -16.19 -19.42 17.22
C SER E 215 -16.26 -18.47 18.40
N GLN E 216 -16.17 -18.99 19.63
CA GLN E 216 -16.16 -18.10 20.78
C GLN E 216 -14.84 -17.36 20.88
N LEU E 217 -13.74 -18.04 20.54
CA LEU E 217 -12.45 -17.35 20.50
C LEU E 217 -12.46 -16.21 19.50
N SER E 218 -13.18 -16.38 18.37
CA SER E 218 -13.23 -15.34 17.35
C SER E 218 -13.76 -14.04 17.93
N VAL E 219 -14.87 -14.10 18.65
CA VAL E 219 -15.52 -12.90 19.16
C VAL E 219 -14.64 -12.19 20.18
N LEU E 220 -13.99 -12.95 21.05
CA LEU E 220 -13.04 -12.35 21.99
C LEU E 220 -11.87 -11.74 21.24
N ALA E 221 -11.41 -12.40 20.18
CA ALA E 221 -10.22 -11.93 19.47
C ALA E 221 -10.47 -10.57 18.82
N GLU E 222 -11.58 -10.42 18.09
CA GLU E 222 -11.87 -9.12 17.48
C GLU E 222 -12.06 -8.05 18.55
N ALA E 223 -12.73 -8.40 19.64
CA ALA E 223 -12.91 -7.44 20.73
C ALA E 223 -11.57 -6.93 21.23
N MET E 224 -10.57 -7.80 21.30
CA MET E 224 -9.22 -7.39 21.66
C MET E 224 -8.50 -6.66 20.53
N GLY E 225 -9.16 -6.44 19.40
CA GLY E 225 -8.57 -5.72 18.29
C GLY E 225 -7.82 -6.56 17.28
N LEU E 226 -8.03 -7.87 17.29
CA LEU E 226 -7.35 -8.75 16.36
C LEU E 226 -8.17 -8.89 15.09
N HIS E 227 -7.47 -9.02 13.98
CA HIS E 227 -8.09 -9.55 12.78
C HIS E 227 -8.16 -11.06 12.90
N VAL E 228 -9.29 -11.63 12.51
CA VAL E 228 -9.53 -13.05 12.67
C VAL E 228 -9.65 -13.67 11.28
N LEU E 229 -8.80 -14.64 11.00
CA LEU E 229 -8.92 -15.53 9.87
C LEU E 229 -9.16 -16.95 10.39
N TYR E 230 -10.01 -17.71 9.70
CA TYR E 230 -10.23 -19.09 10.10
C TYR E 230 -10.27 -20.02 8.91
N TYR E 231 -9.57 -21.14 9.04
CA TYR E 231 -9.64 -22.25 8.11
C TYR E 231 -10.40 -23.40 8.75
N ASP E 232 -11.30 -24.00 7.96
CA ASP E 232 -11.99 -25.19 8.40
C ASP E 232 -12.42 -26.00 7.19
N ILE E 233 -12.52 -27.30 7.39
CA ILE E 233 -12.84 -28.24 6.32
C ILE E 233 -14.31 -28.15 5.93
N VAL E 234 -15.04 -27.23 6.55
CA VAL E 234 -16.43 -27.00 6.21
C VAL E 234 -16.64 -25.49 6.09
N THR E 235 -17.57 -25.09 5.23
CA THR E 235 -17.94 -23.69 5.13
C THR E 235 -18.79 -23.32 6.33
N ILE E 236 -18.35 -22.30 7.07
CA ILE E 236 -19.02 -21.87 8.30
C ILE E 236 -19.29 -20.38 8.23
N MET E 237 -20.50 -20.00 8.63
CA MET E 237 -20.86 -18.59 8.73
C MET E 237 -20.00 -17.90 9.79
N ALA E 238 -19.28 -16.88 9.37
CA ALA E 238 -18.36 -16.20 10.28
C ALA E 238 -19.12 -15.42 11.34
N LEU E 239 -18.54 -15.38 12.54
CA LEU E 239 -19.04 -14.51 13.59
C LEU E 239 -18.31 -13.16 13.51
N GLY E 240 -19.06 -12.10 13.79
CA GLY E 240 -18.50 -10.77 13.72
C GLY E 240 -17.95 -10.52 12.34
N THR E 241 -16.69 -10.10 12.28
CA THR E 241 -16.01 -9.73 11.04
C THR E 241 -14.91 -10.71 10.68
N ALA E 242 -14.96 -11.93 11.21
CA ALA E 242 -13.98 -12.94 10.85
C ALA E 242 -14.13 -13.28 9.36
N ARG E 243 -13.07 -13.83 8.79
CA ARG E 243 -13.05 -14.17 7.38
C ARG E 243 -12.51 -15.58 7.21
N GLN E 244 -13.27 -16.44 6.52
CA GLN E 244 -12.80 -17.79 6.23
C GLN E 244 -11.88 -17.78 5.02
N VAL E 245 -10.81 -18.55 5.11
CA VAL E 245 -9.82 -18.64 4.04
C VAL E 245 -9.92 -20.00 3.37
N SER E 246 -9.56 -20.04 2.09
CA SER E 246 -9.75 -21.25 1.30
C SER E 246 -8.81 -22.37 1.75
N THR E 247 -7.55 -22.04 2.04
CA THR E 247 -6.55 -23.06 2.35
C THR E 247 -5.86 -22.75 3.66
N LEU E 248 -5.31 -23.82 4.26
CA LEU E 248 -4.51 -23.66 5.48
C LEU E 248 -3.30 -22.76 5.24
N ASP E 249 -2.67 -22.86 4.07
CA ASP E 249 -1.46 -22.06 3.84
C ASP E 249 -1.78 -20.57 3.80
N GLU E 250 -2.95 -20.18 3.26
CA GLU E 250 -3.31 -18.76 3.29
C GLU E 250 -3.47 -18.27 4.73
N LEU E 251 -4.10 -19.07 5.59
CA LEU E 251 -4.18 -18.71 7.00
C LEU E 251 -2.79 -18.64 7.62
N LEU E 252 -1.94 -19.61 7.31
CA LEU E 252 -0.60 -19.60 7.88
C LEU E 252 0.21 -18.40 7.38
N ASN E 253 0.00 -18.02 6.11
CA ASN E 253 0.77 -16.91 5.55
C ASN E 253 0.38 -15.57 6.14
N LYS E 254 -0.89 -15.38 6.47
CA LYS E 254 -1.39 -14.05 6.77
C LYS E 254 -1.62 -13.82 8.27
N SER E 255 -1.40 -14.81 9.11
CA SER E 255 -1.69 -14.65 10.53
C SER E 255 -0.40 -14.47 11.32
N ASP E 256 -0.50 -13.69 12.38
CA ASP E 256 0.59 -13.52 13.33
C ASP E 256 0.50 -14.52 14.48
N PHE E 257 -0.72 -14.93 14.83
CA PHE E 257 -0.99 -15.88 15.89
C PHE E 257 -1.82 -17.01 15.31
N VAL E 258 -1.36 -18.25 15.50
CA VAL E 258 -2.01 -19.45 14.98
C VAL E 258 -2.50 -20.29 16.15
N THR E 259 -3.80 -20.59 16.17
CA THR E 259 -4.43 -21.35 17.24
C THR E 259 -5.15 -22.56 16.66
N LEU E 260 -5.04 -23.70 17.35
CA LEU E 260 -5.59 -24.97 16.90
C LEU E 260 -6.77 -25.38 17.77
N HIS E 261 -7.91 -25.64 17.13
CA HIS E 261 -9.12 -26.03 17.85
C HIS E 261 -9.86 -27.10 17.04
N VAL E 262 -9.17 -28.20 16.78
CA VAL E 262 -9.66 -29.25 15.89
C VAL E 262 -9.75 -30.55 16.67
N PRO E 263 -10.59 -31.48 16.22
CA PRO E 263 -10.65 -32.80 16.84
C PRO E 263 -9.42 -33.62 16.50
N ALA E 264 -9.30 -34.78 17.17
CA ALA E 264 -8.23 -35.73 16.90
C ALA E 264 -8.67 -36.69 15.81
N THR E 265 -8.09 -36.52 14.61
CA THR E 265 -8.40 -37.34 13.44
C THR E 265 -7.10 -37.70 12.76
N PRO E 266 -7.10 -38.68 11.84
CA PRO E 266 -5.90 -38.89 11.01
C PRO E 266 -5.50 -37.67 10.19
N GLU E 267 -6.47 -36.83 9.80
CA GLU E 267 -6.19 -35.62 9.02
C GLU E 267 -5.63 -34.50 9.88
N THR E 268 -5.78 -34.60 11.19
CA THR E 268 -5.23 -33.64 12.14
C THR E 268 -3.89 -34.10 12.73
N GLU E 269 -3.55 -35.36 12.56
CA GLU E 269 -2.29 -35.90 13.05
C GLU E 269 -1.11 -35.09 12.49
N LYS E 270 -0.39 -34.41 13.39
CA LYS E 270 0.81 -33.64 13.02
C LYS E 270 0.51 -32.64 11.91
N MET E 271 -0.71 -32.07 11.90
CA MET E 271 -1.10 -31.20 10.80
C MET E 271 -0.31 -29.91 10.77
N LEU E 272 0.33 -29.52 11.88
CA LEU E 272 1.31 -28.43 11.85
C LEU E 272 2.67 -29.08 12.09
N SER E 273 3.47 -29.15 11.04
CA SER E 273 4.79 -29.75 11.09
C SER E 273 5.75 -28.79 10.41
N ALA E 274 6.95 -29.29 10.07
CA ALA E 274 7.97 -28.45 9.43
C ALA E 274 7.45 -27.65 8.24
N PRO E 275 6.72 -28.22 7.28
CA PRO E 275 6.25 -27.41 6.15
C PRO E 275 5.33 -26.27 6.55
N GLN E 276 4.48 -26.51 7.55
CA GLN E 276 3.51 -25.49 7.91
C GLN E 276 4.18 -24.33 8.64
N PHE E 277 5.13 -24.65 9.53
CA PHE E 277 5.90 -23.60 10.17
C PHE E 277 6.62 -22.75 9.12
N ALA E 278 7.08 -23.38 8.05
CA ALA E 278 7.73 -22.66 6.97
C ALA E 278 6.79 -21.69 6.26
N ALA E 279 5.49 -21.98 6.24
CA ALA E 279 4.54 -21.10 5.59
C ALA E 279 4.09 -19.95 6.49
N MET E 280 4.44 -19.97 7.76
CA MET E 280 4.04 -18.87 8.62
C MET E 280 5.05 -17.73 8.54
N LYS E 281 4.67 -16.61 9.13
CA LYS E 281 5.50 -15.42 9.10
C LYS E 281 6.66 -15.55 10.09
N ASP E 282 7.76 -14.87 9.78
CA ASP E 282 8.90 -14.86 10.68
C ASP E 282 8.51 -14.26 12.02
N GLY E 283 8.73 -15.01 13.08
CA GLY E 283 8.38 -14.55 14.41
C GLY E 283 6.92 -14.70 14.78
N ALA E 284 6.22 -15.67 14.19
CA ALA E 284 4.82 -15.91 14.51
C ALA E 284 4.70 -16.80 15.75
N TYR E 285 3.47 -16.95 16.22
CA TYR E 285 3.20 -17.60 17.49
C TYR E 285 2.23 -18.75 17.26
N VAL E 286 2.46 -19.88 17.92
CA VAL E 286 1.67 -21.10 17.77
C VAL E 286 1.03 -21.44 19.09
N ILE E 287 -0.29 -21.62 19.09
CA ILE E 287 -1.02 -22.00 20.29
C ILE E 287 -1.80 -23.26 20.00
N ASN E 288 -1.58 -24.29 20.83
CA ASN E 288 -2.29 -25.56 20.73
C ASN E 288 -2.92 -25.90 22.07
N ALA E 289 -4.22 -25.64 22.18
CA ALA E 289 -5.02 -26.14 23.30
C ALA E 289 -6.06 -27.17 22.81
N SER E 290 -5.73 -27.90 21.73
CA SER E 290 -6.65 -28.90 21.20
C SER E 290 -6.27 -30.32 21.61
N ARG E 291 -5.57 -31.05 20.76
CA ARG E 291 -5.16 -32.43 21.03
C ARG E 291 -3.64 -32.57 20.94
N GLY E 292 -3.10 -33.47 21.78
CA GLY E 292 -1.66 -33.62 21.91
C GLY E 292 -0.94 -34.14 20.69
N THR E 293 -1.68 -34.59 19.67
CA THR E 293 -1.10 -35.12 18.44
C THR E 293 -1.06 -34.12 17.29
N VAL E 294 -1.70 -32.96 17.45
CA VAL E 294 -1.95 -32.08 16.32
C VAL E 294 -0.69 -31.33 15.89
N VAL E 295 0.25 -31.12 16.81
CA VAL E 295 1.50 -30.41 16.54
C VAL E 295 2.65 -31.40 16.56
N ASP E 296 3.52 -31.31 15.57
CA ASP E 296 4.79 -32.04 15.62
C ASP E 296 5.75 -31.24 16.49
N ILE E 297 5.92 -31.72 17.74
CA ILE E 297 6.77 -30.99 18.69
C ILE E 297 8.21 -30.88 18.24
N PRO E 298 8.86 -31.92 17.70
CA PRO E 298 10.25 -31.73 17.24
C PRO E 298 10.40 -30.65 16.19
N SER E 299 9.44 -30.55 15.27
CA SER E 299 9.50 -29.48 14.27
C SER E 299 9.23 -28.11 14.89
N LEU E 300 8.37 -28.04 15.92
CA LEU E 300 8.13 -26.77 16.59
C LEU E 300 9.39 -26.30 17.29
N ILE E 301 10.02 -27.19 18.05
CA ILE E 301 11.28 -26.89 18.71
C ILE E 301 12.30 -26.43 17.67
N GLN E 302 12.28 -27.05 16.49
CA GLN E 302 13.20 -26.67 15.42
C GLN E 302 12.90 -25.26 14.92
N ALA E 303 11.63 -24.95 14.67
CA ALA E 303 11.26 -23.62 14.20
C ALA E 303 11.56 -22.55 15.24
N VAL E 304 11.40 -22.90 16.53
CA VAL E 304 11.75 -21.95 17.58
C VAL E 304 13.27 -21.76 17.63
N LYS E 305 14.01 -22.87 17.62
CA LYS E 305 15.47 -22.78 17.70
C LYS E 305 16.04 -22.02 16.50
N ALA E 306 15.37 -22.06 15.35
CA ALA E 306 15.78 -21.32 14.16
C ALA E 306 15.20 -19.91 14.08
N ASN E 307 14.65 -19.39 15.18
CA ASN E 307 14.08 -18.04 15.25
C ASN E 307 12.97 -17.80 14.24
N LYS E 308 12.41 -18.87 13.70
CA LYS E 308 11.27 -18.73 12.80
C LYS E 308 9.99 -18.49 13.57
N ILE E 309 9.79 -19.26 14.63
CA ILE E 309 8.65 -19.09 15.52
C ILE E 309 9.12 -18.37 16.77
N ALA E 310 8.41 -17.30 17.12
CA ALA E 310 8.81 -16.45 18.24
C ALA E 310 8.29 -16.95 19.58
N GLY E 311 7.21 -17.74 19.60
CA GLY E 311 6.68 -18.24 20.86
C GLY E 311 5.57 -19.24 20.65
N ALA E 312 5.33 -20.04 21.68
CA ALA E 312 4.31 -21.07 21.60
C ALA E 312 3.75 -21.34 22.98
N ALA E 313 2.48 -21.70 23.01
CA ALA E 313 1.81 -22.08 24.24
C ALA E 313 1.16 -23.44 24.02
N LEU E 314 1.60 -24.44 24.78
CA LEU E 314 1.16 -25.82 24.60
C LEU E 314 0.41 -26.27 25.84
N ASP E 315 -0.84 -26.69 25.66
CA ASP E 315 -1.62 -27.24 26.75
C ASP E 315 -1.76 -28.75 26.66
N VAL E 316 -1.55 -29.34 25.49
CA VAL E 316 -1.70 -30.78 25.29
C VAL E 316 -0.43 -31.33 24.67
N TYR E 317 -0.23 -32.64 24.86
CA TYR E 317 1.05 -33.26 24.58
C TYR E 317 0.81 -34.67 24.08
N PRO E 318 1.73 -35.22 23.27
CA PRO E 318 1.55 -36.61 22.82
C PRO E 318 1.42 -37.60 23.97
N HIS E 319 2.24 -37.49 25.01
CA HIS E 319 2.16 -38.34 26.19
C HIS E 319 2.12 -37.45 27.42
N GLU E 320 1.10 -37.64 28.27
CA GLU E 320 0.96 -36.80 29.46
C GLU E 320 0.63 -37.68 30.65
N PRO E 321 1.01 -37.26 31.87
CA PRO E 321 0.82 -38.11 33.05
C PRO E 321 -0.64 -38.44 33.35
N ALA E 322 -0.83 -39.57 34.02
CA ALA E 322 -2.15 -39.98 34.46
C ALA E 322 -2.56 -39.32 35.77
N LYS E 323 -1.60 -38.87 36.58
CA LYS E 323 -1.90 -38.20 37.83
C LYS E 323 -0.85 -37.11 38.05
N ASN E 324 -1.21 -36.11 38.85
CA ASN E 324 -0.27 -35.03 39.14
C ASN E 324 0.85 -35.51 40.07
N GLY E 325 2.05 -35.00 39.85
CA GLY E 325 3.16 -35.31 40.72
C GLY E 325 4.46 -34.72 40.23
N GLU E 326 5.46 -34.67 41.12
CA GLU E 326 6.75 -34.12 40.75
C GLU E 326 7.54 -35.10 39.88
N GLY E 327 8.40 -34.56 39.03
CA GLY E 327 9.15 -35.39 38.11
C GLY E 327 8.36 -36.11 37.05
N SER E 328 7.05 -35.82 36.92
CA SER E 328 6.19 -36.56 36.01
C SER E 328 6.33 -36.11 34.55
N PHE E 329 6.92 -34.94 34.30
CA PHE E 329 6.99 -34.35 32.96
C PHE E 329 8.46 -34.25 32.56
N ASN E 330 8.95 -35.24 31.80
CA ASN E 330 10.40 -35.33 31.56
C ASN E 330 10.65 -36.13 30.29
N ASP E 331 11.93 -36.39 30.01
CA ASP E 331 12.31 -37.04 28.75
C ASP E 331 11.76 -38.45 28.63
N GLU E 332 11.56 -39.12 29.77
CA GLU E 332 10.98 -40.45 29.75
C GLU E 332 9.54 -40.43 29.26
N LEU E 333 8.80 -39.36 29.56
CA LEU E 333 7.43 -39.21 29.08
C LEU E 333 7.41 -38.80 27.62
N ASN E 334 8.24 -37.81 27.26
CA ASN E 334 8.36 -37.32 25.89
C ASN E 334 9.83 -37.03 25.64
N SER E 335 10.40 -37.67 24.63
CA SER E 335 11.85 -37.63 24.42
C SER E 335 12.39 -36.20 24.36
N TRP E 336 11.64 -35.29 23.74
CA TRP E 336 12.06 -33.92 23.50
C TRP E 336 11.76 -32.94 24.63
N THR E 337 11.33 -33.43 25.80
CA THR E 337 10.90 -32.53 26.86
C THR E 337 12.03 -31.60 27.30
N SER E 338 13.20 -32.16 27.62
CA SER E 338 14.28 -31.31 28.14
C SER E 338 14.68 -30.23 27.13
N GLU E 339 14.53 -30.51 25.83
CA GLU E 339 14.86 -29.48 24.84
C GLU E 339 13.74 -28.44 24.75
N LEU E 340 12.49 -28.88 24.75
CA LEU E 340 11.36 -27.95 24.76
C LEU E 340 11.45 -27.00 25.95
N VAL E 341 11.81 -27.53 27.13
CA VAL E 341 11.87 -26.72 28.34
C VAL E 341 12.96 -25.66 28.30
N SER E 342 14.00 -25.86 27.50
CA SER E 342 15.10 -24.89 27.45
C SER E 342 14.81 -23.73 26.51
N LEU E 343 13.66 -23.72 25.81
CA LEU E 343 13.44 -22.72 24.76
C LEU E 343 12.81 -21.46 25.31
N PRO E 344 13.11 -20.30 24.72
CA PRO E 344 12.53 -19.05 25.22
C PRO E 344 11.10 -18.85 24.74
N ASN E 345 10.31 -18.22 25.61
CA ASN E 345 8.95 -17.77 25.30
C ASN E 345 8.02 -18.94 24.95
N ILE E 346 8.16 -20.05 25.66
CA ILE E 346 7.23 -21.17 25.50
C ILE E 346 6.43 -21.33 26.79
N ILE E 347 5.12 -21.27 26.65
CA ILE E 347 4.20 -21.46 27.76
C ILE E 347 3.75 -22.90 27.73
N LEU E 348 3.92 -23.60 28.84
CA LEU E 348 3.56 -24.99 28.97
C LEU E 348 2.53 -25.12 30.08
N THR E 349 1.39 -25.75 29.78
CA THR E 349 0.36 -25.90 30.79
C THR E 349 -0.09 -27.36 30.85
N PRO E 350 -0.39 -27.86 32.03
CA PRO E 350 -0.71 -29.29 32.19
C PRO E 350 -2.16 -29.61 31.84
N HIS E 351 -2.56 -29.28 30.62
CA HIS E 351 -3.87 -29.62 30.08
C HIS E 351 -4.99 -29.04 30.96
N ILE E 352 -4.86 -27.75 31.25
CA ILE E 352 -5.79 -27.02 32.09
C ILE E 352 -6.77 -26.21 31.24
N GLY E 353 -6.88 -26.52 29.95
CA GLY E 353 -7.76 -25.75 29.08
C GLY E 353 -9.17 -25.62 29.60
N GLY E 354 -9.67 -26.63 30.33
CA GLY E 354 -10.98 -26.57 30.93
C GLY E 354 -10.96 -26.54 32.45
N SER E 355 -9.82 -26.21 33.04
CA SER E 355 -9.68 -26.31 34.49
C SER E 355 -10.14 -25.01 35.16
N THR E 356 -11.45 -24.80 35.14
CA THR E 356 -12.04 -23.69 35.85
C THR E 356 -13.24 -24.16 36.67
N GLU E 357 -13.51 -23.41 37.74
CA GLU E 357 -14.72 -23.65 38.53
C GLU E 357 -15.96 -23.64 37.64
N GLU E 358 -16.04 -22.68 36.70
CA GLU E 358 -17.20 -22.60 35.81
C GLU E 358 -17.32 -23.85 34.95
N ALA E 359 -16.24 -24.28 34.32
CA ALA E 359 -16.30 -25.45 33.47
C ALA E 359 -16.77 -26.67 34.24
N GLN E 360 -16.12 -26.96 35.37
CA GLN E 360 -16.53 -28.12 36.16
C GLN E 360 -17.98 -27.98 36.63
N SER E 361 -18.41 -26.76 36.93
CA SER E 361 -19.79 -26.57 37.36
C SER E 361 -20.76 -26.87 36.22
N SER E 362 -20.47 -26.39 35.01
CA SER E 362 -21.35 -26.70 33.89
C SER E 362 -21.34 -28.19 33.56
N ILE E 363 -20.17 -28.84 33.65
CA ILE E 363 -20.14 -30.28 33.45
C ILE E 363 -21.05 -30.98 34.45
N GLY E 364 -20.88 -30.64 35.73
CA GLY E 364 -21.73 -31.21 36.77
C GLY E 364 -23.21 -31.04 36.48
N ILE E 365 -23.61 -29.81 36.14
CA ILE E 365 -25.02 -29.53 35.90
C ILE E 365 -25.51 -30.30 34.67
N GLU E 366 -24.76 -30.24 33.58
CA GLU E 366 -25.20 -30.84 32.33
C GLU E 366 -25.42 -32.33 32.48
N VAL E 367 -24.42 -33.04 33.00
CA VAL E 367 -24.50 -34.50 33.03
C VAL E 367 -25.47 -34.96 34.11
N ALA E 368 -25.44 -34.33 35.28
CA ALA E 368 -26.40 -34.69 36.33
C ALA E 368 -27.83 -34.44 35.85
N THR E 369 -28.07 -33.32 35.19
CA THR E 369 -29.39 -33.13 34.56
C THR E 369 -29.67 -34.24 33.56
N ALA E 370 -28.68 -34.57 32.74
CA ALA E 370 -28.86 -35.61 31.73
C ALA E 370 -29.24 -36.93 32.37
N LEU E 371 -28.45 -37.38 33.34
CA LEU E 371 -28.76 -38.65 34.02
C LEU E 371 -30.10 -38.57 34.74
N SER E 372 -30.41 -37.43 35.35
CA SER E 372 -31.69 -37.31 36.05
C SER E 372 -32.85 -37.45 35.07
N LYS E 373 -32.76 -36.78 33.91
CA LYS E 373 -33.85 -36.88 32.96
C LYS E 373 -33.99 -38.28 32.38
N TYR E 374 -32.88 -39.02 32.26
CA TYR E 374 -33.00 -40.39 31.76
C TYR E 374 -33.59 -41.31 32.81
N ILE E 375 -33.22 -41.12 34.08
CA ILE E 375 -33.78 -41.96 35.13
C ILE E 375 -35.24 -41.63 35.35
N ASN E 376 -35.57 -40.36 35.53
CA ASN E 376 -36.91 -39.97 35.94
C ASN E 376 -37.91 -39.91 34.78
N GLU E 377 -37.44 -39.71 33.54
CA GLU E 377 -38.34 -39.47 32.42
C GLU E 377 -38.13 -40.47 31.29
N GLY E 378 -36.90 -40.74 30.93
CA GLY E 378 -36.64 -41.75 29.92
C GLY E 378 -35.77 -41.13 28.85
N ASN E 379 -35.51 -39.84 29.02
CA ASN E 379 -34.94 -39.02 27.96
C ASN E 379 -33.51 -39.45 27.73
N SER E 380 -33.24 -39.99 26.55
CA SER E 380 -31.90 -40.42 26.17
C SER E 380 -31.31 -39.54 25.09
N VAL E 381 -31.92 -38.39 24.82
CA VAL E 381 -31.37 -37.44 23.86
C VAL E 381 -30.00 -36.99 24.36
N GLY E 382 -29.01 -37.01 23.45
CA GLY E 382 -27.66 -36.67 23.82
C GLY E 382 -26.83 -37.83 24.34
N SER E 383 -27.37 -39.03 24.37
CA SER E 383 -26.58 -40.19 24.76
C SER E 383 -25.60 -40.55 23.65
N VAL E 384 -24.42 -41.02 24.04
CA VAL E 384 -23.39 -41.30 23.07
C VAL E 384 -23.43 -42.73 22.53
N ASN E 385 -24.23 -43.62 23.13
CA ASN E 385 -24.23 -45.02 22.71
C ASN E 385 -25.63 -45.59 22.54
N PHE E 386 -26.63 -44.74 22.35
CA PHE E 386 -27.98 -45.21 22.67
C PHE E 386 -28.94 -44.53 21.70
N PRO E 387 -30.03 -45.17 21.35
CA PRO E 387 -31.04 -44.47 20.54
C PRO E 387 -31.50 -43.24 21.29
N GLU E 388 -31.58 -42.12 20.58
CA GLU E 388 -31.99 -40.85 21.19
C GLU E 388 -33.51 -40.75 21.13
N VAL E 389 -34.13 -40.86 22.30
CA VAL E 389 -35.57 -41.02 22.44
C VAL E 389 -36.03 -40.15 23.61
N SER E 390 -37.19 -39.52 23.47
CA SER E 390 -37.78 -38.75 24.55
C SER E 390 -39.24 -38.45 24.18
N LEU E 391 -40.04 -38.05 25.17
CA LEU E 391 -41.43 -37.69 24.95
C LEU E 391 -41.77 -36.48 25.80
N LYS E 392 -42.71 -35.65 25.33
CA LYS E 392 -43.10 -34.54 26.20
C LYS E 392 -43.64 -35.10 27.48
N SER E 393 -43.34 -34.41 28.58
CA SER E 393 -43.81 -34.83 29.88
C SER E 393 -45.34 -34.79 29.92
N LEU E 394 -45.88 -35.44 30.93
CA LEU E 394 -47.32 -35.60 31.09
C LEU E 394 -47.87 -34.50 31.99
N ASP E 395 -49.06 -34.03 31.65
CA ASP E 395 -49.77 -33.06 32.48
C ASP E 395 -50.15 -33.68 33.82
N TYR E 396 -49.87 -32.95 34.91
CA TYR E 396 -50.29 -33.33 36.27
C TYR E 396 -51.61 -34.10 36.32
N ASP E 397 -52.62 -33.66 35.57
CA ASP E 397 -53.96 -34.23 35.63
C ASP E 397 -54.13 -35.52 34.83
N GLN E 398 -53.09 -36.02 34.14
CA GLN E 398 -53.20 -37.30 33.45
C GLN E 398 -52.97 -38.43 34.46
N GLU E 399 -53.93 -38.56 35.38
CA GLU E 399 -53.81 -39.58 36.39
C GLU E 399 -53.92 -40.97 35.77
N ASN E 400 -53.46 -41.97 36.52
CA ASN E 400 -53.42 -43.36 36.09
C ASN E 400 -52.65 -43.55 34.79
N THR E 401 -51.74 -42.64 34.46
CA THR E 401 -50.92 -42.79 33.27
C THR E 401 -49.54 -43.28 33.65
N VAL E 402 -49.06 -44.25 32.87
CA VAL E 402 -47.79 -44.94 33.12
C VAL E 402 -46.91 -44.80 31.87
N ARG E 403 -45.61 -44.63 32.09
CA ARG E 403 -44.67 -44.53 30.99
C ARG E 403 -43.83 -45.80 30.94
N VAL E 404 -43.91 -46.51 29.82
CA VAL E 404 -43.17 -47.75 29.60
C VAL E 404 -41.85 -47.41 28.91
N LEU E 405 -40.74 -47.88 29.48
CA LEU E 405 -39.40 -47.70 28.93
C LEU E 405 -38.86 -49.09 28.59
N TYR E 406 -38.82 -49.42 27.30
CA TYR E 406 -38.57 -50.79 26.87
C TYR E 406 -37.39 -50.83 25.90
N ILE E 407 -36.22 -51.21 26.43
CA ILE E 407 -35.00 -51.44 25.64
C ILE E 407 -35.01 -52.89 25.18
N HIS E 408 -34.69 -53.11 23.91
CA HIS E 408 -34.91 -54.44 23.33
C HIS E 408 -34.00 -54.62 22.13
N ARG E 409 -34.03 -55.85 21.58
CA ARG E 409 -33.23 -56.16 20.41
C ARG E 409 -33.94 -55.67 19.15
N ASN E 410 -33.15 -55.12 18.21
CA ASN E 410 -33.69 -54.50 17.01
C ASN E 410 -34.00 -55.58 15.97
N VAL E 411 -35.09 -56.29 16.20
CA VAL E 411 -35.54 -57.36 15.31
C VAL E 411 -37.04 -57.22 15.07
N PRO E 412 -37.56 -57.69 13.94
CA PRO E 412 -38.99 -57.52 13.67
C PRO E 412 -39.86 -58.23 14.69
N GLY E 413 -41.08 -57.73 14.85
CA GLY E 413 -42.08 -58.38 15.68
C GLY E 413 -42.12 -57.90 17.11
N VAL E 414 -41.15 -57.10 17.55
CA VAL E 414 -41.08 -56.69 18.94
C VAL E 414 -42.24 -55.75 19.28
N LEU E 415 -42.45 -54.74 18.45
CA LEU E 415 -43.54 -53.81 18.70
C LEU E 415 -44.89 -54.50 18.56
N LYS E 416 -45.00 -55.47 17.65
CA LYS E 416 -46.16 -56.36 17.64
C LYS E 416 -46.45 -56.91 19.02
N THR E 417 -45.42 -57.47 19.68
CA THR E 417 -45.58 -58.02 21.02
C THR E 417 -46.00 -56.96 22.02
N VAL E 418 -45.27 -55.85 22.08
CA VAL E 418 -45.43 -54.88 23.15
C VAL E 418 -46.80 -54.22 23.08
N ASN E 419 -47.21 -53.78 21.90
CA ASN E 419 -48.50 -53.13 21.78
C ASN E 419 -49.65 -54.12 21.93
N ASP E 420 -49.41 -55.40 21.68
CA ASP E 420 -50.35 -56.42 22.13
C ASP E 420 -50.48 -56.39 23.65
N ILE E 421 -49.35 -56.51 24.36
CA ILE E 421 -49.38 -56.50 25.81
C ILE E 421 -50.07 -55.25 26.35
N LEU E 422 -49.95 -54.14 25.64
CA LEU E 422 -50.51 -52.87 26.07
C LEU E 422 -51.87 -52.59 25.47
N SER E 423 -52.46 -53.56 24.76
CA SER E 423 -53.62 -53.28 23.94
C SER E 423 -54.87 -53.00 24.77
N ASP E 424 -54.88 -53.35 26.04
CA ASP E 424 -56.05 -53.07 26.88
C ASP E 424 -56.09 -51.63 27.33
N HIS E 425 -55.04 -50.86 27.04
CA HIS E 425 -54.91 -49.48 27.43
C HIS E 425 -54.69 -48.61 26.20
N ASN E 426 -55.10 -47.34 26.28
CA ASN E 426 -54.87 -46.42 25.13
C ASN E 426 -53.44 -45.90 25.13
N ILE E 427 -52.75 -46.10 24.01
CA ILE E 427 -51.40 -45.56 23.85
C ILE E 427 -51.54 -44.07 23.54
N GLU E 428 -51.21 -43.20 24.50
CA GLU E 428 -51.28 -41.77 24.22
C GLU E 428 -50.17 -41.36 23.25
N LYS E 429 -48.92 -41.70 23.60
CA LYS E 429 -47.75 -41.38 22.82
C LYS E 429 -46.85 -42.61 22.82
N GLN E 430 -46.14 -42.80 21.73
CA GLN E 430 -45.16 -43.86 21.64
C GLN E 430 -44.08 -43.44 20.67
N PHE E 431 -42.83 -43.75 21.02
CA PHE E 431 -41.70 -43.45 20.17
C PHE E 431 -40.64 -44.51 20.39
N SER E 432 -40.20 -45.11 19.29
CA SER E 432 -39.22 -46.18 19.28
C SER E 432 -38.18 -45.86 18.22
N ASP E 433 -36.92 -46.03 18.56
CA ASP E 433 -35.84 -45.78 17.62
C ASP E 433 -34.76 -46.83 17.82
N SER E 434 -33.99 -47.05 16.77
CA SER E 434 -32.98 -48.10 16.78
C SER E 434 -31.60 -47.50 16.58
N HIS E 435 -30.60 -48.16 17.17
CA HIS E 435 -29.20 -47.76 17.12
C HIS E 435 -28.42 -49.08 17.06
N GLY E 436 -28.13 -49.52 15.84
CA GLY E 436 -27.46 -50.81 15.70
C GLY E 436 -28.37 -51.95 16.09
N GLU E 437 -27.86 -52.82 16.96
CA GLU E 437 -28.59 -54.02 17.33
C GLU E 437 -29.58 -53.80 18.46
N ILE E 438 -29.55 -52.66 19.14
CA ILE E 438 -30.51 -52.37 20.20
C ILE E 438 -31.45 -51.28 19.71
N ALA E 439 -32.60 -51.21 20.37
CA ALA E 439 -33.62 -50.21 20.09
C ALA E 439 -34.30 -49.88 21.40
N TYR E 440 -35.04 -48.77 21.41
CA TYR E 440 -35.55 -48.26 22.66
C TYR E 440 -36.92 -47.65 22.46
N LEU E 441 -37.89 -48.15 23.23
CA LEU E 441 -39.30 -47.84 23.10
C LEU E 441 -39.80 -47.08 24.31
N MET E 442 -40.38 -45.91 24.09
CA MET E 442 -41.06 -45.15 25.12
C MET E 442 -42.53 -45.04 24.74
N ALA E 443 -43.40 -45.33 25.70
CA ALA E 443 -44.83 -45.25 25.46
C ALA E 443 -45.51 -44.71 26.71
N ASP E 444 -46.50 -43.84 26.52
CA ASP E 444 -47.35 -43.37 27.61
C ASP E 444 -48.73 -43.98 27.44
N ILE E 445 -49.16 -44.76 28.42
CA ILE E 445 -50.44 -45.44 28.35
C ILE E 445 -51.35 -44.96 29.48
N SER E 446 -52.62 -44.77 29.17
CA SER E 446 -53.56 -44.13 30.08
C SER E 446 -54.46 -45.18 30.71
N SER E 447 -55.16 -44.77 31.77
CA SER E 447 -56.06 -45.61 32.55
C SER E 447 -55.40 -46.92 33.00
N VAL E 448 -54.49 -46.78 33.95
CA VAL E 448 -53.75 -47.91 34.50
C VAL E 448 -53.84 -47.84 36.01
N ASN E 449 -54.27 -48.94 36.62
CA ASN E 449 -54.37 -49.01 38.07
C ASN E 449 -53.21 -49.83 38.64
N GLN E 450 -53.13 -49.85 39.98
CA GLN E 450 -52.03 -50.55 40.64
C GLN E 450 -51.98 -52.02 40.25
N SER E 451 -53.14 -52.67 40.10
CA SER E 451 -53.17 -54.08 39.72
C SER E 451 -52.50 -54.31 38.37
N GLU E 452 -52.83 -53.46 37.39
CA GLU E 452 -52.42 -53.67 36.02
C GLU E 452 -50.96 -53.27 35.74
N ILE E 453 -50.27 -52.64 36.68
CA ILE E 453 -48.85 -52.35 36.46
C ILE E 453 -48.02 -53.61 36.62
N LYS E 454 -48.27 -54.39 37.68
CA LYS E 454 -47.50 -55.61 37.87
C LYS E 454 -47.66 -56.57 36.69
N ASP E 455 -48.89 -56.66 36.16
CA ASP E 455 -49.12 -57.56 35.04
C ASP E 455 -48.44 -57.05 33.77
N ILE E 456 -48.61 -55.76 33.46
CA ILE E 456 -47.93 -55.20 32.29
C ILE E 456 -46.42 -55.37 32.41
N TYR E 457 -45.89 -55.14 33.61
CA TYR E 457 -44.45 -55.24 33.81
C TYR E 457 -43.95 -56.67 33.63
N GLU E 458 -44.61 -57.64 34.28
CA GLU E 458 -44.12 -59.01 34.21
C GLU E 458 -44.21 -59.57 32.79
N LYS E 459 -45.26 -59.21 32.05
CA LYS E 459 -45.34 -59.62 30.65
C LYS E 459 -44.17 -59.07 29.83
N LEU E 460 -43.95 -57.75 29.91
CA LEU E 460 -42.85 -57.14 29.17
C LEU E 460 -41.51 -57.69 29.62
N ASN E 461 -41.36 -57.94 30.91
CA ASN E 461 -40.13 -58.50 31.43
C ASN E 461 -39.92 -59.94 30.95
N GLN E 462 -40.97 -60.60 30.47
CA GLN E 462 -40.89 -61.98 30.00
C GLN E 462 -40.74 -62.08 28.48
N THR E 463 -40.74 -60.95 27.78
CA THR E 463 -40.65 -60.98 26.33
C THR E 463 -39.26 -61.39 25.87
N SER E 464 -39.21 -62.05 24.72
CA SER E 464 -37.96 -62.63 24.25
C SER E 464 -36.96 -61.56 23.86
N ALA E 465 -37.43 -60.43 23.36
CA ALA E 465 -36.56 -59.38 22.85
C ALA E 465 -36.07 -58.41 23.92
N LYS E 466 -36.52 -58.57 25.17
CA LYS E 466 -36.16 -57.62 26.23
C LYS E 466 -34.66 -57.56 26.48
N VAL E 467 -34.16 -56.32 26.62
CA VAL E 467 -32.85 -56.05 27.18
C VAL E 467 -32.97 -55.41 28.56
N SER E 468 -33.84 -54.42 28.69
CA SER E 468 -34.13 -53.78 29.97
C SER E 468 -35.52 -53.19 29.91
N ILE E 469 -36.24 -53.28 31.03
CA ILE E 469 -37.59 -52.77 31.15
C ILE E 469 -37.68 -51.97 32.45
N ARG E 470 -38.26 -50.77 32.35
CA ARG E 470 -38.61 -49.94 33.50
C ARG E 470 -39.98 -49.34 33.25
N LEU E 471 -40.76 -49.19 34.32
CA LEU E 471 -42.03 -48.48 34.25
C LEU E 471 -41.99 -47.28 35.18
N LEU E 472 -42.53 -46.16 34.72
CA LEU E 472 -42.62 -44.94 35.52
C LEU E 472 -44.10 -44.61 35.68
N TYR E 473 -44.57 -44.51 36.93
CA TYR E 473 -46.00 -44.27 37.17
C TYR E 473 -46.28 -42.92 37.84
N PRO F 43 -21.28 -20.74 13.96
CA PRO F 43 -21.95 -22.01 14.27
C PRO F 43 -22.64 -22.64 13.07
N ARG F 44 -23.26 -21.79 12.25
CA ARG F 44 -24.00 -22.30 11.06
C ARG F 44 -22.99 -22.88 10.06
N ARG F 45 -23.03 -24.19 9.86
CA ARG F 45 -22.02 -24.86 9.01
C ARG F 45 -22.73 -25.64 7.88
N VAL F 46 -22.01 -25.86 6.79
CA VAL F 46 -22.58 -26.63 5.63
C VAL F 46 -22.84 -28.06 6.10
N SER F 47 -24.11 -28.44 6.18
CA SER F 47 -24.47 -29.76 6.68
C SER F 47 -23.97 -30.87 5.75
N ILE F 48 -22.87 -31.52 6.13
CA ILE F 48 -22.28 -32.59 5.34
C ILE F 48 -22.76 -33.94 5.86
N THR F 49 -23.98 -34.32 5.48
CA THR F 49 -24.51 -35.65 5.76
C THR F 49 -24.86 -36.32 4.43
N LYS F 50 -25.49 -37.49 4.51
CA LYS F 50 -25.91 -38.19 3.31
C LYS F 50 -27.14 -37.51 2.73
N GLN F 51 -27.14 -37.29 1.41
CA GLN F 51 -28.28 -36.69 0.70
C GLN F 51 -29.55 -37.45 1.05
N PRO F 52 -30.71 -36.79 1.09
CA PRO F 52 -31.93 -37.48 1.49
C PRO F 52 -32.49 -38.34 0.37
N LYS F 53 -33.31 -39.30 0.77
CA LYS F 53 -34.00 -40.17 -0.17
C LYS F 53 -35.37 -39.55 -0.37
N ALA F 54 -35.54 -38.85 -1.49
CA ALA F 54 -36.81 -38.22 -1.81
C ALA F 54 -37.90 -39.28 -1.90
N LEU F 55 -39.02 -39.03 -1.23
CA LEU F 55 -40.08 -40.01 -1.09
C LEU F 55 -41.25 -39.65 -2.01
N LYS F 56 -41.88 -40.68 -2.58
CA LYS F 56 -43.01 -40.54 -3.48
C LYS F 56 -44.16 -41.41 -3.00
N PRO F 57 -45.39 -40.92 -3.11
CA PRO F 57 -46.53 -41.68 -2.57
C PRO F 57 -46.86 -42.93 -3.38
N PHE F 58 -47.23 -43.98 -2.66
CA PHE F 58 -47.66 -45.24 -3.27
C PHE F 58 -49.09 -45.11 -3.77
N SER F 59 -49.35 -45.67 -4.94
CA SER F 59 -50.70 -45.72 -5.51
C SER F 59 -51.27 -44.31 -5.68
N THR F 60 -50.40 -43.34 -5.94
CA THR F 60 -50.85 -41.97 -6.14
C THR F 60 -50.25 -41.42 -7.42
N GLY F 61 -51.01 -40.51 -8.02
CA GLY F 61 -50.63 -39.77 -9.21
C GLY F 61 -49.98 -38.43 -8.90
N ASP F 62 -50.27 -37.44 -9.73
CA ASP F 62 -49.75 -36.10 -9.50
C ASP F 62 -50.50 -35.42 -8.35
N MET F 63 -49.76 -34.62 -7.59
CA MET F 63 -50.33 -33.88 -6.47
C MET F 63 -51.01 -32.62 -6.98
N ASN F 64 -52.22 -32.35 -6.49
CA ASN F 64 -52.99 -31.18 -6.90
C ASN F 64 -53.05 -30.20 -5.75
N ILE F 65 -52.52 -29.00 -5.97
CA ILE F 65 -52.56 -27.90 -5.00
C ILE F 65 -53.55 -26.87 -5.52
N LEU F 66 -54.44 -26.42 -4.63
CA LEU F 66 -55.36 -25.33 -4.93
C LEU F 66 -54.99 -24.15 -4.03
N LEU F 67 -54.59 -23.04 -4.65
CA LEU F 67 -54.19 -21.84 -3.91
C LEU F 67 -55.19 -20.72 -4.17
N LEU F 68 -55.73 -20.14 -3.11
CA LEU F 68 -56.73 -19.11 -3.24
C LEU F 68 -56.26 -17.80 -2.62
N GLU F 69 -56.99 -16.73 -2.97
CA GLU F 69 -56.87 -15.42 -2.35
C GLU F 69 -55.49 -14.79 -2.60
N ASN F 70 -54.85 -15.18 -3.70
CA ASN F 70 -53.62 -14.55 -4.15
C ASN F 70 -52.49 -14.72 -3.13
N VAL F 71 -52.16 -15.98 -2.84
CA VAL F 71 -50.96 -16.23 -2.07
C VAL F 71 -49.75 -15.83 -2.92
N ASN F 72 -48.67 -15.45 -2.23
CA ASN F 72 -47.51 -14.92 -2.93
C ASN F 72 -46.85 -15.98 -3.81
N ALA F 73 -46.16 -15.50 -4.84
CA ALA F 73 -45.56 -16.35 -5.86
C ALA F 73 -44.48 -17.27 -5.30
N THR F 74 -43.90 -16.96 -4.14
CA THR F 74 -42.92 -17.88 -3.57
C THR F 74 -43.55 -19.24 -3.32
N ALA F 75 -44.82 -19.26 -2.93
CA ALA F 75 -45.52 -20.51 -2.71
C ALA F 75 -45.70 -21.29 -4.00
N ILE F 76 -46.10 -20.59 -5.08
CA ILE F 76 -46.30 -21.26 -6.36
C ILE F 76 -44.99 -21.89 -6.84
N LYS F 77 -43.88 -21.16 -6.73
CA LYS F 77 -42.60 -21.68 -7.17
C LYS F 77 -42.20 -22.93 -6.38
N ILE F 78 -42.32 -22.86 -5.06
CA ILE F 78 -41.95 -24.02 -4.24
C ILE F 78 -42.77 -25.23 -4.62
N PHE F 79 -44.08 -25.04 -4.77
CA PHE F 79 -44.97 -26.15 -5.13
C PHE F 79 -44.64 -26.71 -6.49
N LYS F 80 -44.48 -25.84 -7.50
CA LYS F 80 -44.16 -26.33 -8.84
C LYS F 80 -42.80 -27.05 -8.85
N ASP F 81 -41.84 -26.54 -8.08
CA ASP F 81 -40.52 -27.18 -8.00
C ASP F 81 -40.60 -28.57 -7.38
N GLN F 82 -41.70 -28.88 -6.70
CA GLN F 82 -41.93 -30.22 -6.18
C GLN F 82 -42.55 -31.14 -7.21
N GLY F 83 -42.85 -30.62 -8.41
CA GLY F 83 -43.62 -31.38 -9.38
C GLY F 83 -45.10 -31.39 -9.12
N TYR F 84 -45.59 -30.56 -8.21
CA TYR F 84 -47.01 -30.51 -7.92
C TYR F 84 -47.77 -29.81 -9.05
N GLN F 85 -49.08 -30.05 -9.10
CA GLN F 85 -49.97 -29.34 -10.00
C GLN F 85 -50.66 -28.23 -9.22
N VAL F 86 -50.49 -26.99 -9.66
CA VAL F 86 -50.92 -25.83 -8.90
C VAL F 86 -52.01 -25.09 -9.67
N GLU F 87 -53.16 -24.89 -9.04
CA GLU F 87 -54.13 -23.91 -9.50
C GLU F 87 -54.07 -22.68 -8.61
N PHE F 88 -53.97 -21.51 -9.25
CA PHE F 88 -53.84 -20.25 -8.55
C PHE F 88 -55.04 -19.37 -8.85
N HIS F 89 -55.54 -18.70 -7.82
CA HIS F 89 -56.62 -17.75 -7.97
C HIS F 89 -56.32 -16.51 -7.16
N LYS F 90 -56.69 -15.35 -7.70
CA LYS F 90 -56.43 -14.10 -6.98
C LYS F 90 -57.45 -13.90 -5.86
N SER F 91 -58.63 -14.48 -6.00
CA SER F 91 -59.69 -14.37 -5.00
C SER F 91 -60.06 -15.75 -4.49
N SER F 92 -61.01 -15.78 -3.57
CA SER F 92 -61.53 -17.06 -3.08
C SER F 92 -62.48 -17.62 -4.12
N LEU F 93 -63.22 -18.65 -3.76
CA LEU F 93 -64.18 -19.22 -4.67
C LEU F 93 -65.55 -19.21 -4.03
N PRO F 94 -66.61 -19.02 -4.82
CA PRO F 94 -67.95 -19.22 -4.29
C PRO F 94 -68.14 -20.68 -3.86
N GLU F 95 -69.06 -20.90 -2.91
CA GLU F 95 -69.21 -22.22 -2.29
C GLU F 95 -69.47 -23.30 -3.34
N ASP F 96 -70.25 -22.99 -4.39
CA ASP F 96 -70.54 -23.99 -5.40
C ASP F 96 -69.27 -24.39 -6.15
N GLU F 97 -68.53 -23.42 -6.68
CA GLU F 97 -67.30 -23.72 -7.42
C GLU F 97 -66.27 -24.37 -6.52
N LEU F 98 -66.26 -24.01 -5.23
CA LEU F 98 -65.27 -24.54 -4.29
C LEU F 98 -65.54 -26.00 -3.98
N ILE F 99 -66.81 -26.36 -3.80
CA ILE F 99 -67.16 -27.76 -3.56
C ILE F 99 -66.78 -28.63 -4.75
N GLU F 100 -66.97 -28.13 -5.96
CA GLU F 100 -66.70 -28.99 -7.14
C GLU F 100 -65.21 -29.15 -7.32
N LYS F 101 -64.43 -28.13 -7.00
CA LYS F 101 -62.98 -28.20 -7.27
C LYS F 101 -62.26 -28.88 -6.12
N ILE F 102 -62.82 -28.84 -4.91
CA ILE F 102 -62.07 -29.41 -3.78
C ILE F 102 -62.15 -30.93 -3.70
N LYS F 103 -63.05 -31.56 -4.47
CA LYS F 103 -63.24 -32.99 -4.35
C LYS F 103 -62.00 -33.77 -4.77
N ASP F 104 -61.20 -33.22 -5.69
CA ASP F 104 -60.03 -33.92 -6.22
C ASP F 104 -58.72 -33.19 -5.90
N VAL F 105 -58.73 -32.30 -4.90
CA VAL F 105 -57.54 -31.52 -4.55
C VAL F 105 -56.82 -32.19 -3.39
N HIS F 106 -55.50 -32.19 -3.45
CA HIS F 106 -54.72 -32.85 -2.41
C HIS F 106 -54.30 -31.89 -1.30
N ALA F 107 -54.04 -30.63 -1.61
CA ALA F 107 -53.70 -29.62 -0.61
C ALA F 107 -54.33 -28.30 -1.03
N ILE F 108 -54.87 -27.57 -0.06
CA ILE F 108 -55.49 -26.29 -0.35
C ILE F 108 -54.79 -25.20 0.47
N GLY F 109 -54.43 -24.11 -0.20
CA GLY F 109 -53.85 -22.96 0.44
C GLY F 109 -54.83 -21.81 0.40
N ILE F 110 -55.15 -21.27 1.57
CA ILE F 110 -56.11 -20.19 1.69
C ILE F 110 -55.50 -19.07 2.53
N ARG F 111 -56.28 -18.01 2.69
CA ARG F 111 -55.96 -16.94 3.62
C ARG F 111 -57.20 -16.67 4.46
N SER F 112 -57.49 -15.41 4.75
CA SER F 112 -58.51 -15.12 5.75
C SER F 112 -59.93 -15.30 5.22
N LYS F 113 -60.18 -15.02 3.94
CA LYS F 113 -61.56 -14.90 3.48
C LYS F 113 -62.20 -16.26 3.19
N THR F 114 -61.46 -17.24 2.69
CA THR F 114 -62.04 -18.54 2.34
C THR F 114 -62.46 -19.31 3.60
N ARG F 115 -63.74 -19.63 3.71
CA ARG F 115 -64.25 -20.38 4.85
C ARG F 115 -64.36 -21.86 4.48
N LEU F 116 -63.54 -22.69 5.12
CA LEU F 116 -63.55 -24.14 4.91
C LEU F 116 -64.34 -24.76 6.05
N THR F 117 -65.64 -24.85 5.88
CA THR F 117 -66.52 -25.46 6.86
C THR F 117 -66.68 -26.94 6.57
N GLU F 118 -67.37 -27.64 7.48
CA GLU F 118 -67.73 -29.03 7.24
C GLU F 118 -68.53 -29.20 5.95
N LYS F 119 -69.41 -28.23 5.63
CA LYS F 119 -70.19 -28.29 4.40
C LYS F 119 -69.28 -28.49 3.19
N ILE F 120 -68.17 -27.76 3.13
CA ILE F 120 -67.27 -27.87 1.99
C ILE F 120 -66.20 -28.94 2.23
N LEU F 121 -65.81 -29.18 3.49
CA LEU F 121 -64.77 -30.18 3.74
C LEU F 121 -65.27 -31.61 3.61
N GLN F 122 -66.57 -31.85 3.78
CA GLN F 122 -67.09 -33.22 3.65
C GLN F 122 -66.84 -33.78 2.26
N HIS F 123 -66.73 -32.93 1.24
CA HIS F 123 -66.55 -33.35 -0.14
C HIS F 123 -65.10 -33.60 -0.53
N ALA F 124 -64.15 -33.38 0.38
CA ALA F 124 -62.72 -33.44 0.07
C ALA F 124 -62.20 -34.87 0.17
N ARG F 125 -62.27 -35.61 -0.94
CA ARG F 125 -61.88 -37.02 -0.91
C ARG F 125 -60.39 -37.19 -0.70
N ASN F 126 -59.59 -36.34 -1.34
CA ASN F 126 -58.15 -36.52 -1.41
C ASN F 126 -57.38 -35.48 -0.60
N LEU F 127 -58.06 -34.67 0.21
CA LEU F 127 -57.39 -33.55 0.86
C LEU F 127 -56.45 -34.06 1.95
N VAL F 128 -55.16 -33.79 1.77
CA VAL F 128 -54.15 -34.23 2.73
C VAL F 128 -53.88 -33.18 3.79
N CYS F 129 -53.86 -31.90 3.41
CA CYS F 129 -53.48 -30.86 4.35
C CYS F 129 -54.03 -29.52 3.86
N ILE F 130 -54.15 -28.58 4.80
CA ILE F 130 -54.61 -27.23 4.51
C ILE F 130 -53.54 -26.24 4.94
N GLY F 131 -53.18 -25.33 4.03
CA GLY F 131 -52.30 -24.23 4.35
C GLY F 131 -53.06 -22.93 4.50
N CYS F 132 -52.94 -22.32 5.67
CA CYS F 132 -53.44 -20.97 5.92
C CYS F 132 -52.27 -20.00 5.76
N PHE F 133 -52.23 -19.25 4.65
CA PHE F 133 -51.09 -18.36 4.44
C PHE F 133 -51.32 -17.03 5.15
N CYS F 134 -51.41 -17.12 6.47
CA CYS F 134 -51.71 -16.01 7.36
C CYS F 134 -51.60 -16.53 8.79
N ILE F 135 -52.05 -15.73 9.75
CA ILE F 135 -52.05 -16.12 11.15
C ILE F 135 -53.35 -16.81 11.56
N GLY F 136 -54.49 -16.25 11.15
CA GLY F 136 -55.77 -16.73 11.63
C GLY F 136 -56.18 -18.05 11.00
N THR F 137 -56.76 -18.91 11.83
CA THR F 137 -57.29 -20.20 11.38
C THR F 137 -58.78 -20.35 11.64
N ASN F 138 -59.44 -19.31 12.16
CA ASN F 138 -60.86 -19.38 12.51
C ASN F 138 -61.73 -19.69 11.29
N GLN F 139 -61.26 -19.38 10.09
CA GLN F 139 -62.00 -19.66 8.88
C GLN F 139 -62.00 -21.13 8.51
N VAL F 140 -61.31 -21.98 9.26
CA VAL F 140 -61.25 -23.41 9.00
C VAL F 140 -61.81 -24.16 10.19
N ASP F 141 -62.70 -25.11 9.91
CA ASP F 141 -63.24 -25.98 10.94
C ASP F 141 -62.14 -26.96 11.35
N LEU F 142 -61.32 -26.56 12.32
CA LEU F 142 -60.14 -27.35 12.62
C LEU F 142 -60.50 -28.74 13.11
N LYS F 143 -61.49 -28.86 14.00
CA LYS F 143 -61.84 -30.16 14.53
C LYS F 143 -62.35 -31.10 13.46
N TYR F 144 -63.27 -30.62 12.62
CA TYR F 144 -63.77 -31.48 11.56
C TYR F 144 -62.63 -31.90 10.63
N ALA F 145 -61.81 -30.92 10.20
CA ALA F 145 -60.67 -31.23 9.36
C ALA F 145 -59.77 -32.25 10.04
N ALA F 146 -59.57 -32.13 11.35
CA ALA F 146 -58.77 -33.11 12.08
C ALA F 146 -59.46 -34.47 12.09
N SER F 147 -60.77 -34.52 12.30
CA SER F 147 -61.48 -35.79 12.38
C SER F 147 -61.43 -36.55 11.06
N LYS F 148 -61.19 -35.86 9.94
CA LYS F 148 -61.02 -36.50 8.64
C LYS F 148 -59.54 -36.63 8.26
N GLY F 149 -58.63 -36.41 9.21
CA GLY F 149 -57.20 -36.58 8.97
C GLY F 149 -56.57 -35.52 8.11
N ILE F 150 -57.02 -34.28 8.22
CA ILE F 150 -56.49 -33.19 7.42
C ILE F 150 -55.74 -32.26 8.35
N ALA F 151 -54.41 -32.24 8.22
CA ALA F 151 -53.58 -31.37 9.04
C ALA F 151 -53.63 -29.95 8.49
N VAL F 152 -53.65 -28.97 9.39
CA VAL F 152 -53.71 -27.57 9.01
C VAL F 152 -52.48 -26.85 9.52
N PHE F 153 -51.90 -25.98 8.69
CA PHE F 153 -50.72 -25.23 9.11
C PHE F 153 -50.96 -23.75 8.81
N ASN F 154 -50.25 -22.89 9.54
CA ASN F 154 -50.33 -21.45 9.29
C ASN F 154 -48.93 -20.83 9.37
N SER F 155 -48.90 -19.50 9.27
CA SER F 155 -47.69 -18.69 9.43
C SER F 155 -47.93 -17.72 10.56
N PRO F 156 -47.61 -18.10 11.79
CA PRO F 156 -47.95 -17.25 12.94
C PRO F 156 -47.05 -16.04 13.11
N PHE F 157 -45.76 -16.16 12.78
CA PHE F 157 -44.80 -15.14 13.19
C PHE F 157 -44.13 -14.48 11.98
N SER F 158 -44.67 -14.65 10.79
CA SER F 158 -44.00 -14.13 9.60
C SER F 158 -44.05 -12.62 9.49
N ASN F 159 -44.88 -11.94 10.28
CA ASN F 159 -45.06 -10.51 10.16
C ASN F 159 -44.29 -9.74 11.24
N SER F 160 -43.39 -10.40 11.96
CA SER F 160 -42.72 -9.77 13.10
C SER F 160 -41.92 -8.55 12.65
N ARG F 161 -41.06 -8.73 11.65
CA ARG F 161 -40.23 -7.61 11.19
C ARG F 161 -41.09 -6.44 10.73
N SER F 162 -42.17 -6.73 9.99
CA SER F 162 -42.97 -5.64 9.42
C SER F 162 -43.65 -4.83 10.51
N VAL F 163 -44.15 -5.49 11.55
CA VAL F 163 -44.78 -4.73 12.62
C VAL F 163 -43.74 -3.90 13.37
N ALA F 164 -42.55 -4.44 13.58
CA ALA F 164 -41.51 -3.71 14.30
C ALA F 164 -41.10 -2.46 13.54
N GLU F 165 -40.83 -2.60 12.24
CA GLU F 165 -40.48 -1.42 11.45
C GLU F 165 -41.62 -0.41 11.45
N LEU F 166 -42.85 -0.90 11.38
CA LEU F 166 -44.00 -0.01 11.43
C LEU F 166 -43.97 0.85 12.69
N VAL F 167 -43.69 0.24 13.85
CA VAL F 167 -43.67 0.99 15.10
C VAL F 167 -42.52 2.00 15.10
N ILE F 168 -41.35 1.61 14.62
CA ILE F 168 -40.21 2.51 14.50
C ILE F 168 -40.60 3.74 13.69
N GLY F 169 -41.22 3.52 12.53
CA GLY F 169 -41.67 4.63 11.72
C GLY F 169 -42.69 5.52 12.42
N GLU F 170 -43.56 4.90 13.22
CA GLU F 170 -44.59 5.68 13.90
C GLU F 170 -44.08 6.37 15.15
N ILE F 171 -43.15 5.75 15.87
CA ILE F 171 -42.51 6.43 16.99
C ILE F 171 -41.94 7.77 16.51
N ILE F 172 -41.23 7.74 15.38
CA ILE F 172 -40.63 8.95 14.83
C ILE F 172 -41.71 9.87 14.29
N SER F 173 -42.69 9.30 13.57
CA SER F 173 -43.74 10.12 12.98
C SER F 173 -44.55 10.83 14.06
N LEU F 174 -44.89 10.13 15.14
CA LEU F 174 -45.60 10.76 16.25
C LEU F 174 -44.73 11.78 16.98
N ALA F 175 -43.44 11.48 17.18
CA ALA F 175 -42.56 12.41 17.86
C ALA F 175 -42.36 13.70 17.09
N ARG F 176 -42.54 13.67 15.77
CA ARG F 176 -42.29 14.82 14.92
C ARG F 176 -43.57 15.38 14.32
N GLN F 177 -44.71 14.74 14.62
CA GLN F 177 -46.02 15.14 14.12
C GLN F 177 -46.04 15.20 12.59
N LEU F 178 -45.36 14.24 11.96
CA LEU F 178 -45.24 14.23 10.51
C LEU F 178 -46.61 14.09 9.84
N GLY F 179 -47.43 13.16 10.34
CA GLY F 179 -48.76 12.98 9.78
C GLY F 179 -49.51 14.30 9.71
N ASP F 180 -49.54 15.04 10.82
CA ASP F 180 -50.22 16.33 10.84
C ASP F 180 -49.56 17.32 9.90
N ARG F 181 -48.23 17.46 10.00
CA ARG F 181 -47.53 18.42 9.15
C ARG F 181 -47.85 18.20 7.68
N SER F 182 -47.87 16.94 7.25
CA SER F 182 -48.04 16.68 5.82
C SER F 182 -49.47 16.92 5.37
N ILE F 183 -50.43 16.51 6.18
CA ILE F 183 -51.82 16.85 5.90
C ILE F 183 -52.02 18.36 5.92
N GLU F 184 -51.29 19.06 6.80
CA GLU F 184 -51.38 20.52 6.84
C GLU F 184 -50.91 21.14 5.53
N LEU F 185 -49.78 20.66 5.00
CA LEU F 185 -49.26 21.19 3.75
C LEU F 185 -50.12 20.79 2.57
N HIS F 186 -50.70 19.58 2.58
CA HIS F 186 -51.61 19.18 1.52
C HIS F 186 -52.88 20.03 1.48
N THR F 187 -53.18 20.82 2.51
CA THR F 187 -54.33 21.70 2.51
C THR F 187 -53.91 23.17 2.56
N GLY F 188 -52.66 23.47 2.20
CA GLY F 188 -52.19 24.82 2.07
C GLY F 188 -51.55 25.42 3.31
N THR F 189 -51.71 24.78 4.47
CA THR F 189 -51.25 25.35 5.72
C THR F 189 -49.75 25.07 5.93
N TRP F 190 -49.00 26.14 6.17
CA TRP F 190 -47.59 26.07 6.51
C TRP F 190 -47.46 26.26 8.01
N ASN F 191 -47.01 25.23 8.73
CA ASN F 191 -47.00 25.30 10.20
C ASN F 191 -45.73 24.64 10.72
N LYS F 192 -44.61 25.37 10.62
CA LYS F 192 -43.36 24.88 11.20
C LYS F 192 -43.50 24.88 12.72
N VAL F 193 -43.45 23.70 13.31
CA VAL F 193 -43.60 23.56 14.75
C VAL F 193 -42.43 22.74 15.26
N ALA F 194 -41.67 23.32 16.19
CA ALA F 194 -40.68 22.57 16.95
C ALA F 194 -41.16 22.35 18.37
N ALA F 195 -42.16 23.11 18.82
CA ALA F 195 -42.63 22.98 20.18
C ALA F 195 -43.16 21.59 20.39
N ARG F 196 -42.57 20.87 21.36
CA ARG F 196 -43.09 19.54 21.77
C ARG F 196 -42.80 18.43 20.77
N CYS F 197 -41.98 18.70 19.76
CA CYS F 197 -41.53 17.66 18.84
C CYS F 197 -40.15 17.21 19.28
N TRP F 198 -39.87 15.92 19.18
CA TRP F 198 -38.76 15.31 19.90
C TRP F 198 -37.82 14.59 18.96
N GLU F 199 -36.53 14.72 19.24
CA GLU F 199 -35.61 13.67 18.81
C GLU F 199 -35.97 12.41 19.57
N VAL F 200 -36.01 11.29 18.86
CA VAL F 200 -36.37 10.06 19.53
C VAL F 200 -35.21 9.53 20.37
N ARG F 201 -33.97 9.90 20.03
CA ARG F 201 -32.81 9.52 20.83
C ARG F 201 -32.96 10.06 22.25
N GLY F 202 -32.72 9.20 23.24
CA GLY F 202 -32.83 9.58 24.64
C GLY F 202 -34.18 9.31 25.27
N LYS F 203 -35.21 9.04 24.49
CA LYS F 203 -36.50 8.73 25.08
C LYS F 203 -36.53 7.26 25.48
N THR F 204 -37.58 6.88 26.19
CA THR F 204 -37.72 5.53 26.68
C THR F 204 -38.91 4.86 26.01
N LEU F 205 -38.67 3.71 25.40
CA LEU F 205 -39.72 2.92 24.78
C LEU F 205 -40.23 1.88 25.77
N GLY F 206 -41.52 1.91 26.04
CA GLY F 206 -42.13 0.87 26.85
C GLY F 206 -42.81 -0.17 25.99
N ILE F 207 -42.21 -1.37 25.92
CA ILE F 207 -42.74 -2.48 25.14
C ILE F 207 -43.55 -3.39 26.06
N ILE F 208 -44.85 -3.53 25.79
CA ILE F 208 -45.72 -4.41 26.56
C ILE F 208 -45.90 -5.70 25.76
N GLY F 209 -45.29 -6.78 26.25
CA GLY F 209 -45.26 -8.03 25.51
C GLY F 209 -43.98 -8.15 24.71
N TYR F 210 -43.02 -8.90 25.24
CA TYR F 210 -41.66 -8.94 24.67
C TYR F 210 -41.48 -10.22 23.87
N GLY F 211 -42.37 -10.41 22.90
CA GLY F 211 -42.42 -11.63 22.09
C GLY F 211 -41.66 -11.50 20.79
N HIS F 212 -42.21 -12.10 19.73
CA HIS F 212 -41.56 -12.03 18.42
C HIS F 212 -41.44 -10.59 17.95
N ILE F 213 -42.54 -9.84 18.00
CA ILE F 213 -42.49 -8.45 17.56
C ILE F 213 -41.72 -7.60 18.57
N GLY F 214 -42.04 -7.74 19.86
CA GLY F 214 -41.42 -6.89 20.87
C GLY F 214 -39.91 -7.02 20.91
N SER F 215 -39.41 -8.25 20.90
CA SER F 215 -37.96 -8.46 20.97
C SER F 215 -37.27 -7.91 19.72
N GLN F 216 -37.91 -8.02 18.55
CA GLN F 216 -37.30 -7.39 17.37
C GLN F 216 -37.44 -5.88 17.43
N LEU F 217 -38.57 -5.39 17.93
CA LEU F 217 -38.71 -3.96 18.15
C LEU F 217 -37.67 -3.46 19.14
N SER F 218 -37.34 -4.29 20.14
CA SER F 218 -36.37 -3.89 21.15
C SER F 218 -35.04 -3.50 20.51
N VAL F 219 -34.52 -4.35 19.64
CA VAL F 219 -33.22 -4.11 19.03
C VAL F 219 -33.25 -2.88 18.13
N LEU F 220 -34.32 -2.73 17.34
CA LEU F 220 -34.41 -1.56 16.47
C LEU F 220 -34.48 -0.27 17.28
N ALA F 221 -35.24 -0.27 18.37
CA ALA F 221 -35.44 0.93 19.17
C ALA F 221 -34.12 1.38 19.79
N GLU F 222 -33.36 0.45 20.36
CA GLU F 222 -32.06 0.82 20.90
C GLU F 222 -31.15 1.35 19.80
N ALA F 223 -31.18 0.71 18.63
CA ALA F 223 -30.40 1.20 17.52
C ALA F 223 -30.78 2.64 17.16
N MET F 224 -32.07 2.97 17.28
CA MET F 224 -32.52 4.35 17.11
C MET F 224 -32.23 5.22 18.32
N GLY F 225 -31.56 4.67 19.34
CA GLY F 225 -31.16 5.44 20.51
C GLY F 225 -32.15 5.42 21.65
N LEU F 226 -33.11 4.50 21.66
CA LEU F 226 -34.12 4.46 22.70
C LEU F 226 -33.64 3.59 23.86
N HIS F 227 -34.05 3.98 25.06
CA HIS F 227 -34.04 3.07 26.18
C HIS F 227 -35.29 2.21 26.11
N VAL F 228 -35.12 0.91 26.33
CA VAL F 228 -36.22 -0.03 26.19
C VAL F 228 -36.52 -0.66 27.53
N LEU F 229 -37.74 -0.45 28.01
CA LEU F 229 -38.28 -1.17 29.15
C LEU F 229 -39.39 -2.08 28.64
N TYR F 230 -39.47 -3.28 29.18
CA TYR F 230 -40.53 -4.18 28.76
C TYR F 230 -41.17 -4.87 29.95
N TYR F 231 -42.49 -4.94 29.90
CA TYR F 231 -43.30 -5.70 30.83
C TYR F 231 -43.82 -6.96 30.17
N ASP F 232 -43.75 -8.07 30.89
CA ASP F 232 -44.39 -9.29 30.42
C ASP F 232 -44.69 -10.18 31.62
N ILE F 233 -45.71 -11.03 31.45
CA ILE F 233 -46.21 -11.88 32.53
C ILE F 233 -45.23 -13.00 32.79
N VAL F 234 -44.13 -13.02 32.04
CA VAL F 234 -43.10 -14.02 32.17
C VAL F 234 -41.76 -13.32 32.19
N THR F 235 -40.81 -13.92 32.91
CA THR F 235 -39.43 -13.43 32.90
C THR F 235 -38.78 -13.80 31.59
N ILE F 236 -38.24 -12.81 30.88
CA ILE F 236 -37.66 -13.01 29.57
C ILE F 236 -36.25 -12.43 29.57
N MET F 237 -35.31 -13.19 29.02
CA MET F 237 -33.94 -12.71 28.84
C MET F 237 -33.96 -11.54 27.87
N ALA F 238 -33.50 -10.39 28.34
CA ALA F 238 -33.51 -9.18 27.53
C ALA F 238 -32.50 -9.26 26.40
N LEU F 239 -32.84 -8.64 25.26
CA LEU F 239 -31.89 -8.43 24.17
C LEU F 239 -31.21 -7.08 24.34
N GLY F 240 -29.93 -7.04 23.96
CA GLY F 240 -29.14 -5.81 24.10
C GLY F 240 -29.12 -5.33 25.55
N THR F 241 -29.49 -4.06 25.73
CA THR F 241 -29.49 -3.43 27.05
C THR F 241 -30.90 -3.11 27.53
N ALA F 242 -31.91 -3.78 26.99
CA ALA F 242 -33.26 -3.58 27.46
C ALA F 242 -33.40 -4.07 28.90
N ARG F 243 -34.40 -3.55 29.60
CA ARG F 243 -34.60 -3.89 31.00
C ARG F 243 -36.06 -4.25 31.24
N GLN F 244 -36.28 -5.42 31.82
CA GLN F 244 -37.64 -5.82 32.19
C GLN F 244 -38.02 -5.15 33.50
N VAL F 245 -39.27 -4.71 33.58
CA VAL F 245 -39.78 -4.07 34.78
C VAL F 245 -40.77 -5.02 35.45
N SER F 246 -40.84 -4.93 36.78
CA SER F 246 -41.63 -5.90 37.54
C SER F 246 -43.12 -5.72 37.30
N THR F 247 -43.59 -4.47 37.23
CA THR F 247 -45.00 -4.18 37.14
C THR F 247 -45.30 -3.35 35.89
N LEU F 248 -46.56 -3.41 35.44
CA LEU F 248 -46.97 -2.58 34.32
C LEU F 248 -46.84 -1.11 34.66
N ASP F 249 -47.13 -0.72 35.91
CA ASP F 249 -47.16 0.69 36.27
C ASP F 249 -45.76 1.33 36.15
N GLU F 250 -44.71 0.57 36.49
CA GLU F 250 -43.36 1.10 36.32
C GLU F 250 -43.06 1.41 34.86
N LEU F 251 -43.45 0.51 33.95
CA LEU F 251 -43.28 0.79 32.53
C LEU F 251 -44.07 2.03 32.13
N LEU F 252 -45.31 2.15 32.60
CA LEU F 252 -46.12 3.31 32.24
C LEU F 252 -45.51 4.59 32.79
N ASN F 253 -44.96 4.52 34.01
CA ASN F 253 -44.43 5.71 34.65
C ASN F 253 -43.13 6.18 34.00
N LYS F 254 -42.29 5.27 33.51
CA LYS F 254 -40.93 5.61 33.10
C LYS F 254 -40.75 5.68 31.59
N SER F 255 -41.76 5.36 30.79
CA SER F 255 -41.61 5.32 29.35
C SER F 255 -42.27 6.54 28.69
N ASP F 256 -41.68 6.98 27.59
CA ASP F 256 -42.22 8.04 26.76
C ASP F 256 -43.10 7.50 25.65
N PHE F 257 -42.77 6.31 25.15
CA PHE F 257 -43.51 5.64 24.08
C PHE F 257 -43.91 4.26 24.59
N VAL F 258 -45.21 3.97 24.55
CA VAL F 258 -45.75 2.70 25.03
C VAL F 258 -46.36 1.95 23.84
N THR F 259 -45.86 0.74 23.60
CA THR F 259 -46.29 -0.07 22.48
C THR F 259 -46.79 -1.43 22.97
N LEU F 260 -47.88 -1.91 22.37
CA LEU F 260 -48.53 -3.16 22.75
C LEU F 260 -48.27 -4.23 21.72
N HIS F 261 -47.77 -5.39 22.17
CA HIS F 261 -47.51 -6.53 21.29
C HIS F 261 -47.89 -7.81 22.04
N VAL F 262 -49.15 -7.87 22.43
CA VAL F 262 -49.64 -8.91 23.35
C VAL F 262 -50.69 -9.74 22.62
N PRO F 263 -50.93 -10.98 23.10
CA PRO F 263 -51.95 -11.82 22.54
C PRO F 263 -53.30 -11.26 22.98
N ALA F 264 -54.39 -11.80 22.43
CA ALA F 264 -55.73 -11.39 22.92
C ALA F 264 -56.14 -12.39 23.99
N THR F 265 -56.28 -11.93 25.23
CA THR F 265 -56.60 -12.84 26.34
C THR F 265 -57.57 -12.13 27.25
N PRO F 266 -58.14 -12.83 28.24
CA PRO F 266 -58.98 -12.16 29.21
C PRO F 266 -58.15 -11.14 29.99
N GLU F 267 -56.85 -11.42 30.15
CA GLU F 267 -55.99 -10.53 30.93
C GLU F 267 -55.49 -9.32 30.13
N THR F 268 -55.50 -9.39 28.79
CA THR F 268 -55.13 -8.25 27.96
C THR F 268 -56.33 -7.48 27.41
N GLU F 269 -57.54 -8.03 27.54
CA GLU F 269 -58.74 -7.33 27.09
C GLU F 269 -58.86 -5.97 27.78
N LYS F 270 -58.79 -4.90 26.99
CA LYS F 270 -58.92 -3.53 27.49
C LYS F 270 -57.91 -3.21 28.59
N MET F 271 -56.71 -3.79 28.51
CA MET F 271 -55.71 -3.64 29.56
C MET F 271 -55.12 -2.23 29.64
N LEU F 272 -55.24 -1.41 28.60
CA LEU F 272 -54.87 0.00 28.69
C LEU F 272 -56.15 0.83 28.65
N SER F 273 -56.53 1.37 29.82
CA SER F 273 -57.71 2.23 29.94
C SER F 273 -57.38 3.46 30.77
N ALA F 274 -58.42 4.17 31.21
CA ALA F 274 -58.25 5.41 31.97
C ALA F 274 -57.26 5.32 33.13
N PRO F 275 -57.30 4.30 34.00
CA PRO F 275 -56.33 4.28 35.11
C PRO F 275 -54.89 4.21 34.67
N GLN F 276 -54.62 3.48 33.59
CA GLN F 276 -53.26 3.30 33.10
C GLN F 276 -52.74 4.53 32.38
N PHE F 277 -53.61 5.22 31.63
CA PHE F 277 -53.24 6.49 31.03
C PHE F 277 -52.86 7.51 32.11
N ALA F 278 -53.56 7.48 33.24
CA ALA F 278 -53.22 8.36 34.35
C ALA F 278 -51.84 8.05 34.93
N ALA F 279 -51.38 6.81 34.80
CA ALA F 279 -50.07 6.42 35.32
C ALA F 279 -48.91 6.77 34.40
N MET F 280 -49.18 7.19 33.15
CA MET F 280 -48.15 7.53 32.19
C MET F 280 -47.71 8.98 32.31
N LYS F 281 -46.64 9.32 31.59
CA LYS F 281 -46.08 10.66 31.64
C LYS F 281 -46.92 11.64 30.82
N ASP F 282 -46.90 12.91 31.24
CA ASP F 282 -47.59 13.97 30.50
C ASP F 282 -46.97 14.14 29.11
N GLY F 283 -47.79 14.04 28.08
CA GLY F 283 -47.29 14.10 26.73
C GLY F 283 -46.67 12.83 26.22
N ALA F 284 -47.06 11.66 26.74
CA ALA F 284 -46.53 10.39 26.29
C ALA F 284 -47.28 9.89 25.05
N TYR F 285 -46.79 8.80 24.48
CA TYR F 285 -47.28 8.30 23.21
C TYR F 285 -47.69 6.85 23.34
N VAL F 286 -48.82 6.49 22.73
CA VAL F 286 -49.36 5.14 22.77
C VAL F 286 -49.44 4.60 21.34
N ILE F 287 -48.90 3.40 21.13
CA ILE F 287 -48.97 2.74 19.83
C ILE F 287 -49.55 1.34 20.03
N ASN F 288 -50.59 1.01 19.26
CA ASN F 288 -51.19 -0.32 19.31
C ASN F 288 -51.20 -0.91 17.90
N ALA F 289 -50.23 -1.78 17.64
CA ALA F 289 -50.23 -2.62 16.45
C ALA F 289 -50.41 -4.09 16.82
N SER F 290 -51.12 -4.35 17.93
CA SER F 290 -51.37 -5.71 18.37
C SER F 290 -52.80 -6.17 18.04
N ARG F 291 -53.70 -6.12 19.02
CA ARG F 291 -55.08 -6.56 18.86
C ARG F 291 -56.05 -5.43 19.19
N GLY F 292 -57.20 -5.39 18.52
CA GLY F 292 -58.14 -4.27 18.71
C GLY F 292 -58.92 -4.30 20.01
N THR F 293 -58.57 -5.20 20.91
CA THR F 293 -59.30 -5.36 22.18
C THR F 293 -58.44 -4.87 23.33
N VAL F 294 -57.12 -4.81 23.14
CA VAL F 294 -56.18 -4.47 24.24
C VAL F 294 -56.24 -2.98 24.61
N VAL F 295 -56.89 -2.17 23.78
CA VAL F 295 -56.85 -0.71 24.06
C VAL F 295 -58.26 -0.18 24.22
N ASP F 296 -58.53 0.51 25.34
CA ASP F 296 -59.82 1.17 25.49
C ASP F 296 -59.77 2.49 24.75
N ILE F 297 -60.36 2.50 23.55
CA ILE F 297 -60.33 3.71 22.73
C ILE F 297 -61.06 4.88 23.40
N PRO F 298 -62.23 4.71 24.03
CA PRO F 298 -62.89 5.87 24.66
C PRO F 298 -62.03 6.59 25.71
N SER F 299 -61.29 5.86 26.55
CA SER F 299 -60.42 6.54 27.51
C SER F 299 -59.24 7.20 26.82
N LEU F 300 -58.72 6.58 25.75
CA LEU F 300 -57.61 7.18 25.01
C LEU F 300 -58.02 8.51 24.37
N ILE F 301 -59.20 8.55 23.76
CA ILE F 301 -59.71 9.80 23.20
C ILE F 301 -59.76 10.88 24.28
N GLN F 302 -60.14 10.48 25.50
CA GLN F 302 -60.17 11.44 26.60
C GLN F 302 -58.75 11.91 26.94
N ALA F 303 -57.81 10.96 27.04
CA ALA F 303 -56.45 11.31 27.44
C ALA F 303 -55.79 12.25 26.43
N VAL F 304 -56.06 12.03 25.14
CA VAL F 304 -55.54 12.93 24.12
C VAL F 304 -56.24 14.28 24.20
N LYS F 305 -57.56 14.27 24.31
CA LYS F 305 -58.29 15.53 24.40
C LYS F 305 -57.89 16.33 25.63
N ALA F 306 -57.47 15.66 26.71
CA ALA F 306 -57.00 16.32 27.91
C ALA F 306 -55.52 16.65 27.86
N ASN F 307 -54.88 16.52 26.69
CA ASN F 307 -53.47 16.79 26.49
C ASN F 307 -52.58 15.94 27.39
N LYS F 308 -53.13 14.83 27.91
CA LYS F 308 -52.34 13.89 28.71
C LYS F 308 -51.52 12.99 27.80
N ILE F 309 -52.13 12.49 26.74
CA ILE F 309 -51.45 11.71 25.72
C ILE F 309 -51.20 12.63 24.53
N ALA F 310 -49.95 12.69 24.07
CA ALA F 310 -49.55 13.60 23.02
C ALA F 310 -49.78 13.04 21.62
N GLY F 311 -49.85 11.72 21.49
CA GLY F 311 -50.06 11.10 20.20
C GLY F 311 -50.29 9.62 20.31
N ALA F 312 -50.89 9.07 19.25
CA ALA F 312 -51.20 7.65 19.24
C ALA F 312 -51.19 7.14 17.81
N ALA F 313 -50.79 5.88 17.65
CA ALA F 313 -50.81 5.20 16.37
C ALA F 313 -51.57 3.90 16.55
N LEU F 314 -52.68 3.75 15.82
CA LEU F 314 -53.56 2.59 15.96
C LEU F 314 -53.56 1.82 14.65
N ASP F 315 -53.22 0.52 14.71
CA ASP F 315 -53.33 -0.35 13.54
C ASP F 315 -54.46 -1.37 13.65
N VAL F 316 -54.95 -1.65 14.85
CA VAL F 316 -55.99 -2.64 15.11
C VAL F 316 -57.11 -1.96 15.88
N TYR F 317 -58.30 -2.54 15.78
CA TYR F 317 -59.52 -1.87 16.21
C TYR F 317 -60.48 -2.88 16.80
N PRO F 318 -61.37 -2.47 17.70
CA PRO F 318 -62.39 -3.41 18.22
C PRO F 318 -63.24 -4.03 17.11
N HIS F 319 -63.70 -3.22 16.17
CA HIS F 319 -64.49 -3.68 15.03
C HIS F 319 -63.82 -3.21 13.76
N GLU F 320 -63.58 -4.13 12.82
CA GLU F 320 -62.85 -3.84 11.60
C GLU F 320 -63.63 -4.34 10.39
N PRO F 321 -63.48 -3.69 9.24
CA PRO F 321 -64.18 -4.14 8.04
C PRO F 321 -63.69 -5.52 7.60
N ALA F 322 -64.56 -6.26 6.93
CA ALA F 322 -64.17 -7.52 6.32
C ALA F 322 -63.58 -7.33 4.92
N LYS F 323 -63.91 -6.22 4.26
CA LYS F 323 -63.42 -5.90 2.94
C LYS F 323 -63.16 -4.41 2.85
N ASN F 324 -62.33 -4.04 1.88
CA ASN F 324 -62.00 -2.64 1.67
C ASN F 324 -63.19 -1.88 1.08
N GLY F 325 -63.31 -0.61 1.45
CA GLY F 325 -64.37 0.24 0.93
C GLY F 325 -64.30 1.61 1.55
N GLU F 326 -65.00 2.56 0.90
CA GLU F 326 -64.90 3.95 1.35
C GLU F 326 -65.59 4.23 2.68
N GLY F 327 -66.89 4.05 2.79
CA GLY F 327 -67.45 4.39 4.11
C GLY F 327 -67.26 3.31 5.16
N SER F 328 -66.26 2.43 5.03
CA SER F 328 -66.10 1.28 5.95
C SER F 328 -65.76 1.68 7.39
N PHE F 329 -64.94 2.71 7.58
CA PHE F 329 -64.52 3.12 8.95
C PHE F 329 -65.40 4.28 9.41
N ASN F 330 -66.48 3.99 10.14
CA ASN F 330 -67.43 5.06 10.55
C ASN F 330 -67.96 4.83 11.95
N ASP F 331 -68.79 5.74 12.46
CA ASP F 331 -69.24 5.60 13.86
C ASP F 331 -70.16 4.38 13.97
N GLU F 332 -70.35 3.67 12.85
CA GLU F 332 -71.20 2.46 12.84
C GLU F 332 -70.38 1.24 13.25
N LEU F 333 -69.26 0.99 12.56
CA LEU F 333 -68.35 -0.12 12.94
C LEU F 333 -67.80 0.22 14.33
N ASN F 334 -67.34 1.46 14.48
CA ASN F 334 -66.84 1.91 15.80
C ASN F 334 -67.53 3.23 16.14
N SER F 335 -68.18 3.31 17.29
CA SER F 335 -68.99 4.50 17.69
C SER F 335 -68.13 5.74 17.92
N TRP F 336 -66.85 5.56 18.19
CA TRP F 336 -66.02 6.72 18.57
C TRP F 336 -65.18 7.14 17.38
N THR F 337 -65.59 6.74 16.19
CA THR F 337 -64.73 7.01 15.04
C THR F 337 -64.65 8.50 14.71
N SER F 338 -65.80 9.16 14.55
CA SER F 338 -65.79 10.58 14.15
C SER F 338 -65.04 11.45 15.14
N GLU F 339 -65.02 11.08 16.42
CA GLU F 339 -64.25 11.82 17.42
C GLU F 339 -62.77 11.48 17.33
N LEU F 340 -62.46 10.19 17.15
CA LEU F 340 -61.08 9.77 16.94
C LEU F 340 -60.45 10.48 15.75
N VAL F 341 -61.23 10.64 14.67
CA VAL F 341 -60.74 11.31 13.46
C VAL F 341 -60.48 12.80 13.69
N SER F 342 -61.14 13.42 14.66
CA SER F 342 -60.99 14.85 14.88
C SER F 342 -59.77 15.22 15.72
N LEU F 343 -59.03 14.26 16.27
CA LEU F 343 -57.97 14.54 17.23
C LEU F 343 -56.63 14.77 16.54
N PRO F 344 -55.76 15.59 17.11
CA PRO F 344 -54.45 15.84 16.51
C PRO F 344 -53.44 14.74 16.80
N ASN F 345 -52.57 14.49 15.80
CA ASN F 345 -51.40 13.62 15.93
C ASN F 345 -51.79 12.18 16.29
N ILE F 346 -52.82 11.65 15.65
CA ILE F 346 -53.17 10.24 15.76
C ILE F 346 -52.93 9.59 14.41
N ILE F 347 -52.14 8.52 14.40
CA ILE F 347 -51.90 7.76 13.19
C ILE F 347 -52.82 6.56 13.19
N LEU F 348 -53.60 6.42 12.12
CA LEU F 348 -54.57 5.34 11.98
C LEU F 348 -54.22 4.53 10.74
N THR F 349 -54.09 3.21 10.89
CA THR F 349 -53.75 2.38 9.74
C THR F 349 -54.68 1.19 9.63
N PRO F 350 -55.05 0.80 8.39
CA PRO F 350 -56.07 -0.26 8.19
C PRO F 350 -55.49 -1.66 8.34
N HIS F 351 -54.91 -1.92 9.50
CA HIS F 351 -54.38 -3.25 9.84
C HIS F 351 -53.32 -3.69 8.84
N ILE F 352 -52.36 -2.79 8.58
CA ILE F 352 -51.29 -3.04 7.62
C ILE F 352 -50.02 -3.47 8.34
N GLY F 353 -50.11 -3.91 9.59
CA GLY F 353 -48.94 -4.31 10.34
C GLY F 353 -48.08 -5.33 9.64
N GLY F 354 -48.69 -6.23 8.88
CA GLY F 354 -47.95 -7.21 8.11
C GLY F 354 -48.04 -7.06 6.60
N SER F 355 -48.55 -5.94 6.10
CA SER F 355 -48.83 -5.78 4.68
C SER F 355 -47.59 -5.26 3.96
N THR F 356 -46.61 -6.14 3.79
CA THR F 356 -45.42 -5.86 2.98
C THR F 356 -45.17 -7.01 2.03
N GLU F 357 -44.53 -6.69 0.90
CA GLU F 357 -44.13 -7.71 -0.06
C GLU F 357 -43.28 -8.79 0.60
N GLU F 358 -42.34 -8.39 1.46
CA GLU F 358 -41.48 -9.33 2.16
C GLU F 358 -42.28 -10.26 3.07
N ALA F 359 -43.18 -9.69 3.87
CA ALA F 359 -44.00 -10.50 4.77
C ALA F 359 -44.78 -11.55 4.02
N GLN F 360 -45.51 -11.15 2.97
CA GLN F 360 -46.23 -12.11 2.14
C GLN F 360 -45.30 -13.11 1.51
N SER F 361 -44.10 -12.68 1.16
CA SER F 361 -43.11 -13.58 0.59
C SER F 361 -42.65 -14.60 1.63
N SER F 362 -42.45 -14.17 2.87
CA SER F 362 -42.06 -15.09 3.94
C SER F 362 -43.19 -16.06 4.26
N ILE F 363 -44.44 -15.58 4.28
CA ILE F 363 -45.57 -16.47 4.51
C ILE F 363 -45.59 -17.56 3.45
N GLY F 364 -45.46 -17.17 2.18
CA GLY F 364 -45.40 -18.15 1.11
C GLY F 364 -44.38 -19.24 1.34
N ILE F 365 -43.14 -18.86 1.66
CA ILE F 365 -42.09 -19.84 1.86
C ILE F 365 -42.39 -20.72 3.07
N GLU F 366 -42.79 -20.09 4.18
CA GLU F 366 -43.02 -20.82 5.42
C GLU F 366 -44.10 -21.89 5.24
N VAL F 367 -45.27 -21.49 4.72
CA VAL F 367 -46.38 -22.42 4.71
C VAL F 367 -46.21 -23.43 3.58
N ALA F 368 -45.71 -22.99 2.42
CA ALA F 368 -45.48 -23.93 1.33
C ALA F 368 -44.47 -24.99 1.72
N THR F 369 -43.38 -24.57 2.36
CA THR F 369 -42.41 -25.53 2.88
C THR F 369 -43.08 -26.47 3.87
N ALA F 370 -43.91 -25.92 4.76
CA ALA F 370 -44.60 -26.72 5.76
C ALA F 370 -45.48 -27.78 5.09
N LEU F 371 -46.33 -27.37 4.15
CA LEU F 371 -47.17 -28.35 3.46
C LEU F 371 -46.33 -29.35 2.70
N SER F 372 -45.24 -28.89 2.08
CA SER F 372 -44.40 -29.80 1.31
C SER F 372 -43.77 -30.86 2.21
N LYS F 373 -43.27 -30.45 3.38
CA LYS F 373 -42.66 -31.45 4.26
C LYS F 373 -43.71 -32.41 4.79
N TYR F 374 -44.97 -31.96 4.94
CA TYR F 374 -46.01 -32.87 5.37
C TYR F 374 -46.39 -33.82 4.26
N ILE F 375 -46.47 -33.32 3.03
CA ILE F 375 -46.80 -34.18 1.91
C ILE F 375 -45.65 -35.14 1.62
N ASN F 376 -44.43 -34.62 1.49
CA ASN F 376 -43.32 -35.46 1.05
C ASN F 376 -42.72 -36.30 2.14
N GLU F 377 -42.87 -35.91 3.40
CA GLU F 377 -42.19 -36.62 4.47
C GLU F 377 -43.10 -37.02 5.63
N GLY F 378 -44.31 -36.47 5.72
CA GLY F 378 -45.19 -36.79 6.83
C GLY F 378 -45.08 -35.83 7.99
N ASN F 379 -44.19 -34.84 7.90
CA ASN F 379 -43.84 -33.96 9.02
C ASN F 379 -45.01 -33.04 9.33
N SER F 380 -45.61 -33.21 10.50
CA SER F 380 -46.74 -32.40 10.93
C SER F 380 -46.36 -31.46 12.06
N VAL F 381 -45.06 -31.30 12.35
CA VAL F 381 -44.65 -30.40 13.41
C VAL F 381 -45.09 -28.99 13.04
N GLY F 382 -45.71 -28.29 14.00
CA GLY F 382 -46.22 -26.96 13.76
C GLY F 382 -47.64 -26.91 13.23
N SER F 383 -48.31 -28.05 13.10
CA SER F 383 -49.71 -28.07 12.71
C SER F 383 -50.57 -27.57 13.88
N VAL F 384 -51.68 -26.88 13.55
CA VAL F 384 -52.51 -26.29 14.59
C VAL F 384 -53.65 -27.19 15.07
N ASN F 385 -53.94 -28.30 14.37
CA ASN F 385 -55.08 -29.16 14.73
C ASN F 385 -54.71 -30.64 14.76
N PHE F 386 -53.44 -30.97 14.91
CA PHE F 386 -53.01 -32.29 14.49
C PHE F 386 -51.91 -32.70 15.43
N PRO F 387 -51.72 -34.00 15.66
CA PRO F 387 -50.54 -34.43 16.42
C PRO F 387 -49.28 -33.99 15.71
N GLU F 388 -48.31 -33.49 16.47
CA GLU F 388 -47.05 -33.05 15.89
C GLU F 388 -46.08 -34.23 15.85
N VAL F 389 -45.82 -34.73 14.64
CA VAL F 389 -45.10 -35.98 14.42
C VAL F 389 -44.12 -35.80 13.27
N SER F 390 -42.93 -36.36 13.42
CA SER F 390 -41.94 -36.36 12.35
C SER F 390 -40.84 -37.35 12.73
N LEU F 391 -40.04 -37.70 11.73
CA LEU F 391 -38.90 -38.57 11.94
C LEU F 391 -37.75 -38.04 11.09
N LYS F 392 -36.53 -38.28 11.54
CA LYS F 392 -35.38 -37.86 10.75
C LYS F 392 -35.43 -38.54 9.40
N SER F 393 -35.10 -37.78 8.35
CA SER F 393 -35.21 -38.29 6.99
C SER F 393 -34.27 -39.48 6.75
N LEU F 394 -34.56 -40.21 5.69
CA LEU F 394 -33.86 -41.44 5.36
C LEU F 394 -32.71 -41.15 4.40
N ASP F 395 -31.59 -41.86 4.60
CA ASP F 395 -30.44 -41.70 3.72
C ASP F 395 -30.75 -42.20 2.32
N TYR F 396 -30.14 -41.54 1.33
CA TYR F 396 -30.19 -42.04 -0.05
C TYR F 396 -29.97 -43.55 -0.10
N ASP F 397 -29.06 -44.07 0.73
CA ASP F 397 -28.64 -45.47 0.69
C ASP F 397 -29.65 -46.44 1.30
N GLN F 398 -30.66 -45.96 2.03
CA GLN F 398 -31.71 -46.82 2.60
C GLN F 398 -32.74 -47.10 1.50
N GLU F 399 -32.38 -48.01 0.61
CA GLU F 399 -33.05 -48.13 -0.69
C GLU F 399 -34.47 -48.67 -0.55
N ASN F 400 -34.63 -49.79 0.15
CA ASN F 400 -35.91 -50.48 0.25
C ASN F 400 -36.66 -50.15 1.54
N THR F 401 -36.48 -48.95 2.07
CA THR F 401 -37.19 -48.52 3.27
C THR F 401 -38.41 -47.70 2.85
N VAL F 402 -39.52 -47.96 3.54
CA VAL F 402 -40.83 -47.36 3.27
C VAL F 402 -41.29 -46.62 4.51
N ARG F 403 -41.98 -45.51 4.32
CA ARG F 403 -42.51 -44.74 5.44
C ARG F 403 -44.02 -44.85 5.47
N VAL F 404 -44.55 -45.38 6.57
CA VAL F 404 -45.98 -45.56 6.75
C VAL F 404 -46.56 -44.34 7.45
N LEU F 405 -47.60 -43.75 6.87
CA LEU F 405 -48.29 -42.60 7.45
C LEU F 405 -49.72 -43.01 7.75
N TYR F 406 -50.03 -43.21 9.04
CA TYR F 406 -51.29 -43.83 9.45
C TYR F 406 -52.02 -42.89 10.42
N ILE F 407 -52.96 -42.14 9.90
CA ILE F 407 -53.84 -41.33 10.73
C ILE F 407 -55.01 -42.20 11.14
N HIS F 408 -55.38 -42.15 12.41
CA HIS F 408 -56.36 -43.10 12.93
C HIS F 408 -57.05 -42.52 14.14
N ARG F 409 -58.06 -43.24 14.61
CA ARG F 409 -58.82 -42.82 15.79
C ARG F 409 -58.07 -43.19 17.04
N ASN F 410 -58.14 -42.32 18.05
CA ASN F 410 -57.38 -42.48 19.29
C ASN F 410 -58.13 -43.43 20.21
N VAL F 411 -58.05 -44.72 19.89
CA VAL F 411 -58.68 -45.76 20.71
C VAL F 411 -57.68 -46.90 20.91
N PRO F 412 -57.79 -47.67 21.99
CA PRO F 412 -56.81 -48.73 22.23
C PRO F 412 -56.81 -49.78 21.13
N GLY F 413 -55.68 -50.46 21.01
CA GLY F 413 -55.52 -51.60 20.14
C GLY F 413 -55.05 -51.30 18.73
N VAL F 414 -55.04 -50.03 18.32
CA VAL F 414 -54.69 -49.72 16.94
C VAL F 414 -53.24 -50.05 16.68
N LEU F 415 -52.33 -49.62 17.56
CA LEU F 415 -50.92 -49.94 17.37
C LEU F 415 -50.67 -51.44 17.43
N LYS F 416 -51.41 -52.15 18.27
CA LYS F 416 -51.44 -53.62 18.19
C LYS F 416 -51.73 -54.10 16.76
N THR F 417 -52.81 -53.60 16.16
CA THR F 417 -53.15 -54.00 14.80
C THR F 417 -52.06 -53.62 13.82
N VAL F 418 -51.62 -52.36 13.85
CA VAL F 418 -50.72 -51.86 12.82
C VAL F 418 -49.39 -52.58 12.90
N ASN F 419 -48.84 -52.72 14.11
CA ASN F 419 -47.55 -53.39 14.23
C ASN F 419 -47.66 -54.90 14.00
N ASP F 420 -48.83 -55.48 14.23
CA ASP F 420 -49.06 -56.82 13.72
C ASP F 420 -48.90 -56.85 12.20
N ILE F 421 -49.64 -55.97 11.50
CA ILE F 421 -49.58 -55.92 10.04
C ILE F 421 -48.17 -55.71 9.54
N LEU F 422 -47.34 -54.98 10.29
CA LEU F 422 -45.99 -54.65 9.88
C LEU F 422 -44.95 -55.63 10.42
N SER F 423 -45.37 -56.73 11.05
CA SER F 423 -44.47 -57.55 11.85
C SER F 423 -43.47 -58.35 11.03
N ASP F 424 -43.69 -58.51 9.72
CA ASP F 424 -42.73 -59.22 8.89
C ASP F 424 -41.54 -58.35 8.50
N HIS F 425 -41.57 -57.07 8.84
CA HIS F 425 -40.52 -56.14 8.50
C HIS F 425 -39.97 -55.50 9.76
N ASN F 426 -38.71 -55.08 9.73
CA ASN F 426 -38.09 -54.44 10.90
C ASN F 426 -38.47 -52.99 10.98
N ILE F 427 -39.09 -52.61 12.08
CA ILE F 427 -39.45 -51.22 12.33
C ILE F 427 -38.16 -50.50 12.73
N GLU F 428 -37.63 -49.67 11.86
CA GLU F 428 -36.42 -48.93 12.20
C GLU F 428 -36.73 -47.86 13.24
N LYS F 429 -37.73 -47.03 12.97
CA LYS F 429 -38.19 -45.94 13.82
C LYS F 429 -39.71 -45.91 13.80
N GLN F 430 -40.31 -45.52 14.92
CA GLN F 430 -41.75 -45.38 14.96
C GLN F 430 -42.12 -44.28 15.95
N PHE F 431 -43.10 -43.47 15.56
CA PHE F 431 -43.57 -42.41 16.44
C PHE F 431 -45.05 -42.20 16.17
N SER F 432 -45.82 -42.23 17.25
CA SER F 432 -47.26 -42.06 17.21
C SER F 432 -47.64 -41.09 18.32
N ASP F 433 -48.49 -40.12 18.00
CA ASP F 433 -48.97 -39.16 18.97
C ASP F 433 -50.44 -38.90 18.70
N SER F 434 -51.14 -38.47 19.73
CA SER F 434 -52.58 -38.30 19.69
C SER F 434 -52.93 -36.84 19.95
N HIS F 435 -54.06 -36.42 19.37
CA HIS F 435 -54.58 -35.06 19.50
C HIS F 435 -56.11 -35.18 19.56
N GLY F 436 -56.65 -35.25 20.76
CA GLY F 436 -58.10 -35.40 20.87
C GLY F 436 -58.52 -36.76 20.36
N GLU F 437 -59.50 -36.77 19.47
CA GLU F 437 -60.02 -38.05 19.01
C GLU F 437 -59.19 -38.68 17.91
N ILE F 438 -58.22 -37.96 17.35
CA ILE F 438 -57.38 -38.52 16.30
C ILE F 438 -55.96 -38.73 16.81
N ALA F 439 -55.24 -39.57 16.08
CA ALA F 439 -53.84 -39.87 16.38
C ALA F 439 -53.15 -40.09 15.04
N TYR F 440 -51.82 -40.07 15.07
CA TYR F 440 -51.04 -40.11 13.84
C TYR F 440 -49.76 -40.89 14.05
N LEU F 441 -49.56 -41.90 13.20
CA LEU F 441 -48.49 -42.86 13.33
C LEU F 441 -47.54 -42.73 12.15
N MET F 442 -46.27 -42.52 12.45
CA MET F 442 -45.19 -42.60 11.47
C MET F 442 -44.28 -43.76 11.82
N ALA F 443 -43.95 -44.56 10.81
CA ALA F 443 -43.06 -45.69 10.99
C ALA F 443 -42.18 -45.83 9.76
N ASP F 444 -40.91 -46.13 9.98
CA ASP F 444 -40.00 -46.46 8.90
C ASP F 444 -39.70 -47.96 8.98
N ILE F 445 -40.05 -48.69 7.93
CA ILE F 445 -39.88 -50.14 7.89
C ILE F 445 -38.92 -50.50 6.77
N SER F 446 -38.05 -51.47 7.04
CA SER F 446 -36.93 -51.81 6.17
C SER F 446 -37.21 -53.09 5.39
N SER F 447 -36.42 -53.28 4.32
CA SER F 447 -36.50 -54.42 3.40
C SER F 447 -37.93 -54.67 2.88
N VAL F 448 -38.35 -53.78 1.98
CA VAL F 448 -39.69 -53.83 1.40
C VAL F 448 -39.56 -53.75 -0.11
N ASN F 449 -40.16 -54.70 -0.81
CA ASN F 449 -40.18 -54.70 -2.26
C ASN F 449 -41.53 -54.23 -2.77
N GLN F 450 -41.62 -54.06 -4.10
CA GLN F 450 -42.85 -53.56 -4.71
C GLN F 450 -44.05 -54.43 -4.35
N SER F 451 -43.86 -55.76 -4.33
CA SER F 451 -44.97 -56.66 -4.01
C SER F 451 -45.50 -56.40 -2.61
N GLU F 452 -44.59 -56.25 -1.64
CA GLU F 452 -44.97 -56.13 -0.24
C GLU F 452 -45.51 -54.76 0.13
N ILE F 453 -45.38 -53.75 -0.74
CA ILE F 453 -45.97 -52.45 -0.47
C ILE F 453 -47.48 -52.50 -0.68
N LYS F 454 -47.93 -53.12 -1.77
CA LYS F 454 -49.37 -53.21 -2.02
C LYS F 454 -50.07 -53.99 -0.92
N ASP F 455 -49.45 -55.06 -0.42
CA ASP F 455 -50.10 -55.85 0.62
C ASP F 455 -50.18 -55.09 1.94
N ILE F 456 -49.05 -54.49 2.37
CA ILE F 456 -49.07 -53.69 3.61
C ILE F 456 -50.10 -52.58 3.51
N TYR F 457 -50.16 -51.92 2.36
CA TYR F 457 -51.12 -50.83 2.18
C TYR F 457 -52.55 -51.34 2.25
N GLU F 458 -52.86 -52.41 1.52
CA GLU F 458 -54.24 -52.89 1.49
C GLU F 458 -54.69 -53.37 2.86
N LYS F 459 -53.81 -54.05 3.61
CA LYS F 459 -54.14 -54.47 4.97
C LYS F 459 -54.44 -53.27 5.86
N LEU F 460 -53.52 -52.29 5.90
CA LEU F 460 -53.74 -51.10 6.71
C LEU F 460 -54.94 -50.31 6.21
N ASN F 461 -55.19 -50.32 4.91
CA ASN F 461 -56.37 -49.65 4.39
C ASN F 461 -57.66 -50.34 4.83
N GLN F 462 -57.59 -51.59 5.29
CA GLN F 462 -58.79 -52.31 5.71
C GLN F 462 -59.06 -52.20 7.21
N THR F 463 -58.17 -51.58 7.98
CA THR F 463 -58.33 -51.55 9.43
C THR F 463 -59.50 -50.67 9.84
N SER F 464 -60.13 -51.04 10.96
CA SER F 464 -61.33 -50.35 11.41
C SER F 464 -61.03 -48.95 11.90
N ALA F 465 -59.85 -48.73 12.48
CA ALA F 465 -59.52 -47.44 13.06
C ALA F 465 -58.91 -46.46 12.06
N LYS F 466 -58.66 -46.90 10.82
CA LYS F 466 -58.05 -46.03 9.84
C LYS F 466 -58.88 -44.78 9.59
N VAL F 467 -58.22 -43.63 9.55
CA VAL F 467 -58.81 -42.39 9.04
C VAL F 467 -58.19 -41.99 7.72
N SER F 468 -56.86 -42.04 7.61
CA SER F 468 -56.15 -41.75 6.37
C SER F 468 -54.83 -42.47 6.40
N ILE F 469 -54.44 -43.03 5.26
CA ILE F 469 -53.17 -43.74 5.15
C ILE F 469 -52.44 -43.35 3.87
N ARG F 470 -51.15 -43.07 3.99
CA ARG F 470 -50.27 -42.85 2.85
C ARG F 470 -48.98 -43.60 3.11
N LEU F 471 -48.40 -44.15 2.05
CA LEU F 471 -47.10 -44.79 2.13
C LEU F 471 -46.12 -44.02 1.26
N LEU F 472 -44.91 -43.83 1.76
CA LEU F 472 -43.88 -43.09 1.03
C LEU F 472 -42.76 -44.06 0.69
N TYR F 473 -42.43 -44.16 -0.60
CA TYR F 473 -41.46 -45.13 -1.09
C TYR F 473 -40.19 -44.44 -1.57
N PRO G 43 -16.29 11.87 9.63
CA PRO G 43 -15.27 10.98 9.08
C PRO G 43 -14.03 11.73 8.58
N ARG G 44 -13.12 11.01 7.92
CA ARG G 44 -11.87 11.59 7.41
C ARG G 44 -11.99 11.90 5.93
N ARG G 45 -11.49 13.08 5.56
CA ARG G 45 -11.49 13.53 4.16
C ARG G 45 -10.28 14.44 3.89
N GLN G 51 -2.84 24.11 0.75
CA GLN G 51 -1.54 23.49 1.05
C GLN G 51 -0.66 24.45 1.85
N PRO G 52 0.18 23.90 2.73
CA PRO G 52 1.03 24.74 3.56
C PRO G 52 2.27 25.22 2.81
N LYS G 53 2.85 26.31 3.33
CA LYS G 53 4.07 26.91 2.80
C LYS G 53 5.23 26.41 3.63
N ALA G 54 6.01 25.48 3.09
CA ALA G 54 7.15 24.96 3.82
C ALA G 54 8.13 26.09 4.12
N LEU G 55 8.51 26.20 5.39
CA LEU G 55 9.31 27.32 5.88
C LEU G 55 10.74 26.88 6.18
N LYS G 56 11.67 27.79 5.91
CA LYS G 56 13.09 27.45 6.11
C LYS G 56 13.71 28.50 7.02
N PRO G 57 14.74 28.13 7.80
CA PRO G 57 15.38 29.06 8.70
C PRO G 57 16.13 30.17 7.94
N PHE G 58 16.61 31.18 8.67
CA PHE G 58 17.36 32.30 8.06
C PHE G 58 18.82 32.19 8.46
N SER G 59 19.73 32.50 7.55
CA SER G 59 21.17 32.50 7.93
C SER G 59 21.43 31.25 8.75
N THR G 60 20.83 30.13 8.35
CA THR G 60 20.97 28.89 9.15
C THR G 60 21.61 27.79 8.31
N GLY G 61 22.38 26.91 8.95
CA GLY G 61 23.01 25.78 8.23
C GLY G 61 22.02 24.66 8.03
N ASP G 62 22.50 23.48 7.63
CA ASP G 62 21.58 22.33 7.51
C ASP G 62 21.20 21.93 8.93
N MET G 63 19.98 21.42 9.12
CA MET G 63 19.52 21.09 10.45
C MET G 63 20.13 19.75 10.88
N ASN G 64 20.66 19.72 12.09
CA ASN G 64 21.30 18.52 12.63
C ASN G 64 20.46 17.99 13.78
N ILE G 65 20.01 16.75 13.66
CA ILE G 65 19.27 16.05 14.71
C ILE G 65 20.22 15.04 15.33
N LEU G 66 20.23 14.99 16.66
CA LEU G 66 20.96 13.96 17.39
C LEU G 66 19.95 13.11 18.15
N LEU G 67 19.88 11.83 17.81
CA LEU G 67 18.98 10.89 18.44
C LEU G 67 19.79 9.88 19.23
N LEU G 68 19.47 9.73 20.53
CA LEU G 68 20.20 8.86 21.43
C LEU G 68 19.29 7.76 21.97
N GLU G 69 19.93 6.72 22.53
CA GLU G 69 19.28 5.65 23.30
C GLU G 69 18.30 4.82 22.47
N ASN G 70 18.53 4.74 21.15
CA ASN G 70 17.76 3.85 20.27
C ASN G 70 16.28 4.24 20.24
N VAL G 71 16.02 5.47 19.81
CA VAL G 71 14.65 5.85 19.50
C VAL G 71 14.19 5.05 18.29
N ASN G 72 12.89 4.81 18.20
CA ASN G 72 12.39 3.96 17.13
C ASN G 72 12.62 4.60 15.77
N ALA G 73 12.71 3.75 14.74
CA ALA G 73 13.05 4.18 13.39
C ALA G 73 12.00 5.11 12.78
N THR G 74 10.78 5.10 13.29
CA THR G 74 9.77 6.02 12.80
C THR G 74 10.20 7.47 13.02
N ALA G 75 10.91 7.73 14.12
CA ALA G 75 11.43 9.07 14.35
C ALA G 75 12.49 9.42 13.32
N ILE G 76 13.40 8.48 13.04
CA ILE G 76 14.46 8.71 12.09
C ILE G 76 13.90 9.01 10.71
N LYS G 77 12.89 8.25 10.28
CA LYS G 77 12.31 8.47 8.95
C LYS G 77 11.71 9.86 8.83
N ILE G 78 10.96 10.30 9.86
CA ILE G 78 10.32 11.61 9.81
C ILE G 78 11.37 12.71 9.69
N PHE G 79 12.45 12.62 10.45
CA PHE G 79 13.50 13.62 10.40
C PHE G 79 14.17 13.66 9.03
N LYS G 80 14.51 12.50 8.48
CA LYS G 80 15.12 12.47 7.15
C LYS G 80 14.17 13.03 6.08
N ASP G 81 12.88 12.73 6.22
CA ASP G 81 11.89 13.27 5.28
C ASP G 81 11.79 14.79 5.35
N GLN G 82 12.29 15.41 6.42
CA GLN G 82 12.37 16.86 6.53
C GLN G 82 13.62 17.43 5.87
N GLY G 83 14.50 16.58 5.34
CA GLY G 83 15.80 17.02 4.89
C GLY G 83 16.80 17.22 5.99
N TYR G 84 16.48 16.80 7.21
CA TYR G 84 17.41 16.99 8.32
C TYR G 84 18.58 16.02 8.20
N GLN G 85 19.68 16.36 8.86
CA GLN G 85 20.82 15.46 9.00
C GLN G 85 20.71 14.78 10.37
N VAL G 86 20.63 13.45 10.36
CA VAL G 86 20.31 12.67 11.55
C VAL G 86 21.52 11.79 11.95
N GLU G 87 21.97 11.94 13.20
CA GLU G 87 22.84 10.96 13.89
C GLU G 87 22.03 10.13 14.84
N PHE G 88 22.18 8.83 14.72
CA PHE G 88 21.45 7.86 15.50
C PHE G 88 22.43 7.05 16.33
N HIS G 89 22.08 6.84 17.59
CA HIS G 89 22.84 6.00 18.50
C HIS G 89 21.89 5.12 19.28
N LYS G 90 22.29 3.86 19.49
CA LYS G 90 21.48 2.91 20.24
C LYS G 90 21.64 3.06 21.75
N SER G 91 22.75 3.63 22.22
CA SER G 91 22.98 3.82 23.65
C SER G 91 23.07 5.30 23.95
N SER G 92 23.26 5.63 25.22
CA SER G 92 23.48 7.01 25.62
C SER G 92 24.92 7.40 25.27
N LEU G 93 25.34 8.58 25.69
CA LEU G 93 26.70 9.01 25.45
C LEU G 93 27.36 9.43 26.75
N PRO G 94 28.66 9.19 26.87
CA PRO G 94 29.40 9.77 28.01
C PRO G 94 29.40 11.29 27.96
N GLU G 95 29.51 11.90 29.14
CA GLU G 95 29.35 13.35 29.24
C GLU G 95 30.31 14.08 28.31
N ASP G 96 31.52 13.55 28.15
CA ASP G 96 32.50 14.20 27.27
C ASP G 96 32.05 14.16 25.82
N GLU G 97 31.71 12.97 25.30
CA GLU G 97 31.31 12.85 23.91
C GLU G 97 30.01 13.61 23.63
N LEU G 98 29.13 13.71 24.62
CA LEU G 98 27.85 14.40 24.40
C LEU G 98 28.06 15.90 24.25
N ILE G 99 28.93 16.47 25.09
CA ILE G 99 29.24 17.90 24.99
C ILE G 99 29.86 18.23 23.64
N GLU G 100 30.75 17.36 23.14
CA GLU G 100 31.38 17.61 21.84
C GLU G 100 30.36 17.56 20.71
N LYS G 101 29.45 16.57 20.74
CA LYS G 101 28.48 16.41 19.66
C LYS G 101 27.34 17.43 19.73
N ILE G 102 27.03 17.96 20.92
CA ILE G 102 25.87 18.81 21.10
C ILE G 102 26.13 20.28 20.77
N LYS G 103 27.40 20.67 20.59
CA LYS G 103 27.71 22.08 20.39
C LYS G 103 27.12 22.61 19.08
N ASP G 104 26.98 21.76 18.05
CA ASP G 104 26.53 22.18 16.74
C ASP G 104 25.23 21.50 16.31
N VAL G 105 24.48 20.90 17.25
CA VAL G 105 23.26 20.19 16.92
C VAL G 105 22.06 21.09 17.17
N HIS G 106 21.04 20.98 16.33
CA HIS G 106 19.86 21.84 16.44
C HIS G 106 18.75 21.24 17.31
N ALA G 107 18.57 19.93 17.25
CA ALA G 107 17.57 19.26 18.08
C ALA G 107 18.13 17.93 18.52
N ILE G 108 17.91 17.59 19.79
CA ILE G 108 18.39 16.34 20.34
C ILE G 108 17.21 15.53 20.87
N GLY G 109 17.18 14.25 20.55
CA GLY G 109 16.20 13.32 21.06
C GLY G 109 16.85 12.33 22.02
N ILE G 110 16.29 12.26 23.23
CA ILE G 110 16.80 11.40 24.29
C ILE G 110 15.63 10.58 24.83
N ARG G 111 15.94 9.73 25.80
CA ARG G 111 14.92 9.01 26.54
C ARG G 111 15.22 9.10 28.04
N SER G 112 15.05 8.01 28.78
CA SER G 112 15.13 8.10 30.22
C SER G 112 16.55 8.23 30.75
N LYS G 113 17.53 7.60 30.09
CA LYS G 113 18.84 7.48 30.73
C LYS G 113 19.71 8.74 30.55
N THR G 114 19.63 9.40 29.38
CA THR G 114 20.50 10.53 29.09
C THR G 114 20.14 11.73 29.98
N ARG G 115 21.10 12.20 30.77
CA ARG G 115 20.90 13.33 31.67
C ARG G 115 21.41 14.59 31.00
N LEU G 116 20.49 15.49 30.63
CA LEU G 116 20.84 16.75 30.00
C LEU G 116 20.82 17.85 31.07
N THR G 117 21.95 18.04 31.74
CA THR G 117 22.07 19.06 32.77
C THR G 117 22.58 20.39 32.20
N GLU G 118 22.61 21.40 33.07
CA GLU G 118 23.25 22.66 32.72
C GLU G 118 24.70 22.44 32.33
N LYS G 119 25.37 21.49 32.97
CA LYS G 119 26.74 21.16 32.62
C LYS G 119 26.87 20.89 31.13
N ILE G 120 25.93 20.11 30.57
CA ILE G 120 26.01 19.77 29.15
C ILE G 120 25.21 20.74 28.27
N LEU G 121 24.12 21.31 28.78
CA LEU G 121 23.33 22.19 27.94
C LEU G 121 23.96 23.57 27.75
N GLN G 122 24.81 24.00 28.68
CA GLN G 122 25.47 25.29 28.52
C GLN G 122 26.31 25.35 27.24
N HIS G 123 26.74 24.19 26.74
CA HIS G 123 27.54 24.11 25.52
C HIS G 123 26.68 24.03 24.26
N ALA G 124 25.36 24.01 24.38
CA ALA G 124 24.49 23.80 23.22
C ALA G 124 24.26 25.14 22.53
N ARG G 125 25.17 25.48 21.60
CA ARG G 125 25.10 26.77 20.93
C ARG G 125 23.90 26.85 19.99
N ASN G 126 23.61 25.77 19.27
CA ASN G 126 22.60 25.83 18.21
C ASN G 126 21.33 25.04 18.55
N LEU G 127 21.18 24.59 19.79
CA LEU G 127 20.09 23.67 20.13
C LEU G 127 18.75 24.42 20.20
N VAL G 128 17.79 24.00 19.35
CA VAL G 128 16.48 24.65 19.29
C VAL G 128 15.46 23.98 20.21
N CYS G 129 15.49 22.65 20.31
CA CYS G 129 14.49 21.93 21.10
C CYS G 129 15.03 20.55 21.48
N ILE G 130 14.43 19.99 22.53
CA ILE G 130 14.78 18.66 23.03
C ILE G 130 13.54 17.77 22.97
N GLY G 131 13.70 16.58 22.37
CA GLY G 131 12.66 15.59 22.37
C GLY G 131 12.98 14.50 23.38
N CYS G 132 12.05 14.28 24.30
CA CYS G 132 12.10 13.16 25.23
C CYS G 132 11.19 12.05 24.69
N PHE G 133 11.78 10.99 24.15
CA PHE G 133 10.94 9.93 23.58
C PHE G 133 10.59 8.90 24.66
N CYS G 134 9.85 9.39 25.65
CA CYS G 134 9.45 8.63 26.83
C CYS G 134 8.45 9.50 27.58
N ILE G 135 8.09 9.09 28.79
CA ILE G 135 7.19 9.91 29.58
C ILE G 135 7.95 10.86 30.48
N GLY G 136 8.99 10.36 31.15
CA GLY G 136 9.67 11.16 32.14
C GLY G 136 10.55 12.22 31.50
N THR G 137 10.59 13.39 32.14
CA THR G 137 11.44 14.50 31.73
C THR G 137 12.42 14.93 32.81
N ASN G 138 12.48 14.21 33.94
CA ASN G 138 13.34 14.59 35.05
C ASN G 138 14.81 14.61 34.65
N GLN G 139 15.18 13.83 33.64
CA GLN G 139 16.56 13.80 33.15
C GLN G 139 16.95 15.07 32.41
N VAL G 140 16.05 16.02 32.25
CA VAL G 140 16.33 17.29 31.58
C VAL G 140 16.11 18.41 32.60
N ASP G 141 17.08 19.32 32.69
CA ASP G 141 16.95 20.52 33.52
C ASP G 141 16.00 21.47 32.78
N LEU G 142 14.71 21.30 33.04
CA LEU G 142 13.71 22.03 32.27
C LEU G 142 13.84 23.53 32.48
N LYS G 143 14.08 23.95 33.73
CA LYS G 143 14.18 25.37 34.01
C LYS G 143 15.36 25.99 33.28
N TYR G 144 16.53 25.35 33.36
CA TYR G 144 17.69 25.87 32.64
C TYR G 144 17.43 25.89 31.14
N ALA G 145 16.91 24.78 30.61
CA ALA G 145 16.62 24.71 29.18
C ALA G 145 15.68 25.82 28.75
N ALA G 146 14.68 26.12 29.59
CA ALA G 146 13.75 27.19 29.27
C ALA G 146 14.44 28.54 29.25
N SER G 147 15.34 28.78 30.21
CA SER G 147 16.04 30.06 30.29
C SER G 147 16.90 30.32 29.07
N LYS G 148 17.30 29.27 28.34
CA LYS G 148 18.08 29.45 27.13
C LYS G 148 17.23 29.33 25.88
N GLY G 149 15.90 29.30 26.02
CA GLY G 149 15.01 29.23 24.88
C GLY G 149 14.98 27.88 24.20
N ILE G 150 15.11 26.80 24.97
CA ILE G 150 15.12 25.44 24.44
C ILE G 150 13.85 24.75 24.89
N ALA G 151 12.95 24.49 23.95
CA ALA G 151 11.70 23.83 24.25
C ALA G 151 11.92 22.31 24.40
N VAL G 152 11.24 21.71 25.37
CA VAL G 152 11.37 20.29 25.63
C VAL G 152 10.02 19.63 25.42
N PHE G 153 10.02 18.47 24.75
CA PHE G 153 8.75 17.79 24.49
C PHE G 153 8.87 16.34 24.94
N ASN G 154 7.73 15.73 25.26
CA ASN G 154 7.71 14.31 25.63
C ASN G 154 6.51 13.62 24.99
N SER G 155 6.33 12.33 25.32
CA SER G 155 5.18 11.53 24.91
C SER G 155 4.48 10.97 26.14
N PRO G 156 3.52 11.68 26.70
CA PRO G 156 2.93 11.23 27.97
C PRO G 156 1.96 10.06 27.86
N PHE G 157 1.14 9.96 26.82
CA PHE G 157 0.02 9.02 26.87
C PHE G 157 0.03 7.92 25.81
N SER G 158 1.10 7.81 25.03
CA SER G 158 1.11 6.84 23.95
C SER G 158 1.37 5.39 24.44
N ASN G 159 1.55 5.17 25.74
CA ASN G 159 1.71 3.81 26.27
C ASN G 159 0.39 3.28 26.81
N SER G 160 -0.72 3.97 26.53
CA SER G 160 -2.00 3.61 27.12
C SER G 160 -2.43 2.19 26.71
N ARG G 161 -2.45 1.91 25.41
CA ARG G 161 -2.90 0.60 24.93
C ARG G 161 -2.05 -0.54 25.49
N SER G 162 -0.72 -0.36 25.53
CA SER G 162 0.16 -1.47 25.94
C SER G 162 -0.09 -1.84 27.40
N VAL G 163 -0.29 -0.85 28.27
CA VAL G 163 -0.61 -1.17 29.65
C VAL G 163 -1.97 -1.85 29.74
N ALA G 164 -2.92 -1.41 28.89
CA ALA G 164 -4.26 -1.98 28.94
C ALA G 164 -4.24 -3.46 28.57
N GLU G 165 -3.59 -3.80 27.46
CA GLU G 165 -3.53 -5.19 27.07
C GLU G 165 -2.77 -6.02 28.12
N LEU G 166 -1.71 -5.44 28.69
CA LEU G 166 -0.95 -6.13 29.72
C LEU G 166 -1.84 -6.62 30.85
N VAL G 167 -2.71 -5.74 31.37
CA VAL G 167 -3.52 -6.12 32.51
C VAL G 167 -4.47 -7.25 32.14
N ILE G 168 -5.09 -7.17 30.95
CA ILE G 168 -6.00 -8.22 30.50
C ILE G 168 -5.31 -9.57 30.54
N GLY G 169 -4.11 -9.64 29.99
CA GLY G 169 -3.38 -10.89 30.02
C GLY G 169 -3.11 -11.34 31.44
N GLU G 170 -2.84 -10.40 32.33
CA GLU G 170 -2.53 -10.76 33.70
C GLU G 170 -3.79 -11.05 34.50
N ILE G 171 -4.91 -10.39 34.17
CA ILE G 171 -6.18 -10.79 34.75
C ILE G 171 -6.43 -12.26 34.45
N ILE G 172 -6.21 -12.67 33.20
CA ILE G 172 -6.47 -14.05 32.79
C ILE G 172 -5.43 -14.99 33.39
N SER G 173 -4.16 -14.61 33.35
CA SER G 173 -3.11 -15.50 33.88
C SER G 173 -3.29 -15.74 35.37
N LEU G 174 -3.61 -14.70 36.13
CA LEU G 174 -3.83 -14.86 37.56
C LEU G 174 -5.06 -15.71 37.82
N ALA G 175 -6.12 -15.47 37.04
CA ALA G 175 -7.34 -16.25 37.20
C ALA G 175 -7.15 -17.72 36.86
N ARG G 176 -6.15 -18.04 36.03
CA ARG G 176 -5.92 -19.42 35.62
C ARG G 176 -4.62 -19.97 36.15
N GLN G 177 -3.83 -19.15 36.87
CA GLN G 177 -2.54 -19.55 37.43
C GLN G 177 -1.57 -20.03 36.34
N LEU G 178 -1.60 -19.35 35.20
CA LEU G 178 -0.73 -19.72 34.07
C LEU G 178 0.74 -19.64 34.45
N GLY G 179 1.13 -18.54 35.10
CA GLY G 179 2.51 -18.39 35.51
C GLY G 179 3.01 -19.59 36.29
N ASP G 180 2.26 -20.00 37.31
CA ASP G 180 2.69 -21.13 38.13
C ASP G 180 2.72 -22.43 37.33
N ARG G 181 1.64 -22.73 36.59
CA ARG G 181 1.61 -23.96 35.81
C ARG G 181 2.82 -24.07 34.90
N SER G 182 3.21 -22.97 34.25
CA SER G 182 4.29 -23.06 33.28
C SER G 182 5.65 -23.21 33.95
N ILE G 183 5.85 -22.55 35.10
CA ILE G 183 7.09 -22.79 35.84
C ILE G 183 7.13 -24.25 36.27
N GLU G 184 5.98 -24.80 36.64
CA GLU G 184 5.93 -26.18 37.11
C GLU G 184 6.33 -27.16 36.01
N LEU G 185 5.78 -27.00 34.81
CA LEU G 185 6.18 -27.92 33.74
C LEU G 185 7.62 -27.68 33.34
N HIS G 186 8.08 -26.42 33.36
CA HIS G 186 9.47 -26.18 33.07
C HIS G 186 10.41 -26.83 34.06
N THR G 187 9.92 -27.30 35.21
CA THR G 187 10.76 -28.04 36.13
C THR G 187 10.26 -29.46 36.35
N GLY G 188 9.41 -29.97 35.44
CA GLY G 188 9.01 -31.36 35.47
C GLY G 188 7.73 -31.65 36.22
N THR G 189 7.22 -30.70 36.99
CA THR G 189 6.05 -30.96 37.81
C THR G 189 4.78 -30.79 36.97
N TRP G 190 3.95 -31.82 36.97
CA TRP G 190 2.65 -31.79 36.30
C TRP G 190 1.61 -31.56 37.36
N ASN G 191 0.89 -30.43 37.28
CA ASN G 191 -0.04 -30.04 38.34
C ASN G 191 -1.29 -29.41 37.71
N LYS G 192 -2.15 -30.27 37.15
CA LYS G 192 -3.43 -29.83 36.62
C LYS G 192 -4.34 -29.40 37.76
N VAL G 193 -4.71 -28.12 37.80
CA VAL G 193 -5.50 -27.54 38.88
C VAL G 193 -6.70 -26.82 38.29
N ALA G 194 -7.90 -27.19 38.74
CA ALA G 194 -9.10 -26.40 38.47
C ALA G 194 -9.63 -25.66 39.68
N ALA G 195 -9.23 -26.04 40.89
CA ALA G 195 -9.75 -25.43 42.12
C ALA G 195 -9.37 -23.95 42.20
N ARG G 196 -10.39 -23.09 42.27
CA ARG G 196 -10.24 -21.65 42.47
C ARG G 196 -9.56 -20.99 41.28
N CYS G 197 -9.56 -21.66 40.13
CA CYS G 197 -9.23 -21.07 38.84
C CYS G 197 -10.54 -20.73 38.14
N TRP G 198 -10.57 -19.58 37.48
CA TRP G 198 -11.84 -18.95 37.10
C TRP G 198 -11.88 -18.63 35.62
N GLU G 199 -13.06 -18.80 35.03
CA GLU G 199 -13.38 -18.04 33.83
C GLU G 199 -13.47 -16.58 34.21
N VAL G 200 -12.87 -15.71 33.40
CA VAL G 200 -12.90 -14.29 33.73
C VAL G 200 -14.27 -13.71 33.42
N ARG G 201 -15.02 -14.33 32.50
CA ARG G 201 -16.39 -13.89 32.24
C ARG G 201 -17.22 -13.97 33.51
N GLY G 202 -17.95 -12.89 33.81
CA GLY G 202 -18.80 -12.83 34.99
C GLY G 202 -18.15 -12.22 36.22
N LYS G 203 -16.83 -12.05 36.23
CA LYS G 203 -16.19 -11.43 37.36
C LYS G 203 -16.24 -9.91 37.23
N THR G 204 -15.80 -9.23 38.30
CA THR G 204 -15.82 -7.78 38.39
C THR G 204 -14.40 -7.23 38.45
N LEU G 205 -14.10 -6.31 37.53
CA LEU G 205 -12.81 -5.62 37.49
C LEU G 205 -12.92 -4.28 38.20
N GLY G 206 -12.08 -4.07 39.21
CA GLY G 206 -12.01 -2.79 39.89
C GLY G 206 -10.89 -1.91 39.38
N ILE G 207 -11.25 -0.86 38.64
CA ILE G 207 -10.28 0.07 38.07
C ILE G 207 -10.15 1.27 38.97
N ILE G 208 -8.96 1.47 39.53
CA ILE G 208 -8.66 2.61 40.38
C ILE G 208 -7.91 3.64 39.54
N GLY G 209 -8.57 4.74 39.22
CA GLY G 209 -8.00 5.70 38.30
C GLY G 209 -8.51 5.48 36.90
N TYR G 210 -9.48 6.29 36.48
CA TYR G 210 -10.17 6.03 35.22
C TYR G 210 -9.70 7.00 34.15
N GLY G 211 -8.39 7.05 33.90
CA GLY G 211 -7.77 7.98 32.96
C GLY G 211 -7.53 7.36 31.60
N HIS G 212 -6.41 7.74 30.97
CA HIS G 212 -6.08 7.23 29.64
C HIS G 212 -6.00 5.71 29.62
N ILE G 213 -5.24 5.13 30.55
CA ILE G 213 -5.11 3.68 30.59
C ILE G 213 -6.38 3.04 31.15
N GLY G 214 -6.91 3.60 32.24
CA GLY G 214 -8.08 2.99 32.87
C GLY G 214 -9.28 2.92 31.96
N SER G 215 -9.57 4.01 31.23
CA SER G 215 -10.73 4.04 30.35
C SER G 215 -10.60 3.00 29.27
N GLN G 216 -9.37 2.77 28.84
CA GLN G 216 -9.10 1.88 27.75
C GLN G 216 -9.24 0.43 28.24
N LEU G 217 -8.80 0.15 29.47
CA LEU G 217 -9.01 -1.15 30.13
C LEU G 217 -10.50 -1.45 30.31
N SER G 218 -11.30 -0.42 30.60
CA SER G 218 -12.74 -0.61 30.79
C SER G 218 -13.35 -1.29 29.58
N VAL G 219 -13.07 -0.76 28.39
CA VAL G 219 -13.67 -1.31 27.18
C VAL G 219 -13.17 -2.72 26.92
N LEU G 220 -11.87 -2.95 27.14
CA LEU G 220 -11.33 -4.29 26.97
C LEU G 220 -11.93 -5.27 27.98
N ALA G 221 -12.12 -4.81 29.22
CA ALA G 221 -12.62 -5.69 30.27
C ALA G 221 -14.06 -6.12 30.01
N GLU G 222 -14.92 -5.17 29.64
CA GLU G 222 -16.31 -5.52 29.35
C GLU G 222 -16.38 -6.48 28.16
N ALA G 223 -15.57 -6.25 27.13
CA ALA G 223 -15.53 -7.16 25.98
C ALA G 223 -15.16 -8.58 26.38
N MET G 224 -14.26 -8.72 27.37
CA MET G 224 -13.92 -10.03 27.92
C MET G 224 -14.99 -10.57 28.85
N GLY G 225 -16.10 -9.88 29.01
CA GLY G 225 -17.19 -10.36 29.83
C GLY G 225 -17.13 -9.93 31.28
N LEU G 226 -16.29 -8.96 31.61
CA LEU G 226 -16.16 -8.47 32.98
C LEU G 226 -17.13 -7.33 33.24
N HIS G 227 -17.62 -7.26 34.48
CA HIS G 227 -18.24 -6.04 34.98
C HIS G 227 -17.15 -5.08 35.45
N VAL G 228 -17.30 -3.81 35.10
CA VAL G 228 -16.29 -2.80 35.41
C VAL G 228 -16.87 -1.78 36.38
N LEU G 229 -16.25 -1.68 37.55
CA LEU G 229 -16.48 -0.61 38.50
C LEU G 229 -15.20 0.23 38.55
N TYR G 230 -15.34 1.55 38.71
CA TYR G 230 -14.15 2.40 38.82
C TYR G 230 -14.30 3.44 39.91
N TYR G 231 -13.21 3.63 40.66
CA TYR G 231 -13.06 4.70 41.63
C TYR G 231 -12.10 5.74 41.09
N ASP G 232 -12.47 7.02 41.22
CA ASP G 232 -11.58 8.11 40.86
C ASP G 232 -11.94 9.36 41.66
N ILE G 233 -10.95 10.21 41.90
CA ILE G 233 -11.11 11.40 42.74
C ILE G 233 -11.90 12.49 42.01
N VAL G 234 -12.26 12.23 40.75
CA VAL G 234 -13.09 13.14 39.98
C VAL G 234 -14.17 12.33 39.29
N THR G 235 -15.31 12.95 39.06
CA THR G 235 -16.39 12.30 38.32
C THR G 235 -16.04 12.29 36.83
N ILE G 236 -16.08 11.10 36.24
CA ILE G 236 -15.71 10.90 34.85
C ILE G 236 -16.84 10.15 34.15
N MET G 237 -17.16 10.58 32.94
CA MET G 237 -18.15 9.89 32.13
C MET G 237 -17.70 8.46 31.87
N ALA G 238 -18.49 7.49 32.29
CA ALA G 238 -18.11 6.10 32.10
C ALA G 238 -18.17 5.73 30.62
N LEU G 239 -17.25 4.88 30.18
CA LEU G 239 -17.33 4.31 28.85
C LEU G 239 -18.11 3.00 28.89
N GLY G 240 -18.88 2.75 27.83
CA GLY G 240 -19.66 1.54 27.76
C GLY G 240 -20.62 1.43 28.93
N THR G 241 -20.54 0.31 29.64
CA THR G 241 -21.44 0.03 30.76
C THR G 241 -20.70 0.03 32.11
N ALA G 242 -19.52 0.64 32.16
CA ALA G 242 -18.79 0.75 33.42
C ALA G 242 -19.54 1.66 34.38
N ARG G 243 -19.29 1.47 35.67
CA ARG G 243 -20.02 2.23 36.69
C ARG G 243 -19.02 2.78 37.70
N GLN G 244 -19.08 4.09 37.93
CA GLN G 244 -18.22 4.70 38.94
C GLN G 244 -18.83 4.54 40.32
N VAL G 245 -17.98 4.25 41.31
CA VAL G 245 -18.40 4.08 42.70
C VAL G 245 -17.88 5.24 43.53
N SER G 246 -18.64 5.59 44.57
CA SER G 246 -18.34 6.79 45.36
C SER G 246 -17.07 6.64 46.18
N THR G 247 -16.85 5.47 46.76
CA THR G 247 -15.73 5.28 47.68
C THR G 247 -14.82 4.18 47.18
N LEU G 248 -13.54 4.26 47.58
CA LEU G 248 -12.58 3.22 47.24
C LEU G 248 -12.97 1.89 47.86
N ASP G 249 -13.51 1.92 49.09
CA ASP G 249 -13.85 0.67 49.77
C ASP G 249 -14.99 -0.07 49.06
N GLU G 250 -15.96 0.66 48.50
CA GLU G 250 -17.01 0.00 47.74
C GLU G 250 -16.44 -0.76 46.56
N LEU G 251 -15.48 -0.15 45.86
CA LEU G 251 -14.79 -0.83 44.78
C LEU G 251 -14.07 -2.08 45.27
N LEU G 252 -13.38 -1.97 46.40
CA LEU G 252 -12.64 -3.12 46.94
C LEU G 252 -13.59 -4.25 47.34
N ASN G 253 -14.75 -3.91 47.90
CA ASN G 253 -15.67 -4.94 48.40
C ASN G 253 -16.33 -5.72 47.26
N LYS G 254 -16.57 -5.08 46.13
CA LYS G 254 -17.36 -5.65 45.06
C LYS G 254 -16.54 -6.14 43.87
N SER G 255 -15.22 -5.97 43.92
CA SER G 255 -14.38 -6.32 42.78
C SER G 255 -13.70 -7.65 43.01
N ASP G 256 -13.56 -8.41 41.93
CA ASP G 256 -12.76 -9.62 41.94
C ASP G 256 -11.33 -9.32 41.55
N PHE G 257 -11.14 -8.32 40.69
CA PHE G 257 -9.83 -7.90 40.22
C PHE G 257 -9.70 -6.40 40.45
N VAL G 258 -8.65 -6.00 41.17
CA VAL G 258 -8.41 -4.59 41.47
C VAL G 258 -7.13 -4.20 40.78
N THR G 259 -7.21 -3.20 39.90
CA THR G 259 -6.07 -2.72 39.13
C THR G 259 -5.89 -1.23 39.35
N LEU G 260 -4.63 -0.79 39.44
CA LEU G 260 -4.25 0.59 39.77
C LEU G 260 -3.72 1.31 38.55
N HIS G 261 -4.28 2.49 38.25
CA HIS G 261 -3.83 3.29 37.13
C HIS G 261 -3.86 4.78 37.51
N VAL G 262 -3.12 5.09 38.58
CA VAL G 262 -3.18 6.40 39.21
C VAL G 262 -1.80 7.03 39.09
N PRO G 263 -1.71 8.35 39.17
CA PRO G 263 -0.40 9.02 39.21
C PRO G 263 0.30 8.77 40.54
N ALA G 264 1.56 9.20 40.58
CA ALA G 264 2.36 9.16 41.80
C ALA G 264 2.13 10.48 42.53
N THR G 265 1.40 10.42 43.64
CA THR G 265 1.13 11.60 44.46
C THR G 265 1.25 11.22 45.93
N PRO G 266 1.34 12.20 46.83
CA PRO G 266 1.22 11.87 48.25
C PRO G 266 -0.06 11.13 48.60
N GLU G 267 -1.14 11.36 47.83
CA GLU G 267 -2.41 10.72 48.11
C GLU G 267 -2.49 9.28 47.60
N THR G 268 -1.66 8.91 46.62
CA THR G 268 -1.60 7.53 46.16
C THR G 268 -0.47 6.75 46.80
N GLU G 269 0.42 7.42 47.53
CA GLU G 269 1.50 6.75 48.25
C GLU G 269 0.94 5.65 49.15
N LYS G 270 1.28 4.40 48.86
CA LYS G 270 0.87 3.26 49.67
C LYS G 270 -0.64 3.24 49.90
N MET G 271 -1.40 3.70 48.90
CA MET G 271 -2.84 3.82 49.07
C MET G 271 -3.54 2.48 49.19
N LEU G 272 -2.90 1.39 48.77
CA LEU G 272 -3.39 0.04 49.04
C LEU G 272 -2.46 -0.60 50.05
N SER G 273 -2.95 -0.76 51.27
CA SER G 273 -2.18 -1.36 52.35
C SER G 273 -3.07 -2.38 53.05
N ALA G 274 -2.66 -2.79 54.25
CA ALA G 274 -3.41 -3.76 55.04
C ALA G 274 -4.89 -3.43 55.16
N PRO G 275 -5.32 -2.18 55.43
CA PRO G 275 -6.76 -1.94 55.52
C PRO G 275 -7.49 -2.24 54.22
N GLN G 276 -6.89 -1.92 53.07
CA GLN G 276 -7.58 -2.13 51.80
C GLN G 276 -7.62 -3.61 51.42
N PHE G 277 -6.54 -4.34 51.67
CA PHE G 277 -6.54 -5.78 51.45
C PHE G 277 -7.59 -6.46 52.32
N ALA G 278 -7.77 -5.99 53.56
CA ALA G 278 -8.82 -6.52 54.42
C ALA G 278 -10.20 -6.19 53.87
N ALA G 279 -10.32 -5.12 53.08
CA ALA G 279 -11.58 -4.73 52.47
C ALA G 279 -11.86 -5.50 51.19
N MET G 280 -10.90 -6.26 50.68
CA MET G 280 -11.12 -6.96 49.42
C MET G 280 -11.80 -8.30 49.68
N LYS G 281 -12.25 -8.92 48.59
CA LYS G 281 -12.91 -10.20 48.69
C LYS G 281 -11.89 -11.31 48.93
N ASP G 282 -12.32 -12.39 49.58
CA ASP G 282 -11.44 -13.54 49.76
C ASP G 282 -11.06 -14.13 48.39
N GLY G 283 -9.76 -14.23 48.13
CA GLY G 283 -9.30 -14.75 46.86
C GLY G 283 -9.39 -13.77 45.72
N ALA G 284 -9.34 -12.47 46.00
CA ALA G 284 -9.33 -11.45 44.97
C ALA G 284 -7.90 -11.20 44.52
N TYR G 285 -7.75 -10.37 43.48
CA TYR G 285 -6.49 -10.19 42.77
C TYR G 285 -6.11 -8.72 42.68
N VAL G 286 -4.82 -8.43 42.84
CA VAL G 286 -4.30 -7.06 42.82
C VAL G 286 -3.31 -6.94 41.68
N ILE G 287 -3.51 -5.95 40.81
CA ILE G 287 -2.63 -5.70 39.69
C ILE G 287 -2.15 -4.24 39.75
N ASN G 288 -0.84 -4.04 39.77
CA ASN G 288 -0.26 -2.70 39.81
C ASN G 288 0.75 -2.51 38.68
N ALA G 289 0.30 -1.85 37.62
CA ALA G 289 1.16 -1.39 36.54
C ALA G 289 1.21 0.14 36.47
N SER G 290 0.98 0.79 37.61
CA SER G 290 1.01 2.25 37.66
C SER G 290 2.36 2.74 38.17
N ARG G 291 2.46 3.05 39.46
CA ARG G 291 3.70 3.54 40.06
C ARG G 291 4.14 2.64 41.20
N GLY G 292 5.45 2.55 41.37
CA GLY G 292 6.04 1.64 42.35
C GLY G 292 5.77 2.00 43.80
N THR G 293 5.19 3.16 44.08
CA THR G 293 4.91 3.58 45.45
C THR G 293 3.49 3.29 45.89
N VAL G 294 2.62 2.92 44.97
CA VAL G 294 1.18 2.91 45.24
C VAL G 294 0.75 1.71 46.10
N VAL G 295 1.48 0.59 46.05
CA VAL G 295 1.14 -0.60 46.81
C VAL G 295 2.13 -0.76 47.95
N ASP G 296 1.62 -1.05 49.14
CA ASP G 296 2.49 -1.45 50.25
C ASP G 296 2.80 -2.92 50.08
N ILE G 297 3.98 -3.21 49.55
CA ILE G 297 4.33 -4.60 49.25
C ILE G 297 4.33 -5.47 50.49
N PRO G 298 4.86 -5.05 51.65
CA PRO G 298 4.76 -5.92 52.83
C PRO G 298 3.34 -6.29 53.19
N SER G 299 2.38 -5.37 53.02
CA SER G 299 0.99 -5.71 53.29
C SER G 299 0.47 -6.70 52.27
N LEU G 300 0.90 -6.58 51.02
CA LEU G 300 0.48 -7.52 49.99
C LEU G 300 0.99 -8.92 50.27
N ILE G 301 2.28 -9.03 50.63
CA ILE G 301 2.86 -10.32 50.98
C ILE G 301 2.10 -10.96 52.13
N GLN G 302 1.71 -10.16 53.12
CA GLN G 302 0.93 -10.70 54.23
C GLN G 302 -0.42 -11.19 53.75
N ALA G 303 -1.09 -10.40 52.91
CA ALA G 303 -2.41 -10.79 52.43
C ALA G 303 -2.35 -12.04 51.57
N VAL G 304 -1.28 -12.18 50.79
CA VAL G 304 -1.10 -13.38 49.97
C VAL G 304 -0.83 -14.58 50.88
N LYS G 305 0.10 -14.44 51.81
CA LYS G 305 0.41 -15.55 52.72
C LYS G 305 -0.80 -15.95 53.56
N ALA G 306 -1.70 -15.01 53.83
CA ALA G 306 -2.90 -15.28 54.61
C ALA G 306 -4.05 -15.79 53.75
N ASN G 307 -3.79 -16.16 52.51
CA ASN G 307 -4.82 -16.66 51.59
C ASN G 307 -5.92 -15.64 51.39
N LYS G 308 -5.68 -14.37 51.71
CA LYS G 308 -6.67 -13.34 51.45
C LYS G 308 -6.63 -12.91 50.00
N ILE G 309 -5.44 -12.66 49.48
CA ILE G 309 -5.23 -12.32 48.09
C ILE G 309 -4.74 -13.59 47.38
N ALA G 310 -5.42 -13.95 46.30
CA ALA G 310 -5.08 -15.19 45.60
C ALA G 310 -3.94 -15.00 44.61
N GLY G 311 -3.73 -13.77 44.14
CA GLY G 311 -2.67 -13.53 43.18
C GLY G 311 -2.47 -12.04 42.97
N ALA G 312 -1.30 -11.72 42.42
CA ALA G 312 -0.95 -10.33 42.19
C ALA G 312 -0.01 -10.24 41.00
N ALA G 313 -0.12 -9.13 40.28
CA ALA G 313 0.75 -8.84 39.15
C ALA G 313 1.35 -7.46 39.37
N LEU G 314 2.67 -7.42 39.49
CA LEU G 314 3.40 -6.20 39.78
C LEU G 314 4.29 -5.90 38.59
N ASP G 315 4.14 -4.70 38.02
CA ASP G 315 5.04 -4.24 36.97
C ASP G 315 5.98 -3.15 37.46
N VAL G 316 5.65 -2.49 38.56
CA VAL G 316 6.40 -1.36 39.08
C VAL G 316 6.75 -1.62 40.53
N TYR G 317 7.80 -0.95 41.00
CA TYR G 317 8.37 -1.31 42.29
C TYR G 317 8.89 -0.06 42.98
N PRO G 318 8.93 -0.05 44.32
CA PRO G 318 9.51 1.12 45.02
C PRO G 318 10.92 1.46 44.57
N HIS G 319 11.76 0.44 44.40
CA HIS G 319 13.12 0.64 43.91
C HIS G 319 13.34 -0.27 42.72
N GLU G 320 13.84 0.30 41.64
CA GLU G 320 14.05 -0.43 40.38
C GLU G 320 15.46 -0.22 39.88
N PRO G 321 16.03 -1.21 39.19
CA PRO G 321 17.41 -1.07 38.71
C PRO G 321 17.52 0.05 37.70
N ALA G 322 18.73 0.63 37.65
CA ALA G 322 19.00 1.68 36.66
C ALA G 322 19.35 1.09 35.31
N LYS G 323 19.83 -0.15 35.28
CA LYS G 323 20.17 -0.83 34.05
C LYS G 323 19.77 -2.29 34.17
N ASN G 324 19.58 -2.94 33.03
CA ASN G 324 19.21 -4.35 33.07
C ASN G 324 20.42 -5.17 33.55
N GLY G 325 20.13 -6.22 34.29
CA GLY G 325 21.18 -7.08 34.80
C GLY G 325 20.63 -8.22 35.61
N GLU G 326 21.47 -9.23 35.80
CA GLU G 326 21.06 -10.48 36.43
C GLU G 326 20.88 -10.33 37.93
N GLY G 327 21.87 -9.78 38.63
CA GLY G 327 21.75 -9.67 40.05
C GLY G 327 20.96 -8.48 40.54
N SER G 328 20.24 -7.79 39.65
CA SER G 328 19.68 -6.48 39.96
C SER G 328 18.43 -6.51 40.84
N PHE G 329 17.70 -7.63 40.93
CA PHE G 329 16.42 -7.64 41.62
C PHE G 329 16.54 -8.57 42.83
N ASN G 330 16.82 -7.99 44.00
CA ASN G 330 17.19 -8.78 45.17
C ASN G 330 16.90 -7.97 46.43
N ASP G 331 17.28 -8.54 47.58
CA ASP G 331 16.96 -7.91 48.85
C ASP G 331 17.68 -6.58 49.03
N GLU G 332 18.84 -6.40 48.37
CA GLU G 332 19.53 -5.12 48.44
C GLU G 332 18.74 -4.03 47.73
N LEU G 333 18.02 -4.37 46.65
CA LEU G 333 17.20 -3.40 45.96
C LEU G 333 15.90 -3.13 46.72
N ASN G 334 15.25 -4.19 47.20
CA ASN G 334 14.02 -4.11 47.99
C ASN G 334 14.09 -5.20 49.04
N SER G 335 13.98 -4.81 50.31
CA SER G 335 14.22 -5.74 51.43
C SER G 335 13.37 -7.00 51.33
N TRP G 336 12.14 -6.87 50.83
CA TRP G 336 11.18 -7.95 50.77
C TRP G 336 11.26 -8.79 49.51
N THR G 337 12.29 -8.62 48.68
CA THR G 337 12.31 -9.29 47.39
C THR G 337 12.29 -10.81 47.54
N SER G 338 13.21 -11.37 48.31
CA SER G 338 13.30 -12.83 48.42
C SER G 338 12.02 -13.43 48.97
N GLU G 339 11.27 -12.68 49.77
CA GLU G 339 10.00 -13.18 50.31
C GLU G 339 8.89 -13.08 49.27
N LEU G 340 8.83 -11.94 48.56
CA LEU G 340 7.88 -11.78 47.47
C LEU G 340 8.04 -12.86 46.42
N VAL G 341 9.28 -13.21 46.10
CA VAL G 341 9.56 -14.24 45.10
C VAL G 341 9.10 -15.60 45.56
N SER G 342 8.94 -15.79 46.88
CA SER G 342 8.54 -17.09 47.41
C SER G 342 7.04 -17.35 47.27
N LEU G 343 6.29 -16.39 46.82
CA LEU G 343 4.85 -16.54 46.88
C LEU G 343 4.31 -17.17 45.61
N PRO G 344 3.24 -17.95 45.73
CA PRO G 344 2.60 -18.54 44.55
C PRO G 344 1.69 -17.56 43.84
N ASN G 345 1.65 -17.72 42.51
CA ASN G 345 0.71 -17.00 41.65
C ASN G 345 0.89 -15.48 41.74
N ILE G 346 2.13 -15.02 41.80
CA ILE G 346 2.44 -13.61 41.64
C ILE G 346 3.26 -13.46 40.37
N ILE G 347 2.80 -12.59 39.47
CA ILE G 347 3.49 -12.28 38.23
C ILE G 347 4.30 -11.00 38.43
N LEU G 348 5.60 -11.05 38.16
CA LEU G 348 6.48 -9.92 38.34
C LEU G 348 7.04 -9.51 36.99
N THR G 349 6.90 -8.24 36.62
CA THR G 349 7.43 -7.83 35.33
C THR G 349 8.33 -6.60 35.48
N PRO G 350 9.40 -6.53 34.68
CA PRO G 350 10.43 -5.47 34.83
C PRO G 350 10.01 -4.14 34.18
N HIS G 351 8.89 -3.60 34.64
CA HIS G 351 8.38 -2.30 34.21
C HIS G 351 8.16 -2.27 32.70
N ILE G 352 7.51 -3.33 32.20
CA ILE G 352 7.35 -3.48 30.75
C ILE G 352 5.97 -3.05 30.28
N GLY G 353 5.22 -2.31 31.12
CA GLY G 353 3.88 -1.89 30.76
C GLY G 353 3.78 -1.20 29.41
N GLY G 354 4.82 -0.47 29.02
CA GLY G 354 4.85 0.17 27.73
C GLY G 354 5.91 -0.35 26.78
N SER G 355 6.47 -1.52 27.08
CA SER G 355 7.59 -2.03 26.29
C SER G 355 7.07 -2.87 25.12
N THR G 356 6.51 -2.17 24.13
CA THR G 356 6.08 -2.81 22.88
C THR G 356 6.59 -2.02 21.69
N GLU G 357 6.76 -2.74 20.56
CA GLU G 357 7.13 -2.09 19.30
C GLU G 357 6.16 -0.97 18.95
N GLU G 358 4.86 -1.22 19.14
CA GLU G 358 3.86 -0.20 18.82
C GLU G 358 4.02 1.03 19.71
N ALA G 359 4.21 0.83 21.01
CA ALA G 359 4.37 1.97 21.90
C ALA G 359 5.55 2.83 21.49
N GLN G 360 6.72 2.22 21.33
CA GLN G 360 7.90 2.97 20.88
C GLN G 360 7.67 3.58 19.51
N SER G 361 6.93 2.90 18.64
CA SER G 361 6.63 3.50 17.34
C SER G 361 5.75 4.73 17.50
N SER G 362 4.74 4.66 18.36
CA SER G 362 3.90 5.83 18.57
C SER G 362 4.68 6.96 19.19
N ILE G 363 5.57 6.65 20.14
CA ILE G 363 6.40 7.68 20.76
C ILE G 363 7.24 8.38 19.70
N GLY G 364 7.93 7.60 18.87
CA GLY G 364 8.72 8.19 17.80
C GLY G 364 7.94 9.17 16.94
N ILE G 365 6.77 8.76 16.46
CA ILE G 365 5.99 9.64 15.58
C ILE G 365 5.55 10.89 16.33
N GLU G 366 5.05 10.71 17.55
CA GLU G 366 4.54 11.86 18.29
C GLU G 366 5.64 12.90 18.48
N VAL G 367 6.78 12.48 19.04
CA VAL G 367 7.76 13.46 19.45
C VAL G 367 8.49 14.04 18.24
N ALA G 368 8.81 13.18 17.26
CA ALA G 368 9.47 13.66 16.06
C ALA G 368 8.59 14.65 15.31
N THR G 369 7.30 14.35 15.17
CA THR G 369 6.38 15.33 14.59
C THR G 369 6.37 16.60 15.41
N ALA G 370 6.34 16.49 16.74
CA ALA G 370 6.34 17.68 17.58
C ALA G 370 7.59 18.52 17.36
N LEU G 371 8.77 17.91 17.44
CA LEU G 371 10.00 18.67 17.21
C LEU G 371 10.01 19.25 15.79
N SER G 372 9.50 18.50 14.81
CA SER G 372 9.44 19.02 13.46
C SER G 372 8.54 20.23 13.38
N LYS G 373 7.36 20.16 14.00
CA LYS G 373 6.44 21.29 13.95
C LYS G 373 6.98 22.49 14.70
N TYR G 374 7.76 22.28 15.76
CA TYR G 374 8.36 23.41 16.44
C TYR G 374 9.49 24.01 15.62
N ILE G 375 10.27 23.17 14.96
CA ILE G 375 11.36 23.67 14.14
C ILE G 375 10.81 24.33 12.87
N ASN G 376 9.93 23.64 12.15
CA ASN G 376 9.52 24.16 10.85
C ASN G 376 8.49 25.27 10.95
N GLU G 377 7.72 25.32 12.03
CA GLU G 377 6.63 26.27 12.16
C GLU G 377 6.63 27.07 13.47
N GLY G 378 7.39 26.64 14.48
CA GLY G 378 7.41 27.32 15.76
C GLY G 378 6.46 26.72 16.78
N ASN G 379 5.70 25.69 16.40
CA ASN G 379 4.59 25.19 17.21
C ASN G 379 5.12 24.56 18.48
N SER G 380 4.79 25.17 19.62
CA SER G 380 5.23 24.70 20.94
C SER G 380 4.11 24.12 21.79
N VAL G 381 2.94 23.84 21.20
CA VAL G 381 1.87 23.25 21.98
C VAL G 381 2.31 21.89 22.48
N GLY G 382 2.08 21.62 23.75
CA GLY G 382 2.51 20.37 24.33
C GLY G 382 3.92 20.37 24.88
N SER G 383 4.61 21.50 24.84
CA SER G 383 5.93 21.58 25.45
C SER G 383 5.79 21.54 26.96
N VAL G 384 6.75 20.89 27.64
CA VAL G 384 6.64 20.69 29.08
C VAL G 384 7.27 21.81 29.89
N ASN G 385 8.06 22.70 29.26
CA ASN G 385 8.78 23.75 29.97
C ASN G 385 8.66 25.11 29.28
N PHE G 386 7.63 25.31 28.47
CA PHE G 386 7.76 26.38 27.50
C PHE G 386 6.37 26.93 27.27
N PRO G 387 6.25 28.20 26.91
CA PRO G 387 4.94 28.72 26.55
C PRO G 387 4.35 27.93 25.39
N GLU G 388 3.08 27.57 25.52
CA GLU G 388 2.38 26.82 24.50
C GLU G 388 1.79 27.82 23.50
N VAL G 389 2.39 27.89 22.32
CA VAL G 389 2.11 28.92 21.33
C VAL G 389 2.13 28.28 19.94
N SER G 390 1.22 28.73 19.08
CA SER G 390 1.19 28.24 17.71
C SER G 390 0.29 29.17 16.90
N LEU G 391 0.38 29.05 15.58
CA LEU G 391 -0.48 29.77 14.64
C LEU G 391 -0.76 28.86 13.45
N LYS G 392 -1.88 29.11 12.77
CA LYS G 392 -2.20 28.37 11.56
C LYS G 392 -1.09 28.52 10.53
N SER G 393 -0.79 27.42 9.85
CA SER G 393 0.27 27.45 8.84
C SER G 393 -0.08 28.42 7.72
N LEU G 394 0.93 28.78 6.94
CA LEU G 394 0.79 29.81 5.92
C LEU G 394 0.47 29.20 4.56
N ASP G 395 -0.37 29.91 3.81
CA ASP G 395 -0.69 29.48 2.45
C ASP G 395 0.56 29.55 1.59
N TYR G 396 0.67 28.61 0.64
CA TYR G 396 1.79 28.63 -0.30
C TYR G 396 1.93 29.97 -1.01
N ASP G 397 0.82 30.56 -1.44
CA ASP G 397 0.84 31.78 -2.25
C ASP G 397 1.07 33.07 -1.45
N GLN G 398 1.29 33.00 -0.13
CA GLN G 398 1.47 34.26 0.59
C GLN G 398 2.81 34.93 0.29
N GLU G 399 3.71 34.23 -0.42
CA GLU G 399 4.89 34.83 -1.02
C GLU G 399 5.85 35.44 -0.01
N ASN G 400 5.93 36.77 0.00
CA ASN G 400 6.88 37.51 0.83
C ASN G 400 6.51 37.56 2.31
N THR G 401 5.86 36.53 2.85
CA THR G 401 5.48 36.51 4.26
C THR G 401 6.52 35.76 5.10
N VAL G 402 6.85 36.35 6.26
CA VAL G 402 7.89 35.85 7.16
C VAL G 402 7.29 35.63 8.54
N ARG G 403 7.75 34.60 9.24
CA ARG G 403 7.28 34.31 10.59
C ARG G 403 8.39 34.59 11.59
N VAL G 404 8.12 35.50 12.51
CA VAL G 404 9.09 35.87 13.53
C VAL G 404 8.88 34.97 14.74
N LEU G 405 9.94 34.29 15.17
CA LEU G 405 9.92 33.44 16.36
C LEU G 405 10.88 34.05 17.38
N TYR G 406 10.33 34.68 18.42
CA TYR G 406 11.08 35.53 19.34
C TYR G 406 10.88 35.05 20.77
N ILE G 407 11.83 34.25 21.26
CA ILE G 407 11.84 33.81 22.66
C ILE G 407 12.54 34.88 23.49
N HIS G 408 11.96 35.25 24.65
CA HIS G 408 12.42 36.43 25.39
C HIS G 408 12.07 36.37 26.88
N ARG G 409 12.63 37.32 27.65
CA ARG G 409 12.34 37.41 29.09
C ARG G 409 11.01 38.05 29.34
N ASN G 410 10.32 37.54 30.37
CA ASN G 410 8.97 37.93 30.70
C ASN G 410 9.01 39.22 31.52
N VAL G 411 9.27 40.32 30.82
CA VAL G 411 9.32 41.63 31.48
C VAL G 411 8.57 42.64 30.62
N PRO G 412 8.03 43.68 31.25
CA PRO G 412 7.22 44.65 30.51
C PRO G 412 8.04 45.34 29.42
N GLY G 413 7.36 45.79 28.38
CA GLY G 413 7.95 46.60 27.33
C GLY G 413 8.49 45.85 26.13
N VAL G 414 8.55 44.51 26.19
CA VAL G 414 9.19 43.74 25.13
C VAL G 414 8.38 43.82 23.84
N LEU G 415 7.07 43.59 23.93
CA LEU G 415 6.26 43.70 22.71
C LEU G 415 6.26 45.12 22.18
N LYS G 416 6.29 46.12 23.07
CA LYS G 416 6.55 47.49 22.66
C LYS G 416 7.75 47.55 21.72
N THR G 417 8.87 46.95 22.13
CA THR G 417 10.06 46.93 21.30
C THR G 417 9.83 46.21 19.98
N VAL G 418 9.28 44.99 20.04
CA VAL G 418 9.23 44.12 18.86
C VAL G 418 8.29 44.68 17.80
N ASN G 419 7.10 45.13 18.20
CA ASN G 419 6.19 45.66 17.20
C ASN G 419 6.64 47.01 16.67
N ASP G 420 7.44 47.75 17.44
CA ASP G 420 8.15 48.89 16.89
C ASP G 420 9.03 48.45 15.74
N ILE G 421 9.90 47.46 16.01
CA ILE G 421 10.81 46.95 14.98
C ILE G 421 10.04 46.45 13.78
N LEU G 422 8.85 45.90 13.97
CA LEU G 422 8.05 45.34 12.90
C LEU G 422 7.04 46.32 12.32
N SER G 423 7.11 47.60 12.70
CA SER G 423 6.03 48.55 12.42
C SER G 423 5.90 48.93 10.95
N ASP G 424 6.92 48.68 10.14
CA ASP G 424 6.83 48.97 8.71
C ASP G 424 6.13 47.87 7.94
N HIS G 425 5.79 46.76 8.59
CA HIS G 425 5.12 45.64 7.94
C HIS G 425 3.81 45.36 8.66
N ASN G 426 2.85 44.82 7.92
CA ASN G 426 1.57 44.50 8.51
C ASN G 426 1.69 43.21 9.30
N ILE G 427 1.29 43.25 10.57
CA ILE G 427 1.25 42.04 11.38
C ILE G 427 -0.04 41.32 11.03
N GLU G 428 0.06 40.20 10.31
CA GLU G 428 -1.14 39.44 9.99
C GLU G 428 -1.69 38.76 11.25
N LYS G 429 -0.83 38.02 11.95
CA LYS G 429 -1.19 37.30 13.16
C LYS G 429 -0.07 37.46 14.16
N GLN G 430 -0.44 37.50 15.45
CA GLN G 430 0.56 37.56 16.51
C GLN G 430 0.00 36.89 17.76
N PHE G 431 0.87 36.14 18.46
CA PHE G 431 0.51 35.45 19.69
C PHE G 431 1.74 35.35 20.59
N SER G 432 1.59 35.78 21.83
CA SER G 432 2.68 35.76 22.78
C SER G 432 2.13 35.24 24.09
N ASP G 433 2.87 34.33 24.73
CA ASP G 433 2.46 33.80 26.02
C ASP G 433 3.72 33.61 26.85
N SER G 434 3.54 33.56 28.16
CA SER G 434 4.62 33.52 29.12
C SER G 434 4.57 32.23 29.93
N HIS G 435 5.74 31.80 30.41
CA HIS G 435 5.85 30.61 31.25
C HIS G 435 6.97 30.91 32.26
N GLY G 436 6.58 31.37 33.44
CA GLY G 436 7.56 31.75 34.43
C GLY G 436 8.33 32.98 33.96
N GLU G 437 9.65 32.90 34.01
CA GLU G 437 10.45 34.05 33.65
C GLU G 437 10.65 34.19 32.14
N ILE G 438 10.24 33.20 31.35
CA ILE G 438 10.40 33.25 29.90
C ILE G 438 9.05 33.47 29.22
N ALA G 439 9.11 33.93 27.98
CA ALA G 439 7.92 34.12 27.18
C ALA G 439 8.29 33.90 25.73
N TYR G 440 7.26 33.76 24.89
CA TYR G 440 7.49 33.34 23.51
C TYR G 440 6.49 34.02 22.58
N LEU G 441 7.02 34.67 21.55
CA LEU G 441 6.27 35.51 20.64
C LEU G 441 6.30 34.95 19.23
N MET G 442 5.14 34.71 18.66
CA MET G 442 5.03 34.33 17.26
C MET G 442 4.24 35.37 16.50
N ALA G 443 4.78 35.81 15.37
CA ALA G 443 4.18 36.85 14.55
C ALA G 443 4.46 36.58 13.08
N ASP G 444 3.42 36.80 12.27
CA ASP G 444 3.49 36.72 10.81
C ASP G 444 3.43 38.12 10.23
N ILE G 445 4.46 38.49 9.46
CA ILE G 445 4.59 39.79 8.84
C ILE G 445 4.53 39.60 7.34
N SER G 446 3.89 40.54 6.63
CA SER G 446 3.32 40.25 5.32
C SER G 446 4.20 40.60 4.12
N SER G 447 4.66 41.85 3.99
CA SER G 447 5.38 42.26 2.78
C SER G 447 6.85 42.51 3.11
N VAL G 448 7.62 41.43 3.18
CA VAL G 448 9.02 41.48 3.57
C VAL G 448 9.85 40.80 2.48
N ASN G 449 10.88 41.51 1.98
CA ASN G 449 11.79 40.97 0.98
C ASN G 449 13.12 40.59 1.64
N GLN G 450 13.99 39.97 0.85
CA GLN G 450 15.25 39.44 1.39
C GLN G 450 16.09 40.51 2.07
N SER G 451 16.14 41.72 1.50
CA SER G 451 16.97 42.78 2.09
C SER G 451 16.52 43.13 3.50
N GLU G 452 15.21 43.35 3.69
CA GLU G 452 14.68 43.79 4.98
C GLU G 452 14.51 42.67 5.99
N ILE G 453 14.78 41.41 5.59
CA ILE G 453 14.79 40.33 6.56
C ILE G 453 16.03 40.42 7.44
N LYS G 454 17.20 40.70 6.84
CA LYS G 454 18.43 40.82 7.62
C LYS G 454 18.33 41.95 8.64
N ASP G 455 17.71 43.07 8.27
CA ASP G 455 17.59 44.19 9.19
C ASP G 455 16.64 43.87 10.33
N ILE G 456 15.46 43.32 10.01
CA ILE G 456 14.52 42.92 11.06
C ILE G 456 15.18 41.92 11.99
N TYR G 457 15.95 41.00 11.43
CA TYR G 457 16.63 40.00 12.24
C TYR G 457 17.66 40.64 13.15
N GLU G 458 18.54 41.47 12.58
CA GLU G 458 19.61 42.06 13.37
C GLU G 458 19.08 43.01 14.44
N LYS G 459 18.02 43.77 14.12
CA LYS G 459 17.40 44.62 15.14
C LYS G 459 16.86 43.79 16.30
N LEU G 460 16.06 42.78 15.99
CA LEU G 460 15.50 41.91 17.03
C LEU G 460 16.60 41.15 17.78
N ASN G 461 17.66 40.76 17.08
CA ASN G 461 18.75 40.07 17.76
C ASN G 461 19.51 40.98 18.72
N GLN G 462 19.37 42.29 18.56
CA GLN G 462 20.08 43.25 19.41
C GLN G 462 19.25 43.70 20.61
N THR G 463 18.01 43.24 20.72
CA THR G 463 17.13 43.69 21.79
C THR G 463 17.59 43.15 23.13
N SER G 464 17.32 43.92 24.19
CA SER G 464 17.81 43.59 25.52
C SER G 464 17.16 42.34 26.08
N ALA G 465 15.89 42.14 25.77
CA ALA G 465 15.14 41.03 26.34
C ALA G 465 15.28 39.73 25.52
N LYS G 466 15.98 39.77 24.38
CA LYS G 466 16.09 38.61 23.52
C LYS G 466 16.75 37.44 24.24
N VAL G 467 16.15 36.26 24.11
CA VAL G 467 16.74 35.00 24.52
C VAL G 467 17.11 34.15 23.32
N SER G 468 16.20 34.04 22.34
CA SER G 468 16.43 33.30 21.11
C SER G 468 15.54 33.87 20.03
N ILE G 469 16.07 33.94 18.81
CA ILE G 469 15.34 34.46 17.66
C ILE G 469 15.53 33.53 16.46
N ARG G 470 14.44 33.25 15.76
CA ARG G 470 14.44 32.51 14.51
C ARG G 470 13.49 33.19 13.54
N LEU G 471 13.83 33.18 12.25
CA LEU G 471 12.92 33.63 11.20
C LEU G 471 12.65 32.50 10.22
N LEU G 472 11.38 32.35 9.85
CA LEU G 472 10.93 31.31 8.93
C LEU G 472 10.41 32.00 7.68
N TYR G 473 10.92 31.60 6.51
CA TYR G 473 10.75 32.44 5.33
C TYR G 473 10.70 31.70 3.98
N PRO H 43 -12.92 9.26 29.56
CA PRO H 43 -12.69 10.70 29.38
C PRO H 43 -14.00 11.49 29.40
N ARG H 44 -13.94 12.75 28.92
CA ARG H 44 -15.10 13.64 28.85
C ARG H 44 -15.61 14.00 30.25
N ARG H 45 -14.69 14.41 31.12
CA ARG H 45 -14.98 14.84 32.48
C ARG H 45 -15.98 15.99 32.53
N GLN H 51 -10.52 27.50 39.75
CA GLN H 51 -11.71 28.23 39.32
C GLN H 51 -11.33 29.51 38.59
N PRO H 52 -12.13 29.91 37.60
CA PRO H 52 -11.81 31.09 36.80
C PRO H 52 -12.17 32.38 37.52
N LYS H 53 -11.56 33.47 37.07
CA LYS H 53 -11.83 34.81 37.58
C LYS H 53 -12.83 35.45 36.62
N ALA H 54 -14.10 35.46 37.00
CA ALA H 54 -15.14 36.03 36.15
C ALA H 54 -14.88 37.51 35.92
N LEU H 55 -14.97 37.92 34.66
CA LEU H 55 -14.59 39.26 34.23
C LEU H 55 -15.83 40.11 33.94
N LYS H 56 -15.69 41.41 34.17
CA LYS H 56 -16.82 42.33 33.94
C LYS H 56 -16.34 43.49 33.08
N PRO H 57 -17.19 44.04 32.19
CA PRO H 57 -16.79 45.14 31.34
C PRO H 57 -16.61 46.46 32.11
N PHE H 58 -15.69 47.30 31.64
CA PHE H 58 -15.47 48.61 32.29
C PHE H 58 -16.31 49.68 31.62
N SER H 59 -16.65 50.73 32.37
CA SER H 59 -17.43 51.87 31.83
C SER H 59 -18.81 51.37 31.37
N THR H 60 -19.35 50.36 32.04
CA THR H 60 -20.63 49.77 31.56
C THR H 60 -21.50 49.32 32.74
N GLY H 61 -22.83 49.36 32.55
CA GLY H 61 -23.75 48.88 33.59
C GLY H 61 -24.33 47.53 33.20
N ASP H 62 -25.64 47.35 33.36
CA ASP H 62 -26.26 46.04 33.10
C ASP H 62 -26.33 45.75 31.61
N MET H 63 -26.09 44.50 31.23
CA MET H 63 -26.12 44.10 29.83
C MET H 63 -27.56 43.89 29.36
N ASN H 64 -27.84 44.35 28.13
CA ASN H 64 -29.17 44.23 27.53
C ASN H 64 -29.13 43.20 26.40
N ILE H 65 -29.91 42.12 26.55
CA ILE H 65 -30.04 41.07 25.54
C ILE H 65 -31.42 41.18 24.90
N LEU H 66 -31.46 41.11 23.58
CA LEU H 66 -32.70 41.05 22.81
C LEU H 66 -32.79 39.71 22.09
N LEU H 67 -33.81 38.91 22.42
CA LEU H 67 -34.02 37.61 21.79
C LEU H 67 -35.30 37.63 20.97
N LEU H 68 -35.20 37.26 19.70
CA LEU H 68 -36.34 37.29 18.80
C LEU H 68 -36.63 35.88 18.25
N GLU H 69 -37.83 35.73 17.68
CA GLU H 69 -38.25 34.54 16.90
C GLU H 69 -38.30 33.28 17.76
N ASN H 70 -38.52 33.43 19.06
CA ASN H 70 -38.76 32.31 19.97
C ASN H 70 -37.55 31.39 20.03
N VAL H 71 -36.43 31.95 20.48
CA VAL H 71 -35.28 31.12 20.82
C VAL H 71 -35.64 30.27 22.03
N ASN H 72 -35.00 29.11 22.13
CA ASN H 72 -35.33 28.17 23.18
C ASN H 72 -34.97 28.71 24.56
N ALA H 73 -35.68 28.20 25.57
CA ALA H 73 -35.55 28.70 26.93
C ALA H 73 -34.17 28.46 27.52
N THR H 74 -33.41 27.51 26.99
CA THR H 74 -32.04 27.33 27.47
C THR H 74 -31.21 28.58 27.23
N ALA H 75 -31.47 29.28 26.12
CA ALA H 75 -30.77 30.54 25.87
C ALA H 75 -31.16 31.58 26.90
N ILE H 76 -32.46 31.68 27.19
CA ILE H 76 -32.92 32.65 28.20
C ILE H 76 -32.28 32.36 29.55
N LYS H 77 -32.24 31.09 29.95
CA LYS H 77 -31.68 30.75 31.26
C LYS H 77 -30.23 31.14 31.36
N ILE H 78 -29.43 30.83 30.34
CA ILE H 78 -28.00 31.15 30.39
C ILE H 78 -27.78 32.65 30.53
N PHE H 79 -28.51 33.45 29.75
CA PHE H 79 -28.38 34.90 29.84
C PHE H 79 -28.78 35.43 31.21
N LYS H 80 -29.92 34.98 31.73
CA LYS H 80 -30.32 35.42 33.06
C LYS H 80 -29.31 35.02 34.12
N ASP H 81 -28.72 33.84 33.99
CA ASP H 81 -27.73 33.42 34.99
C ASP H 81 -26.48 34.30 35.00
N GLN H 82 -26.21 35.08 33.96
CA GLN H 82 -25.13 36.06 34.04
C GLN H 82 -25.59 37.40 34.60
N GLY H 83 -26.86 37.53 34.96
CA GLY H 83 -27.38 38.82 35.35
C GLY H 83 -27.74 39.75 34.21
N TYR H 84 -27.80 39.25 32.98
CA TYR H 84 -28.16 40.10 31.87
C TYR H 84 -29.65 40.44 31.95
N GLN H 85 -30.03 41.51 31.27
CA GLN H 85 -31.44 41.90 31.16
C GLN H 85 -31.97 41.39 29.82
N VAL H 86 -32.99 40.53 29.88
CA VAL H 86 -33.45 39.79 28.71
C VAL H 86 -34.83 40.26 28.31
N GLU H 87 -34.97 40.68 27.05
CA GLU H 87 -36.27 40.88 26.40
C GLU H 87 -36.48 39.76 25.40
N PHE H 88 -37.62 39.07 25.51
CA PHE H 88 -37.92 37.88 24.72
C PHE H 88 -39.17 38.10 23.87
N HIS H 89 -39.10 37.67 22.61
CA HIS H 89 -40.23 37.73 21.70
C HIS H 89 -40.34 36.42 20.94
N LYS H 90 -41.57 35.97 20.72
CA LYS H 90 -41.81 34.73 20.00
C LYS H 90 -41.74 34.89 18.49
N SER H 91 -41.96 36.09 17.96
CA SER H 91 -41.89 36.34 16.52
C SER H 91 -40.77 37.33 16.24
N SER H 92 -40.61 37.65 14.96
CA SER H 92 -39.67 38.71 14.61
C SER H 92 -40.32 40.04 14.97
N LEU H 93 -39.68 41.14 14.60
CA LEU H 93 -40.24 42.45 14.86
C LEU H 93 -40.33 43.23 13.55
N PRO H 94 -41.36 44.08 13.40
CA PRO H 94 -41.38 44.98 12.26
C PRO H 94 -40.19 45.93 12.30
N GLU H 95 -39.81 46.42 11.12
CA GLU H 95 -38.60 47.24 11.00
C GLU H 95 -38.66 48.45 11.94
N ASP H 96 -39.85 49.04 12.10
CA ASP H 96 -39.99 50.22 12.96
C ASP H 96 -39.71 49.87 14.42
N GLU H 97 -40.40 48.85 14.95
CA GLU H 97 -40.23 48.47 16.34
C GLU H 97 -38.83 47.93 16.62
N LEU H 98 -38.20 47.28 15.63
CA LEU H 98 -36.88 46.68 15.83
C LEU H 98 -35.80 47.76 15.93
N ILE H 99 -35.86 48.78 15.08
CA ILE H 99 -34.89 49.87 15.16
C ILE H 99 -34.96 50.56 16.52
N GLU H 100 -36.17 50.73 17.05
CA GLU H 100 -36.34 51.40 18.34
C GLU H 100 -35.70 50.60 19.46
N LYS H 101 -35.90 49.29 19.42
CA LYS H 101 -35.46 48.38 20.45
C LYS H 101 -33.98 48.09 20.42
N ILE H 102 -33.36 48.15 19.25
CA ILE H 102 -31.97 47.74 19.10
C ILE H 102 -30.99 48.85 19.49
N LYS H 103 -31.49 50.08 19.69
CA LYS H 103 -30.59 51.19 20.00
C LYS H 103 -29.87 50.98 21.33
N ASP H 104 -30.49 50.25 22.26
CA ASP H 104 -29.96 50.09 23.61
C ASP H 104 -29.56 48.65 23.93
N VAL H 105 -29.42 47.80 22.92
CA VAL H 105 -29.14 46.39 23.14
C VAL H 105 -27.65 46.12 22.97
N HIS H 106 -27.14 45.24 23.83
CA HIS H 106 -25.74 44.85 23.78
C HIS H 106 -25.53 43.59 22.95
N ALA H 107 -26.50 42.67 22.97
CA ALA H 107 -26.46 41.46 22.16
C ALA H 107 -27.86 41.11 21.69
N ILE H 108 -27.96 40.68 20.43
CA ILE H 108 -29.23 40.32 19.83
C ILE H 108 -29.15 38.86 19.39
N GLY H 109 -30.18 38.10 19.70
CA GLY H 109 -30.31 36.74 19.22
C GLY H 109 -31.46 36.62 18.24
N ILE H 110 -31.20 36.16 17.03
CA ILE H 110 -32.21 36.05 15.99
C ILE H 110 -32.18 34.63 15.42
N ARG H 111 -33.07 34.40 14.46
CA ARG H 111 -33.07 33.18 13.68
C ARG H 111 -33.17 33.57 12.21
N SER H 112 -33.96 32.84 11.42
CA SER H 112 -33.92 33.02 9.97
C SER H 112 -34.62 34.28 9.49
N LYS H 113 -35.70 34.68 10.14
CA LYS H 113 -36.57 35.69 9.54
C LYS H 113 -36.05 37.10 9.75
N THR H 114 -35.45 37.39 10.90
CA THR H 114 -35.00 38.75 11.20
C THR H 114 -33.81 39.11 10.31
N ARG H 115 -33.98 40.13 9.47
CA ARG H 115 -32.93 40.59 8.57
C ARG H 115 -32.25 41.78 9.22
N LEU H 116 -31.00 41.59 9.64
CA LEU H 116 -30.22 42.66 10.28
C LEU H 116 -29.33 43.29 9.22
N THR H 117 -29.87 44.27 8.51
CA THR H 117 -29.12 45.02 7.51
C THR H 117 -28.49 46.24 8.16
N GLU H 118 -27.64 46.95 7.41
CA GLU H 118 -27.12 48.21 7.93
C GLU H 118 -28.25 49.18 8.24
N LYS H 119 -29.35 49.12 7.50
CA LYS H 119 -30.50 49.95 7.79
C LYS H 119 -30.87 49.87 9.27
N ILE H 120 -30.87 48.66 9.82
CA ILE H 120 -31.18 48.51 11.24
C ILE H 120 -29.90 48.52 12.11
N LEU H 121 -28.78 48.02 11.59
CA LEU H 121 -27.57 47.95 12.40
C LEU H 121 -26.90 49.30 12.58
N GLN H 122 -27.11 50.28 11.69
CA GLN H 122 -26.53 51.59 11.91
C GLN H 122 -27.02 52.21 13.22
N HIS H 123 -28.19 51.79 13.69
CA HIS H 123 -28.74 52.28 14.95
C HIS H 123 -28.29 51.48 16.15
N ALA H 124 -27.49 50.43 15.95
CA ALA H 124 -27.10 49.53 17.05
C ALA H 124 -25.90 50.17 17.75
N ARG H 125 -26.21 51.06 18.68
CA ARG H 125 -25.19 51.88 19.35
C ARG H 125 -24.31 51.04 20.27
N ASN H 126 -24.91 50.09 20.99
CA ASN H 126 -24.19 49.34 22.01
C ASN H 126 -23.96 47.88 21.61
N LEU H 127 -24.28 47.53 20.36
CA LEU H 127 -24.31 46.13 19.98
C LEU H 127 -22.90 45.56 19.91
N VAL H 128 -22.63 44.57 20.75
CA VAL H 128 -21.31 43.94 20.81
C VAL H 128 -21.26 42.73 19.90
N CYS H 129 -22.35 41.97 19.84
CA CYS H 129 -22.35 40.72 19.09
C CYS H 129 -23.77 40.35 18.71
N ILE H 130 -23.87 39.52 17.68
CA ILE H 130 -25.14 39.01 17.17
C ILE H 130 -25.11 37.49 17.25
N GLY H 131 -26.16 36.91 17.83
CA GLY H 131 -26.34 35.48 17.83
C GLY H 131 -27.40 35.10 16.81
N CYS H 132 -27.00 34.27 15.86
CA CYS H 132 -27.94 33.65 14.92
C CYS H 132 -28.25 32.26 15.47
N PHE H 133 -29.44 32.08 16.06
CA PHE H 133 -29.75 30.77 16.61
C PHE H 133 -30.36 29.88 15.53
N CYS H 134 -29.55 29.61 14.53
CA CYS H 134 -29.91 28.86 13.35
C CYS H 134 -28.62 28.60 12.58
N ILE H 135 -28.74 28.08 11.36
CA ILE H 135 -27.58 27.81 10.51
C ILE H 135 -27.25 29.01 9.62
N GLY H 136 -28.26 29.59 8.99
CA GLY H 136 -28.03 30.62 8.00
C GLY H 136 -27.67 31.95 8.65
N THR H 137 -26.75 32.67 8.02
CA THR H 137 -26.39 34.02 8.43
C THR H 137 -26.66 35.04 7.32
N ASN H 138 -27.28 34.61 6.22
CA ASN H 138 -27.55 35.51 5.10
C ASN H 138 -28.45 36.67 5.51
N GLN H 139 -29.29 36.47 6.52
CA GLN H 139 -30.18 37.53 6.98
C GLN H 139 -29.43 38.63 7.72
N VAL H 140 -28.12 38.51 7.89
CA VAL H 140 -27.29 39.51 8.55
C VAL H 140 -26.24 40.01 7.57
N ASP H 141 -26.07 41.32 7.50
CA ASP H 141 -25.01 41.95 6.71
C ASP H 141 -23.69 41.75 7.45
N LEU H 142 -23.04 40.61 7.20
CA LEU H 142 -21.87 40.24 7.99
C LEU H 142 -20.74 41.24 7.80
N LYS H 143 -20.52 41.68 6.57
CA LYS H 143 -19.42 42.61 6.29
C LYS H 143 -19.63 43.93 7.02
N TYR H 144 -20.84 44.50 6.96
CA TYR H 144 -21.10 45.74 7.67
C TYR H 144 -20.91 45.58 9.17
N ALA H 145 -21.48 44.51 9.73
CA ALA H 145 -21.31 44.25 11.16
C ALA H 145 -19.83 44.14 11.53
N ALA H 146 -19.05 43.51 10.65
CA ALA H 146 -17.62 43.36 10.91
C ALA H 146 -16.92 44.72 10.88
N SER H 147 -17.30 45.59 9.94
CA SER H 147 -16.68 46.90 9.85
C SER H 147 -16.92 47.74 11.09
N LYS H 148 -17.98 47.45 11.85
CA LYS H 148 -18.23 48.14 13.10
C LYS H 148 -17.81 47.32 14.31
N GLY H 149 -17.08 46.22 14.11
CA GLY H 149 -16.59 45.41 15.21
C GLY H 149 -17.65 44.59 15.92
N ILE H 150 -18.65 44.09 15.18
CA ILE H 150 -19.75 43.32 15.77
C ILE H 150 -19.59 41.87 15.31
N ALA H 151 -19.25 41.00 16.26
CA ALA H 151 -19.07 39.59 15.96
C ALA H 151 -20.40 38.86 15.84
N VAL H 152 -20.48 37.94 14.89
CA VAL H 152 -21.69 37.19 14.64
C VAL H 152 -21.39 35.70 14.81
N PHE H 153 -22.28 34.99 15.49
CA PHE H 153 -22.07 33.56 15.68
C PHE H 153 -23.34 32.84 15.26
N ASN H 154 -23.20 31.55 14.89
CA ASN H 154 -24.34 30.73 14.51
C ASN H 154 -24.19 29.32 15.09
N SER H 155 -25.16 28.46 14.77
CA SER H 155 -25.14 27.04 15.15
C SER H 155 -25.22 26.22 13.87
N PRO H 156 -24.08 25.88 13.27
CA PRO H 156 -24.14 25.24 11.95
C PRO H 156 -24.58 23.78 11.99
N PHE H 157 -24.19 23.01 13.01
CA PHE H 157 -24.34 21.57 12.96
C PHE H 157 -25.25 21.02 14.04
N SER H 158 -26.04 21.88 14.67
CA SER H 158 -26.87 21.45 15.78
C SER H 158 -28.07 20.60 15.36
N ASN H 159 -28.37 20.52 14.06
CA ASN H 159 -29.57 19.83 13.57
C ASN H 159 -29.28 18.46 12.97
N SER H 160 -28.08 17.92 13.14
CA SER H 160 -27.72 16.69 12.42
C SER H 160 -28.64 15.54 12.79
N ARG H 161 -28.78 15.24 14.09
CA ARG H 161 -29.57 14.10 14.53
C ARG H 161 -31.02 14.22 14.07
N SER H 162 -31.60 15.42 14.20
CA SER H 162 -33.03 15.60 13.90
C SER H 162 -33.34 15.35 12.44
N VAL H 163 -32.47 15.79 11.53
CA VAL H 163 -32.70 15.50 10.12
C VAL H 163 -32.52 14.01 9.84
N ALA H 164 -31.53 13.38 10.49
CA ALA H 164 -31.27 11.97 10.24
C ALA H 164 -32.44 11.10 10.68
N GLU H 165 -32.94 11.33 11.89
CA GLU H 165 -34.09 10.58 12.38
C GLU H 165 -35.31 10.85 11.52
N LEU H 166 -35.49 12.10 11.10
CA LEU H 166 -36.57 12.44 10.20
C LEU H 166 -36.55 11.56 8.96
N VAL H 167 -35.38 11.39 8.35
CA VAL H 167 -35.30 10.62 7.13
C VAL H 167 -35.63 9.15 7.38
N ILE H 168 -35.16 8.59 8.50
CA ILE H 168 -35.48 7.20 8.84
C ILE H 168 -36.99 6.99 8.89
N GLY H 169 -37.71 7.88 9.58
CA GLY H 169 -39.16 7.76 9.63
C GLY H 169 -39.80 7.87 8.26
N GLU H 170 -39.25 8.72 7.40
CA GLU H 170 -39.84 8.92 6.09
C GLU H 170 -39.48 7.79 5.14
N ILE H 171 -38.30 7.18 5.31
CA ILE H 171 -38.03 5.98 4.56
C ILE H 171 -39.10 4.94 4.87
N ILE H 172 -39.37 4.74 6.15
CA ILE H 172 -40.36 3.74 6.55
C ILE H 172 -41.75 4.16 6.11
N SER H 173 -42.09 5.43 6.30
CA SER H 173 -43.42 5.90 5.93
C SER H 173 -43.67 5.79 4.43
N LEU H 174 -42.68 6.18 3.62
CA LEU H 174 -42.85 6.02 2.18
C LEU H 174 -42.88 4.56 1.79
N ALA H 175 -42.04 3.73 2.41
CA ALA H 175 -42.00 2.30 2.10
C ALA H 175 -43.33 1.62 2.40
N ARG H 176 -44.13 2.18 3.31
CA ARG H 176 -45.37 1.58 3.72
C ARG H 176 -46.59 2.41 3.35
N GLN H 177 -46.39 3.60 2.76
CA GLN H 177 -47.47 4.50 2.40
C GLN H 177 -48.33 4.86 3.62
N LEU H 178 -47.66 5.11 4.75
CA LEU H 178 -48.37 5.44 5.99
C LEU H 178 -49.18 6.72 5.83
N GLY H 179 -48.59 7.76 5.24
CA GLY H 179 -49.33 9.00 5.06
C GLY H 179 -50.66 8.77 4.40
N ASP H 180 -50.68 8.02 3.30
CA ASP H 180 -51.91 7.77 2.57
C ASP H 180 -52.91 6.96 3.40
N ARG H 181 -52.45 5.85 4.01
CA ARG H 181 -53.35 5.00 4.79
C ARG H 181 -54.08 5.80 5.86
N SER H 182 -53.36 6.69 6.54
CA SER H 182 -53.98 7.44 7.64
C SER H 182 -54.90 8.53 7.11
N ILE H 183 -54.51 9.19 6.01
CA ILE H 183 -55.44 10.13 5.37
C ILE H 183 -56.71 9.41 4.94
N GLU H 184 -56.58 8.17 4.47
CA GLU H 184 -57.73 7.39 4.06
C GLU H 184 -58.67 7.10 5.23
N LEU H 185 -58.11 6.54 6.30
CA LEU H 185 -58.96 6.14 7.45
C LEU H 185 -59.51 7.38 8.14
N HIS H 186 -58.92 8.55 7.90
CA HIS H 186 -59.46 9.81 8.46
C HIS H 186 -60.64 10.24 7.62
N THR H 187 -60.75 9.70 6.41
CA THR H 187 -61.86 10.04 5.49
C THR H 187 -62.74 8.80 5.39
N GLY H 188 -62.59 7.88 6.34
CA GLY H 188 -63.45 6.71 6.35
C GLY H 188 -62.97 5.54 5.52
N THR H 189 -62.02 5.75 4.62
CA THR H 189 -61.64 4.70 3.68
C THR H 189 -60.68 3.70 4.32
N TRP H 190 -61.06 2.42 4.25
CA TRP H 190 -60.25 1.30 4.72
C TRP H 190 -59.60 0.64 3.52
N ASN H 191 -58.28 0.70 3.44
CA ASN H 191 -57.57 0.27 2.23
C ASN H 191 -56.31 -0.49 2.66
N LYS H 192 -56.48 -1.74 3.07
CA LYS H 192 -55.32 -2.58 3.40
C LYS H 192 -54.56 -2.89 2.12
N VAL H 193 -53.32 -2.40 2.03
CA VAL H 193 -52.50 -2.61 0.84
C VAL H 193 -51.17 -3.19 1.27
N ALA H 194 -50.83 -4.37 0.73
CA ALA H 194 -49.49 -4.92 0.81
C ALA H 194 -48.73 -4.81 -0.51
N ALA H 195 -49.41 -4.54 -1.63
CA ALA H 195 -48.80 -4.39 -2.94
C ALA H 195 -47.84 -3.18 -2.93
N ARG H 196 -46.59 -3.41 -3.31
CA ARG H 196 -45.58 -2.31 -3.44
C ARG H 196 -45.24 -1.65 -2.10
N CYS H 197 -45.61 -2.27 -0.99
CA CYS H 197 -45.14 -1.78 0.31
C CYS H 197 -44.02 -2.67 0.85
N TRP H 198 -43.02 -2.05 1.49
CA TRP H 198 -41.75 -2.76 1.69
C TRP H 198 -41.36 -2.79 3.16
N GLU H 199 -40.83 -3.92 3.59
CA GLU H 199 -39.93 -3.93 4.72
C GLU H 199 -38.66 -3.18 4.34
N VAL H 200 -38.19 -2.33 5.26
CA VAL H 200 -37.02 -1.53 4.95
C VAL H 200 -35.74 -2.37 5.00
N ARG H 201 -35.74 -3.46 5.77
CA ARG H 201 -34.58 -4.34 5.79
C ARG H 201 -34.31 -4.91 4.41
N GLY H 202 -33.04 -4.86 3.99
CA GLY H 202 -32.63 -5.37 2.70
C GLY H 202 -32.63 -4.34 1.60
N LYS H 203 -33.23 -3.18 1.81
CA LYS H 203 -33.24 -2.18 0.76
C LYS H 203 -31.92 -1.40 0.77
N THR H 204 -31.74 -0.57 -0.26
CA THR H 204 -30.53 0.22 -0.40
C THR H 204 -30.88 1.70 -0.30
N LEU H 205 -30.24 2.37 0.66
CA LEU H 205 -30.37 3.82 0.83
C LEU H 205 -29.23 4.49 0.09
N GLY H 206 -29.58 5.39 -0.84
CA GLY H 206 -28.58 6.20 -1.51
C GLY H 206 -28.47 7.58 -0.89
N ILE H 207 -27.36 7.82 -0.18
CA ILE H 207 -27.11 9.08 0.49
C ILE H 207 -26.26 9.96 -0.42
N ILE H 208 -26.82 11.11 -0.81
CA ILE H 208 -26.13 12.08 -1.66
C ILE H 208 -25.62 13.19 -0.74
N GLY H 209 -24.30 13.22 -0.57
CA GLY H 209 -23.72 14.14 0.40
C GLY H 209 -23.50 13.46 1.73
N TYR H 210 -22.26 13.07 2.02
CA TYR H 210 -21.99 12.25 3.19
C TYR H 210 -21.34 13.10 4.28
N GLY H 211 -21.98 14.17 4.69
CA GLY H 211 -21.43 15.11 5.67
C GLY H 211 -21.90 14.84 7.09
N HIS H 212 -22.14 15.91 7.84
CA HIS H 212 -22.60 15.78 9.22
C HIS H 212 -23.90 15.00 9.31
N ILE H 213 -24.89 15.38 8.50
CA ILE H 213 -26.17 14.67 8.50
C ILE H 213 -26.04 13.32 7.80
N GLY H 214 -25.39 13.31 6.64
CA GLY H 214 -25.34 12.08 5.86
C GLY H 214 -24.65 10.95 6.60
N SER H 215 -23.49 11.24 7.19
CA SER H 215 -22.74 10.18 7.85
C SER H 215 -23.49 9.63 9.05
N GLN H 216 -24.16 10.51 9.79
CA GLN H 216 -24.94 10.06 10.94
C GLN H 216 -26.17 9.28 10.48
N LEU H 217 -26.78 9.70 9.37
CA LEU H 217 -27.86 8.93 8.77
C LEU H 217 -27.41 7.54 8.37
N SER H 218 -26.17 7.42 7.89
CA SER H 218 -25.67 6.13 7.43
C SER H 218 -25.75 5.10 8.54
N VAL H 219 -25.27 5.45 9.73
CA VAL H 219 -25.21 4.49 10.81
C VAL H 219 -26.62 4.08 11.22
N LEU H 220 -27.55 5.04 11.24
CA LEU H 220 -28.93 4.69 11.53
C LEU H 220 -29.51 3.80 10.43
N ALA H 221 -29.17 4.10 9.17
CA ALA H 221 -29.73 3.31 8.08
C ALA H 221 -29.29 1.86 8.18
N GLU H 222 -28.00 1.63 8.42
CA GLU H 222 -27.53 0.26 8.57
C GLU H 222 -28.19 -0.43 9.75
N ALA H 223 -28.32 0.27 10.87
CA ALA H 223 -28.97 -0.31 12.03
C ALA H 223 -30.39 -0.76 11.70
N MET H 224 -31.10 0.00 10.86
CA MET H 224 -32.41 -0.41 10.41
C MET H 224 -32.37 -1.50 9.34
N GLY H 225 -31.19 -1.99 8.99
CA GLY H 225 -31.09 -3.04 8.00
C GLY H 225 -30.92 -2.57 6.59
N LEU H 226 -30.55 -1.33 6.38
CA LEU H 226 -30.37 -0.83 5.02
C LEU H 226 -28.95 -1.10 4.54
N HIS H 227 -28.84 -1.34 3.24
CA HIS H 227 -27.57 -1.14 2.56
C HIS H 227 -27.44 0.34 2.26
N VAL H 228 -26.26 0.90 2.51
CA VAL H 228 -26.04 2.33 2.35
C VAL H 228 -24.98 2.55 1.27
N LEU H 229 -25.35 3.26 0.21
CA LEU H 229 -24.42 3.77 -0.78
C LEU H 229 -24.40 5.29 -0.72
N TYR H 230 -23.22 5.89 -0.90
CA TYR H 230 -23.16 7.35 -0.88
C TYR H 230 -22.28 7.92 -1.98
N TYR H 231 -22.80 8.95 -2.63
CA TYR H 231 -22.06 9.77 -3.58
C TYR H 231 -21.75 11.12 -2.95
N ASP H 232 -20.50 11.56 -3.14
CA ASP H 232 -20.07 12.88 -2.70
C ASP H 232 -18.91 13.32 -3.58
N ILE H 233 -18.74 14.64 -3.69
CA ILE H 233 -17.75 15.23 -4.60
C ILE H 233 -16.33 15.08 -4.08
N VAL H 234 -16.18 14.49 -2.89
CA VAL H 234 -14.88 14.26 -2.27
C VAL H 234 -14.87 12.85 -1.71
N THR H 235 -13.69 12.24 -1.64
CA THR H 235 -13.57 10.94 -1.00
C THR H 235 -13.63 11.10 0.51
N ILE H 236 -14.55 10.35 1.14
CA ILE H 236 -14.82 10.43 2.57
C ILE H 236 -14.77 9.03 3.15
N MET H 237 -14.12 8.89 4.31
CA MET H 237 -14.08 7.61 4.99
C MET H 237 -15.48 7.17 5.39
N ALA H 238 -15.90 5.99 4.91
CA ALA H 238 -17.24 5.53 5.22
C ALA H 238 -17.35 5.11 6.68
N LEU H 239 -18.51 5.37 7.28
CA LEU H 239 -18.83 4.85 8.60
C LEU H 239 -19.49 3.47 8.47
N GLY H 240 -19.21 2.61 9.44
CA GLY H 240 -19.76 1.27 9.40
C GLY H 240 -19.37 0.54 8.13
N THR H 241 -20.36 0.00 7.43
CA THR H 241 -20.13 -0.75 6.20
C THR H 241 -20.72 -0.05 4.97
N ALA H 242 -20.96 1.25 5.03
CA ALA H 242 -21.41 1.96 3.85
C ALA H 242 -20.33 1.96 2.78
N ARG H 243 -20.73 2.17 1.53
CA ARG H 243 -19.79 2.11 0.42
C ARG H 243 -19.97 3.33 -0.47
N GLN H 244 -18.87 4.04 -0.75
CA GLN H 244 -18.92 5.18 -1.65
C GLN H 244 -18.87 4.71 -3.10
N VAL H 245 -19.68 5.35 -3.95
CA VAL H 245 -19.72 5.07 -5.38
C VAL H 245 -19.18 6.28 -6.13
N SER H 246 -18.54 6.03 -7.28
CA SER H 246 -17.80 7.08 -7.98
C SER H 246 -18.74 8.14 -8.55
N THR H 247 -19.89 7.73 -9.06
CA THR H 247 -20.78 8.65 -9.77
C THR H 247 -22.18 8.69 -9.14
N LEU H 248 -22.93 9.74 -9.42
CA LEU H 248 -24.33 9.87 -8.92
C LEU H 248 -25.22 8.87 -9.65
N ASP H 249 -24.74 8.36 -10.78
CA ASP H 249 -25.52 7.37 -11.58
C ASP H 249 -25.45 5.99 -10.91
N GLU H 250 -24.26 5.54 -10.49
CA GLU H 250 -24.21 4.28 -9.76
C GLU H 250 -25.21 4.40 -8.61
N LEU H 251 -25.19 5.54 -7.90
CA LEU H 251 -26.10 5.62 -6.77
C LEU H 251 -27.56 5.56 -7.21
N LEU H 252 -27.92 6.30 -8.27
CA LEU H 252 -29.30 6.31 -8.72
C LEU H 252 -29.71 4.94 -9.25
N ASN H 253 -28.79 4.24 -9.91
CA ASN H 253 -29.12 2.93 -10.49
C ASN H 253 -29.32 1.87 -9.43
N LYS H 254 -28.58 1.94 -8.32
CA LYS H 254 -28.53 0.86 -7.34
C LYS H 254 -29.31 1.13 -6.05
N SER H 255 -29.94 2.29 -5.91
CA SER H 255 -30.58 2.65 -4.66
C SER H 255 -32.08 2.43 -4.73
N ASP H 256 -32.66 2.06 -3.60
CA ASP H 256 -34.11 2.02 -3.47
C ASP H 256 -34.65 3.32 -2.92
N PHE H 257 -33.88 3.95 -2.04
CA PHE H 257 -34.22 5.22 -1.44
C PHE H 257 -33.05 6.16 -1.66
N VAL H 258 -33.32 7.32 -2.25
CA VAL H 258 -32.30 8.32 -2.54
C VAL H 258 -32.61 9.54 -1.69
N THR H 259 -31.61 9.95 -0.88
CA THR H 259 -31.76 11.09 0.02
C THR H 259 -30.65 12.11 -0.23
N LEU H 260 -31.03 13.38 -0.17
CA LEU H 260 -30.16 14.51 -0.48
C LEU H 260 -29.73 15.21 0.80
N HIS H 261 -28.41 15.38 0.98
CA HIS H 261 -27.83 16.08 2.15
C HIS H 261 -26.63 16.91 1.71
N VAL H 262 -26.88 17.79 0.75
CA VAL H 262 -25.84 18.53 0.05
C VAL H 262 -26.04 20.01 0.34
N PRO H 263 -24.99 20.82 0.24
CA PRO H 263 -25.16 22.27 0.35
C PRO H 263 -25.85 22.85 -0.89
N ALA H 264 -26.22 24.11 -0.77
CA ALA H 264 -26.82 24.85 -1.88
C ALA H 264 -25.70 25.50 -2.69
N THR H 265 -25.44 24.98 -3.88
CA THR H 265 -24.42 25.51 -4.78
C THR H 265 -25.04 25.57 -6.17
N PRO H 266 -24.42 26.31 -7.08
CA PRO H 266 -24.87 26.24 -8.48
C PRO H 266 -24.79 24.83 -9.03
N GLU H 267 -23.87 23.99 -8.53
CA GLU H 267 -23.75 22.63 -9.04
C GLU H 267 -24.80 21.68 -8.46
N THR H 268 -25.39 22.02 -7.31
CA THR H 268 -26.46 21.19 -6.76
C THR H 268 -27.85 21.70 -7.12
N GLU H 269 -27.95 22.90 -7.69
CA GLU H 269 -29.23 23.44 -8.12
C GLU H 269 -29.92 22.49 -9.10
N LYS H 270 -31.07 21.95 -8.69
CA LYS H 270 -31.87 21.03 -9.51
C LYS H 270 -31.03 19.85 -9.99
N MET H 271 -30.11 19.37 -9.13
CA MET H 271 -29.21 18.29 -9.54
C MET H 271 -29.97 16.99 -9.75
N LEU H 272 -31.17 16.87 -9.20
CA LEU H 272 -32.08 15.77 -9.51
C LEU H 272 -33.22 16.34 -10.34
N SER H 273 -33.20 16.01 -11.63
CA SER H 273 -34.22 16.45 -12.57
C SER H 273 -34.59 15.23 -13.41
N ALA H 274 -35.28 15.47 -14.52
CA ALA H 274 -35.74 14.38 -15.40
C ALA H 274 -34.65 13.37 -15.75
N PRO H 275 -33.42 13.75 -16.12
CA PRO H 275 -32.42 12.72 -16.44
C PRO H 275 -32.06 11.83 -15.26
N GLN H 276 -31.97 12.39 -14.06
CA GLN H 276 -31.55 11.60 -12.91
C GLN H 276 -32.64 10.65 -12.44
N PHE H 277 -33.90 11.10 -12.47
CA PHE H 277 -35.03 10.23 -12.17
C PHE H 277 -35.09 9.06 -13.15
N ALA H 278 -34.71 9.30 -14.41
CA ALA H 278 -34.66 8.22 -15.40
C ALA H 278 -33.60 7.19 -15.05
N ALA H 279 -32.57 7.60 -14.31
CA ALA H 279 -31.51 6.69 -13.87
C ALA H 279 -31.87 5.93 -12.60
N MET H 280 -32.98 6.26 -11.95
CA MET H 280 -33.34 5.56 -10.74
C MET H 280 -34.12 4.29 -11.07
N LYS H 281 -34.31 3.46 -10.05
CA LYS H 281 -35.02 2.21 -10.22
C LYS H 281 -36.52 2.46 -10.30
N ASP H 282 -37.22 1.55 -11.00
CA ASP H 282 -38.67 1.64 -11.07
C ASP H 282 -39.27 1.51 -9.68
N GLY H 283 -40.05 2.51 -9.29
CA GLY H 283 -40.65 2.51 -7.96
C GLY H 283 -39.69 2.90 -6.86
N ALA H 284 -38.66 3.70 -7.14
CA ALA H 284 -37.76 4.17 -6.11
C ALA H 284 -38.31 5.43 -5.46
N TYR H 285 -37.68 5.86 -4.37
CA TYR H 285 -38.25 6.94 -3.59
C TYR H 285 -37.20 8.02 -3.40
N VAL H 286 -37.63 9.28 -3.44
CA VAL H 286 -36.76 10.46 -3.37
C VAL H 286 -37.07 11.24 -2.10
N ILE H 287 -36.05 11.48 -1.28
CA ILE H 287 -36.20 12.24 -0.05
C ILE H 287 -35.25 13.44 -0.08
N ASN H 288 -35.81 14.63 0.08
CA ASN H 288 -35.03 15.88 0.11
C ASN H 288 -35.34 16.68 1.37
N ALA H 289 -34.45 16.59 2.36
CA ALA H 289 -34.50 17.46 3.52
C ALA H 289 -33.29 18.40 3.59
N SER H 290 -32.71 18.73 2.43
CA SER H 290 -31.51 19.56 2.37
C SER H 290 -31.84 21.00 2.04
N ARG H 291 -31.73 21.37 0.76
CA ARG H 291 -32.02 22.72 0.30
C ARG H 291 -33.11 22.69 -0.75
N GLY H 292 -33.94 23.73 -0.75
CA GLY H 292 -35.13 23.81 -1.59
C GLY H 292 -34.86 23.89 -3.08
N THR H 293 -33.61 24.07 -3.49
CA THR H 293 -33.23 24.19 -4.90
C THR H 293 -32.74 22.89 -5.51
N VAL H 294 -32.50 21.86 -4.70
CA VAL H 294 -31.74 20.71 -5.18
C VAL H 294 -32.57 19.80 -6.08
N VAL H 295 -33.89 19.78 -5.94
CA VAL H 295 -34.77 18.93 -6.73
C VAL H 295 -35.54 19.77 -7.74
N ASP H 296 -35.64 19.26 -8.98
CA ASP H 296 -36.52 19.91 -9.97
C ASP H 296 -37.91 19.34 -9.73
N ILE H 297 -38.71 20.03 -8.93
CA ILE H 297 -40.05 19.50 -8.56
C ILE H 297 -40.88 19.19 -9.83
N PRO H 298 -40.99 20.04 -10.87
CA PRO H 298 -41.81 19.64 -12.04
C PRO H 298 -41.40 18.31 -12.62
N SER H 299 -40.09 18.01 -12.67
CA SER H 299 -39.66 16.70 -13.13
C SER H 299 -40.04 15.60 -12.15
N LEU H 300 -39.97 15.90 -10.84
CA LEU H 300 -40.38 14.90 -9.85
C LEU H 300 -41.86 14.58 -9.95
N ILE H 301 -42.70 15.61 -10.05
CA ILE H 301 -44.13 15.39 -10.23
C ILE H 301 -44.40 14.57 -11.50
N GLN H 302 -43.65 14.84 -12.57
CA GLN H 302 -43.83 14.06 -13.78
C GLN H 302 -43.40 12.61 -13.56
N ALA H 303 -42.24 12.40 -12.93
CA ALA H 303 -41.75 11.03 -12.70
C ALA H 303 -42.66 10.25 -11.77
N VAL H 304 -43.23 10.91 -10.76
CA VAL H 304 -44.16 10.21 -9.87
C VAL H 304 -45.45 9.88 -10.61
N LYS H 305 -46.02 10.87 -11.32
CA LYS H 305 -47.26 10.65 -12.06
C LYS H 305 -47.09 9.57 -13.13
N ALA H 306 -45.87 9.41 -13.64
CA ALA H 306 -45.54 8.40 -14.64
C ALA H 306 -45.20 7.04 -14.02
N ASN H 307 -45.52 6.85 -12.74
CA ASN H 307 -45.26 5.60 -12.01
C ASN H 307 -43.78 5.24 -11.97
N LYS H 308 -42.89 6.19 -12.28
CA LYS H 308 -41.46 5.93 -12.17
C LYS H 308 -40.98 6.02 -10.72
N ILE H 309 -41.40 7.08 -10.02
CA ILE H 309 -41.09 7.26 -8.61
C ILE H 309 -42.31 6.87 -7.79
N ALA H 310 -42.11 5.99 -6.82
CA ALA H 310 -43.22 5.47 -6.03
C ALA H 310 -43.58 6.39 -4.87
N GLY H 311 -42.68 7.25 -4.44
CA GLY H 311 -42.95 8.13 -3.32
C GLY H 311 -41.89 9.20 -3.16
N ALA H 312 -42.26 10.24 -2.41
CA ALA H 312 -41.35 11.36 -2.19
C ALA H 312 -41.63 12.02 -0.84
N ALA H 313 -40.56 12.51 -0.22
CA ALA H 313 -40.65 13.25 1.03
C ALA H 313 -39.87 14.55 0.86
N LEU H 314 -40.58 15.67 0.94
CA LEU H 314 -40.01 16.99 0.72
C LEU H 314 -40.16 17.81 2.00
N ASP H 315 -39.03 18.31 2.51
CA ASP H 315 -39.04 19.22 3.64
C ASP H 315 -38.70 20.65 3.24
N VAL H 316 -38.08 20.83 2.07
CA VAL H 316 -37.59 22.13 1.61
C VAL H 316 -38.13 22.42 0.22
N TYR H 317 -38.19 23.70 -0.11
CA TYR H 317 -38.92 24.13 -1.29
C TYR H 317 -38.23 25.34 -1.89
N PRO H 318 -38.37 25.58 -3.19
CA PRO H 318 -37.77 26.79 -3.77
C PRO H 318 -38.21 28.08 -3.09
N HIS H 319 -39.50 28.21 -2.79
CA HIS H 319 -40.04 29.39 -2.13
C HIS H 319 -40.86 28.94 -0.92
N GLU H 320 -40.59 29.54 0.23
CA GLU H 320 -41.26 29.13 1.45
C GLU H 320 -41.81 30.35 2.17
N PRO H 321 -42.92 30.21 2.89
CA PRO H 321 -43.49 31.37 3.58
C PRO H 321 -42.54 31.89 4.64
N ALA H 322 -42.65 33.18 4.94
CA ALA H 322 -41.83 33.78 5.98
C ALA H 322 -42.41 33.57 7.38
N LYS H 323 -43.71 33.29 7.49
CA LYS H 323 -44.34 33.03 8.78
C LYS H 323 -45.37 31.93 8.64
N ASN H 324 -45.67 31.26 9.75
CA ASN H 324 -46.64 30.19 9.73
C ASN H 324 -48.06 30.73 9.63
N GLY H 325 -48.90 30.04 8.85
CA GLY H 325 -50.28 30.43 8.69
C GLY H 325 -51.01 29.62 7.64
N GLU H 326 -52.34 29.68 7.65
CA GLU H 326 -53.14 28.92 6.68
C GLU H 326 -53.05 29.56 5.30
N GLY H 327 -53.27 28.75 4.27
CA GLY H 327 -53.21 29.20 2.89
C GLY H 327 -51.87 29.69 2.38
N SER H 328 -50.82 29.51 3.19
CA SER H 328 -49.51 30.08 2.86
C SER H 328 -48.77 29.28 1.80
N PHE H 329 -49.17 28.03 1.57
CA PHE H 329 -48.47 27.10 0.67
C PHE H 329 -49.40 26.81 -0.50
N ASN H 330 -49.19 27.51 -1.61
CA ASN H 330 -50.17 27.53 -2.68
C ASN H 330 -49.48 27.85 -4.00
N ASP H 331 -50.30 27.98 -5.07
CA ASP H 331 -49.76 28.18 -6.40
C ASP H 331 -49.05 29.52 -6.54
N GLU H 332 -49.47 30.53 -5.77
CA GLU H 332 -48.78 31.82 -5.83
C GLU H 332 -47.37 31.72 -5.29
N LEU H 333 -47.16 30.88 -4.28
CA LEU H 333 -45.82 30.67 -3.73
C LEU H 333 -44.99 29.76 -4.64
N ASN H 334 -45.58 28.66 -5.09
CA ASN H 334 -44.96 27.73 -6.03
C ASN H 334 -46.04 27.26 -6.99
N SER H 335 -45.81 27.47 -8.30
CA SER H 335 -46.83 27.22 -9.31
C SER H 335 -47.38 25.80 -9.25
N TRP H 336 -46.53 24.82 -8.92
CA TRP H 336 -46.88 23.41 -8.95
C TRP H 336 -47.55 22.91 -7.68
N THR H 337 -47.96 23.80 -6.77
CA THR H 337 -48.49 23.37 -5.48
C THR H 337 -49.75 22.52 -5.65
N SER H 338 -50.74 23.04 -6.39
CA SER H 338 -52.01 22.31 -6.53
C SER H 338 -51.81 20.94 -7.18
N GLU H 339 -50.80 20.81 -8.05
CA GLU H 339 -50.54 19.53 -8.71
C GLU H 339 -49.75 18.58 -7.82
N LEU H 340 -48.70 19.09 -7.14
CA LEU H 340 -47.93 18.26 -6.21
C LEU H 340 -48.82 17.63 -5.15
N VAL H 341 -49.77 18.39 -4.63
CA VAL H 341 -50.68 17.91 -3.59
C VAL H 341 -51.61 16.82 -4.11
N SER H 342 -51.82 16.72 -5.42
CA SER H 342 -52.72 15.72 -5.97
C SER H 342 -52.08 14.34 -6.11
N LEU H 343 -50.74 14.20 -5.83
CA LEU H 343 -50.01 12.97 -6.08
C LEU H 343 -50.04 12.03 -4.88
N PRO H 344 -50.02 10.72 -5.14
CA PRO H 344 -50.01 9.75 -4.04
C PRO H 344 -48.63 9.54 -3.44
N ASN H 345 -48.63 9.32 -2.13
CA ASN H 345 -47.44 8.89 -1.38
C ASN H 345 -46.30 9.92 -1.44
N ILE H 346 -46.64 11.21 -1.35
CA ILE H 346 -45.65 12.26 -1.19
C ILE H 346 -45.82 12.87 0.21
N ILE H 347 -44.72 12.93 0.96
CA ILE H 347 -44.72 13.54 2.29
C ILE H 347 -44.22 14.97 2.17
N LEU H 348 -45.00 15.91 2.68
CA LEU H 348 -44.67 17.32 2.62
C LEU H 348 -44.53 17.85 4.03
N THR H 349 -43.38 18.46 4.33
CA THR H 349 -43.20 19.00 5.66
C THR H 349 -42.71 20.43 5.60
N PRO H 350 -43.16 21.28 6.52
CA PRO H 350 -42.85 22.72 6.46
C PRO H 350 -41.46 23.05 7.00
N HIS H 351 -40.44 22.41 6.43
CA HIS H 351 -39.04 22.66 6.76
C HIS H 351 -38.78 22.42 8.24
N ILE H 352 -39.26 21.28 8.74
CA ILE H 352 -39.15 20.96 10.17
C ILE H 352 -37.96 20.03 10.44
N GLY H 353 -37.04 19.90 9.49
CA GLY H 353 -35.92 18.99 9.66
C GLY H 353 -35.13 19.20 10.95
N GLY H 354 -35.06 20.44 11.43
CA GLY H 354 -34.37 20.71 12.68
C GLY H 354 -35.29 21.17 13.79
N SER H 355 -36.60 20.97 13.59
CA SER H 355 -37.60 21.47 14.52
C SER H 355 -37.89 20.42 15.60
N THR H 356 -36.93 20.28 16.52
CA THR H 356 -37.11 19.45 17.71
C THR H 356 -36.65 20.22 18.94
N GLU H 357 -37.21 19.86 20.10
CA GLU H 357 -36.77 20.45 21.35
C GLU H 357 -35.27 20.26 21.56
N GLU H 358 -34.77 19.06 21.27
CA GLU H 358 -33.35 18.78 21.45
C GLU H 358 -32.49 19.68 20.56
N ALA H 359 -32.85 19.78 19.27
CA ALA H 359 -32.10 20.64 18.36
C ALA H 359 -32.13 22.08 18.83
N GLN H 360 -33.33 22.62 19.07
CA GLN H 360 -33.44 24.01 19.51
C GLN H 360 -32.75 24.24 20.85
N SER H 361 -32.81 23.27 21.76
CA SER H 361 -32.11 23.45 23.04
C SER H 361 -30.61 23.47 22.82
N SER H 362 -30.11 22.60 21.93
CA SER H 362 -28.70 22.59 21.62
C SER H 362 -28.28 23.89 20.95
N ILE H 363 -29.10 24.39 20.02
CA ILE H 363 -28.84 25.70 19.42
C ILE H 363 -28.84 26.77 20.51
N GLY H 364 -29.86 26.74 21.38
CA GLY H 364 -29.89 27.67 22.49
C GLY H 364 -28.62 27.65 23.31
N ILE H 365 -28.19 26.46 23.74
CA ILE H 365 -26.99 26.40 24.57
C ILE H 365 -25.78 26.85 23.78
N GLU H 366 -25.64 26.36 22.54
CA GLU H 366 -24.45 26.65 21.76
C GLU H 366 -24.28 28.15 21.57
N VAL H 367 -25.31 28.82 21.05
CA VAL H 367 -25.10 30.20 20.66
C VAL H 367 -25.06 31.10 21.90
N ALA H 368 -25.92 30.82 22.88
CA ALA H 368 -25.91 31.62 24.10
C ALA H 368 -24.58 31.51 24.82
N THR H 369 -24.01 30.32 24.88
CA THR H 369 -22.67 30.19 25.43
C THR H 369 -21.66 30.99 24.59
N ALA H 370 -21.78 30.91 23.27
CA ALA H 370 -20.85 31.65 22.42
C ALA H 370 -20.92 33.14 22.70
N LEU H 371 -22.13 33.71 22.70
CA LEU H 371 -22.28 35.12 22.99
C LEU H 371 -21.80 35.46 24.39
N SER H 372 -22.07 34.58 25.36
CA SER H 372 -21.62 34.84 26.72
C SER H 372 -20.09 34.84 26.82
N LYS H 373 -19.44 33.85 26.20
CA LYS H 373 -17.98 33.80 26.23
C LYS H 373 -17.35 34.96 25.48
N TYR H 374 -18.03 35.50 24.46
CA TYR H 374 -17.50 36.68 23.78
C TYR H 374 -17.67 37.92 24.66
N ILE H 375 -18.79 38.02 25.36
CA ILE H 375 -19.01 39.16 26.23
C ILE H 375 -18.08 39.08 27.46
N ASN H 376 -18.08 37.95 28.13
CA ASN H 376 -17.40 37.83 29.40
C ASN H 376 -15.89 37.66 29.26
N GLU H 377 -15.42 37.15 28.13
CA GLU H 377 -14.03 36.76 27.95
C GLU H 377 -13.46 37.42 26.71
N GLY H 378 -14.22 37.42 25.62
CA GLY H 378 -13.82 38.08 24.40
C GLY H 378 -13.85 37.10 23.26
N ASN H 379 -14.17 35.85 23.60
CA ASN H 379 -13.91 34.69 22.76
C ASN H 379 -14.77 34.75 21.51
N SER H 380 -14.11 34.88 20.36
CA SER H 380 -14.77 34.96 19.06
C SER H 380 -14.53 33.72 18.22
N VAL H 381 -13.99 32.64 18.82
CA VAL H 381 -13.76 31.42 18.06
C VAL H 381 -15.10 30.90 17.56
N GLY H 382 -15.15 30.55 16.28
CA GLY H 382 -16.39 30.09 15.69
C GLY H 382 -17.26 31.19 15.13
N SER H 383 -16.80 32.45 15.16
CA SER H 383 -17.54 33.55 14.54
C SER H 383 -17.43 33.47 13.01
N VAL H 384 -18.51 33.87 12.34
CA VAL H 384 -18.58 33.75 10.89
C VAL H 384 -18.06 34.97 10.15
N ASN H 385 -17.84 36.10 10.83
CA ASN H 385 -17.42 37.32 10.15
C ASN H 385 -16.25 38.01 10.84
N PHE H 386 -15.47 37.29 11.64
CA PHE H 386 -14.70 37.98 12.65
C PHE H 386 -13.43 37.18 12.87
N PRO H 387 -12.32 37.84 13.23
CA PRO H 387 -11.12 37.08 13.59
C PRO H 387 -11.39 36.18 14.78
N GLU H 388 -10.95 34.92 14.68
CA GLU H 388 -11.18 33.92 15.71
C GLU H 388 -10.05 33.99 16.74
N VAL H 389 -10.37 34.49 17.94
CA VAL H 389 -9.38 34.84 18.95
C VAL H 389 -9.92 34.44 20.32
N SER H 390 -9.04 33.91 21.17
CA SER H 390 -9.39 33.59 22.55
C SER H 390 -8.11 33.37 23.33
N LEU H 391 -8.24 33.37 24.65
CA LEU H 391 -7.13 33.09 25.55
C LEU H 391 -7.65 32.28 26.71
N LYS H 392 -6.76 31.50 27.32
CA LYS H 392 -7.11 30.74 28.51
C LYS H 392 -7.59 31.68 29.61
N SER H 393 -8.63 31.27 30.33
CA SER H 393 -9.18 32.11 31.40
C SER H 393 -8.14 32.30 32.50
N LEU H 394 -8.37 33.32 33.32
CA LEU H 394 -7.44 33.70 34.38
C LEU H 394 -7.89 33.09 35.72
N ASP H 395 -6.91 32.63 36.50
CA ASP H 395 -7.18 32.06 37.80
C ASP H 395 -7.71 33.14 38.75
N TYR H 396 -8.83 32.84 39.42
CA TYR H 396 -9.40 33.67 40.48
C TYR H 396 -8.38 34.52 41.25
N ASP H 397 -7.23 33.94 41.60
CA ASP H 397 -6.28 34.65 42.44
C ASP H 397 -5.50 35.73 41.69
N GLN H 398 -5.57 35.74 40.36
CA GLN H 398 -4.87 36.74 39.55
C GLN H 398 -5.60 38.08 39.61
N GLU H 399 -5.82 38.59 40.82
CA GLU H 399 -6.44 39.90 40.96
C GLU H 399 -5.53 40.98 40.39
N ASN H 400 -6.16 42.12 40.07
CA ASN H 400 -5.53 43.27 39.43
C ASN H 400 -5.06 42.97 38.01
N THR H 401 -5.59 41.94 37.37
CA THR H 401 -5.30 41.63 35.98
C THR H 401 -6.47 42.08 35.12
N VAL H 402 -6.17 42.71 33.99
CA VAL H 402 -7.18 43.28 33.10
C VAL H 402 -6.99 42.72 31.69
N ARG H 403 -8.10 42.50 30.98
CA ARG H 403 -8.06 42.02 29.61
C ARG H 403 -8.49 43.12 28.66
N VAL H 404 -7.61 43.44 27.72
CA VAL H 404 -7.84 44.45 26.71
C VAL H 404 -8.44 43.76 25.49
N LEU H 405 -9.59 44.25 25.02
CA LEU H 405 -10.24 43.73 23.83
C LEU H 405 -10.26 44.86 22.81
N TYR H 406 -9.41 44.78 21.79
CA TYR H 406 -9.12 45.90 20.90
C TYR H 406 -9.40 45.47 19.47
N ILE H 407 -10.59 45.84 18.97
CA ILE H 407 -10.94 45.65 17.57
C ILE H 407 -10.47 46.88 16.80
N HIS H 408 -9.82 46.66 15.66
CA HIS H 408 -9.13 47.76 15.00
C HIS H 408 -8.96 47.45 13.52
N ARG H 409 -8.45 48.45 12.80
CA ARG H 409 -8.22 48.30 11.38
C ARG H 409 -6.91 47.55 11.15
N ASN H 410 -6.91 46.67 10.14
CA ASN H 410 -5.80 45.77 9.82
C ASN H 410 -4.77 46.53 8.97
N VAL H 411 -4.01 47.39 9.66
CA VAL H 411 -2.97 48.19 8.99
C VAL H 411 -1.71 48.17 9.84
N PRO H 412 -0.55 48.37 9.22
CA PRO H 412 0.70 48.29 9.98
C PRO H 412 0.77 49.35 11.07
N GLY H 413 1.51 49.01 12.14
CA GLY H 413 1.79 49.95 13.19
C GLY H 413 0.82 49.94 14.35
N VAL H 414 -0.30 49.23 14.25
CA VAL H 414 -1.31 49.28 15.29
C VAL H 414 -0.79 48.66 16.59
N LEU H 415 -0.19 47.48 16.49
CA LEU H 415 0.36 46.83 17.67
C LEU H 415 1.51 47.65 18.28
N LYS H 416 2.32 48.30 17.42
CA LYS H 416 3.30 49.27 17.91
C LYS H 416 2.67 50.24 18.90
N THR H 417 1.58 50.89 18.50
CA THR H 417 0.90 51.83 19.37
C THR H 417 0.41 51.15 20.64
N VAL H 418 -0.27 50.01 20.49
CA VAL H 418 -0.99 49.40 21.59
C VAL H 418 -0.03 48.89 22.66
N ASN H 419 1.01 48.16 22.25
CA ASN H 419 1.94 47.68 23.27
C ASN H 419 2.73 48.82 23.87
N ASP H 420 2.86 49.93 23.16
CA ASP H 420 3.36 51.17 23.76
C ASP H 420 2.46 51.61 24.91
N ILE H 421 1.17 51.78 24.64
CA ILE H 421 0.23 52.22 25.67
C ILE H 421 0.22 51.27 26.86
N LEU H 422 0.46 49.99 26.64
CA LEU H 422 0.42 49.00 27.71
C LEU H 422 1.79 48.73 28.31
N SER H 423 2.80 49.51 27.93
CA SER H 423 4.19 49.15 28.23
C SER H 423 4.52 49.30 29.71
N ASP H 424 3.71 50.03 30.47
CA ASP H 424 4.00 50.15 31.89
C ASP H 424 3.52 48.92 32.67
N HIS H 425 2.82 48.01 32.02
CA HIS H 425 2.29 46.83 32.67
C HIS H 425 2.85 45.59 31.98
N ASN H 426 2.93 44.50 32.73
CA ASN H 426 3.40 43.27 32.13
C ASN H 426 2.29 42.64 31.29
N ILE H 427 2.60 42.34 30.04
CA ILE H 427 1.72 41.61 29.13
C ILE H 427 1.85 40.13 29.46
N GLU H 428 0.85 39.53 30.10
CA GLU H 428 0.94 38.09 30.35
C GLU H 428 0.69 37.28 29.08
N LYS H 429 -0.37 37.60 28.35
CA LYS H 429 -0.70 36.91 27.13
C LYS H 429 -1.19 37.93 26.12
N GLN H 430 -0.93 37.66 24.86
CA GLN H 430 -1.46 38.52 23.81
C GLN H 430 -1.67 37.71 22.54
N PHE H 431 -2.80 37.98 21.87
CA PHE H 431 -3.12 37.31 20.62
C PHE H 431 -3.92 38.26 19.75
N SER H 432 -3.47 38.42 18.52
CA SER H 432 -4.11 39.29 17.55
C SER H 432 -4.20 38.54 16.23
N ASP H 433 -5.35 38.64 15.59
CA ASP H 433 -5.53 38.03 14.27
C ASP H 433 -6.35 38.98 13.42
N SER H 434 -6.21 38.82 12.11
CA SER H 434 -6.83 39.69 11.13
C SER H 434 -7.77 38.90 10.24
N HIS H 435 -8.84 39.56 9.79
CA HIS H 435 -9.87 38.97 8.94
C HIS H 435 -10.32 40.09 7.99
N GLY H 436 -9.72 40.11 6.81
CA GLY H 436 -10.03 41.18 5.87
C GLY H 436 -9.51 42.50 6.38
N GLU H 437 -10.41 43.50 6.42
CA GLU H 437 -10.03 44.85 6.80
C GLU H 437 -9.99 45.08 8.32
N ILE H 438 -10.47 44.14 9.13
CA ILE H 438 -10.43 44.30 10.58
C ILE H 438 -9.46 43.30 11.21
N ALA H 439 -9.07 43.60 12.44
CA ALA H 439 -8.24 42.72 13.24
C ALA H 439 -8.66 42.88 14.70
N TYR H 440 -8.23 41.93 15.52
CA TYR H 440 -8.74 41.84 16.88
C TYR H 440 -7.67 41.35 17.83
N LEU H 441 -7.43 42.14 18.87
CA LEU H 441 -6.35 41.97 19.84
C LEU H 441 -6.90 41.69 21.23
N MET H 442 -6.42 40.62 21.84
CA MET H 442 -6.68 40.32 23.25
C MET H 442 -5.36 40.32 23.99
N ALA H 443 -5.31 40.99 25.13
CA ALA H 443 -4.09 41.03 25.91
C ALA H 443 -4.45 41.02 27.40
N ASP H 444 -3.69 40.24 28.16
CA ASP H 444 -3.84 40.20 29.61
C ASP H 444 -2.65 40.91 30.26
N ILE H 445 -2.95 41.95 31.04
CA ILE H 445 -1.94 42.77 31.71
C ILE H 445 -2.10 42.59 33.21
N SER H 446 -0.96 42.59 33.93
CA SER H 446 -0.89 41.92 35.22
C SER H 446 -1.11 42.83 36.44
N SER H 447 -0.57 44.03 36.48
CA SER H 447 -0.63 44.85 37.70
C SER H 447 -1.31 46.18 37.40
N VAL H 448 -2.65 46.18 37.39
CA VAL H 448 -3.41 47.36 37.02
C VAL H 448 -4.40 47.69 38.13
N ASN H 449 -4.38 48.94 38.59
CA ASN H 449 -5.31 49.43 39.60
C ASN H 449 -6.38 50.30 38.96
N GLN H 450 -7.37 50.68 39.76
CA GLN H 450 -8.54 51.41 39.24
C GLN H 450 -8.14 52.69 38.52
N SER H 451 -7.14 53.40 39.04
CA SER H 451 -6.74 54.67 38.44
C SER H 451 -6.28 54.48 37.00
N GLU H 452 -5.40 53.51 36.77
CA GLU H 452 -4.77 53.35 35.46
C GLU H 452 -5.62 52.58 34.45
N ILE H 453 -6.77 52.02 34.85
CA ILE H 453 -7.66 51.43 33.85
C ILE H 453 -8.33 52.53 33.05
N LYS H 454 -8.79 53.58 33.72
CA LYS H 454 -9.43 54.69 33.02
C LYS H 454 -8.46 55.31 32.02
N ASP H 455 -7.19 55.41 32.39
CA ASP H 455 -6.21 55.99 31.48
C ASP H 455 -5.95 55.06 30.29
N ILE H 456 -5.72 53.77 30.56
CA ILE H 456 -5.51 52.82 29.46
C ILE H 456 -6.71 52.83 28.51
N TYR H 457 -7.91 52.95 29.05
CA TYR H 457 -9.08 52.96 28.18
C TYR H 457 -9.06 54.18 27.26
N GLU H 458 -8.88 55.37 27.84
CA GLU H 458 -8.94 56.58 27.03
C GLU H 458 -7.81 56.65 26.02
N LYS H 459 -6.61 56.19 26.40
CA LYS H 459 -5.51 56.14 25.44
C LYS H 459 -5.84 55.25 24.26
N LEU H 460 -6.26 54.02 24.55
CA LEU H 460 -6.67 53.10 23.48
C LEU H 460 -7.89 53.62 22.75
N ASN H 461 -8.79 54.32 23.45
CA ASN H 461 -9.98 54.87 22.81
C ASN H 461 -9.63 56.00 21.84
N GLN H 462 -8.44 56.60 21.97
CA GLN H 462 -8.01 57.72 21.13
C GLN H 462 -7.13 57.30 19.96
N THR H 463 -6.80 56.01 19.83
CA THR H 463 -5.91 55.57 18.76
C THR H 463 -6.59 55.66 17.41
N SER H 464 -5.80 55.87 16.36
CA SER H 464 -6.35 56.11 15.03
C SER H 464 -7.04 54.88 14.46
N ALA H 465 -6.51 53.70 14.74
CA ALA H 465 -7.03 52.48 14.12
C ALA H 465 -8.18 51.84 14.90
N LYS H 466 -8.57 52.40 16.03
CA LYS H 466 -9.62 51.80 16.85
C LYS H 466 -10.93 51.64 16.09
N VAL H 467 -11.54 50.46 16.22
CA VAL H 467 -12.91 50.23 15.82
C VAL H 467 -13.81 50.09 17.03
N SER H 468 -13.42 49.26 17.99
CA SER H 468 -14.16 49.06 19.22
C SER H 468 -13.21 48.55 20.29
N ILE H 469 -13.37 49.04 21.51
CA ILE H 469 -12.54 48.59 22.62
C ILE H 469 -13.40 48.36 23.85
N ARG H 470 -13.12 47.25 24.53
CA ARG H 470 -13.72 46.89 25.79
C ARG H 470 -12.59 46.45 26.71
N LEU H 471 -12.69 46.78 27.99
CA LEU H 471 -11.76 46.30 29.00
C LEU H 471 -12.52 45.46 30.01
N LEU H 472 -11.94 44.33 30.39
CA LEU H 472 -12.58 43.38 31.31
C LEU H 472 -11.79 43.32 32.62
N TYR H 473 -12.46 43.63 33.73
CA TYR H 473 -11.79 43.76 35.01
C TYR H 473 -12.19 42.65 35.96
N UNK I 2 -16.74 -10.07 50.48
CA UNK I 2 -17.17 -11.45 50.25
C UNK I 2 -15.99 -12.32 49.82
N UNK I 3 -16.26 -13.24 48.89
CA UNK I 3 -15.25 -14.15 48.35
C UNK I 3 -15.48 -14.30 46.86
N UNK I 4 -14.40 -14.55 46.11
CA UNK I 4 -14.53 -14.79 44.67
C UNK I 4 -15.16 -16.16 44.48
N UNK I 5 -16.19 -16.22 43.65
CA UNK I 5 -17.08 -17.36 43.54
C UNK I 5 -17.39 -17.61 42.07
N UNK I 6 -17.88 -18.80 41.75
CA UNK I 6 -18.05 -19.14 40.36
C UNK I 6 -19.20 -18.35 39.75
N UNK I 7 -19.00 -17.90 38.52
CA UNK I 7 -19.99 -17.10 37.82
C UNK I 7 -21.16 -17.98 37.36
N UNK I 8 -22.34 -17.39 37.30
CA UNK I 8 -23.53 -18.14 36.91
C UNK I 8 -23.40 -18.61 35.46
N UNK I 9 -24.09 -19.70 35.14
CA UNK I 9 -24.04 -20.31 33.80
C UNK I 9 -24.76 -19.46 32.75
N UNK J 1 27.00 -1.88 13.24
CA UNK J 1 28.16 -2.62 12.77
C UNK J 1 27.87 -4.12 12.71
N UNK J 2 27.09 -4.53 11.69
CA UNK J 2 26.74 -5.94 11.48
C UNK J 2 27.94 -6.73 10.98
N UNK J 3 27.74 -7.56 9.97
CA UNK J 3 28.83 -8.31 9.35
C UNK J 3 28.61 -8.39 7.84
N UNK J 4 29.71 -8.43 7.08
CA UNK J 4 29.58 -8.62 5.63
C UNK J 4 28.99 -10.02 5.42
N UNK J 5 27.96 -10.09 4.57
CA UNK J 5 27.11 -11.27 4.46
C UNK J 5 26.80 -11.52 2.99
N UNK J 6 26.36 -12.74 2.67
CA UNK J 6 26.18 -13.08 1.27
C UNK J 6 25.16 -12.17 0.62
N UNK J 7 25.47 -11.72 -0.59
CA UNK J 7 24.60 -10.81 -1.31
C UNK J 7 23.34 -11.53 -1.75
N UNK J 8 22.23 -10.79 -1.82
CA UNK J 8 20.95 -11.42 -2.13
C UNK J 8 20.98 -12.07 -3.52
N UNK J 9 20.20 -13.15 -3.67
CA UNK J 9 20.16 -13.91 -4.91
C UNK J 9 19.40 -13.16 -6.02
N UNK K 2 10.38 4.33 -49.95
CA UNK K 2 9.12 4.83 -49.40
C UNK K 2 8.98 4.50 -47.91
N UNK K 3 8.28 5.35 -47.16
CA UNK K 3 8.05 5.06 -45.76
C UNK K 3 7.27 3.75 -45.66
N UNK K 4 7.75 2.84 -44.81
CA UNK K 4 7.27 1.47 -44.79
C UNK K 4 7.31 0.97 -43.35
N UNK K 5 6.62 -0.14 -43.08
CA UNK K 5 6.47 -0.59 -41.71
C UNK K 5 7.80 -1.10 -41.18
N UNK K 6 8.11 -0.76 -39.93
CA UNK K 6 9.37 -1.13 -39.32
C UNK K 6 9.43 -2.65 -39.13
N UNK K 7 10.66 -3.18 -39.11
CA UNK K 7 10.81 -4.63 -39.08
C UNK K 7 10.14 -5.23 -37.85
N UNK K 8 9.69 -6.47 -38.00
CA UNK K 8 8.96 -7.16 -36.93
C UNK K 8 9.87 -7.55 -35.79
N UNK L 1 51.48 -8.72 -35.96
CA UNK L 1 50.59 -8.26 -34.91
C UNK L 1 51.11 -6.95 -34.33
N UNK L 2 50.25 -6.22 -33.62
CA UNK L 2 50.62 -4.94 -33.04
C UNK L 2 51.35 -5.09 -31.72
N UNK L 3 51.01 -4.24 -30.75
CA UNK L 3 51.60 -4.27 -29.42
C UNK L 3 50.75 -3.42 -28.49
N UNK L 4 50.50 -3.93 -27.28
CA UNK L 4 49.67 -3.20 -26.32
C UNK L 4 50.37 -1.88 -26.02
N UNK L 5 49.73 -0.77 -26.39
CA UNK L 5 50.27 0.59 -26.33
C UNK L 5 49.36 1.46 -25.46
N UNK L 6 49.80 2.70 -25.19
CA UNK L 6 49.00 3.55 -24.31
C UNK L 6 47.65 3.83 -24.96
N UNK L 7 46.60 3.86 -24.14
CA UNK L 7 45.26 4.01 -24.68
C UNK L 7 45.08 5.38 -25.31
N UNK L 8 44.20 5.45 -26.31
CA UNK L 8 43.97 6.68 -27.04
C UNK L 8 43.22 7.71 -26.21
N UNK M 1 -41.54 12.53 34.59
CA UNK M 1 -42.96 12.61 34.93
C UNK M 1 -43.74 13.25 33.80
N UNK M 2 -43.05 14.03 32.96
CA UNK M 2 -43.62 14.57 31.75
C UNK M 2 -42.71 14.24 30.57
N UNK M 3 -42.95 14.85 29.42
CA UNK M 3 -42.13 14.61 28.25
C UNK M 3 -41.09 15.72 28.22
N UNK M 4 -39.88 15.39 28.67
CA UNK M 4 -38.76 16.29 28.83
C UNK M 4 -37.73 16.03 27.72
N UNK M 5 -36.89 17.03 27.46
CA UNK M 5 -35.97 16.91 26.35
C UNK M 5 -34.81 15.98 26.71
N UNK M 6 -34.32 15.25 25.70
CA UNK M 6 -33.23 14.32 25.91
C UNK M 6 -31.93 15.08 26.17
N UNK M 7 -31.06 14.48 26.98
CA UNK M 7 -29.82 15.16 27.33
C UNK M 7 -28.97 15.41 26.09
N UNK M 8 -28.19 16.49 26.12
CA UNK M 8 -27.37 16.87 24.97
C UNK M 8 -26.17 15.94 24.80
N UNK N 2 -0.74 21.15 -7.14
CA UNK N 2 -0.81 22.04 -8.30
C UNK N 2 0.37 21.82 -9.23
N UNK N 3 0.09 21.75 -10.53
CA UNK N 3 1.14 21.59 -11.53
C UNK N 3 1.95 22.88 -11.61
N UNK N 4 3.11 22.89 -10.94
CA UNK N 4 4.03 24.02 -10.95
C UNK N 4 5.20 23.73 -11.91
N UNK N 5 6.11 24.70 -12.04
CA UNK N 5 7.17 24.59 -13.04
C UNK N 5 8.24 23.60 -12.58
N UNK N 6 8.86 22.94 -13.55
CA UNK N 6 9.80 21.87 -13.27
C UNK N 6 11.14 22.47 -12.85
N UNK N 7 11.88 21.74 -12.01
CA UNK N 7 13.10 22.28 -11.46
C UNK N 7 14.12 22.54 -12.58
N UNK N 8 14.88 23.63 -12.40
CA UNK N 8 15.83 24.11 -13.41
C UNK N 8 16.98 23.13 -13.64
N UNK N 9 17.56 23.20 -14.85
CA UNK N 9 18.68 22.32 -15.20
C UNK N 9 19.94 22.79 -14.46
N UNK O 2 -33.37 -0.91 -13.52
CA UNK O 2 -33.87 -1.92 -12.58
C UNK O 2 -35.23 -1.52 -11.99
N UNK O 3 -35.62 -2.18 -10.89
CA UNK O 3 -36.84 -1.85 -10.17
C UNK O 3 -36.68 -2.23 -8.69
N UNK O 4 -37.34 -1.46 -7.82
CA UNK O 4 -37.43 -1.90 -6.43
C UNK O 4 -38.16 -3.23 -6.42
N UNK O 5 -37.68 -4.17 -5.60
CA UNK O 5 -38.21 -5.51 -5.56
C UNK O 5 -38.03 -6.07 -4.15
N UNK O 6 -38.62 -7.23 -3.89
CA UNK O 6 -38.64 -7.75 -2.53
C UNK O 6 -37.21 -8.09 -2.09
N UNK O 7 -36.93 -7.88 -0.80
CA UNK O 7 -35.59 -8.07 -0.28
C UNK O 7 -35.35 -9.55 -0.08
N UNK O 8 -34.08 -9.95 -0.12
CA UNK O 8 -33.77 -11.37 -0.08
C UNK O 8 -34.31 -12.01 1.19
N UNK O 9 -34.85 -13.22 1.03
CA UNK O 9 -35.52 -13.92 2.12
C UNK O 9 -34.54 -14.29 3.23
N UNK O 10 -35.06 -14.39 4.45
CA UNK O 10 -34.26 -14.74 5.61
C UNK O 10 -33.87 -16.23 5.58
N UNK P 1 6.46 -15.72 2.51
CA UNK P 1 5.75 -15.32 3.73
C UNK P 1 6.52 -14.19 4.40
N UNK P 2 5.78 -13.24 4.98
CA UNK P 2 6.39 -12.05 5.56
C UNK P 2 6.82 -12.27 7.00
N UNK P 3 6.55 -11.28 7.86
CA UNK P 3 7.04 -11.28 9.23
C UNK P 3 6.06 -10.48 10.07
N UNK P 4 5.98 -10.82 11.34
CA UNK P 4 5.12 -10.09 12.27
C UNK P 4 5.77 -8.73 12.50
N UNK P 5 5.19 -7.70 11.90
CA UNK P 5 5.72 -6.34 11.89
C UNK P 5 4.89 -5.49 12.86
N UNK P 6 5.27 -4.23 13.04
CA UNK P 6 4.55 -3.42 14.02
C UNK P 6 3.19 -3.06 13.44
N UNK P 7 2.16 -3.05 14.29
CA UNK P 7 0.80 -2.84 13.82
C UNK P 7 0.65 -1.41 13.31
N UNK P 8 -0.20 -1.23 12.29
CA UNK P 8 -0.31 0.07 11.66
C UNK P 8 -0.75 1.13 12.68
N UNK P 9 -0.29 2.36 12.48
CA UNK P 9 -0.57 3.46 13.42
C UNK P 9 -2.02 3.96 13.33
PA NAD Q . 28.80 -22.02 -21.85
O1A NAD Q . 28.39 -23.38 -22.28
O2A NAD Q . 27.71 -21.05 -21.39
O5B NAD Q . 29.58 -21.26 -23.07
C5B NAD Q . 30.77 -21.75 -23.71
C4B NAD Q . 30.86 -21.06 -25.05
O4B NAD Q . 32.02 -21.53 -25.77
C3B NAD Q . 29.65 -21.26 -25.96
O3B NAD Q . 29.10 -20.00 -26.33
C2B NAD Q . 30.21 -22.10 -27.12
O2B NAD Q . 29.61 -21.83 -28.38
C1B NAD Q . 31.66 -21.64 -27.13
N9A NAD Q . 32.57 -22.57 -27.77
C8A NAD Q . 32.52 -23.94 -27.75
N7A NAD Q . 33.51 -24.52 -28.38
C5A NAD Q . 34.27 -23.46 -28.85
C6A NAD Q . 35.49 -23.40 -29.57
N6A NAD Q . 36.16 -24.48 -30.00
N1A NAD Q . 35.98 -22.18 -29.85
C2A NAD Q . 35.31 -21.10 -29.44
N3A NAD Q . 34.17 -21.04 -28.77
C4A NAD Q . 33.69 -22.26 -28.50
O3 NAD Q . 29.88 -22.10 -20.68
PN NAD Q . 30.03 -21.26 -19.34
O1N NAD Q . 28.93 -21.61 -18.43
O2N NAD Q . 30.26 -19.83 -19.67
O5D NAD Q . 31.41 -21.84 -18.77
C5D NAD Q . 32.61 -21.64 -19.54
C4D NAD Q . 33.67 -22.61 -19.08
O4D NAD Q . 34.18 -22.22 -17.79
C3D NAD Q . 33.23 -24.07 -18.95
O3D NAD Q . 34.23 -24.94 -19.50
C2D NAD Q . 33.06 -24.24 -17.43
O2D NAD Q . 33.40 -25.55 -16.96
C1D NAD Q . 34.17 -23.31 -16.91
N1N NAD Q . 33.93 -22.82 -15.51
C2N NAD Q . 35.00 -22.67 -14.71
C3N NAD Q . 34.84 -22.33 -13.38
C7N NAD Q . 36.04 -22.12 -12.50
O7N NAD Q . 35.95 -22.36 -11.29
N7N NAD Q . 37.16 -21.66 -13.07
C4N NAD Q . 33.54 -22.14 -12.90
C5N NAD Q . 32.47 -22.29 -13.75
C6N NAD Q . 32.67 -22.63 -15.07
N SER R . 6.81 -46.50 -25.52
CA SER R . 5.75 -45.81 -24.79
C SER R . 6.27 -45.32 -23.45
O SER R . 5.76 -44.35 -22.90
CB SER R . 4.55 -46.74 -24.60
OG SER R . 3.99 -47.02 -25.87
OXT SER R . 7.22 -45.87 -22.88
PA NAD S . -2.91 -5.78 -19.22
O1A NAD S . -3.74 -6.98 -18.97
O2A NAD S . -1.47 -6.07 -19.71
O5B NAD S . -2.76 -4.81 -17.92
C5B NAD S . -3.86 -4.17 -17.23
C4B NAD S . -3.34 -3.80 -15.86
O4B NAD S . -4.38 -3.15 -15.10
C3B NAD S . -2.84 -4.98 -15.02
O3B NAD S . -1.53 -4.70 -14.54
C2B NAD S . -3.87 -5.06 -13.89
O2B NAD S . -3.28 -5.51 -12.67
C1B NAD S . -4.29 -3.61 -13.77
N9A NAD S . -5.57 -3.38 -13.11
C8A NAD S . -6.70 -4.16 -13.19
N7A NAD S . -7.71 -3.68 -12.50
C5A NAD S . -7.21 -2.52 -11.93
C6A NAD S . -7.79 -1.54 -11.09
N6A NAD S . -9.06 -1.57 -10.67
N1A NAD S . -7.01 -0.51 -10.70
C2A NAD S . -5.74 -0.46 -11.13
N3A NAD S . -5.09 -1.32 -11.93
C4A NAD S . -5.89 -2.33 -12.30
O3 NAD S . -3.62 -4.83 -20.27
PN NAD S . -2.99 -4.09 -21.55
O1N NAD S . -2.64 -5.15 -22.52
O2N NAD S . -1.93 -3.17 -21.08
O5D NAD S . -4.22 -3.21 -22.07
C5D NAD S . -4.70 -2.16 -21.21
C4D NAD S . -6.08 -1.73 -21.64
O4D NAD S . -6.00 -0.94 -22.84
C3D NAD S . -7.08 -2.85 -21.94
O3D NAD S . -8.37 -2.47 -21.48
C2D NAD S . -7.08 -2.91 -23.47
O2D NAD S . -8.34 -3.32 -24.00
C1D NAD S . -6.89 -1.44 -23.81
N1N NAD S . -6.32 -1.20 -25.16
C2N NAD S . -6.78 -0.13 -25.84
C3N NAD S . -6.36 0.08 -27.14
C7N NAD S . -6.88 1.29 -27.86
O7N NAD S . -7.04 1.25 -29.09
N7N NAD S . -7.15 2.37 -27.13
C4N NAD S . -5.47 -0.82 -27.72
C5N NAD S . -5.01 -1.90 -26.99
C6N NAD S . -5.44 -2.07 -25.70
N SER T . -10.58 -38.04 -19.51
CA SER T . -9.34 -38.46 -20.13
C SER T . -9.04 -37.65 -21.39
O SER T . -9.93 -37.14 -22.08
CB SER T . -9.40 -39.97 -20.44
OG SER T . -9.45 -40.69 -19.21
OXT SER T . -7.89 -37.44 -21.77
PA NAD U . 40.16 15.95 -4.40
O1A NAD U . 40.76 17.18 -3.82
O2A NAD U . 39.60 16.07 -5.84
O5B NAD U . 39.00 15.39 -3.43
C5B NAD U . 39.23 15.04 -2.05
C4B NAD U . 37.88 15.02 -1.38
O4B NAD U . 38.02 14.73 0.02
C3B NAD U . 37.10 16.34 -1.49
O3B NAD U . 35.82 16.08 -2.07
C2B NAD U . 37.05 16.85 -0.04
O2B NAD U . 35.83 17.52 0.21
C1B NAD U . 37.11 15.54 0.73
N9A NAD U . 37.58 15.66 2.12
C8A NAD U . 38.55 16.50 2.58
N7A NAD U . 38.82 16.36 3.86
C5A NAD U . 37.95 15.37 4.27
C6A NAD U . 37.71 14.76 5.52
N6A NAD U . 38.40 15.06 6.63
N1A NAD U . 36.74 13.82 5.60
C2A NAD U . 36.06 13.51 4.49
N3A NAD U . 36.20 14.00 3.25
C4A NAD U . 37.16 14.93 3.21
O3 NAD U . 41.21 14.74 -4.43
PN NAD U . 41.59 13.63 -5.51
O1N NAD U . 42.20 14.29 -6.69
O2N NAD U . 40.45 12.71 -5.73
O5D NAD U . 42.70 12.81 -4.69
C5D NAD U . 42.32 12.13 -3.48
C4D NAD U . 43.55 11.86 -2.63
O4D NAD U . 44.32 10.80 -3.24
C3D NAD U . 44.51 13.04 -2.47
O3D NAD U . 45.04 13.04 -1.15
C2D NAD U . 45.62 12.73 -3.47
O2D NAD U . 46.83 13.36 -3.08
C1D NAD U . 45.65 11.21 -3.39
N1N NAD U . 46.22 10.55 -4.62
C2N NAD U . 46.98 9.44 -4.48
C3N NAD U . 47.54 8.84 -5.59
C7N NAD U . 48.32 7.56 -5.46
O7N NAD U . 49.23 7.34 -6.26
N7N NAD U . 47.99 6.72 -4.49
C4N NAD U . 47.30 9.39 -6.84
C5N NAD U . 46.52 10.53 -6.95
C6N NAD U . 45.97 11.09 -5.82
N SER V . 50.62 47.65 -8.36
CA SER V . 50.18 47.55 -9.75
C SER V . 50.82 46.37 -10.48
O SER V . 50.25 45.77 -11.38
CB SER V . 50.48 48.85 -10.49
OG SER V . 49.75 49.92 -9.91
OXT SER V . 51.95 45.97 -10.16
PA NAD W . 23.05 25.92 -33.17
O1A NAD W . 23.80 27.12 -33.60
O2A NAD W . 23.38 25.34 -31.78
O5B NAD W . 23.27 24.71 -34.24
C5B NAD W . 22.91 24.81 -35.63
C4B NAD W . 23.65 23.72 -36.37
O4B NAD W . 23.33 23.81 -37.78
C3B NAD W . 25.17 23.76 -36.26
O3B NAD W . 25.68 22.48 -35.92
C2B NAD W . 25.63 24.15 -37.66
O2B NAD W . 26.86 23.50 -37.96
C1B NAD W . 24.51 23.55 -38.51
N9A NAD W . 24.38 24.12 -39.83
C8A NAD W . 24.51 25.43 -40.20
N7A NAD W . 24.29 25.66 -41.48
C5A NAD W . 23.99 24.39 -41.98
C6A NAD W . 23.67 23.95 -43.27
N6A NAD W . 23.56 24.75 -44.33
N1A NAD W . 23.45 22.62 -43.44
C2A NAD W . 23.54 21.81 -42.37
N3A NAD W . 23.83 22.12 -41.11
C4A NAD W . 24.04 23.44 -40.97
O3 NAD W . 21.48 26.19 -33.19
PN NAD W . 20.30 25.83 -32.18
O1N NAD W . 20.39 26.67 -30.96
O2N NAD W . 20.24 24.35 -32.03
O5D NAD W . 19.06 26.35 -33.04
C5D NAD W . 18.76 25.75 -34.32
C4D NAD W . 17.87 26.70 -35.08
O4D NAD W . 16.56 26.74 -34.48
C3D NAD W . 18.35 28.16 -35.14
O3D NAD W . 18.15 28.71 -36.44
C2D NAD W . 17.47 28.85 -34.08
O2D NAD W . 17.26 30.23 -34.35
C1D NAD W . 16.17 28.06 -34.23
N1N NAD W . 15.32 28.08 -32.99
C2N NAD W . 13.99 28.18 -33.11
C3N NAD W . 13.18 28.23 -32.00
C7N NAD W . 11.69 28.20 -32.13
O7N NAD W . 10.97 28.75 -31.28
N7N NAD W . 11.17 27.54 -33.17
C4N NAD W . 13.78 28.20 -30.75
C5N NAD W . 15.16 28.09 -30.65
C6N NAD W . 15.92 28.03 -31.78
N SER X . 43.42 52.15 -27.09
CA SER X . 44.08 51.48 -25.95
C SER X . 42.98 51.10 -24.97
O SER X . 41.84 51.44 -25.24
CB SER X . 45.11 52.36 -25.37
OG SER X . 46.19 52.51 -26.28
OXT SER X . 43.26 50.48 -23.98
PA NAD Y . -15.87 -28.68 17.71
O1A NAD Y . -16.34 -30.03 17.33
O2A NAD Y . -16.91 -27.68 18.21
O5B NAD Y . -15.22 -27.91 16.44
C5B NAD Y . -14.06 -28.40 15.77
C4B NAD Y . -14.02 -27.78 14.40
O4B NAD Y . -12.85 -28.26 13.72
C3B NAD Y . -15.23 -28.11 13.50
O3B NAD Y . -15.96 -26.97 13.03
C2B NAD Y . -14.62 -28.99 12.40
O2B NAD Y . -15.20 -28.78 11.12
C1B NAD Y . -13.19 -28.48 12.37
N9A NAD Y . -12.21 -29.41 11.81
C8A NAD Y . -12.20 -30.77 11.91
N7A NAD Y . -11.16 -31.34 11.34
C5A NAD Y . -10.44 -30.26 10.82
C6A NAD Y . -9.23 -30.19 10.10
N6A NAD Y . -8.50 -31.25 9.78
N1A NAD Y . -8.79 -28.97 9.74
C2A NAD Y . -9.53 -27.90 10.07
N3A NAD Y . -10.68 -27.85 10.74
C4A NAD Y . -11.09 -29.07 11.09
O3 NAD Y . -14.75 -28.80 18.83
PN NAD Y . -14.55 -27.96 20.16
O1N NAD Y . -15.60 -28.36 21.12
O2N NAD Y . -14.40 -26.52 19.83
O5D NAD Y . -13.16 -28.53 20.69
C5D NAD Y . -11.99 -28.33 19.90
C4D NAD Y . -10.91 -29.27 20.38
O4D NAD Y . -10.40 -28.86 21.66
C3D NAD Y . -11.32 -30.74 20.53
O3D NAD Y . -10.28 -31.55 20.00
C2D NAD Y . -11.48 -30.89 22.05
O2D NAD Y . -11.17 -32.19 22.55
C1D NAD Y . -10.38 -29.95 22.54
N1N NAD Y . -10.57 -29.46 23.95
C2N NAD Y . -9.49 -29.32 24.73
C3N NAD Y . -9.63 -28.93 26.05
C7N NAD Y . -8.41 -28.73 26.92
O7N NAD Y . -8.50 -28.89 28.14
N7N NAD Y . -7.28 -28.36 26.34
C4N NAD Y . -10.90 -28.69 26.54
C5N NAD Y . -12.00 -28.83 25.71
C6N NAD Y . -11.82 -29.20 24.41
N SER Z . -37.40 -54.03 15.37
CA SER Z . -38.53 -53.12 15.54
C SER Z . -38.30 -52.26 16.78
O SER Z . -38.96 -51.28 16.96
CB SER Z . -39.82 -53.87 15.59
OG SER Z . -40.06 -54.47 14.33
OXT SER Z . -37.41 -52.61 17.55
N SER AA . -54.99 -46.07 21.27
CA SER AA . -53.59 -46.11 20.82
C SER AA . -53.36 -44.92 19.88
O SER AA . -53.80 -43.85 20.24
CB SER AA . -53.27 -47.44 20.22
OG SER AA . -53.44 -48.47 21.18
OXT SER AA . -52.77 -45.09 18.83
PA NAD BA . -45.95 -13.58 20.58
O1A NAD BA . -46.76 -14.78 20.90
O2A NAD BA . -44.62 -13.89 19.86
O5B NAD BA . -45.62 -12.67 21.90
C5B NAD BA . -46.66 -12.08 22.73
C4B NAD BA . -46.02 -11.75 24.06
O4B NAD BA . -47.00 -11.17 24.95
C3B NAD BA . -45.40 -12.95 24.80
O3B NAD BA . -44.03 -12.73 25.12
C2B NAD BA . -46.28 -13.10 26.05
O2B NAD BA . -45.54 -13.55 27.18
C1B NAD BA . -46.74 -11.67 26.25
N9A NAD BA . -47.94 -11.50 27.08
C8A NAD BA . -49.01 -12.34 27.16
N7A NAD BA . -49.96 -11.91 27.96
C5A NAD BA . -49.47 -10.72 28.44
C6A NAD BA . -50.00 -9.75 29.32
N6A NAD BA . -51.19 -9.87 29.91
N1A NAD BA . -49.25 -8.66 29.58
C2A NAD BA . -48.05 -8.54 29.00
N3A NAD BA . -47.45 -9.38 28.15
C4A NAD BA . -48.22 -10.45 27.91
O3 NAD BA . -46.73 -12.54 19.66
PN NAD BA . -46.22 -11.73 18.40
O1N NAD BA . -45.89 -12.69 17.31
O2N NAD BA . -45.17 -10.80 18.84
O5D NAD BA . -47.53 -10.87 18.04
C5D NAD BA . -47.99 -9.90 18.99
C4D NAD BA . -49.42 -9.52 18.71
O4D NAD BA . -49.51 -8.72 17.51
C3D NAD BA . -50.40 -10.69 18.50
O3D NAD BA . -51.63 -10.39 19.16
C2D NAD BA . -50.54 -10.73 16.98
O2D NAD BA . -51.80 -11.27 16.56
C1D NAD BA . -50.46 -9.26 16.64
N1N NAD BA . -50.03 -9.00 15.22
C2N NAD BA . -50.60 -7.99 14.56
C3N NAD BA . -50.26 -7.74 13.24
C7N NAD BA . -50.88 -6.59 12.50
O7N NAD BA . -51.01 -6.64 11.28
N7N NAD BA . -51.22 -5.51 13.22
C4N NAD BA . -49.34 -8.58 12.62
C5N NAD BA . -48.76 -9.61 13.34
C6N NAD BA . -49.11 -9.80 14.66
PA NAD CA . -3.93 9.73 33.66
O1A NAD CA . -3.31 10.97 34.18
O2A NAD CA . -4.48 9.82 32.24
O5B NAD CA . -5.10 9.14 34.65
C5B NAD CA . -4.87 8.77 36.03
C4B NAD CA . -6.22 8.82 36.69
O4B NAD CA . -6.10 8.52 38.10
C3B NAD CA . -6.93 10.17 36.58
O3B NAD CA . -8.23 10.01 36.03
C2B NAD CA . -6.93 10.70 38.02
O2B NAD CA . -8.09 11.47 38.32
C1B NAD CA . -6.96 9.39 38.81
N9A NAD CA . -6.51 9.51 40.19
C8A NAD CA . -5.49 10.29 40.67
N7A NAD CA . -5.31 10.20 41.96
C5A NAD CA . -6.29 9.30 42.37
C6A NAD CA . -6.63 8.77 43.62
N6A NAD CA . -5.98 9.07 44.76
N1A NAD CA . -7.67 7.91 43.69
C2A NAD CA . -8.31 7.60 42.56
N3A NAD CA . -8.07 8.03 41.32
C4A NAD CA . -7.05 8.88 41.29
O3 NAD CA . -2.92 8.51 33.72
PN NAD CA . -2.59 7.30 32.73
O1N NAD CA . -1.97 7.86 31.49
O2N NAD CA . -3.80 6.46 32.59
O5D NAD CA . -1.49 6.50 33.58
C5D NAD CA . -1.80 5.86 34.84
C4D NAD CA . -0.52 5.60 35.61
O4D NAD CA . 0.22 4.53 34.98
C3D NAD CA . 0.44 6.79 35.72
O3D NAD CA . 1.05 6.81 37.01
C2D NAD CA . 1.50 6.47 34.67
O2D NAD CA . 2.75 7.06 35.01
C1D NAD CA . 1.55 4.94 34.75
N1N NAD CA . 2.05 4.27 33.50
C2N NAD CA . 2.82 3.18 33.62
C3N NAD CA . 3.35 2.56 32.51
C7N NAD CA . 4.17 1.32 32.67
O7N NAD CA . 5.07 1.07 31.87
N7N NAD CA . 3.88 0.51 33.70
C4N NAD CA . 3.09 3.11 31.26
C5N NAD CA . 2.29 4.24 31.15
C6N NAD CA . 1.78 4.81 32.30
N SER DA . 6.02 40.54 29.43
CA SER DA . 5.67 40.57 28.01
C SER DA . 6.26 39.36 27.30
O SER DA . 5.74 38.91 26.28
CB SER DA . 6.12 41.88 27.35
OG SER DA . 5.37 42.97 27.85
OXT SER DA . 7.30 38.82 27.68
PA NAD EA . -22.19 19.21 5.54
O1A NAD EA . -21.43 20.43 5.20
O2A NAD EA . -21.78 18.53 6.87
O5B NAD EA . -22.14 18.12 4.33
C5B NAD EA . -22.61 18.35 2.99
C4B NAD EA . -21.92 17.31 2.14
O4B NAD EA . -22.32 17.46 0.77
C3B NAD EA . -20.39 17.39 2.17
O3B NAD EA . -19.80 16.15 2.56
C2B NAD EA . -20.02 17.80 0.75
O2B NAD EA . -18.80 17.21 0.32
C1B NAD EA . -21.18 17.22 -0.04
N9A NAD EA . -21.41 17.79 -1.36
C8A NAD EA . -21.22 19.10 -1.75
N7A NAD EA . -21.58 19.33 -2.99
C5A NAD EA . -21.99 18.10 -3.45
C6A NAD EA . -22.51 17.68 -4.70
N6A NAD EA . -22.68 18.49 -5.74
N1A NAD EA . -22.86 16.38 -4.82
C2A NAD EA . -22.70 15.57 -3.78
N3A NAD EA . -22.22 15.85 -2.57
C4A NAD EA . -21.90 17.14 -2.47
O3 NAD EA . -23.75 19.47 5.66
PN NAD EA . -24.81 19.01 6.76
O1N NAD EA . -24.49 19.72 8.02
O2N NAD EA . -24.89 17.53 6.78
O5D NAD EA . -26.15 19.56 6.11
C5D NAD EA . -26.60 19.01 4.85
C4D NAD EA . -27.59 19.92 4.17
O4D NAD EA . -28.85 19.90 4.86
C3D NAD EA . -27.18 21.40 4.08
O3D NAD EA . -27.56 21.92 2.81
C2D NAD EA . -28.00 22.05 5.20
O2D NAD EA . -28.37 23.40 4.92
C1D NAD EA . -29.27 21.21 5.14
N1N NAD EA . -30.04 21.21 6.42
C2N NAD EA . -31.38 21.25 6.36
C3N NAD EA . -32.14 21.27 7.52
C7N NAD EA . -33.64 21.21 7.42
O7N NAD EA . -34.32 21.79 8.27
N7N NAD EA . -34.17 20.51 6.43
C4N NAD EA . -31.48 21.28 8.73
C5N NAD EA . -30.09 21.23 8.77
C6N NAD EA . -29.39 21.19 7.59
N SER FA . -1.86 45.15 11.26
CA SER FA . -1.49 44.64 12.58
C SER FA . -2.72 44.31 13.43
O SER FA . -2.89 44.77 14.56
CB SER FA . -0.59 45.64 13.31
OG SER FA . 0.66 45.69 12.65
OXT SER FA . -3.59 43.54 13.00
#